data_8USW
#
_entry.id   8USW
#
loop_
_entity.id
_entity.type
_entity.pdbx_description
1 polymer 'Glutamate receptor ionotropic, NMDA 1'
2 polymer 'Glutamate receptor ionotropic, NMDA 3A'
3 non-polymer 7-nitro-2,3-dioxo-1,2,3,4-tetrahydroquinoxaline-6-carbonitrile
#
loop_
_entity_poly.entity_id
_entity_poly.type
_entity_poly.pdbx_seq_one_letter_code
_entity_poly.pdbx_strand_id
1 'polypeptide(L)'
;MSTMHLLTFALLFSCSFARAASDPKIVNIGAVLSTRKHEQMFREAVNQANKRHGSWKIQLNATSVTHKPNAIQMALSVCE
DLISSQVYAILVSHPPTPNDHFTPTPVSYTAGFYRIPVLGLTTRMSIYSDKSIHLSFLRTVPPYSHQSSVWFEMMRVYSW
NHIILLVSDDHEGRAAQKRLETLLEERESKAEKVLQFDPGTKNVTALLMEAKELEARVIILSASEDDAATVYRAAAMLNM
TGSGYVWLVGEREISGNALRYAPDGILGLQLINGKNESAHISDAVGVVAQAVHELLEKENITDPPRGCVGNTNIWKTGPL
FKRVLMSSKYADGVTGRVEFNEDGDRKFANYSIMNLQNRKLVQVGIYNGTHVIPNDRKIIWPGGETEKPRGYQMSTRLKI
VTIHQEPFVYVKPTMSDGTCKEEFTVNGDPVKKVICTGPNDTSPGSPRHTVPQCCYGFCIDLLIKLARTMNFTYEVHLVA
DGKFGTQERVNNSNKKEWNGMMGELLSGQADMIVAPLTINNERAQYIEFSKPFKYQGLTILVKKEIPRSTLDSFMQPFQS
TLWLLVGLSVHVVAVMLYLLDRFSPFGRFKVNSEEEEEDALTLSSAMWFSWGVLLNSGIGEGAPRSFSARILGMVWAGFA
MIIVASYTANLAAFLVVDRPEERITGINDPRLRNPSDKFIYATVKQSSVDIYFRRQVELSTMYRHMEKHNYESAAEAIQA
VRDNKLHAFIWDSAVLEFEASQKCDLVTTGELFFRSGFGIGMRKDSPWKQNVSLSILKSHENGFMEDLDKTWVRYQECDS
RSNAPATLTCENMAGVFMLVAGGIVAGIFLIFIEIAYKRHKDANGAQ
;
A,C
2 'polypeptide(L)'
;CQILKRIGHAVRVGAVHLQPWTTAPRAASRAPDDSRAGAQRDEPEPGTRRSPAPSPGARWLGSTLHGRGPPGSRKPGEGA
RAEALWPRDALLFAVDNLNRVEGLLPYNLSLEVVMAIEAGLGDLPLLPFSSPSSPWSSDPFSFLQSVCHTVVVQGVSALL
AFPQSQGEMMELDLVSLVLHIPVISIVRHEFPRESQNPLHLQLSLENSLSSDADVTVSILTMNNWYNFSLLLCQEDWNIT
DFLLLTQNNSKFHLGSIINITANLPSTQDLLSFLQIQLESIKNSTPTVVMFGCDMESIRRIFEITTQFGVMPPELRWVLG
DSQNVEELRTEGLPLGLIAHGKTTQSVFEHYVQDAMELVARAVATATMIQPELALIPSTMNCMEVETTNLTSGQYLSRFL
ANTTFRGLSGSIRVKGSTIVSSENNFFIWNLQHDPMGKPMWTRLGSWQGGKIVMDYGIWPEQAQRHKTHFQHPSKLHLRV
VTLIEHPFVFTREVDDEGLCPAGQLCLDPMTNDSSTLDSLFSSLHSSNDTVPIKFKKCCYGYCIDLLEKIAEDMNFDFDL
YIVGDGKYGAWKNGHWTGLVGDLLRGTAHMAVTSFSINTARSQVIDFTSPFFSTSLGILVRTRDTAAPIGAFMWPLHWCM
WLGIFVALHITAVFLTLYEWKSPFGLTPKGRNRSKVFSFSSALNICYALLFGRTVAIKPPKCWTGRFLMNLWAIFCMFCL
STYTANLAAVMVGEKIYEELSGIHDPKLHHPSQGFRFGTVRESSAEDYVRQSFPEMHEYMRRYNVPATPDGVEYLKNDPE
KLDAFIMDKALLDYEVSIDADCKLLTVGKPFAIEGYGIGLPPNSPLTANISELISQYKSHGFMDMLHDKWYRVVPCGKRS
FAVTETLQMGIKHFSGLFVLLCIGFGLSILTTIGEHIVYRLLLPRIKNKSTETSQVAPA
;
B,D
#
loop_
_chem_comp.id
_chem_comp.type
_chem_comp.name
_chem_comp.formula
DQC non-polymer 7-nitro-2,3-dioxo-1,2,3,4-tetrahydroquinoxaline-6-carbonitrile 'C9 H4 N4 O4'
#
# COMPACT_ATOMS: atom_id res chain seq x y z
N LYS A 25 11.73 61.62 35.18
CA LYS A 25 11.87 60.72 34.05
C LYS A 25 12.18 61.49 32.77
N ILE A 26 13.20 62.36 32.84
CA ILE A 26 13.58 63.16 31.69
C ILE A 26 14.22 62.25 30.65
N VAL A 27 13.67 62.29 29.44
CA VAL A 27 14.17 61.48 28.32
C VAL A 27 14.86 62.43 27.34
N ASN A 28 16.17 62.28 27.21
CA ASN A 28 16.96 63.09 26.31
C ASN A 28 17.08 62.39 24.96
N ILE A 29 17.14 63.17 23.89
CA ILE A 29 17.22 62.64 22.54
C ILE A 29 18.50 63.18 21.92
N GLY A 30 19.55 62.36 21.91
CA GLY A 30 20.80 62.72 21.27
C GLY A 30 20.93 62.11 19.89
N ALA A 31 21.46 62.90 18.96
CA ALA A 31 21.58 62.48 17.57
C ALA A 31 22.78 63.15 16.93
N VAL A 32 23.23 62.58 15.82
CA VAL A 32 24.33 63.12 15.04
C VAL A 32 23.83 63.32 13.61
N LEU A 33 23.88 64.57 13.13
CA LEU A 33 23.43 64.91 11.79
C LEU A 33 24.36 65.96 11.21
N SER A 34 24.45 65.98 9.89
CA SER A 34 25.32 66.90 9.18
C SER A 34 24.72 68.30 9.16
N THR A 35 25.56 69.31 9.37
CA THR A 35 25.19 70.72 9.33
C THR A 35 24.24 71.11 10.45
N ARG A 36 24.21 72.39 10.80
CA ARG A 36 23.32 72.87 11.85
C ARG A 36 21.87 72.90 11.41
N LYS A 37 21.60 72.89 10.11
CA LYS A 37 20.21 72.88 9.64
C LYS A 37 19.49 71.61 10.05
N HIS A 38 20.16 70.46 9.91
CA HIS A 38 19.56 69.19 10.32
C HIS A 38 19.36 69.16 11.83
N GLU A 39 20.31 69.71 12.59
CA GLU A 39 20.14 69.78 14.05
C GLU A 39 18.95 70.66 14.42
N GLN A 40 18.78 71.79 13.74
CA GLN A 40 17.64 72.65 13.99
C GLN A 40 16.34 71.94 13.63
N MET A 41 16.32 71.20 12.52
CA MET A 41 15.14 70.42 12.16
C MET A 41 14.83 69.37 13.22
N PHE A 42 15.86 68.70 13.74
CA PHE A 42 15.66 67.71 14.79
C PHE A 42 15.11 68.34 16.06
N ARG A 43 15.63 69.51 16.44
CA ARG A 43 15.12 70.19 17.62
C ARG A 43 13.67 70.62 17.43
N GLU A 44 13.33 71.14 16.24
CA GLU A 44 11.96 71.53 15.96
C GLU A 44 11.03 70.32 15.99
N ALA A 45 11.47 69.20 15.43
CA ALA A 45 10.67 67.99 15.45
C ALA A 45 10.47 67.48 16.88
N VAL A 46 11.52 67.54 17.70
CA VAL A 46 11.39 67.13 19.11
C VAL A 46 10.39 68.02 19.83
N ASN A 47 10.46 69.33 19.60
CA ASN A 47 9.50 70.24 20.23
C ASN A 47 8.08 69.97 19.77
N GLN A 48 7.89 69.71 18.47
CA GLN A 48 6.56 69.41 17.96
C GLN A 48 6.03 68.10 18.53
N ALA A 49 6.89 67.08 18.64
CA ALA A 49 6.48 65.81 19.24
C ALA A 49 6.10 65.98 20.70
N ASN A 50 6.86 66.80 21.44
CA ASN A 50 6.50 67.09 22.82
C ASN A 50 5.16 67.81 22.89
N LYS A 51 4.91 68.74 21.97
CA LYS A 51 3.62 69.42 21.93
C LYS A 51 2.50 68.45 21.53
N ARG A 52 2.82 67.38 20.81
CA ARG A 52 1.85 66.41 20.35
C ARG A 52 1.78 65.17 21.23
N HIS A 53 2.47 65.17 22.37
CA HIS A 53 2.49 64.03 23.27
C HIS A 53 1.62 64.33 24.48
N GLY A 54 0.64 63.46 24.74
CA GLY A 54 -0.24 63.60 25.88
C GLY A 54 0.27 63.00 27.17
N SER A 55 1.47 62.42 27.15
CA SER A 55 2.04 61.84 28.36
C SER A 55 2.54 62.95 29.28
N TRP A 56 2.13 62.90 30.55
CA TRP A 56 2.54 63.88 31.53
C TRP A 56 3.80 63.48 32.28
N LYS A 57 4.34 62.30 32.02
CA LYS A 57 5.56 61.82 32.67
C LYS A 57 6.76 61.83 31.73
N ILE A 58 6.70 62.57 30.63
CA ILE A 58 7.77 62.61 29.64
C ILE A 58 8.24 64.05 29.49
N GLN A 59 9.55 64.25 29.58
CA GLN A 59 10.19 65.53 29.33
C GLN A 59 11.09 65.39 28.11
N LEU A 60 10.88 66.25 27.12
CA LEU A 60 11.59 66.16 25.84
C LEU A 60 12.85 67.02 25.90
N ASN A 61 14.00 66.38 25.70
CA ASN A 61 15.27 67.07 25.62
C ASN A 61 16.02 66.57 24.39
N ALA A 62 16.52 67.50 23.58
CA ALA A 62 17.24 67.17 22.36
C ALA A 62 18.63 67.78 22.40
N THR A 63 19.65 66.97 22.17
CA THR A 63 21.03 67.42 22.13
C THR A 63 21.58 67.24 20.72
N SER A 64 22.17 68.30 20.19
CA SER A 64 22.68 68.32 18.82
C SER A 64 24.20 68.20 18.84
N VAL A 65 24.74 67.28 18.05
CA VAL A 65 26.17 67.04 17.96
C VAL A 65 26.56 67.07 16.48
N THR A 66 27.58 67.85 16.16
CA THR A 66 28.07 67.94 14.80
C THR A 66 29.04 66.80 14.49
N HIS A 67 29.28 66.59 13.20
CA HIS A 67 30.21 65.54 12.77
C HIS A 67 31.64 66.00 12.98
N LYS A 68 32.39 65.25 13.78
CA LYS A 68 33.79 65.57 14.03
C LYS A 68 34.62 65.24 12.79
N PRO A 69 35.44 66.16 12.30
CA PRO A 69 36.19 65.89 11.06
C PRO A 69 37.40 64.99 11.29
N ASN A 70 37.20 63.90 12.03
CA ASN A 70 38.25 62.93 12.29
C ASN A 70 37.66 61.67 12.90
N ALA A 71 38.03 60.51 12.37
CA ALA A 71 37.57 59.26 12.96
C ALA A 71 38.13 59.07 14.37
N ILE A 72 39.37 59.53 14.60
CA ILE A 72 39.96 59.42 15.93
C ILE A 72 39.26 60.38 16.90
N GLN A 73 39.00 61.61 16.47
CA GLN A 73 38.40 62.60 17.36
C GLN A 73 36.89 62.46 17.49
N MET A 74 36.23 61.68 16.62
CA MET A 74 34.79 61.54 16.70
C MET A 74 34.37 60.69 17.90
N ALA A 75 35.10 59.61 18.17
CA ALA A 75 34.70 58.69 19.22
C ALA A 75 34.74 59.34 20.60
N LEU A 76 35.83 60.07 20.90
CA LEU A 76 35.95 60.69 22.22
C LEU A 76 34.88 61.75 22.44
N SER A 77 34.64 62.60 21.44
CA SER A 77 33.60 63.62 21.56
C SER A 77 32.21 62.99 21.68
N VAL A 78 31.96 61.93 20.92
CA VAL A 78 30.66 61.25 20.99
C VAL A 78 30.45 60.64 22.37
N CYS A 79 31.47 60.00 22.91
CA CYS A 79 31.34 59.40 24.24
C CYS A 79 31.21 60.46 25.33
N GLU A 80 31.88 61.61 25.17
CA GLU A 80 31.86 62.63 26.19
C GLU A 80 30.56 63.42 26.22
N ASP A 81 29.75 63.36 25.16
CA ASP A 81 28.57 64.19 25.05
C ASP A 81 27.27 63.40 25.13
N LEU A 82 27.08 62.41 24.26
CA LEU A 82 25.81 61.69 24.22
C LEU A 82 25.66 60.72 25.39
N ILE A 83 26.72 60.00 25.72
CA ILE A 83 26.65 58.99 26.78
C ILE A 83 26.41 59.64 28.13
N SER A 84 27.08 60.76 28.39
CA SER A 84 26.96 61.42 29.70
C SER A 84 25.57 61.99 29.95
N SER A 85 24.82 62.31 28.90
CA SER A 85 23.50 62.90 29.06
C SER A 85 22.41 61.88 29.36
N GLN A 86 22.73 60.58 29.31
CA GLN A 86 21.75 59.51 29.52
C GLN A 86 20.57 59.65 28.57
N VAL A 87 20.87 59.95 27.30
CA VAL A 87 19.85 60.11 26.27
C VAL A 87 19.33 58.74 25.86
N TYR A 88 18.23 58.72 25.10
CA TYR A 88 17.60 57.49 24.64
C TYR A 88 17.78 57.37 23.13
N ALA A 89 18.38 56.26 22.70
CA ALA A 89 18.56 55.91 21.29
C ALA A 89 19.46 56.88 20.54
N ILE A 90 19.95 56.47 19.37
CA ILE A 90 20.81 57.30 18.53
C ILE A 90 20.27 57.25 17.11
N LEU A 91 20.04 58.42 16.52
CA LEU A 91 19.54 58.52 15.15
C LEU A 91 20.67 58.87 14.20
N VAL A 92 20.77 58.13 13.11
CA VAL A 92 21.82 58.32 12.13
C VAL A 92 21.31 59.20 11.00
N SER A 93 22.24 59.77 10.24
CA SER A 93 21.91 60.63 9.12
C SER A 93 22.80 60.26 7.94
N HIS A 94 22.64 61.00 6.85
CA HIS A 94 23.45 60.77 5.66
C HIS A 94 24.91 61.09 5.96
N PRO A 95 25.85 60.19 5.67
CA PRO A 95 27.25 60.49 5.94
C PRO A 95 27.73 61.64 5.08
N PRO A 96 28.64 62.47 5.59
CA PRO A 96 29.18 63.56 4.75
C PRO A 96 29.84 63.07 3.49
N THR A 97 30.53 61.93 3.55
CA THR A 97 31.09 61.34 2.34
C THR A 97 29.97 60.84 1.45
N PRO A 98 30.15 60.88 0.13
CA PRO A 98 29.07 60.42 -0.76
C PRO A 98 28.66 58.98 -0.52
N ASN A 99 29.62 58.10 -0.25
CA ASN A 99 29.31 56.71 0.07
C ASN A 99 30.48 56.13 0.86
N ASP A 100 30.32 56.03 2.18
CA ASP A 100 31.38 55.52 3.03
C ASP A 100 30.76 54.99 4.32
N HIS A 101 31.33 53.89 4.81
CA HIS A 101 30.89 53.29 6.08
C HIS A 101 31.76 53.79 7.23
N PHE A 102 31.77 55.11 7.40
CA PHE A 102 32.57 55.76 8.44
C PHE A 102 31.73 56.53 9.44
N THR A 103 30.78 57.34 8.96
CA THR A 103 29.98 58.16 9.87
C THR A 103 29.17 57.35 10.85
N PRO A 104 28.40 56.34 10.44
CA PRO A 104 27.62 55.57 11.41
C PRO A 104 28.38 54.42 12.04
N THR A 105 29.56 54.08 11.55
CA THR A 105 30.35 53.01 12.16
C THR A 105 30.76 53.34 13.59
N PRO A 106 31.32 54.51 13.88
CA PRO A 106 31.63 54.84 15.28
C PRO A 106 30.39 54.88 16.16
N VAL A 107 29.25 55.32 15.64
CA VAL A 107 28.02 55.37 16.43
C VAL A 107 27.56 53.96 16.78
N SER A 108 27.57 53.05 15.79
CA SER A 108 27.18 51.68 16.03
C SER A 108 28.23 50.91 16.82
N TYR A 109 29.45 51.44 16.92
CA TYR A 109 30.52 50.78 17.65
C TYR A 109 30.54 51.20 19.13
N THR A 110 30.69 52.49 19.41
CA THR A 110 30.84 52.94 20.78
C THR A 110 29.60 52.64 21.61
N ALA A 111 28.41 52.90 21.05
CA ALA A 111 27.18 52.64 21.78
C ALA A 111 26.63 51.23 21.55
N GLY A 112 27.22 50.46 20.64
CA GLY A 112 26.70 49.13 20.35
C GLY A 112 26.84 48.18 21.52
N PHE A 113 27.93 48.30 22.27
CA PHE A 113 28.18 47.42 23.40
C PHE A 113 27.50 47.88 24.68
N TYR A 114 26.77 49.00 24.66
CA TYR A 114 26.07 49.53 25.82
C TYR A 114 24.58 49.21 25.80
N ARG A 115 24.15 48.29 24.94
CA ARG A 115 22.75 47.87 24.85
C ARG A 115 21.84 49.07 24.53
N ILE A 116 22.31 49.95 23.67
CA ILE A 116 21.56 51.13 23.25
C ILE A 116 21.19 50.94 21.77
N PRO A 117 19.92 50.75 21.44
CA PRO A 117 19.55 50.62 20.03
C PRO A 117 19.71 51.94 19.28
N VAL A 118 19.97 51.83 17.98
CA VAL A 118 20.17 52.98 17.11
C VAL A 118 19.34 52.80 15.85
N LEU A 119 18.73 53.88 15.38
CA LEU A 119 17.93 53.87 14.17
C LEU A 119 18.63 54.67 13.08
N GLY A 120 18.81 54.06 11.92
CA GLY A 120 19.47 54.72 10.81
C GLY A 120 18.50 55.34 9.83
N LEU A 121 18.31 56.66 9.91
CA LEU A 121 17.36 57.33 9.04
C LEU A 121 17.77 57.21 7.58
N THR A 122 19.06 57.39 7.28
CA THR A 122 19.57 57.31 5.92
C THR A 122 20.32 56.01 5.67
N THR A 123 19.84 54.91 6.26
CA THR A 123 20.53 53.62 6.18
C THR A 123 19.86 52.77 5.11
N ARG A 124 20.21 53.02 3.85
CA ARG A 124 19.75 52.21 2.74
C ARG A 124 20.70 51.06 2.44
N MET A 125 21.75 50.88 3.23
CA MET A 125 22.75 49.85 3.01
C MET A 125 22.46 48.63 3.87
N SER A 126 22.84 47.46 3.34
CA SER A 126 22.64 46.19 4.01
C SER A 126 23.90 45.67 4.70
N ILE A 127 24.96 46.46 4.76
CA ILE A 127 26.21 45.99 5.35
C ILE A 127 26.03 45.68 6.84
N TYR A 128 25.36 46.58 7.56
CA TYR A 128 25.18 46.41 9.00
C TYR A 128 23.90 45.62 9.30
N SER A 129 23.90 44.37 8.86
CA SER A 129 22.75 43.49 9.09
C SER A 129 23.16 42.07 9.45
N ASP A 130 24.45 41.80 9.68
CA ASP A 130 24.92 40.46 9.98
C ASP A 130 24.52 39.97 11.37
N LYS A 131 23.97 40.86 12.22
CA LYS A 131 23.53 40.59 13.58
C LYS A 131 24.67 40.23 14.51
N SER A 132 25.91 40.17 14.02
CA SER A 132 27.09 40.02 14.86
C SER A 132 27.90 41.29 14.97
N ILE A 133 27.79 42.17 13.97
CA ILE A 133 28.38 43.50 14.01
C ILE A 133 27.24 44.51 13.93
N HIS A 134 27.18 45.42 14.90
CA HIS A 134 26.09 46.38 15.03
C HIS A 134 24.74 45.66 15.11
N LEU A 135 24.63 44.79 16.11
CA LEU A 135 23.39 44.05 16.31
C LEU A 135 22.25 44.97 16.68
N SER A 136 22.50 45.93 17.58
CA SER A 136 21.46 46.85 18.04
C SER A 136 21.33 47.97 17.01
N PHE A 137 20.57 47.69 15.95
CA PHE A 137 20.37 48.66 14.89
C PHE A 137 19.05 48.37 14.19
N LEU A 138 18.32 49.43 13.86
CA LEU A 138 17.08 49.34 13.11
C LEU A 138 17.23 50.15 11.82
N ARG A 139 16.93 49.52 10.69
CA ARG A 139 17.09 50.14 9.39
C ARG A 139 15.81 50.88 9.03
N THR A 140 15.88 52.21 8.99
CA THR A 140 14.74 53.02 8.60
C THR A 140 14.63 53.18 7.09
N VAL A 141 15.58 52.64 6.33
CA VAL A 141 15.52 52.67 4.87
C VAL A 141 15.72 51.25 4.36
N PRO A 142 15.15 50.90 3.19
CA PRO A 142 15.30 49.55 2.69
C PRO A 142 16.73 49.28 2.27
N PRO A 143 17.21 48.06 2.44
CA PRO A 143 18.54 47.72 1.90
C PRO A 143 18.53 47.78 0.39
N TYR A 144 19.67 48.18 -0.17
CA TYR A 144 19.80 48.21 -1.63
C TYR A 144 19.65 46.81 -2.22
N SER A 145 20.23 45.81 -1.56
CA SER A 145 20.12 44.44 -2.02
C SER A 145 18.69 43.93 -1.97
N HIS A 146 17.85 44.48 -1.09
CA HIS A 146 16.48 44.02 -0.99
C HIS A 146 15.73 44.19 -2.30
N GLN A 147 15.92 45.33 -2.95
CA GLN A 147 15.29 45.57 -4.24
C GLN A 147 15.73 44.57 -5.30
N SER A 148 16.85 43.88 -5.07
CA SER A 148 17.25 42.81 -5.96
C SER A 148 16.16 41.74 -6.05
N SER A 149 15.51 41.45 -4.92
CA SER A 149 14.37 40.53 -4.95
C SER A 149 13.26 41.06 -5.84
N VAL A 150 13.05 42.38 -5.83
CA VAL A 150 12.07 42.98 -6.73
C VAL A 150 12.41 42.68 -8.17
N TRP A 151 13.71 42.57 -8.47
CA TRP A 151 14.13 42.16 -9.80
C TRP A 151 13.48 40.84 -10.18
N PHE A 152 13.51 39.86 -9.27
CA PHE A 152 12.79 38.62 -9.49
C PHE A 152 11.32 38.91 -9.72
N GLU A 153 10.73 39.76 -8.88
CA GLU A 153 9.38 40.25 -9.14
C GLU A 153 9.32 40.96 -10.48
N MET A 154 10.31 41.79 -10.77
CA MET A 154 10.40 42.42 -12.08
C MET A 154 10.48 41.36 -13.17
N MET A 155 11.19 40.27 -12.90
CA MET A 155 11.26 39.16 -13.85
C MET A 155 10.04 38.26 -13.77
N ARG A 156 9.24 38.39 -12.72
CA ARG A 156 8.07 37.53 -12.57
C ARG A 156 7.06 37.76 -13.69
N VAL A 157 6.86 39.02 -14.07
CA VAL A 157 5.80 39.34 -15.02
C VAL A 157 6.32 39.34 -16.45
N TYR A 158 7.29 40.20 -16.76
CA TYR A 158 7.72 40.42 -18.14
C TYR A 158 8.62 39.28 -18.63
N SER A 159 8.02 38.09 -18.74
CA SER A 159 8.70 36.91 -19.25
C SER A 159 10.01 36.66 -18.53
N TRP A 160 11.13 36.82 -19.25
CA TRP A 160 12.46 36.72 -18.68
C TRP A 160 12.66 35.37 -17.96
N ASN A 161 12.61 34.32 -18.77
CA ASN A 161 12.76 32.96 -18.23
C ASN A 161 14.12 32.77 -17.59
N HIS A 162 15.19 33.22 -18.24
CA HIS A 162 16.54 33.07 -17.73
C HIS A 162 17.32 34.35 -17.94
N ILE A 163 18.18 34.68 -16.98
CA ILE A 163 19.03 35.85 -17.05
C ILE A 163 20.42 35.48 -16.56
N ILE A 164 21.37 36.36 -16.84
CA ILE A 164 22.76 36.18 -16.43
C ILE A 164 23.06 37.19 -15.34
N LEU A 165 23.55 36.71 -14.20
CA LEU A 165 23.81 37.57 -13.05
C LEU A 165 25.26 38.01 -13.06
N LEU A 166 25.48 39.29 -12.76
CA LEU A 166 26.83 39.83 -12.60
C LEU A 166 26.89 40.58 -11.29
N VAL A 167 27.88 40.25 -10.47
CA VAL A 167 28.01 40.82 -9.13
C VAL A 167 29.48 41.14 -8.88
N SER A 168 29.72 42.30 -8.28
CA SER A 168 31.07 42.69 -7.90
C SER A 168 31.50 41.91 -6.65
N ASP A 169 32.81 41.93 -6.40
CA ASP A 169 33.38 41.27 -5.23
C ASP A 169 33.12 42.13 -3.99
N ASP A 170 31.85 42.17 -3.59
CA ASP A 170 31.41 42.97 -2.46
C ASP A 170 30.56 42.11 -1.53
N HIS A 171 30.69 42.38 -0.22
CA HIS A 171 29.88 41.66 0.76
C HIS A 171 28.40 41.91 0.53
N GLU A 172 28.02 43.17 0.30
CA GLU A 172 26.64 43.46 -0.05
C GLU A 172 26.25 42.79 -1.36
N GLY A 173 27.16 42.81 -2.34
CA GLY A 173 26.89 42.13 -3.59
C GLY A 173 26.74 40.62 -3.41
N ARG A 174 27.60 40.03 -2.58
CA ARG A 174 27.49 38.59 -2.32
C ARG A 174 26.17 38.26 -1.65
N ALA A 175 25.76 39.08 -0.67
CA ALA A 175 24.48 38.85 0.01
C ALA A 175 23.32 38.97 -0.96
N ALA A 176 23.37 39.97 -1.83
CA ALA A 176 22.33 40.14 -2.83
C ALA A 176 22.28 38.94 -3.78
N GLN A 177 23.44 38.45 -4.20
CA GLN A 177 23.48 37.28 -5.06
C GLN A 177 22.88 36.06 -4.37
N LYS A 178 23.21 35.86 -3.10
CA LYS A 178 22.65 34.75 -2.35
C LYS A 178 21.14 34.88 -2.23
N ARG A 179 20.66 36.09 -1.94
CA ARG A 179 19.22 36.29 -1.78
C ARG A 179 18.50 36.06 -3.11
N LEU A 180 19.06 36.54 -4.21
CA LEU A 180 18.44 36.33 -5.51
C LEU A 180 18.45 34.85 -5.88
N GLU A 181 19.53 34.14 -5.57
CA GLU A 181 19.58 32.71 -5.82
C GLU A 181 18.53 31.98 -5.01
N THR A 182 18.35 32.37 -3.75
CA THR A 182 17.32 31.75 -2.93
C THR A 182 15.94 32.01 -3.51
N LEU A 183 15.69 33.24 -3.98
CA LEU A 183 14.42 33.55 -4.60
C LEU A 183 14.21 32.71 -5.85
N LEU A 184 15.25 32.55 -6.67
CA LEU A 184 15.16 31.73 -7.86
C LEU A 184 14.94 30.26 -7.54
N GLU A 185 15.40 29.81 -6.37
CA GLU A 185 15.16 28.43 -5.95
C GLU A 185 13.67 28.14 -5.78
N GLU A 186 12.85 29.17 -5.59
CA GLU A 186 11.40 28.97 -5.54
C GLU A 186 10.87 28.53 -6.90
N ARG A 187 11.30 29.19 -7.97
CA ARG A 187 10.83 28.88 -9.32
C ARG A 187 11.69 27.84 -10.03
N GLU A 188 12.71 27.32 -9.36
CA GLU A 188 13.60 26.30 -9.93
C GLU A 188 14.27 26.81 -11.20
N SER A 189 15.08 27.85 -11.04
CA SER A 189 15.85 28.43 -12.13
C SER A 189 17.32 28.47 -11.75
N LYS A 190 18.18 28.14 -12.71
CA LYS A 190 19.62 28.12 -12.49
C LYS A 190 20.29 29.46 -12.71
N ALA A 191 19.52 30.49 -13.11
CA ALA A 191 20.04 31.83 -13.35
C ALA A 191 21.18 31.83 -14.37
N GLU A 192 21.13 30.89 -15.30
CA GLU A 192 22.16 30.75 -16.32
C GLU A 192 23.53 30.65 -15.67
N LYS A 193 24.24 31.78 -15.61
CA LYS A 193 25.53 31.85 -14.95
C LYS A 193 25.62 33.13 -14.14
N VAL A 194 26.45 33.09 -13.11
CA VAL A 194 26.71 34.24 -12.25
C VAL A 194 28.20 34.53 -12.30
N LEU A 195 28.55 35.73 -12.76
CA LEU A 195 29.92 36.21 -12.80
C LEU A 195 30.20 37.04 -11.57
N GLN A 196 31.38 36.82 -10.97
CA GLN A 196 31.79 37.53 -9.77
C GLN A 196 32.78 38.61 -10.17
N PHE A 197 32.30 39.81 -10.41
CA PHE A 197 33.15 40.91 -10.80
C PHE A 197 34.09 41.29 -9.65
N ASP A 198 35.26 41.80 -10.02
CA ASP A 198 36.26 42.19 -9.03
C ASP A 198 36.23 43.70 -8.86
N PRO A 199 35.94 44.21 -7.67
CA PRO A 199 35.96 45.66 -7.48
C PRO A 199 37.35 46.23 -7.76
N GLY A 200 37.36 47.44 -8.32
CA GLY A 200 38.60 48.11 -8.64
C GLY A 200 39.29 47.63 -9.90
N THR A 201 38.63 46.76 -10.69
CA THR A 201 39.23 46.28 -11.92
C THR A 201 39.21 47.36 -12.99
N LYS A 202 40.27 47.42 -13.78
CA LYS A 202 40.37 48.36 -14.90
C LYS A 202 40.08 47.71 -16.24
N ASN A 203 40.14 46.38 -16.32
CA ASN A 203 39.83 45.65 -17.55
C ASN A 203 38.68 44.70 -17.24
N VAL A 204 37.46 45.14 -17.52
CA VAL A 204 36.26 44.35 -17.25
C VAL A 204 35.70 43.69 -18.50
N THR A 205 36.11 44.11 -19.69
CA THR A 205 35.59 43.51 -20.91
C THR A 205 36.00 42.04 -21.01
N ALA A 206 37.17 41.69 -20.48
CA ALA A 206 37.60 40.30 -20.49
C ALA A 206 36.63 39.42 -19.71
N LEU A 207 36.20 39.88 -18.53
CA LEU A 207 35.18 39.16 -17.78
C LEU A 207 33.88 39.07 -18.57
N LEU A 208 33.55 40.11 -19.33
CA LEU A 208 32.38 40.10 -20.19
C LEU A 208 32.59 39.30 -21.46
N MET A 209 33.71 38.58 -21.59
CA MET A 209 33.92 37.74 -22.76
C MET A 209 32.84 36.67 -22.85
N GLU A 210 32.50 36.04 -21.72
CA GLU A 210 31.42 35.09 -21.70
C GLU A 210 30.06 35.75 -21.85
N ALA A 211 30.02 37.08 -21.96
CA ALA A 211 28.75 37.78 -22.12
C ALA A 211 28.03 37.34 -23.38
N LYS A 212 28.75 37.23 -24.49
CA LYS A 212 28.16 36.72 -25.72
C LYS A 212 28.09 35.20 -25.74
N GLU A 213 28.67 34.52 -24.75
CA GLU A 213 28.74 33.06 -24.78
C GLU A 213 27.35 32.44 -24.74
N LEU A 214 26.54 32.83 -23.77
CA LEU A 214 25.23 32.21 -23.61
C LEU A 214 24.26 32.70 -24.69
N GLU A 215 23.11 32.02 -24.76
CA GLU A 215 22.10 32.35 -25.76
C GLU A 215 21.10 33.40 -25.29
N ALA A 216 21.12 33.75 -24.00
CA ALA A 216 20.15 34.69 -23.47
C ALA A 216 20.54 36.12 -23.80
N ARG A 217 19.73 37.07 -23.36
CA ARG A 217 20.05 38.48 -23.53
C ARG A 217 19.76 39.34 -22.30
N VAL A 218 19.20 38.78 -21.23
CA VAL A 218 18.80 39.56 -20.06
C VAL A 218 19.95 39.54 -19.06
N ILE A 219 20.54 40.71 -18.81
CA ILE A 219 21.68 40.84 -17.92
C ILE A 219 21.22 41.57 -16.67
N ILE A 220 21.42 40.94 -15.51
CA ILE A 220 21.07 41.52 -14.23
C ILE A 220 22.36 41.86 -13.51
N LEU A 221 22.60 43.15 -13.31
CA LEU A 221 23.80 43.61 -12.61
C LEU A 221 23.57 45.02 -12.10
N SER A 222 24.26 45.35 -11.02
CA SER A 222 24.23 46.69 -10.45
C SER A 222 25.39 46.83 -9.46
N ALA A 223 26.10 47.95 -9.52
CA ALA A 223 27.28 48.13 -8.69
C ALA A 223 27.54 49.61 -8.53
N SER A 224 28.75 49.94 -8.04
CA SER A 224 29.14 51.32 -7.85
C SER A 224 29.25 52.04 -9.18
N GLU A 225 28.99 53.35 -9.15
CA GLU A 225 29.03 54.14 -10.38
C GLU A 225 30.40 54.11 -11.02
N ASP A 226 31.46 54.21 -10.20
CA ASP A 226 32.82 54.11 -10.74
C ASP A 226 33.06 52.74 -11.36
N ASP A 227 32.61 51.67 -10.69
CA ASP A 227 32.75 50.34 -11.25
C ASP A 227 31.87 50.17 -12.49
N ALA A 228 30.66 50.73 -12.47
CA ALA A 228 29.73 50.52 -13.57
C ALA A 228 30.10 51.34 -14.80
N ALA A 229 30.86 52.43 -14.64
CA ALA A 229 31.17 53.28 -15.78
C ALA A 229 32.01 52.55 -16.82
N THR A 230 33.05 51.84 -16.37
CA THR A 230 33.91 51.11 -17.29
C THR A 230 33.14 50.02 -18.03
N VAL A 231 32.28 49.29 -17.31
CA VAL A 231 31.50 48.23 -17.94
C VAL A 231 30.51 48.82 -18.94
N TYR A 232 29.84 49.91 -18.57
CA TYR A 232 28.88 50.54 -19.46
C TYR A 232 29.58 51.06 -20.72
N ARG A 233 30.79 51.58 -20.57
CA ARG A 233 31.55 52.02 -21.73
C ARG A 233 31.97 50.83 -22.60
N ALA A 234 32.45 49.75 -21.97
CA ALA A 234 32.96 48.61 -22.72
C ALA A 234 31.87 47.77 -23.36
N ALA A 235 30.62 47.92 -22.92
CA ALA A 235 29.53 47.15 -23.52
C ALA A 235 29.40 47.46 -25.01
N ALA A 236 29.49 48.73 -25.37
CA ALA A 236 29.42 49.10 -26.77
C ALA A 236 30.58 48.52 -27.57
N MET A 237 31.74 48.36 -26.92
CA MET A 237 32.89 47.76 -27.60
C MET A 237 32.59 46.34 -28.02
N LEU A 238 31.96 45.55 -27.14
CA LEU A 238 31.56 44.18 -27.45
C LEU A 238 30.27 44.12 -28.23
N ASN A 239 29.84 45.25 -28.81
CA ASN A 239 28.58 45.38 -29.52
C ASN A 239 27.37 45.07 -28.65
N MET A 240 27.55 45.00 -27.33
CA MET A 240 26.43 44.77 -26.42
C MET A 240 25.48 45.96 -26.39
N THR A 241 25.91 47.13 -26.84
CA THR A 241 25.04 48.29 -26.93
C THR A 241 24.00 48.16 -28.04
N GLY A 242 24.15 47.20 -28.94
CA GLY A 242 23.17 47.00 -29.97
C GLY A 242 21.88 46.44 -29.42
N SER A 243 20.82 46.58 -30.22
CA SER A 243 19.52 46.08 -29.82
C SER A 243 19.54 44.56 -29.74
N GLY A 244 18.56 44.01 -29.03
CA GLY A 244 18.47 42.59 -28.80
C GLY A 244 19.11 42.12 -27.51
N TYR A 245 19.82 42.97 -26.80
CA TYR A 245 20.33 42.67 -25.48
C TYR A 245 19.47 43.37 -24.44
N VAL A 246 19.43 42.81 -23.23
CA VAL A 246 18.62 43.35 -22.14
C VAL A 246 19.52 43.55 -20.93
N TRP A 247 19.52 44.77 -20.40
CA TRP A 247 20.32 45.11 -19.24
C TRP A 247 19.42 45.74 -18.19
N LEU A 248 19.49 45.22 -16.97
CA LEU A 248 18.75 45.76 -15.83
C LEU A 248 19.75 46.24 -14.79
N VAL A 249 19.53 47.45 -14.27
CA VAL A 249 20.49 48.09 -13.39
C VAL A 249 19.78 48.63 -12.15
N GLY A 250 20.57 48.91 -11.12
CA GLY A 250 20.06 49.52 -9.90
C GLY A 250 20.27 51.03 -9.87
N GLU A 251 19.79 51.63 -8.78
CA GLU A 251 19.86 53.08 -8.63
C GLU A 251 21.26 53.57 -8.32
N ARG A 252 22.14 52.71 -7.80
CA ARG A 252 23.52 53.12 -7.54
C ARG A 252 24.20 53.58 -8.82
N GLU A 253 23.88 52.92 -9.94
CA GLU A 253 24.40 53.31 -11.25
C GLU A 253 23.43 54.19 -12.03
N ILE A 254 22.29 54.57 -11.43
CA ILE A 254 21.32 55.38 -12.14
C ILE A 254 21.91 56.74 -12.50
N SER A 255 22.63 57.35 -11.58
CA SER A 255 23.28 58.63 -11.81
C SER A 255 24.68 58.61 -11.21
N GLY A 256 25.54 59.48 -11.75
CA GLY A 256 26.90 59.57 -11.27
C GLY A 256 27.91 59.61 -12.40
N ASN A 257 29.13 59.15 -12.13
CA ASN A 257 30.17 59.14 -13.17
C ASN A 257 29.82 58.20 -14.31
N ALA A 258 28.95 57.23 -14.09
CA ALA A 258 28.57 56.30 -15.15
C ALA A 258 27.51 56.85 -16.09
N LEU A 259 26.90 57.99 -15.76
CA LEU A 259 25.81 58.53 -16.58
C LEU A 259 26.24 58.84 -18.00
N ARG A 260 27.54 59.00 -18.25
CA ARG A 260 28.01 59.21 -19.61
C ARG A 260 27.87 57.94 -20.45
N TYR A 261 28.15 56.78 -19.86
CA TYR A 261 28.19 55.52 -20.61
C TYR A 261 26.91 54.70 -20.45
N ALA A 262 25.88 55.25 -19.82
CA ALA A 262 24.66 54.50 -19.61
C ALA A 262 23.95 54.23 -20.94
N PRO A 263 23.38 53.05 -21.14
CA PRO A 263 22.66 52.79 -22.40
C PRO A 263 21.32 53.48 -22.45
N ASP A 264 20.86 53.75 -23.66
CA ASP A 264 19.55 54.36 -23.85
C ASP A 264 18.43 53.35 -23.61
N GLY A 265 17.34 53.83 -23.03
CA GLY A 265 16.24 52.95 -22.68
C GLY A 265 16.57 51.96 -21.58
N ILE A 266 17.70 52.17 -20.89
CA ILE A 266 18.12 51.22 -19.87
C ILE A 266 17.21 51.34 -18.65
N LEU A 267 16.76 50.20 -18.14
CA LEU A 267 15.88 50.17 -16.98
C LEU A 267 16.73 50.31 -15.72
N GLY A 268 16.71 51.50 -15.13
CA GLY A 268 17.39 51.76 -13.89
C GLY A 268 16.48 51.58 -12.69
N LEU A 269 16.80 52.29 -11.61
CA LEU A 269 16.01 52.19 -10.39
C LEU A 269 16.02 53.54 -9.67
N GLN A 270 15.01 53.73 -8.84
CA GLN A 270 14.91 54.87 -7.95
C GLN A 270 14.01 54.49 -6.79
N LEU A 271 14.12 55.24 -5.70
CA LEU A 271 13.39 54.94 -4.47
C LEU A 271 12.64 56.18 -3.99
N ILE A 272 11.43 55.97 -3.48
CA ILE A 272 10.65 57.08 -2.96
C ILE A 272 11.30 57.62 -1.70
N ASN A 273 11.12 58.93 -1.48
CA ASN A 273 11.74 59.63 -0.35
C ASN A 273 13.25 59.44 -0.35
N GLY A 274 13.86 59.51 -1.53
CA GLY A 274 15.28 59.26 -1.67
C GLY A 274 16.16 60.37 -1.10
N LYS A 275 15.64 61.59 -1.02
CA LYS A 275 16.41 62.70 -0.47
C LYS A 275 15.59 63.53 0.52
N ASN A 276 14.44 63.01 0.94
CA ASN A 276 13.57 63.73 1.87
C ASN A 276 14.01 63.39 3.30
N GLU A 277 15.02 64.12 3.76
CA GLU A 277 15.50 63.93 5.13
C GLU A 277 14.45 64.38 6.15
N SER A 278 13.65 65.39 5.80
CA SER A 278 12.61 65.87 6.71
C SER A 278 11.57 64.79 6.96
N ALA A 279 11.18 64.06 5.92
CA ALA A 279 10.19 62.99 6.09
C ALA A 279 10.70 61.90 7.03
N HIS A 280 11.95 61.48 6.84
CA HIS A 280 12.52 60.47 7.72
C HIS A 280 12.64 60.99 9.15
N ILE A 281 13.03 62.26 9.31
CA ILE A 281 13.15 62.84 10.64
C ILE A 281 11.79 62.86 11.35
N SER A 282 10.75 63.28 10.63
CA SER A 282 9.41 63.31 11.22
C SER A 282 8.93 61.92 11.59
N ASP A 283 9.14 60.94 10.70
CA ASP A 283 8.73 59.57 11.01
C ASP A 283 9.46 59.04 12.22
N ALA A 284 10.78 59.29 12.31
CA ALA A 284 11.55 58.81 13.45
C ALA A 284 11.10 59.49 14.74
N VAL A 285 10.79 60.78 14.67
CA VAL A 285 10.31 61.49 15.86
C VAL A 285 8.99 60.89 16.34
N GLY A 286 8.07 60.62 15.41
CA GLY A 286 6.80 60.01 15.81
C GLY A 286 6.99 58.62 16.39
N VAL A 287 7.86 57.82 15.77
CA VAL A 287 8.10 56.47 16.26
C VAL A 287 8.70 56.50 17.66
N VAL A 288 9.65 57.41 17.89
CA VAL A 288 10.25 57.52 19.22
C VAL A 288 9.24 58.02 20.23
N ALA A 289 8.35 58.93 19.83
CA ALA A 289 7.32 59.41 20.74
C ALA A 289 6.39 58.27 21.16
N GLN A 290 6.02 57.41 20.22
CA GLN A 290 5.24 56.24 20.58
C GLN A 290 6.03 55.27 21.46
N ALA A 291 7.30 55.04 21.15
CA ALA A 291 8.09 54.05 21.86
C ALA A 291 8.36 54.47 23.30
N VAL A 292 8.54 55.76 23.53
CA VAL A 292 8.79 56.24 24.90
C VAL A 292 7.57 55.96 25.78
N HIS A 293 6.38 56.27 25.28
CA HIS A 293 5.16 55.98 26.04
C HIS A 293 4.96 54.48 26.21
N GLU A 294 5.32 53.70 25.20
CA GLU A 294 5.21 52.24 25.31
C GLU A 294 6.13 51.71 26.40
N LEU A 295 7.37 52.21 26.45
CA LEU A 295 8.35 51.70 27.41
C LEU A 295 8.05 52.17 28.83
N LEU A 296 7.63 53.44 28.98
CA LEU A 296 7.37 53.98 30.31
C LEU A 296 5.97 53.58 30.79
N GLU A 297 5.68 52.28 30.76
CA GLU A 297 4.38 51.79 31.21
C GLU A 297 4.47 50.51 32.03
N LYS A 298 5.64 49.94 32.22
CA LYS A 298 5.81 48.71 32.97
C LYS A 298 7.01 48.84 33.91
N GLU A 299 7.17 47.84 34.77
CA GLU A 299 8.26 47.84 35.74
C GLU A 299 9.57 47.49 35.06
N ASN A 300 10.64 47.38 35.86
CA ASN A 300 11.98 47.06 35.39
C ASN A 300 12.44 48.06 34.32
N ILE A 301 12.13 49.34 34.54
CA ILE A 301 12.52 50.39 33.61
C ILE A 301 13.94 50.83 33.92
N THR A 302 14.91 50.21 33.25
CA THR A 302 16.31 50.56 33.46
C THR A 302 16.61 51.91 32.84
N ASP A 303 16.89 52.90 33.69
CA ASP A 303 17.17 54.24 33.20
C ASP A 303 18.51 54.27 32.47
N PRO A 304 18.68 55.17 31.51
CA PRO A 304 19.91 55.21 30.73
C PRO A 304 21.13 55.47 31.61
N PRO A 305 22.24 54.80 31.34
CA PRO A 305 23.45 55.04 32.13
C PRO A 305 24.01 56.43 31.88
N ARG A 306 24.69 56.96 32.90
CA ARG A 306 25.29 58.28 32.84
C ARG A 306 26.81 58.16 32.79
N GLY A 307 27.43 58.93 31.90
CA GLY A 307 28.87 58.93 31.76
C GLY A 307 29.36 57.91 30.75
N CYS A 308 30.59 58.16 30.27
CA CYS A 308 31.24 57.29 29.31
C CYS A 308 32.30 56.38 29.91
N VAL A 309 32.75 56.68 31.13
CA VAL A 309 33.76 55.88 31.81
C VAL A 309 33.16 55.14 33.00
N GLY A 310 32.22 55.78 33.71
CA GLY A 310 31.60 55.12 34.86
C GLY A 310 30.84 53.86 34.48
N ASN A 311 30.13 53.91 33.36
CA ASN A 311 29.37 52.75 32.90
C ASN A 311 30.33 51.71 32.34
N THR A 312 30.43 50.57 33.03
CA THR A 312 31.29 49.46 32.60
C THR A 312 30.48 48.21 32.31
N ASN A 313 29.16 48.32 32.25
CA ASN A 313 28.30 47.20 31.94
C ASN A 313 27.04 47.72 31.25
N ILE A 314 26.39 46.83 30.50
CA ILE A 314 25.20 47.23 29.75
C ILE A 314 24.02 47.43 30.70
N TRP A 315 23.02 48.15 30.20
CA TRP A 315 21.81 48.39 30.98
C TRP A 315 20.96 47.13 31.06
N LYS A 316 20.15 47.06 32.12
CA LYS A 316 19.30 45.89 32.32
C LYS A 316 18.28 45.73 31.19
N THR A 317 17.63 46.83 30.80
CA THR A 317 16.63 46.79 29.73
C THR A 317 17.34 46.65 28.40
N GLY A 318 17.47 45.41 27.93
CA GLY A 318 18.16 45.15 26.69
C GLY A 318 17.22 44.66 25.60
N PRO A 319 17.21 43.35 25.38
CA PRO A 319 16.35 42.80 24.31
C PRO A 319 14.88 43.09 24.51
N LEU A 320 14.41 43.15 25.75
CA LEU A 320 13.00 43.48 26.00
C LEU A 320 12.68 44.89 25.52
N PHE A 321 13.59 45.84 25.76
CA PHE A 321 13.39 47.20 25.28
C PHE A 321 13.33 47.25 23.75
N LYS A 322 14.21 46.49 23.09
CA LYS A 322 14.20 46.44 21.63
C LYS A 322 12.89 45.84 21.12
N ARG A 323 12.41 44.77 21.76
CA ARG A 323 11.15 44.17 21.35
C ARG A 323 9.99 45.12 21.56
N VAL A 324 9.99 45.86 22.67
CA VAL A 324 8.94 46.83 22.93
C VAL A 324 8.95 47.93 21.88
N LEU A 325 10.15 48.41 21.53
CA LEU A 325 10.27 49.42 20.49
C LEU A 325 9.77 48.89 19.16
N MET A 326 10.07 47.62 18.86
CA MET A 326 9.63 47.01 17.61
C MET A 326 8.17 46.59 17.69
N SER A 327 7.30 47.55 18.00
CA SER A 327 5.86 47.28 18.06
C SER A 327 5.03 48.40 17.45
N SER A 328 5.65 49.43 16.87
CA SER A 328 4.89 50.53 16.30
C SER A 328 4.34 50.13 14.93
N LYS A 329 3.01 50.11 14.81
CA LYS A 329 2.34 49.71 13.57
C LYS A 329 1.22 50.72 13.31
N TYR A 330 1.52 51.74 12.52
CA TYR A 330 0.56 52.77 12.17
C TYR A 330 1.08 53.48 10.92
N ALA A 331 0.41 54.57 10.55
CA ALA A 331 0.81 55.42 9.43
C ALA A 331 1.28 56.74 10.01
N ASP A 332 2.56 56.80 10.36
CA ASP A 332 3.14 57.98 10.98
C ASP A 332 4.23 58.56 10.08
N GLY A 333 4.34 59.88 10.10
CA GLY A 333 5.32 60.58 9.28
C GLY A 333 4.86 60.74 7.85
N VAL A 334 5.65 61.50 7.09
CA VAL A 334 5.36 61.68 5.67
C VAL A 334 5.50 60.35 4.93
N THR A 335 6.50 59.55 5.30
CA THR A 335 6.68 58.26 4.67
C THR A 335 5.51 57.33 4.96
N GLY A 336 5.17 57.17 6.23
CA GLY A 336 4.06 56.31 6.60
C GLY A 336 4.36 54.83 6.45
N ARG A 337 3.42 53.99 6.85
CA ARG A 337 3.55 52.53 6.74
C ARG A 337 4.82 52.03 7.45
N VAL A 338 4.89 52.34 8.74
CA VAL A 338 6.04 51.95 9.56
C VAL A 338 5.81 50.49 9.96
N GLU A 339 6.59 49.58 9.36
CA GLU A 339 6.45 48.15 9.59
C GLU A 339 7.82 47.51 9.79
N PHE A 340 8.63 48.12 10.67
CA PHE A 340 9.97 47.60 10.93
C PHE A 340 9.90 46.20 11.53
N ASN A 341 10.71 45.29 10.98
CA ASN A 341 10.74 43.91 11.44
C ASN A 341 12.04 43.27 10.94
N GLU A 342 12.14 41.95 11.11
CA GLU A 342 13.30 41.16 10.69
C GLU A 342 14.53 41.70 11.40
N ASP A 343 15.55 42.18 10.68
CA ASP A 343 16.73 42.76 11.32
C ASP A 343 16.51 44.20 11.77
N GLY A 344 15.33 44.76 11.51
CA GLY A 344 15.05 46.13 11.88
C GLY A 344 14.70 47.03 10.71
N ASP A 345 14.12 46.44 9.66
CA ASP A 345 13.78 47.16 8.45
C ASP A 345 12.27 47.16 8.24
N ARG A 346 11.77 48.26 7.67
CA ARG A 346 10.34 48.43 7.43
C ARG A 346 9.87 47.49 6.33
N LYS A 347 8.57 47.58 6.00
CA LYS A 347 7.96 46.73 5.00
C LYS A 347 7.13 47.57 4.05
N PHE A 348 6.82 46.97 2.89
CA PHE A 348 6.03 47.61 1.84
C PHE A 348 6.70 48.88 1.33
N ALA A 349 7.89 48.71 0.78
CA ALA A 349 8.70 49.82 0.28
C ALA A 349 8.30 50.19 -1.14
N ASN A 350 8.49 51.47 -1.48
CA ASN A 350 8.15 51.99 -2.80
C ASN A 350 9.41 52.24 -3.60
N TYR A 351 9.46 51.70 -4.81
CA TYR A 351 10.58 51.84 -5.71
C TYR A 351 10.15 52.54 -6.98
N SER A 352 11.05 53.31 -7.57
CA SER A 352 10.77 54.06 -8.78
C SER A 352 11.73 53.63 -9.89
N ILE A 353 11.25 53.70 -11.13
CA ILE A 353 12.03 53.36 -12.30
C ILE A 353 11.85 54.47 -13.33
N MET A 354 12.96 55.09 -13.73
CA MET A 354 12.95 56.18 -14.69
C MET A 354 13.60 55.75 -15.99
N ASN A 355 12.89 55.98 -17.10
CA ASN A 355 13.37 55.62 -18.42
C ASN A 355 14.47 56.57 -18.84
N LEU A 356 15.55 56.02 -19.40
CA LEU A 356 16.70 56.79 -19.84
C LEU A 356 16.60 57.04 -21.33
N GLN A 357 16.53 58.32 -21.71
CA GLN A 357 16.49 58.70 -23.12
C GLN A 357 17.03 60.12 -23.24
N ASN A 358 17.94 60.32 -24.18
CA ASN A 358 18.60 61.62 -24.37
C ASN A 358 19.30 62.07 -23.10
N ARG A 359 19.95 61.14 -22.42
CA ARG A 359 20.71 61.40 -21.19
C ARG A 359 19.83 62.01 -20.10
N LYS A 360 18.54 61.65 -20.08
CA LYS A 360 17.60 62.17 -19.11
C LYS A 360 16.78 61.02 -18.55
N LEU A 361 16.55 61.05 -17.24
CA LEU A 361 15.75 60.02 -16.57
C LEU A 361 14.29 60.45 -16.55
N VAL A 362 13.43 59.65 -17.19
CA VAL A 362 12.00 59.92 -17.27
C VAL A 362 11.28 58.79 -16.57
N GLN A 363 10.59 59.11 -15.48
CA GLN A 363 9.95 58.09 -14.65
C GLN A 363 8.89 57.33 -15.45
N VAL A 364 8.97 56.00 -15.41
CA VAL A 364 8.02 55.16 -16.14
C VAL A 364 7.45 54.04 -15.29
N GLY A 365 7.99 53.74 -14.11
CA GLY A 365 7.43 52.69 -13.29
C GLY A 365 7.45 53.00 -11.81
N ILE A 366 6.43 52.56 -11.08
CA ILE A 366 6.35 52.77 -9.65
C ILE A 366 5.85 51.49 -9.00
N TYR A 367 6.49 51.08 -7.92
CA TYR A 367 6.13 49.87 -7.18
C TYR A 367 5.88 50.22 -5.72
N ASN A 368 4.78 49.72 -5.18
CA ASN A 368 4.46 49.91 -3.77
C ASN A 368 5.04 48.81 -2.89
N GLY A 369 5.78 47.87 -3.47
CA GLY A 369 6.32 46.74 -2.75
C GLY A 369 5.52 45.47 -2.93
N THR A 370 4.27 45.57 -3.35
CA THR A 370 3.44 44.41 -3.65
C THR A 370 3.17 44.25 -5.14
N HIS A 371 2.81 45.33 -5.82
CA HIS A 371 2.63 45.31 -7.27
C HIS A 371 3.15 46.62 -7.83
N VAL A 372 3.92 46.53 -8.91
CA VAL A 372 4.49 47.70 -9.55
C VAL A 372 3.43 48.33 -10.45
N ILE A 373 3.15 49.61 -10.23
CA ILE A 373 2.20 50.35 -11.05
C ILE A 373 2.93 50.83 -12.30
N PRO A 374 2.60 50.34 -13.48
CA PRO A 374 3.27 50.79 -14.69
C PRO A 374 2.77 52.17 -15.10
N ASN A 375 3.27 52.63 -16.26
CA ASN A 375 2.85 53.92 -16.81
C ASN A 375 2.75 53.80 -18.32
N ASP A 376 1.97 54.71 -18.91
CA ASP A 376 1.86 54.78 -20.36
C ASP A 376 3.12 55.34 -21.01
N ARG A 377 4.08 55.81 -20.22
CA ARG A 377 5.33 56.34 -20.76
C ARG A 377 6.05 55.27 -21.56
N LYS A 378 6.70 55.68 -22.65
CA LYS A 378 7.33 54.75 -23.55
C LYS A 378 8.46 53.99 -22.86
N ILE A 379 8.46 52.67 -23.03
CA ILE A 379 9.49 51.81 -22.45
C ILE A 379 10.29 51.17 -23.58
N ILE A 380 11.39 51.80 -23.96
CA ILE A 380 12.22 51.29 -25.03
C ILE A 380 13.23 50.31 -24.45
N TRP A 381 13.30 49.12 -25.02
CA TRP A 381 14.32 48.15 -24.65
C TRP A 381 15.68 48.65 -25.11
N PRO A 382 16.76 48.08 -24.57
CA PRO A 382 18.10 48.62 -24.88
C PRO A 382 18.35 48.63 -26.38
N GLY A 383 19.01 49.70 -26.83
CA GLY A 383 19.06 50.00 -28.24
C GLY A 383 17.87 50.80 -28.75
N GLY A 384 17.08 51.38 -27.84
CA GLY A 384 15.89 52.12 -28.23
C GLY A 384 14.83 51.27 -28.87
N GLU A 385 14.61 50.05 -28.36
CA GLU A 385 13.67 49.12 -28.95
C GLU A 385 12.36 49.18 -28.18
N THR A 386 11.31 49.66 -28.84
CA THR A 386 10.00 49.69 -28.20
C THR A 386 9.50 48.28 -27.89
N GLU A 387 9.74 47.34 -28.81
CA GLU A 387 9.33 45.96 -28.58
C GLU A 387 10.19 45.33 -27.48
N LYS A 388 9.58 44.40 -26.74
CA LYS A 388 10.31 43.67 -25.72
C LYS A 388 10.58 42.26 -26.21
N PRO A 389 11.84 41.89 -26.46
CA PRO A 389 12.12 40.54 -26.96
C PRO A 389 12.31 39.52 -25.84
N ARG A 390 12.62 38.28 -26.21
CA ARG A 390 12.80 37.19 -25.27
C ARG A 390 14.28 36.86 -25.11
N GLY A 391 14.61 36.26 -23.96
CA GLY A 391 15.99 35.95 -23.63
C GLY A 391 16.44 34.56 -23.99
N TYR A 392 16.24 34.14 -25.24
CA TYR A 392 16.74 32.84 -25.69
C TYR A 392 16.92 32.94 -27.20
N GLN A 393 18.16 33.14 -27.63
CA GLN A 393 18.50 33.19 -29.04
C GLN A 393 19.19 31.88 -29.39
N MET A 394 18.46 30.99 -30.05
CA MET A 394 18.95 29.64 -30.31
C MET A 394 20.20 29.65 -31.17
N SER A 395 21.12 28.75 -30.85
CA SER A 395 22.39 28.66 -31.55
C SER A 395 22.21 28.08 -32.95
N THR A 396 23.04 28.51 -33.87
CA THR A 396 22.98 28.00 -35.22
C THR A 396 23.82 26.76 -35.44
N ARG A 397 24.66 26.38 -34.47
CA ARG A 397 25.40 25.14 -34.61
C ARG A 397 25.78 24.62 -33.23
N LEU A 398 25.97 23.30 -33.18
CA LEU A 398 26.20 22.63 -31.91
C LEU A 398 27.45 21.78 -32.03
N LYS A 399 27.82 21.08 -30.96
CA LYS A 399 28.97 20.20 -30.97
C LYS A 399 28.49 18.76 -30.89
N ILE A 400 28.84 17.96 -31.89
CA ILE A 400 28.36 16.60 -32.03
C ILE A 400 29.50 15.65 -31.75
N VAL A 401 29.25 14.64 -30.92
CA VAL A 401 30.23 13.60 -30.70
C VAL A 401 29.74 12.35 -31.41
N THR A 402 30.66 11.41 -31.62
CA THR A 402 30.30 10.17 -32.29
C THR A 402 31.44 9.17 -32.17
N ILE A 403 31.09 7.92 -31.90
CA ILE A 403 32.05 6.84 -31.75
C ILE A 403 32.30 6.17 -33.09
N HIS A 404 33.46 5.54 -33.21
CA HIS A 404 33.86 4.86 -34.44
C HIS A 404 33.64 3.36 -34.29
N GLN A 405 32.58 2.84 -34.91
CA GLN A 405 32.28 1.41 -34.88
C GLN A 405 31.50 1.07 -36.14
N GLU A 406 32.13 0.30 -37.03
CA GLU A 406 31.49 0.00 -38.29
C GLU A 406 30.18 -0.74 -38.04
N PRO A 407 29.21 -0.63 -38.93
CA PRO A 407 29.20 0.10 -40.17
C PRO A 407 28.32 1.32 -40.06
N PHE A 408 27.96 1.77 -38.87
CA PHE A 408 27.20 3.02 -38.77
C PHE A 408 28.06 4.20 -39.18
N VAL A 409 29.33 4.20 -38.81
CA VAL A 409 30.24 5.27 -39.18
C VAL A 409 31.68 4.78 -39.26
N TYR A 410 32.32 5.00 -40.39
CA TYR A 410 33.71 4.64 -40.57
C TYR A 410 34.60 5.83 -40.24
N VAL A 411 35.90 5.64 -40.43
CA VAL A 411 36.88 6.70 -40.31
C VAL A 411 37.85 6.57 -41.45
N LYS A 412 38.24 7.70 -42.04
CA LYS A 412 39.11 7.64 -43.19
C LYS A 412 40.14 8.76 -43.14
N PRO A 413 41.35 8.51 -43.64
CA PRO A 413 42.39 9.55 -43.64
C PRO A 413 42.17 10.56 -44.75
N THR A 414 42.27 11.85 -44.40
CA THR A 414 42.26 12.89 -45.40
C THR A 414 43.51 12.77 -46.26
N MET A 415 43.41 13.25 -47.50
CA MET A 415 44.55 13.18 -48.41
C MET A 415 45.48 14.36 -48.14
N SER A 416 46.44 14.58 -49.04
CA SER A 416 47.35 15.70 -48.90
C SER A 416 46.60 17.01 -48.92
N ASP A 417 45.58 17.12 -49.78
CA ASP A 417 44.76 18.33 -49.86
C ASP A 417 43.98 18.59 -48.58
N GLY A 418 43.88 17.60 -47.70
CA GLY A 418 43.14 17.77 -46.47
C GLY A 418 41.64 17.60 -46.59
N THR A 419 41.13 17.36 -47.79
CA THR A 419 39.72 17.08 -47.98
C THR A 419 39.52 15.61 -48.31
N CYS A 420 38.29 15.23 -48.62
CA CYS A 420 37.92 13.85 -48.85
C CYS A 420 37.67 13.60 -50.33
N LYS A 421 37.82 12.34 -50.73
CA LYS A 421 37.61 11.97 -52.12
C LYS A 421 36.13 12.06 -52.47
N GLU A 422 35.86 12.27 -53.76
CA GLU A 422 34.50 12.31 -54.26
C GLU A 422 34.10 10.97 -54.87
N GLU A 423 34.06 9.96 -54.00
CA GLU A 423 33.73 8.61 -54.44
C GLU A 423 32.28 8.54 -54.90
N PHE A 424 32.04 7.66 -55.87
CA PHE A 424 30.70 7.42 -56.38
C PHE A 424 30.14 6.13 -55.77
N THR A 425 28.83 5.97 -55.87
CA THR A 425 28.17 4.80 -55.31
C THR A 425 28.34 3.61 -56.25
N VAL A 426 27.64 2.51 -55.93
CA VAL A 426 27.53 1.40 -56.86
C VAL A 426 26.67 1.80 -58.06
N ASN A 427 25.63 2.60 -57.84
CA ASN A 427 24.79 3.10 -58.91
C ASN A 427 25.25 4.47 -59.41
N GLY A 428 26.38 4.96 -58.92
CA GLY A 428 26.93 6.22 -59.40
C GLY A 428 26.32 7.44 -58.74
N ASP A 429 26.43 7.52 -57.43
CA ASP A 429 25.93 8.68 -56.69
C ASP A 429 27.01 9.19 -55.75
N PRO A 430 26.98 10.46 -55.42
CA PRO A 430 28.02 11.03 -54.56
C PRO A 430 27.77 10.81 -53.08
N VAL A 431 28.24 9.70 -52.52
CA VAL A 431 28.14 9.49 -51.08
C VAL A 431 28.73 10.70 -50.37
N LYS A 432 27.89 11.40 -49.62
CA LYS A 432 28.34 12.62 -48.99
C LYS A 432 29.35 12.30 -47.89
N LYS A 433 30.15 13.31 -47.54
CA LYS A 433 31.23 13.13 -46.59
C LYS A 433 31.38 14.39 -45.74
N VAL A 434 31.92 14.23 -44.54
CA VAL A 434 32.09 15.35 -43.62
C VAL A 434 33.48 15.28 -42.98
N ILE A 435 33.90 16.43 -42.45
CA ILE A 435 35.24 16.62 -41.90
C ILE A 435 35.16 16.61 -40.38
N CYS A 436 36.07 15.88 -39.74
CA CYS A 436 36.00 15.63 -38.31
C CYS A 436 37.40 15.73 -37.71
N THR A 437 37.51 15.51 -36.40
CA THR A 437 38.81 15.50 -35.74
C THR A 437 38.80 14.54 -34.57
N GLY A 438 39.98 14.04 -34.21
CA GLY A 438 40.11 13.02 -33.22
C GLY A 438 41.35 13.14 -32.36
N PRO A 439 41.31 12.56 -31.16
CA PRO A 439 42.42 12.71 -30.22
C PRO A 439 43.41 11.57 -30.28
N ASN A 440 44.69 11.93 -30.15
CA ASN A 440 45.79 10.97 -30.06
C ASN A 440 46.87 11.45 -29.10
N ASP A 441 46.49 12.18 -28.04
CA ASP A 441 47.49 12.77 -27.17
C ASP A 441 48.37 11.73 -26.50
N THR A 442 47.78 10.63 -26.04
CA THR A 442 48.55 9.63 -25.30
C THR A 442 49.51 8.87 -26.21
N SER A 443 48.99 8.30 -27.31
CA SER A 443 49.78 7.54 -28.26
C SER A 443 49.54 8.05 -29.67
N PRO A 444 50.49 7.85 -30.59
CA PRO A 444 50.37 8.45 -31.92
C PRO A 444 49.23 7.86 -32.74
N GLY A 445 48.00 8.10 -32.30
CA GLY A 445 46.84 7.55 -32.97
C GLY A 445 46.51 8.17 -34.31
N SER A 446 45.97 9.40 -34.31
CA SER A 446 45.49 9.88 -35.60
C SER A 446 46.63 10.27 -36.54
N PRO A 447 47.19 11.49 -36.43
CA PRO A 447 48.53 11.70 -37.01
C PRO A 447 49.64 11.32 -36.04
N ARG A 448 49.71 12.10 -34.96
CA ARG A 448 50.39 11.73 -33.72
C ARG A 448 49.51 12.15 -32.54
N HIS A 449 48.91 13.34 -32.65
CA HIS A 449 48.07 13.90 -31.60
C HIS A 449 46.65 14.21 -32.05
N THR A 450 46.49 14.98 -33.13
CA THR A 450 45.15 15.39 -33.56
C THR A 450 45.25 15.94 -34.98
N VAL A 451 44.49 15.37 -35.91
CA VAL A 451 44.52 15.80 -37.29
C VAL A 451 43.10 15.83 -37.85
N PRO A 452 42.77 16.74 -38.77
CA PRO A 452 41.49 16.64 -39.47
C PRO A 452 41.38 15.31 -40.21
N GLN A 453 40.17 14.78 -40.22
CA GLN A 453 39.91 13.41 -40.60
C GLN A 453 38.67 13.36 -41.48
N CYS A 454 38.59 12.34 -42.33
CA CYS A 454 37.41 12.09 -43.13
C CYS A 454 36.45 11.21 -42.33
N CYS A 455 35.21 11.67 -42.15
CA CYS A 455 34.18 10.94 -41.44
C CYS A 455 32.94 10.86 -42.31
N TYR A 456 32.36 9.67 -42.38
CA TYR A 456 31.09 9.48 -43.07
C TYR A 456 30.42 8.25 -42.48
N GLY A 457 29.14 8.10 -42.75
CA GLY A 457 28.41 6.98 -42.18
C GLY A 457 26.92 7.04 -42.48
N PHE A 458 26.27 5.90 -42.20
CA PHE A 458 24.82 5.80 -42.16
C PHE A 458 24.25 6.91 -41.28
N CYS A 459 24.61 6.88 -40.01
CA CYS A 459 24.16 7.92 -39.11
C CYS A 459 24.66 9.28 -39.56
N ILE A 460 25.76 9.36 -40.30
CA ILE A 460 26.16 10.64 -40.85
C ILE A 460 25.14 11.10 -41.89
N ASP A 461 24.61 10.18 -42.68
CA ASP A 461 23.54 10.56 -43.59
C ASP A 461 22.31 11.03 -42.82
N LEU A 462 21.96 10.33 -41.75
CA LEU A 462 20.85 10.78 -40.91
C LEU A 462 21.10 12.19 -40.40
N LEU A 463 22.35 12.46 -40.00
CA LEU A 463 22.71 13.80 -39.55
C LEU A 463 22.50 14.82 -40.66
N ILE A 464 22.89 14.47 -41.88
CA ILE A 464 22.68 15.40 -42.98
C ILE A 464 21.20 15.71 -43.14
N LYS A 465 20.37 14.68 -43.03
CA LYS A 465 18.93 14.91 -43.16
C LYS A 465 18.44 15.86 -42.07
N LEU A 466 18.85 15.62 -40.84
CA LEU A 466 18.42 16.51 -39.76
C LEU A 466 18.93 17.92 -39.97
N ALA A 467 20.08 18.06 -40.59
CA ALA A 467 20.57 19.39 -40.91
C ALA A 467 19.66 20.05 -41.91
N ARG A 468 19.31 19.31 -42.96
CA ARG A 468 18.53 19.90 -44.05
C ARG A 468 17.16 20.35 -43.58
N THR A 469 16.49 19.55 -42.75
CA THR A 469 15.14 19.91 -42.33
C THR A 469 15.12 21.06 -41.33
N MET A 470 16.09 21.08 -40.43
CA MET A 470 15.99 21.91 -39.24
C MET A 470 16.91 23.11 -39.24
N ASN A 471 17.75 23.27 -40.28
CA ASN A 471 18.52 24.51 -40.45
C ASN A 471 19.46 24.76 -39.26
N PHE A 472 20.45 23.88 -39.11
CA PHE A 472 21.52 24.18 -38.18
C PHE A 472 22.82 23.57 -38.73
N THR A 473 23.92 24.32 -38.62
CA THR A 473 25.22 23.81 -39.04
C THR A 473 25.84 22.99 -37.92
N TYR A 474 27.04 22.48 -38.14
CA TYR A 474 27.59 21.56 -37.16
C TYR A 474 29.07 21.34 -37.38
N GLU A 475 29.75 20.92 -36.30
CA GLU A 475 31.17 20.60 -36.31
C GLU A 475 31.37 19.39 -35.39
N VAL A 476 31.90 18.30 -35.93
CA VAL A 476 31.87 17.03 -35.24
C VAL A 476 33.29 16.60 -34.89
N HIS A 477 33.40 15.78 -33.86
CA HIS A 477 34.68 15.27 -33.40
C HIS A 477 34.46 14.00 -32.60
N LEU A 478 35.41 13.08 -32.69
CA LEU A 478 35.24 11.80 -32.02
C LEU A 478 35.49 11.99 -30.53
N VAL A 479 35.57 10.87 -29.80
CA VAL A 479 35.56 10.89 -28.35
C VAL A 479 36.94 10.45 -27.84
N ALA A 480 37.14 10.61 -26.54
CA ALA A 480 38.47 10.39 -25.96
C ALA A 480 38.82 8.92 -25.87
N ASP A 481 38.04 8.14 -25.12
CA ASP A 481 38.35 6.73 -24.89
C ASP A 481 37.31 5.75 -25.39
N GLY A 482 36.10 6.20 -25.73
CA GLY A 482 35.26 5.45 -26.64
C GLY A 482 34.69 4.13 -26.18
N LYS A 483 33.75 4.16 -25.25
CA LYS A 483 33.17 2.91 -24.78
C LYS A 483 31.66 3.04 -24.55
N PHE A 484 31.06 3.75 -25.50
CA PHE A 484 29.62 4.09 -25.61
C PHE A 484 29.13 4.79 -24.35
N GLY A 485 29.98 4.98 -23.35
CA GLY A 485 29.57 5.53 -22.09
C GLY A 485 29.07 4.46 -21.14
N THR A 486 29.49 4.52 -19.88
CA THR A 486 29.07 3.56 -18.87
C THR A 486 28.99 4.26 -17.52
N GLN A 487 28.26 3.65 -16.59
CA GLN A 487 28.18 4.17 -15.22
C GLN A 487 29.35 3.59 -14.42
N GLU A 488 30.27 4.44 -14.02
CA GLU A 488 31.51 4.01 -13.38
C GLU A 488 31.66 4.68 -12.02
N ARG A 489 32.12 3.91 -11.03
CA ARG A 489 32.36 4.44 -9.69
C ARG A 489 33.51 5.44 -9.71
N VAL A 490 33.41 6.44 -8.85
CA VAL A 490 34.34 7.57 -8.88
C VAL A 490 35.62 7.21 -8.15
N ASN A 491 36.71 7.89 -8.52
CA ASN A 491 37.97 7.72 -7.83
C ASN A 491 37.88 8.14 -6.36
N ASN A 492 37.24 9.28 -6.09
CA ASN A 492 37.26 9.85 -4.75
C ASN A 492 35.90 10.40 -4.33
N SER A 493 34.83 9.73 -4.74
CA SER A 493 33.50 10.06 -4.22
C SER A 493 32.68 8.77 -4.25
N ASN A 494 31.35 8.91 -4.18
CA ASN A 494 30.52 7.72 -3.94
C ASN A 494 30.37 6.85 -5.18
N LYS A 495 29.62 7.31 -6.18
CA LYS A 495 29.55 6.54 -7.42
C LYS A 495 29.42 7.42 -8.66
N LYS A 496 29.06 8.69 -8.45
CA LYS A 496 28.48 9.49 -9.53
C LYS A 496 29.51 9.90 -10.58
N GLU A 497 29.69 9.07 -11.59
CA GLU A 497 30.58 9.42 -12.69
C GLU A 497 30.19 8.62 -13.93
N TRP A 498 30.02 9.32 -15.04
CA TRP A 498 29.89 8.71 -16.34
C TRP A 498 31.18 8.92 -17.11
N ASN A 499 31.67 7.88 -17.74
CA ASN A 499 32.89 7.98 -18.51
C ASN A 499 32.55 8.23 -19.97
N GLY A 500 33.61 8.32 -20.79
CA GLY A 500 33.46 8.18 -22.23
C GLY A 500 32.45 9.12 -22.86
N MET A 501 31.76 8.61 -23.88
CA MET A 501 30.86 9.45 -24.65
C MET A 501 29.76 10.01 -23.79
N MET A 502 29.11 9.15 -23.02
CA MET A 502 28.07 9.64 -22.13
C MET A 502 28.63 10.64 -21.13
N GLY A 503 29.82 10.36 -20.60
CA GLY A 503 30.41 11.28 -19.64
C GLY A 503 30.66 12.64 -20.25
N GLU A 504 31.12 12.67 -21.50
CA GLU A 504 31.36 13.92 -22.17
C GLU A 504 30.06 14.68 -22.38
N LEU A 505 29.00 13.98 -22.75
CA LEU A 505 27.70 14.64 -22.83
C LEU A 505 27.32 15.27 -21.51
N LEU A 506 27.38 14.50 -20.43
CA LEU A 506 26.93 15.03 -19.16
C LEU A 506 27.89 16.06 -18.60
N SER A 507 29.09 16.19 -19.16
CA SER A 507 30.00 17.24 -18.73
C SER A 507 29.40 18.62 -18.95
N GLY A 508 28.95 18.89 -20.16
CA GLY A 508 28.36 20.18 -20.45
C GLY A 508 28.74 20.74 -21.81
N GLN A 509 29.80 20.20 -22.42
CA GLN A 509 30.29 20.75 -23.68
C GLN A 509 30.03 19.81 -24.87
N ALA A 510 28.84 19.22 -24.89
CA ALA A 510 28.34 18.46 -26.03
C ALA A 510 26.83 18.56 -26.04
N ASP A 511 26.21 18.32 -27.18
CA ASP A 511 24.76 18.48 -27.20
C ASP A 511 23.99 17.37 -27.90
N MET A 512 24.59 16.59 -28.78
CA MET A 512 23.83 15.59 -29.50
C MET A 512 24.74 14.42 -29.79
N ILE A 513 24.44 13.28 -29.21
CA ILE A 513 25.25 12.08 -29.37
C ILE A 513 24.67 11.29 -30.52
N VAL A 514 25.04 11.65 -31.75
CA VAL A 514 24.55 10.94 -32.93
C VAL A 514 25.42 9.71 -33.07
N ALA A 515 24.93 8.61 -32.61
CA ALA A 515 25.66 7.36 -32.67
C ALA A 515 24.71 6.28 -32.22
N PRO A 516 25.07 5.01 -32.33
CA PRO A 516 24.33 4.01 -31.60
C PRO A 516 24.37 4.35 -30.11
N LEU A 517 23.28 4.06 -29.42
CA LEU A 517 23.28 4.30 -27.98
C LEU A 517 22.57 3.25 -27.17
N THR A 518 21.98 2.23 -27.79
CA THR A 518 21.41 1.07 -27.10
C THR A 518 20.64 1.44 -25.83
N ILE A 519 19.49 2.08 -26.01
CA ILE A 519 18.69 2.61 -24.91
C ILE A 519 18.46 1.55 -23.85
N ASN A 520 18.20 2.00 -22.63
CA ASN A 520 18.20 1.14 -21.45
C ASN A 520 17.20 1.70 -20.46
N ASN A 521 16.79 0.86 -19.51
CA ASN A 521 15.91 1.31 -18.45
C ASN A 521 16.53 2.43 -17.66
N GLU A 522 17.63 2.15 -16.96
CA GLU A 522 18.22 3.11 -16.05
C GLU A 522 18.99 4.20 -16.75
N ARG A 523 19.42 3.98 -17.99
CA ARG A 523 20.19 4.98 -18.70
C ARG A 523 19.33 6.16 -19.15
N ALA A 524 18.03 6.10 -18.90
CA ALA A 524 17.09 7.11 -19.37
C ALA A 524 16.72 8.12 -18.28
N GLN A 525 17.65 8.46 -17.41
CA GLN A 525 17.42 9.50 -16.42
C GLN A 525 18.32 10.69 -16.58
N TYR A 526 19.64 10.49 -16.67
CA TYR A 526 20.53 11.63 -16.75
C TYR A 526 20.66 12.17 -18.15
N ILE A 527 19.99 11.57 -19.13
CA ILE A 527 19.89 12.09 -20.49
C ILE A 527 18.44 11.97 -20.92
N GLU A 528 18.16 12.33 -22.16
CA GLU A 528 16.80 12.30 -22.68
C GLU A 528 16.83 11.78 -24.11
N PHE A 529 15.90 10.91 -24.43
CA PHE A 529 15.95 10.12 -25.65
C PHE A 529 14.94 10.65 -26.65
N SER A 530 14.78 9.92 -27.75
CA SER A 530 13.76 10.22 -28.72
C SER A 530 13.27 8.91 -29.32
N LYS A 531 12.47 9.02 -30.35
CA LYS A 531 11.81 7.84 -30.89
C LYS A 531 12.85 6.95 -31.55
N PRO A 532 12.93 5.67 -31.19
CA PRO A 532 13.98 4.82 -31.72
C PRO A 532 13.86 4.66 -33.23
N PHE A 533 14.99 4.44 -33.88
CA PHE A 533 15.01 4.39 -35.33
C PHE A 533 15.71 3.16 -35.88
N LYS A 534 15.75 2.07 -35.11
CA LYS A 534 16.20 0.75 -35.55
C LYS A 534 16.07 -0.18 -34.37
N TYR A 535 16.14 -1.47 -34.64
CA TYR A 535 15.95 -2.47 -33.59
C TYR A 535 17.21 -3.31 -33.46
N GLN A 536 17.74 -3.40 -32.24
CA GLN A 536 18.93 -4.19 -31.99
C GLN A 536 18.64 -5.29 -30.99
N GLY A 537 19.28 -6.42 -31.21
CA GLY A 537 19.18 -7.54 -30.29
C GLY A 537 20.34 -8.48 -30.47
N LEU A 538 20.61 -9.23 -29.42
CA LEU A 538 21.76 -10.12 -29.39
C LEU A 538 21.45 -11.38 -30.21
N THR A 539 22.13 -11.55 -31.34
CA THR A 539 21.85 -12.68 -32.20
C THR A 539 23.03 -13.64 -32.19
N ILE A 540 22.96 -14.65 -33.05
CA ILE A 540 23.91 -15.75 -33.03
C ILE A 540 24.29 -16.09 -34.46
N LEU A 541 25.54 -16.50 -34.65
CA LEU A 541 25.97 -17.01 -35.94
C LEU A 541 26.69 -18.33 -35.73
N VAL A 542 26.72 -19.14 -36.78
CA VAL A 542 27.39 -20.42 -36.73
C VAL A 542 28.17 -20.61 -38.03
N LYS A 543 29.15 -21.49 -37.97
CA LYS A 543 30.01 -21.74 -39.11
C LYS A 543 29.21 -22.33 -40.27
N LYS A 544 29.79 -22.22 -41.45
CA LYS A 544 29.13 -22.67 -42.68
C LYS A 544 28.67 -24.10 -42.55
N GLU A 545 27.36 -24.31 -42.63
CA GLU A 545 26.75 -25.61 -42.51
C GLU A 545 25.80 -25.87 -43.67
N ILE A 546 26.27 -25.62 -44.89
CA ILE A 546 25.43 -25.79 -46.07
C ILE A 546 26.14 -26.66 -47.12
N PRO A 547 26.33 -27.97 -46.86
CA PRO A 547 26.90 -28.83 -47.91
C PRO A 547 25.87 -29.24 -48.95
N ARG A 548 26.26 -30.14 -49.85
CA ARG A 548 25.36 -30.76 -50.81
C ARG A 548 25.15 -32.22 -50.42
N SER A 549 24.44 -32.96 -51.26
CA SER A 549 24.11 -34.36 -51.01
C SER A 549 24.95 -35.26 -51.91
N THR A 550 25.66 -36.20 -51.30
CA THR A 550 26.46 -37.19 -52.01
C THR A 550 25.92 -38.59 -51.88
N LEU A 551 25.33 -38.93 -50.73
CA LEU A 551 24.71 -40.23 -50.49
C LEU A 551 25.69 -41.37 -50.75
N ASP A 552 26.94 -41.19 -50.35
CA ASP A 552 27.97 -42.21 -50.49
C ASP A 552 28.53 -42.65 -49.14
N SER A 553 27.91 -42.23 -48.04
CA SER A 553 28.39 -42.54 -46.69
C SER A 553 27.55 -43.68 -46.13
N PHE A 554 28.02 -44.90 -46.33
CA PHE A 554 27.38 -46.08 -45.76
C PHE A 554 28.34 -46.99 -45.01
N MET A 555 29.64 -46.72 -45.03
CA MET A 555 30.59 -47.51 -44.26
C MET A 555 30.34 -47.36 -42.76
N GLN A 556 30.04 -46.15 -42.32
CA GLN A 556 29.72 -45.88 -40.92
C GLN A 556 28.37 -46.50 -40.56
N PRO A 557 27.46 -46.63 -41.52
CA PRO A 557 26.14 -47.18 -41.21
C PRO A 557 26.24 -48.59 -40.67
N PHE A 558 25.58 -48.82 -39.53
CA PHE A 558 25.66 -50.10 -38.82
C PHE A 558 27.10 -50.50 -38.58
N GLN A 559 27.60 -51.46 -39.36
CA GLN A 559 28.98 -51.88 -39.29
C GLN A 559 29.39 -52.47 -40.63
N SER A 560 30.68 -52.52 -40.86
CA SER A 560 31.23 -53.11 -42.08
C SER A 560 31.42 -54.62 -41.97
N THR A 561 31.11 -55.20 -40.82
CA THR A 561 31.29 -56.63 -40.61
C THR A 561 30.27 -57.48 -41.35
N LEU A 562 29.21 -56.87 -41.90
CA LEU A 562 28.17 -57.65 -42.57
C LEU A 562 28.73 -58.36 -43.80
N TRP A 563 29.45 -57.62 -44.66
CA TRP A 563 29.99 -58.23 -45.88
C TRP A 563 31.04 -59.28 -45.56
N LEU A 564 31.92 -59.00 -44.60
CA LEU A 564 32.93 -59.98 -44.21
C LEU A 564 32.29 -61.24 -43.65
N LEU A 565 31.27 -61.08 -42.80
CA LEU A 565 30.58 -62.24 -42.24
C LEU A 565 29.87 -63.03 -43.34
N VAL A 566 29.27 -62.35 -44.31
CA VAL A 566 28.62 -63.03 -45.42
C VAL A 566 29.62 -63.84 -46.22
N GLY A 567 30.78 -63.23 -46.52
CA GLY A 567 31.81 -63.96 -47.23
C GLY A 567 32.34 -65.16 -46.46
N LEU A 568 32.53 -65.00 -45.15
CA LEU A 568 33.00 -66.10 -44.33
C LEU A 568 31.98 -67.23 -44.27
N SER A 569 30.69 -66.88 -44.15
CA SER A 569 29.65 -67.90 -44.14
C SER A 569 29.58 -68.62 -45.48
N VAL A 570 29.71 -67.89 -46.58
CA VAL A 570 29.71 -68.52 -47.90
C VAL A 570 30.89 -69.47 -48.04
N HIS A 571 32.06 -69.05 -47.58
CA HIS A 571 33.24 -69.92 -47.64
C HIS A 571 33.04 -71.17 -46.79
N VAL A 572 32.46 -71.01 -45.60
CA VAL A 572 32.23 -72.16 -44.72
C VAL A 572 31.25 -73.13 -45.35
N VAL A 573 30.18 -72.61 -45.95
CA VAL A 573 29.20 -73.46 -46.60
C VAL A 573 29.82 -74.19 -47.78
N ALA A 574 30.65 -73.48 -48.56
CA ALA A 574 31.32 -74.10 -49.70
C ALA A 574 32.25 -75.21 -49.24
N VAL A 575 32.99 -74.98 -48.15
CA VAL A 575 33.90 -75.99 -47.62
C VAL A 575 33.10 -77.20 -47.13
N MET A 576 32.00 -76.96 -46.43
CA MET A 576 31.20 -78.07 -45.91
C MET A 576 30.59 -78.89 -47.04
N LEU A 577 30.11 -78.21 -48.09
CA LEU A 577 29.47 -78.91 -49.20
C LEU A 577 30.48 -79.80 -49.94
N TYR A 578 31.71 -79.32 -50.11
CA TYR A 578 32.74 -80.08 -50.81
C TYR A 578 33.08 -81.32 -49.99
N LEU A 579 32.64 -82.48 -50.47
CA LEU A 579 32.88 -83.74 -49.77
C LEU A 579 32.96 -84.92 -50.74
N SER A 628 20.24 -84.80 -52.24
CA SER A 628 20.07 -83.68 -51.32
C SER A 628 20.58 -82.37 -51.93
N ALA A 629 21.11 -82.47 -53.14
CA ALA A 629 21.67 -81.29 -53.80
C ALA A 629 20.58 -80.27 -54.12
N ARG A 630 19.43 -80.72 -54.62
CA ARG A 630 18.36 -79.80 -54.99
C ARG A 630 17.80 -79.08 -53.75
N ILE A 631 17.55 -79.82 -52.68
CA ILE A 631 17.01 -79.21 -51.47
C ILE A 631 18.01 -78.22 -50.88
N LEU A 632 19.28 -78.60 -50.83
CA LEU A 632 20.31 -77.71 -50.30
C LEU A 632 20.43 -76.45 -51.14
N GLY A 633 20.36 -76.60 -52.47
CA GLY A 633 20.43 -75.43 -53.34
C GLY A 633 19.24 -74.51 -53.15
N MET A 634 18.03 -75.07 -53.04
CA MET A 634 16.85 -74.24 -52.82
C MET A 634 16.95 -73.51 -51.48
N VAL A 635 17.41 -74.20 -50.44
CA VAL A 635 17.53 -73.57 -49.12
C VAL A 635 18.58 -72.47 -49.16
N TRP A 636 19.71 -72.70 -49.83
CA TRP A 636 20.75 -71.69 -49.92
C TRP A 636 20.27 -70.47 -50.70
N ALA A 637 19.54 -70.69 -51.79
CA ALA A 637 18.98 -69.57 -52.54
C ALA A 637 17.99 -68.79 -51.70
N GLY A 638 17.15 -69.48 -50.94
CA GLY A 638 16.23 -68.78 -50.05
C GLY A 638 16.95 -67.96 -49.00
N PHE A 639 18.02 -68.52 -48.43
CA PHE A 639 18.80 -67.80 -47.44
C PHE A 639 19.46 -66.56 -48.04
N ALA A 640 20.00 -66.69 -49.26
CA ALA A 640 20.60 -65.54 -49.93
C ALA A 640 19.56 -64.47 -50.20
N MET A 641 18.37 -64.86 -50.66
CA MET A 641 17.31 -63.89 -50.90
C MET A 641 16.88 -63.21 -49.62
N ILE A 642 16.78 -63.96 -48.51
CA ILE A 642 16.41 -63.37 -47.24
C ILE A 642 17.46 -62.36 -46.80
N ILE A 643 18.74 -62.72 -46.95
CA ILE A 643 19.81 -61.81 -46.57
C ILE A 643 19.75 -60.54 -47.41
N VAL A 644 19.50 -60.69 -48.71
CA VAL A 644 19.42 -59.52 -49.59
C VAL A 644 18.25 -58.63 -49.17
N ALA A 645 17.10 -59.24 -48.87
CA ALA A 645 15.94 -58.45 -48.47
C ALA A 645 16.19 -57.70 -47.17
N SER A 646 16.81 -58.38 -46.20
CA SER A 646 17.12 -57.71 -44.94
C SER A 646 18.10 -56.56 -45.16
N TYR A 647 19.12 -56.78 -45.99
CA TYR A 647 20.09 -55.73 -46.28
C TYR A 647 19.41 -54.53 -46.95
N THR A 648 18.52 -54.81 -47.90
CA THR A 648 17.81 -53.73 -48.57
C THR A 648 16.94 -52.95 -47.59
N ALA A 649 16.26 -53.66 -46.69
CA ALA A 649 15.42 -52.98 -45.71
C ALA A 649 16.26 -52.08 -44.81
N ASN A 650 17.38 -52.60 -44.32
CA ASN A 650 18.24 -51.81 -43.46
C ASN A 650 18.79 -50.59 -44.20
N LEU A 651 19.21 -50.78 -45.45
CA LEU A 651 19.75 -49.66 -46.22
C LEU A 651 18.70 -48.59 -46.45
N ALA A 652 17.47 -48.99 -46.81
CA ALA A 652 16.42 -48.00 -47.02
C ALA A 652 16.09 -47.25 -45.75
N ALA A 653 16.02 -47.97 -44.62
CA ALA A 653 15.75 -47.31 -43.35
C ALA A 653 16.86 -46.33 -43.00
N PHE A 654 18.12 -46.72 -43.20
CA PHE A 654 19.23 -45.82 -42.92
C PHE A 654 19.19 -44.59 -43.80
N LEU A 655 18.86 -44.77 -45.09
CA LEU A 655 18.77 -43.63 -46.00
C LEU A 655 17.66 -42.67 -45.56
N VAL A 656 16.52 -43.21 -45.15
CA VAL A 656 15.43 -42.34 -44.69
C VAL A 656 15.83 -41.63 -43.41
N VAL A 657 16.60 -42.30 -42.55
CA VAL A 657 16.87 -41.78 -41.22
C VAL A 657 17.75 -40.53 -41.27
N ASP A 658 18.77 -40.53 -42.12
CA ASP A 658 19.82 -39.51 -42.06
C ASP A 658 19.28 -38.11 -42.31
N ARG A 659 19.32 -37.26 -41.28
CA ARG A 659 18.86 -35.88 -41.36
C ARG A 659 19.42 -35.05 -40.20
N PRO A 660 20.75 -34.85 -40.12
CA PRO A 660 21.33 -34.20 -38.94
C PRO A 660 20.89 -32.76 -38.73
N GLU A 661 21.17 -31.89 -39.71
CA GLU A 661 20.75 -30.48 -39.72
C GLU A 661 20.70 -29.84 -38.34
N GLU A 662 19.55 -29.24 -38.02
CA GLU A 662 19.22 -28.77 -36.67
C GLU A 662 20.24 -27.76 -36.15
N ARG A 663 20.32 -26.62 -36.84
CA ARG A 663 21.11 -25.50 -36.37
C ARG A 663 20.53 -24.94 -35.08
N ILE A 664 21.40 -24.36 -34.26
CA ILE A 664 20.95 -23.73 -33.02
C ILE A 664 19.87 -22.71 -33.34
N THR A 665 18.92 -22.55 -32.43
CA THR A 665 17.75 -21.73 -32.73
C THR A 665 17.67 -20.46 -31.90
N GLY A 666 17.67 -20.55 -30.58
CA GLY A 666 17.34 -19.37 -29.82
C GLY A 666 17.87 -19.31 -28.41
N ILE A 667 17.01 -18.90 -27.48
CA ILE A 667 17.42 -18.79 -26.09
C ILE A 667 16.99 -20.00 -25.26
N ASN A 668 16.13 -20.86 -25.80
CA ASN A 668 15.70 -22.05 -25.11
C ASN A 668 15.99 -23.23 -26.02
N ASP A 669 17.19 -23.77 -25.90
CA ASP A 669 17.57 -24.93 -26.69
C ASP A 669 18.33 -25.91 -25.81
N PRO A 670 18.15 -27.21 -26.04
CA PRO A 670 18.97 -28.18 -25.31
C PRO A 670 20.45 -27.98 -25.51
N ARG A 671 20.88 -27.65 -26.72
CA ARG A 671 22.29 -27.34 -26.87
C ARG A 671 22.65 -26.07 -26.12
N LEU A 672 21.81 -25.04 -26.21
CA LEU A 672 22.05 -23.80 -25.49
C LEU A 672 21.31 -23.77 -24.15
N ARG A 673 21.50 -24.80 -23.36
CA ARG A 673 21.02 -24.82 -21.98
C ARG A 673 21.98 -25.50 -21.03
N ASN A 674 22.93 -26.27 -21.53
CA ASN A 674 23.90 -26.96 -20.70
C ASN A 674 25.24 -26.94 -21.41
N PRO A 675 26.33 -27.07 -20.69
CA PRO A 675 27.64 -27.07 -21.31
C PRO A 675 27.96 -28.41 -21.95
N SER A 676 29.07 -28.40 -22.69
CA SER A 676 29.69 -29.59 -23.26
C SER A 676 31.13 -29.23 -23.57
N ASP A 677 31.80 -30.05 -24.36
CA ASP A 677 33.08 -29.64 -24.91
C ASP A 677 33.00 -29.28 -26.38
N LYS A 678 31.98 -29.77 -27.08
CA LYS A 678 31.82 -29.56 -28.52
C LYS A 678 31.17 -28.22 -28.86
N PHE A 679 30.78 -27.43 -27.85
CA PHE A 679 30.06 -26.19 -28.08
C PHE A 679 30.65 -25.05 -27.27
N ILE A 680 31.97 -24.90 -27.27
CA ILE A 680 32.53 -23.78 -26.54
C ILE A 680 32.19 -22.50 -27.28
N TYR A 681 31.27 -21.71 -26.74
CA TYR A 681 30.91 -20.44 -27.33
C TYR A 681 31.33 -19.30 -26.43
N ALA A 682 31.73 -18.20 -27.04
CA ALA A 682 32.44 -17.17 -26.33
C ALA A 682 31.75 -15.83 -26.54
N THR A 683 32.40 -14.78 -26.07
CA THR A 683 32.00 -13.41 -26.29
C THR A 683 33.10 -12.52 -25.76
N VAL A 684 33.36 -11.43 -26.47
CA VAL A 684 34.49 -10.58 -26.11
C VAL A 684 34.31 -10.08 -24.68
N LYS A 685 35.38 -10.15 -23.91
CA LYS A 685 35.28 -9.95 -22.47
C LYS A 685 35.04 -8.49 -22.12
N GLN A 686 34.41 -8.28 -20.97
CA GLN A 686 34.20 -6.97 -20.38
C GLN A 686 33.67 -5.98 -21.40
N SER A 687 32.49 -6.28 -21.93
CA SER A 687 31.93 -5.44 -22.98
C SER A 687 30.44 -5.68 -23.08
N SER A 688 29.65 -4.68 -22.71
CA SER A 688 28.23 -4.60 -23.05
C SER A 688 27.46 -5.91 -22.85
N VAL A 689 27.71 -6.90 -23.69
CA VAL A 689 27.01 -8.17 -23.55
C VAL A 689 27.36 -8.84 -22.24
N ASP A 690 28.65 -9.01 -21.96
CA ASP A 690 29.04 -9.88 -20.87
C ASP A 690 28.54 -9.35 -19.52
N ILE A 691 28.52 -8.04 -19.34
CA ILE A 691 28.03 -7.51 -18.06
C ILE A 691 26.56 -7.88 -17.86
N TYR A 692 25.71 -7.59 -18.86
CA TYR A 692 24.31 -7.94 -18.71
C TYR A 692 24.13 -9.45 -18.61
N PHE A 693 24.98 -10.19 -19.28
CA PHE A 693 24.73 -11.60 -19.41
C PHE A 693 25.21 -12.35 -18.18
N ARG A 694 25.48 -11.61 -17.11
CA ARG A 694 25.94 -12.14 -15.84
C ARG A 694 24.93 -11.99 -14.71
N ARG A 695 24.08 -10.97 -14.76
CA ARG A 695 23.16 -10.73 -13.66
C ARG A 695 22.03 -11.73 -13.61
N GLN A 696 21.73 -12.40 -14.71
CA GLN A 696 20.56 -13.26 -14.75
C GLN A 696 20.83 -14.51 -13.93
N VAL A 697 20.37 -14.50 -12.68
CA VAL A 697 20.54 -15.65 -11.81
C VAL A 697 19.84 -16.88 -12.39
N GLU A 698 18.75 -16.67 -13.12
CA GLU A 698 18.11 -17.78 -13.81
C GLU A 698 19.02 -18.38 -14.86
N LEU A 699 20.08 -17.67 -15.24
CA LEU A 699 20.88 -18.01 -16.40
C LEU A 699 22.35 -17.99 -16.04
N SER A 700 22.70 -18.69 -14.96
CA SER A 700 24.10 -18.93 -14.67
C SER A 700 24.60 -20.24 -15.22
N THR A 701 23.71 -21.21 -15.44
CA THR A 701 24.14 -22.54 -15.84
C THR A 701 25.07 -22.48 -17.03
N MET A 702 24.77 -21.61 -18.00
CA MET A 702 25.59 -21.48 -19.19
C MET A 702 26.58 -20.35 -19.10
N TYR A 703 26.85 -19.85 -17.91
CA TYR A 703 27.80 -18.75 -17.77
C TYR A 703 29.20 -19.22 -17.47
N ARG A 704 29.35 -20.38 -16.85
CA ARG A 704 30.67 -20.82 -16.42
C ARG A 704 31.61 -21.00 -17.61
N HIS A 705 31.29 -21.95 -18.49
CA HIS A 705 32.23 -22.22 -19.56
C HIS A 705 32.34 -21.02 -20.49
N MET A 706 31.30 -20.18 -20.54
CA MET A 706 31.42 -18.95 -21.30
C MET A 706 32.52 -18.05 -20.73
N GLU A 707 32.54 -17.88 -19.42
CA GLU A 707 33.64 -17.08 -18.90
C GLU A 707 34.95 -17.83 -18.99
N LYS A 708 34.91 -19.14 -19.17
CA LYS A 708 36.14 -19.91 -19.30
C LYS A 708 36.70 -19.92 -20.71
N HIS A 709 35.95 -19.49 -21.71
CA HIS A 709 36.45 -19.61 -23.08
C HIS A 709 36.17 -18.35 -23.88
N ASN A 710 36.32 -17.18 -23.28
CA ASN A 710 35.95 -15.96 -23.99
C ASN A 710 37.04 -15.57 -24.97
N TYR A 711 36.98 -14.33 -25.44
CA TYR A 711 38.05 -13.74 -26.22
C TYR A 711 38.07 -12.25 -25.89
N GLU A 712 39.04 -11.54 -26.48
CA GLU A 712 39.32 -10.19 -25.99
C GLU A 712 38.75 -9.08 -26.88
N SER A 713 38.66 -9.30 -28.19
CA SER A 713 38.08 -8.29 -29.05
C SER A 713 37.55 -8.97 -30.30
N ALA A 714 36.72 -8.24 -31.04
CA ALA A 714 35.94 -8.84 -32.11
C ALA A 714 36.84 -9.42 -33.20
N ALA A 715 37.90 -8.70 -33.57
CA ALA A 715 38.58 -8.98 -34.84
C ALA A 715 39.15 -10.39 -34.87
N GLU A 716 39.83 -10.80 -33.81
CA GLU A 716 40.51 -12.09 -33.85
C GLU A 716 39.53 -13.26 -33.78
N ALA A 717 38.55 -13.19 -32.88
CA ALA A 717 37.61 -14.30 -32.78
C ALA A 717 36.78 -14.42 -34.05
N ILE A 718 36.36 -13.30 -34.63
CA ILE A 718 35.58 -13.39 -35.85
C ILE A 718 36.40 -14.04 -36.96
N GLN A 719 37.71 -13.83 -36.96
CA GLN A 719 38.55 -14.63 -37.84
C GLN A 719 39.13 -15.83 -37.09
N ALA A 720 38.23 -16.53 -36.41
CA ALA A 720 38.54 -17.82 -35.84
C ALA A 720 37.47 -18.87 -36.07
N VAL A 721 36.22 -18.47 -36.33
CA VAL A 721 35.19 -19.45 -36.60
C VAL A 721 35.46 -20.16 -37.91
N ARG A 722 36.14 -19.49 -38.84
CA ARG A 722 36.62 -20.19 -40.02
C ARG A 722 37.61 -21.28 -39.67
N ASP A 723 38.23 -21.21 -38.49
CA ASP A 723 39.20 -22.19 -38.04
C ASP A 723 38.59 -23.30 -37.20
N ASN A 724 37.26 -23.32 -37.07
CA ASN A 724 36.56 -24.37 -36.35
C ASN A 724 37.07 -24.52 -34.92
N LYS A 725 37.16 -23.39 -34.23
CA LYS A 725 37.49 -23.37 -32.82
C LYS A 725 36.34 -22.90 -31.94
N LEU A 726 35.48 -22.04 -32.45
CA LEU A 726 34.28 -21.62 -31.75
C LEU A 726 33.07 -22.11 -32.51
N HIS A 727 32.22 -22.87 -31.85
CA HIS A 727 31.00 -23.34 -32.48
C HIS A 727 29.87 -22.33 -32.38
N ALA A 728 30.10 -21.16 -31.80
CA ALA A 728 29.06 -20.15 -31.73
C ALA A 728 29.71 -18.83 -31.36
N PHE A 729 28.90 -17.78 -31.38
CA PHE A 729 29.41 -16.44 -31.10
C PHE A 729 28.20 -15.53 -30.85
N ILE A 730 28.19 -14.81 -29.74
CA ILE A 730 27.00 -14.10 -29.26
C ILE A 730 27.31 -12.62 -29.18
N TRP A 731 26.80 -11.83 -30.11
CA TRP A 731 27.26 -10.46 -30.24
C TRP A 731 26.26 -9.67 -31.06
N ASP A 732 25.94 -8.45 -30.60
CA ASP A 732 24.72 -7.78 -31.05
C ASP A 732 24.70 -7.55 -32.55
N SER A 733 23.51 -7.26 -33.06
CA SER A 733 23.18 -7.54 -34.44
C SER A 733 24.13 -6.87 -35.41
N ALA A 734 24.42 -5.59 -35.20
CA ALA A 734 24.97 -4.76 -36.26
C ALA A 734 26.27 -5.30 -36.82
N VAL A 735 27.31 -5.34 -35.99
CA VAL A 735 28.61 -5.78 -36.45
C VAL A 735 28.49 -7.15 -37.09
N LEU A 736 27.78 -8.05 -36.41
CA LEU A 736 27.65 -9.42 -36.88
C LEU A 736 26.89 -9.48 -38.19
N GLU A 737 25.83 -8.69 -38.31
CA GLU A 737 25.08 -8.71 -39.57
C GLU A 737 25.95 -8.25 -40.72
N PHE A 738 26.74 -7.19 -40.53
CA PHE A 738 27.59 -6.72 -41.61
C PHE A 738 28.61 -7.78 -41.99
N GLU A 739 29.25 -8.38 -41.00
CA GLU A 739 30.29 -9.35 -41.32
C GLU A 739 29.71 -10.59 -41.98
N ALA A 740 28.54 -11.03 -41.54
CA ALA A 740 27.91 -12.19 -42.16
C ALA A 740 27.50 -11.88 -43.59
N SER A 741 26.96 -10.69 -43.83
CA SER A 741 26.63 -10.33 -45.20
C SER A 741 27.89 -10.24 -46.05
N GLN A 742 29.02 -9.88 -45.44
CA GLN A 742 30.27 -9.77 -46.19
C GLN A 742 30.90 -11.13 -46.45
N LYS A 743 31.26 -11.84 -45.38
CA LYS A 743 31.86 -13.16 -45.53
C LYS A 743 30.79 -14.18 -45.89
N CYS A 744 31.07 -15.01 -46.89
CA CYS A 744 30.11 -16.02 -47.31
C CYS A 744 30.04 -17.21 -46.36
N ASP A 745 31.05 -17.42 -45.53
CA ASP A 745 31.16 -18.68 -44.80
C ASP A 745 30.20 -18.74 -43.62
N LEU A 746 30.41 -17.89 -42.61
CA LEU A 746 29.56 -17.90 -41.44
C LEU A 746 28.17 -17.39 -41.79
N VAL A 747 27.16 -17.94 -41.12
CA VAL A 747 25.80 -17.50 -41.39
C VAL A 747 25.08 -17.25 -40.07
N THR A 748 24.12 -16.34 -40.12
CA THR A 748 23.26 -16.03 -38.99
C THR A 748 21.98 -16.85 -39.06
N THR A 749 21.33 -16.97 -37.91
CA THR A 749 20.05 -17.65 -37.82
C THR A 749 19.42 -17.30 -36.49
N GLY A 750 18.21 -17.79 -36.29
CA GLY A 750 17.53 -17.58 -35.04
C GLY A 750 17.06 -16.14 -34.87
N GLU A 751 16.03 -16.00 -34.05
CA GLU A 751 15.45 -14.69 -33.84
C GLU A 751 16.28 -13.90 -32.84
N LEU A 752 15.89 -12.64 -32.67
CA LEU A 752 16.50 -11.80 -31.67
C LEU A 752 16.28 -12.39 -30.29
N PHE A 753 16.92 -11.79 -29.29
CA PHE A 753 16.45 -11.89 -27.93
C PHE A 753 17.06 -10.76 -27.15
N PHE A 754 16.38 -10.37 -26.07
CA PHE A 754 16.77 -9.18 -25.32
C PHE A 754 16.78 -7.96 -26.23
N ARG A 755 15.61 -7.61 -26.73
CA ARG A 755 15.50 -6.57 -27.74
C ARG A 755 15.27 -5.20 -27.12
N SER A 756 15.73 -4.17 -27.83
CA SER A 756 15.54 -2.76 -27.48
C SER A 756 16.07 -1.94 -28.64
N GLY A 757 15.73 -0.66 -28.65
CA GLY A 757 15.99 0.20 -29.79
C GLY A 757 17.13 1.17 -29.56
N PHE A 758 17.76 1.59 -30.66
CA PHE A 758 18.81 2.60 -30.62
C PHE A 758 18.14 3.96 -30.45
N GLY A 759 18.88 5.04 -30.68
CA GLY A 759 18.28 6.34 -30.55
C GLY A 759 19.19 7.45 -31.01
N ILE A 760 18.72 8.67 -30.79
CA ILE A 760 19.50 9.88 -30.97
C ILE A 760 19.28 10.71 -29.71
N GLY A 761 20.25 10.67 -28.81
CA GLY A 761 20.02 11.24 -27.50
C GLY A 761 20.25 12.73 -27.44
N MET A 762 19.80 13.33 -26.34
CA MET A 762 20.08 14.73 -26.04
C MET A 762 20.18 14.92 -24.54
N ARG A 763 20.76 16.03 -24.14
CA ARG A 763 20.86 16.35 -22.74
C ARG A 763 19.48 16.75 -22.21
N LYS A 764 19.38 16.81 -20.89
CA LYS A 764 18.09 16.90 -20.22
C LYS A 764 17.37 18.20 -20.56
N ASP A 765 16.34 18.11 -21.39
CA ASP A 765 15.53 19.26 -21.77
C ASP A 765 16.41 20.38 -22.34
N SER A 766 16.98 20.11 -23.41
CA SER A 766 17.57 21.19 -24.17
C SER A 766 16.61 21.64 -25.26
N PRO A 767 16.57 22.90 -25.61
CA PRO A 767 15.42 23.38 -26.39
C PRO A 767 15.38 22.87 -27.82
N TRP A 768 15.45 21.56 -27.99
CA TRP A 768 15.11 20.96 -29.25
C TRP A 768 14.02 19.91 -29.11
N LYS A 769 14.18 18.99 -28.15
CA LYS A 769 13.23 17.95 -27.81
C LYS A 769 12.22 17.65 -28.90
N GLN A 770 11.03 18.24 -28.77
CA GLN A 770 9.90 17.79 -29.56
C GLN A 770 10.23 17.76 -31.05
N ASN A 771 10.70 18.88 -31.60
CA ASN A 771 10.94 18.91 -33.04
C ASN A 771 11.77 17.72 -33.50
N VAL A 772 12.85 17.42 -32.77
CA VAL A 772 13.68 16.28 -33.17
C VAL A 772 12.83 15.04 -33.35
N SER A 773 12.13 14.63 -32.29
CA SER A 773 11.31 13.44 -32.40
C SER A 773 10.41 13.55 -33.62
N LEU A 774 9.73 14.68 -33.75
CA LEU A 774 8.79 14.86 -34.84
C LEU A 774 9.45 14.52 -36.16
N SER A 775 10.63 15.10 -36.41
CA SER A 775 11.25 14.90 -37.71
C SER A 775 11.47 13.43 -37.99
N ILE A 776 11.99 12.70 -37.00
CA ILE A 776 12.18 11.26 -37.18
C ILE A 776 10.92 10.64 -37.77
N LEU A 777 9.78 10.85 -37.10
CA LEU A 777 8.57 10.18 -37.53
C LEU A 777 8.23 10.53 -38.97
N LYS A 778 8.34 11.80 -39.34
CA LYS A 778 8.08 12.16 -40.73
C LYS A 778 8.99 11.34 -41.64
N SER A 779 10.28 11.43 -41.39
CA SER A 779 11.21 10.63 -42.17
C SER A 779 10.82 9.17 -42.10
N HIS A 780 10.44 8.71 -40.92
CA HIS A 780 10.26 7.28 -40.76
C HIS A 780 9.04 6.75 -41.48
N GLU A 781 8.14 7.63 -41.93
CA GLU A 781 6.98 7.21 -42.72
C GLU A 781 7.13 7.61 -44.17
N ASN A 782 8.34 7.88 -44.61
CA ASN A 782 8.58 8.32 -45.98
C ASN A 782 9.46 7.35 -46.75
N GLY A 783 9.52 6.10 -46.30
CA GLY A 783 10.38 5.12 -46.94
C GLY A 783 11.86 5.44 -46.85
N PHE A 784 12.22 6.45 -46.07
CA PHE A 784 13.58 6.95 -46.12
C PHE A 784 14.54 5.99 -45.42
N MET A 785 14.15 5.52 -44.23
CA MET A 785 15.03 4.66 -43.44
C MET A 785 15.31 3.36 -44.15
N GLU A 786 14.31 2.76 -44.78
CA GLU A 786 14.60 1.52 -45.47
C GLU A 786 15.54 1.77 -46.66
N ASP A 787 15.41 2.91 -47.32
CA ASP A 787 16.34 3.24 -48.40
C ASP A 787 17.77 3.28 -47.89
N LEU A 788 18.01 4.04 -46.84
CA LEU A 788 19.37 4.10 -46.31
C LEU A 788 19.84 2.72 -45.88
N ASP A 789 18.93 1.94 -45.29
CA ASP A 789 19.26 0.60 -44.87
C ASP A 789 19.81 -0.21 -46.03
N LYS A 790 19.06 -0.25 -47.13
CA LYS A 790 19.46 -1.07 -48.26
C LYS A 790 20.76 -0.56 -48.85
N THR A 791 20.95 0.74 -48.89
CA THR A 791 22.14 1.25 -49.56
C THR A 791 23.37 1.32 -48.67
N TRP A 792 23.26 0.97 -47.39
CA TRP A 792 24.44 1.06 -46.53
C TRP A 792 24.72 -0.15 -45.65
N VAL A 793 23.81 -1.09 -45.50
CA VAL A 793 24.10 -2.28 -44.70
C VAL A 793 23.89 -3.54 -45.52
N ARG A 794 22.66 -3.73 -45.99
CA ARG A 794 22.31 -4.90 -46.77
C ARG A 794 23.06 -4.90 -48.09
N TYR A 795 23.42 -6.10 -48.54
CA TYR A 795 24.00 -6.29 -49.86
C TYR A 795 23.57 -7.66 -50.36
N GLN A 796 23.86 -7.94 -51.63
CA GLN A 796 23.56 -9.22 -52.21
C GLN A 796 24.80 -9.80 -52.88
N GLU A 797 25.96 -9.60 -52.26
CA GLU A 797 27.21 -10.12 -52.81
C GLU A 797 27.42 -11.58 -52.47
N CYS A 798 26.41 -12.25 -51.91
CA CYS A 798 26.54 -13.65 -51.53
C CYS A 798 25.16 -14.25 -51.32
N CYS B 1 59.00 44.85 -9.66
CA CYS B 1 60.43 45.17 -9.67
C CYS B 1 60.70 46.44 -8.88
N GLN B 2 60.14 47.56 -9.34
CA GLN B 2 60.35 48.83 -8.65
C GLN B 2 59.72 48.82 -7.26
N ILE B 3 58.53 48.22 -7.12
CA ILE B 3 57.86 48.21 -5.83
C ILE B 3 58.65 47.41 -4.81
N LEU B 4 59.16 46.24 -5.20
CA LEU B 4 59.96 45.44 -4.29
C LEU B 4 61.25 46.17 -3.91
N LYS B 5 61.89 46.81 -4.87
CA LYS B 5 63.13 47.54 -4.58
C LYS B 5 62.86 48.69 -3.61
N ARG B 6 61.75 49.40 -3.81
CA ARG B 6 61.40 50.49 -2.89
C ARG B 6 61.11 49.97 -1.50
N ILE B 7 60.38 48.84 -1.40
CA ILE B 7 60.08 48.24 -0.11
C ILE B 7 61.17 47.29 0.36
N GLY B 8 62.27 47.17 -0.38
CA GLY B 8 63.33 46.26 -0.01
C GLY B 8 63.06 44.81 -0.32
N HIS B 9 62.06 44.52 -1.17
CA HIS B 9 61.68 43.16 -1.52
C HIS B 9 61.32 42.35 -0.27
N ALA B 10 60.64 42.99 0.67
CA ALA B 10 60.25 42.34 1.91
C ALA B 10 58.98 42.98 2.43
N VAL B 11 58.29 42.24 3.30
CA VAL B 11 57.05 42.71 3.93
C VAL B 11 57.38 43.02 5.39
N ARG B 12 57.22 44.28 5.77
CA ARG B 12 57.57 44.74 7.11
C ARG B 12 56.32 44.78 7.98
N VAL B 13 56.47 44.28 9.21
CA VAL B 13 55.40 44.28 10.20
C VAL B 13 55.94 44.87 11.50
N GLY B 14 55.19 45.78 12.11
CA GLY B 14 55.57 46.36 13.38
C GLY B 14 54.97 45.58 14.54
N ALA B 15 55.77 45.41 15.59
CA ALA B 15 55.35 44.72 16.81
C ALA B 15 55.57 45.64 17.99
N VAL B 16 54.50 45.90 18.74
CA VAL B 16 54.55 46.76 19.92
C VAL B 16 54.03 45.96 21.11
N HIS B 17 54.83 45.90 22.17
CA HIS B 17 54.46 45.21 23.39
C HIS B 17 53.94 46.24 24.39
N LEU B 18 52.62 46.24 24.63
CA LEU B 18 52.05 47.17 25.59
C LEU B 18 52.59 46.90 26.99
N GLN B 19 52.74 45.64 27.37
CA GLN B 19 53.29 45.28 28.66
C GLN B 19 54.15 44.03 28.55
N PRO B 87 59.13 37.98 25.11
CA PRO B 87 58.33 38.18 23.90
C PRO B 87 59.20 38.36 22.65
N ARG B 88 60.40 38.92 22.84
CA ARG B 88 61.30 39.13 21.70
C ARG B 88 61.72 37.80 21.08
N ASP B 89 62.02 36.80 21.91
CA ASP B 89 62.38 35.48 21.39
C ASP B 89 61.23 34.86 20.62
N ALA B 90 60.00 35.01 21.14
CA ALA B 90 58.83 34.49 20.44
C ALA B 90 58.65 35.18 19.09
N LEU B 91 58.86 36.49 19.04
CA LEU B 91 58.75 37.21 17.77
C LEU B 91 59.81 36.76 16.78
N LEU B 92 61.04 36.56 17.26
CA LEU B 92 62.11 36.07 16.39
C LEU B 92 61.78 34.68 15.86
N PHE B 93 61.24 33.81 16.71
CA PHE B 93 60.85 32.48 16.27
C PHE B 93 59.74 32.54 15.23
N ALA B 94 58.76 33.42 15.44
CA ALA B 94 57.68 33.57 14.46
C ALA B 94 58.21 34.08 13.13
N VAL B 95 59.14 35.04 13.18
CA VAL B 95 59.73 35.56 11.94
C VAL B 95 60.50 34.46 11.21
N ASP B 96 61.27 33.66 11.95
CA ASP B 96 62.02 32.57 11.34
C ASP B 96 61.07 31.55 10.72
N ASN B 97 59.98 31.23 11.41
CA ASN B 97 59.02 30.27 10.87
C ASN B 97 58.36 30.81 9.60
N LEU B 98 58.02 32.10 9.59
CA LEU B 98 57.44 32.70 8.40
C LEU B 98 58.42 32.68 7.24
N ASN B 99 59.70 32.98 7.51
CA ASN B 99 60.71 32.95 6.46
C ASN B 99 60.91 31.54 5.92
N ARG B 100 60.91 30.53 6.80
CA ARG B 100 61.13 29.16 6.39
C ARG B 100 59.97 28.57 5.61
N VAL B 101 58.80 29.21 5.65
CA VAL B 101 57.62 28.74 4.91
C VAL B 101 57.68 29.44 3.55
N GLU B 102 58.39 28.81 2.61
CA GLU B 102 58.52 29.37 1.27
C GLU B 102 57.18 29.31 0.54
N GLY B 103 56.90 30.34 -0.25
CA GLY B 103 55.66 30.43 -0.99
C GLY B 103 54.52 31.11 -0.27
N LEU B 104 54.68 31.41 1.02
CA LEU B 104 53.64 32.16 1.73
C LEU B 104 53.47 33.57 1.15
N LEU B 105 54.58 34.22 0.83
CA LEU B 105 54.58 35.51 0.16
C LEU B 105 55.27 35.39 -1.18
N PRO B 106 54.59 35.71 -2.28
CA PRO B 106 55.20 35.57 -3.60
C PRO B 106 56.18 36.72 -3.89
N TYR B 107 56.74 36.69 -5.09
CA TYR B 107 57.67 37.72 -5.56
C TYR B 107 58.91 37.81 -4.67
N ASN B 108 59.32 36.68 -4.10
CA ASN B 108 60.54 36.60 -3.28
C ASN B 108 60.52 37.62 -2.13
N LEU B 109 59.37 37.75 -1.48
CA LEU B 109 59.22 38.68 -0.37
C LEU B 109 59.30 37.92 0.95
N SER B 110 60.21 38.35 1.82
CA SER B 110 60.42 37.73 3.12
C SER B 110 59.85 38.62 4.22
N LEU B 111 59.52 37.99 5.35
CA LEU B 111 58.91 38.70 6.46
C LEU B 111 59.96 39.36 7.34
N GLU B 112 59.76 40.64 7.65
CA GLU B 112 60.63 41.39 8.54
C GLU B 112 59.80 41.97 9.66
N VAL B 113 60.38 41.98 10.86
CA VAL B 113 59.71 42.44 12.07
C VAL B 113 60.48 43.62 12.65
N VAL B 114 59.78 44.71 12.93
CA VAL B 114 60.38 45.90 13.51
C VAL B 114 59.71 46.13 14.86
N MET B 115 60.52 46.25 15.91
CA MET B 115 60.02 46.46 17.26
C MET B 115 59.78 47.95 17.51
N ALA B 116 58.57 48.29 17.93
CA ALA B 116 58.22 49.67 18.26
C ALA B 116 58.33 49.86 19.77
N ILE B 117 59.56 49.69 20.26
CA ILE B 117 59.86 49.87 21.68
C ILE B 117 59.79 51.37 22.00
N GLU B 118 59.76 51.70 23.29
CA GLU B 118 59.67 53.10 23.72
C GLU B 118 60.96 53.86 23.55
N ALA B 119 62.07 53.19 23.21
CA ALA B 119 63.35 53.85 23.06
C ALA B 119 63.40 54.65 21.75
N GLY B 120 64.39 55.53 21.67
CA GLY B 120 64.57 56.39 20.51
C GLY B 120 65.36 55.74 19.40
N LEU B 121 65.73 56.57 18.42
CA LEU B 121 66.46 56.08 17.26
C LEU B 121 67.87 55.62 17.64
N GLY B 122 68.32 54.55 17.02
CA GLY B 122 69.66 54.03 17.25
C GLY B 122 69.85 52.62 16.73
N ASP B 123 71.08 52.26 16.43
CA ASP B 123 71.37 50.89 16.02
C ASP B 123 71.18 49.92 17.18
N LEU B 124 70.87 48.67 16.84
CA LEU B 124 70.62 47.67 17.86
C LEU B 124 71.90 47.38 18.64
N PRO B 125 71.92 47.57 19.96
CA PRO B 125 73.13 47.30 20.73
C PRO B 125 73.15 45.90 21.32
N LEU B 126 74.33 45.30 21.30
CA LEU B 126 74.53 43.97 21.90
C LEU B 126 75.01 44.12 23.34
N LEU B 127 74.28 44.92 24.10
CA LEU B 127 74.58 45.16 25.51
C LEU B 127 73.28 45.28 26.29
N PRO B 128 72.87 44.24 27.02
CA PRO B 128 71.59 44.29 27.74
C PRO B 128 71.76 45.01 29.08
N PHE B 129 70.97 46.06 29.29
CA PHE B 129 70.94 46.80 30.54
C PHE B 129 69.51 46.91 31.02
N SER B 130 69.28 46.59 32.29
CA SER B 130 67.96 46.63 32.90
C SER B 130 67.83 47.91 33.72
N SER B 131 66.88 48.76 33.34
CA SER B 131 66.62 50.01 34.04
C SER B 131 65.12 50.16 34.27
N PRO B 132 64.74 50.92 35.31
CA PRO B 132 63.31 51.10 35.60
C PRO B 132 62.68 52.07 34.60
N SER B 133 61.73 51.57 33.81
CA SER B 133 61.06 52.40 32.83
C SER B 133 60.18 53.44 33.51
N SER B 134 60.07 54.61 32.90
CA SER B 134 59.24 55.67 33.44
C SER B 134 57.76 55.32 33.28
N PRO B 135 56.90 55.96 34.07
CA PRO B 135 55.46 55.68 33.95
C PRO B 135 54.93 56.09 32.58
N TRP B 136 53.91 55.37 32.13
CA TRP B 136 53.34 55.63 30.81
C TRP B 136 52.74 57.04 30.75
N SER B 137 52.91 57.68 29.60
CA SER B 137 52.41 59.03 29.43
C SER B 137 50.89 59.05 29.43
N SER B 138 50.33 60.07 30.09
CA SER B 138 48.88 60.22 30.13
C SER B 138 48.27 60.64 28.81
N ASP B 139 49.09 61.05 27.84
CA ASP B 139 48.60 61.47 26.54
C ASP B 139 48.84 60.36 25.52
N PRO B 140 47.81 59.66 25.06
CA PRO B 140 48.03 58.64 24.02
C PRO B 140 48.39 59.22 22.66
N PHE B 141 48.20 60.52 22.46
CA PHE B 141 48.55 61.13 21.17
C PHE B 141 50.04 61.03 20.89
N SER B 142 50.87 61.28 21.90
CA SER B 142 52.32 61.18 21.71
C SER B 142 52.74 59.75 21.38
N PHE B 143 52.16 58.77 22.09
CA PHE B 143 52.47 57.38 21.80
C PHE B 143 52.02 57.01 20.39
N LEU B 144 50.85 57.49 19.97
CA LEU B 144 50.37 57.21 18.62
C LEU B 144 51.29 57.83 17.58
N GLN B 145 51.74 59.07 17.80
CA GLN B 145 52.64 59.71 16.85
C GLN B 145 53.97 59.00 16.77
N SER B 146 54.51 58.57 17.93
CA SER B 146 55.77 57.83 17.93
C SER B 146 55.63 56.49 17.22
N VAL B 147 54.52 55.79 17.45
CA VAL B 147 54.29 54.51 16.77
C VAL B 147 54.18 54.71 15.27
N CYS B 148 53.44 55.75 14.85
CA CYS B 148 53.30 56.03 13.42
C CYS B 148 54.64 56.38 12.80
N HIS B 149 55.45 57.18 13.49
CA HIS B 149 56.77 57.54 12.96
C HIS B 149 57.66 56.32 12.84
N THR B 150 57.65 55.44 13.85
CA THR B 150 58.46 54.22 13.79
C THR B 150 58.00 53.31 12.66
N VAL B 151 56.68 53.19 12.46
CA VAL B 151 56.16 52.34 11.39
C VAL B 151 56.51 52.93 10.03
N VAL B 152 56.48 54.25 9.90
CA VAL B 152 56.85 54.88 8.63
C VAL B 152 58.34 54.72 8.36
N VAL B 153 59.16 54.80 9.40
CA VAL B 153 60.60 54.59 9.24
C VAL B 153 60.87 53.15 8.82
N GLN B 154 60.17 52.19 9.44
CA GLN B 154 60.35 50.79 9.10
C GLN B 154 59.43 50.31 7.99
N GLY B 155 58.51 51.14 7.53
CA GLY B 155 57.62 50.75 6.44
C GLY B 155 56.73 49.58 6.79
N VAL B 156 56.16 49.57 7.98
CA VAL B 156 55.35 48.45 8.45
C VAL B 156 53.95 48.56 7.86
N SER B 157 53.54 47.53 7.11
CA SER B 157 52.19 47.49 6.56
C SER B 157 51.15 47.12 7.61
N ALA B 158 51.53 46.27 8.57
CA ALA B 158 50.63 45.83 9.62
C ALA B 158 51.33 45.96 10.97
N LEU B 159 50.52 46.08 12.02
CA LEU B 159 51.02 46.29 13.38
C LEU B 159 50.61 45.13 14.27
N LEU B 160 51.54 44.67 15.10
CA LEU B 160 51.29 43.61 16.07
C LEU B 160 51.34 44.20 17.47
N ALA B 161 50.31 43.92 18.27
CA ALA B 161 50.19 44.49 19.61
C ALA B 161 49.87 43.39 20.61
N PHE B 162 50.13 43.68 21.87
CA PHE B 162 49.81 42.78 22.98
C PHE B 162 49.09 43.56 24.07
N PRO B 163 47.89 44.06 23.78
CA PRO B 163 47.15 44.84 24.79
C PRO B 163 46.73 43.97 25.96
N GLN B 164 46.68 44.60 27.13
CA GLN B 164 46.27 43.92 28.36
C GLN B 164 45.25 44.69 29.18
N SER B 165 45.06 45.99 28.92
CA SER B 165 44.11 46.81 29.64
C SER B 165 43.29 47.63 28.66
N GLN B 166 42.16 48.15 29.14
CA GLN B 166 41.27 48.92 28.28
C GLN B 166 41.95 50.17 27.76
N GLY B 167 42.68 50.88 28.62
CA GLY B 167 43.35 52.10 28.18
C GLY B 167 44.43 51.85 27.14
N GLU B 168 45.24 50.82 27.34
CA GLU B 168 46.28 50.49 26.37
C GLU B 168 45.67 50.09 25.03
N MET B 169 44.59 49.30 25.07
CA MET B 169 43.91 48.92 23.84
C MET B 169 43.34 50.14 23.13
N MET B 170 42.76 51.07 23.89
CA MET B 170 42.24 52.30 23.28
C MET B 170 43.37 53.11 22.65
N GLU B 171 44.51 53.20 23.33
CA GLU B 171 45.64 53.94 22.77
C GLU B 171 46.15 53.28 21.49
N LEU B 172 46.24 51.94 21.48
CA LEU B 172 46.69 51.24 20.28
C LEU B 172 45.71 51.44 19.14
N ASP B 173 44.41 51.38 19.42
CA ASP B 173 43.41 51.61 18.38
C ASP B 173 43.47 53.03 17.86
N LEU B 174 43.72 54.00 18.74
CA LEU B 174 43.88 55.39 18.30
C LEU B 174 45.10 55.54 17.40
N VAL B 175 46.20 54.88 17.76
CA VAL B 175 47.40 54.93 16.92
C VAL B 175 47.11 54.33 15.55
N SER B 176 46.41 53.19 15.52
CA SER B 176 46.07 52.56 14.25
C SER B 176 45.17 53.46 13.41
N LEU B 177 44.18 54.10 14.04
CA LEU B 177 43.28 54.97 13.30
C LEU B 177 44.01 56.20 12.75
N VAL B 178 44.91 56.77 13.54
CA VAL B 178 45.69 57.91 13.07
C VAL B 178 46.58 57.51 11.89
N LEU B 179 47.24 56.36 12.02
CA LEU B 179 48.05 55.85 10.91
C LEU B 179 47.20 55.25 9.79
N HIS B 180 45.90 55.06 10.01
CA HIS B 180 44.99 54.47 9.03
C HIS B 180 45.50 53.11 8.56
N ILE B 181 46.02 52.33 9.50
CA ILE B 181 46.54 51.00 9.20
C ILE B 181 46.02 50.01 10.22
N PRO B 182 45.86 48.75 9.80
CA PRO B 182 45.40 47.73 10.74
C PRO B 182 46.40 47.48 11.84
N VAL B 183 45.90 47.19 13.03
CA VAL B 183 46.71 46.82 14.18
C VAL B 183 46.12 45.55 14.77
N ILE B 184 46.91 44.49 14.80
CA ILE B 184 46.47 43.19 15.33
C ILE B 184 47.04 43.04 16.73
N SER B 185 46.16 42.88 17.71
CA SER B 185 46.54 42.76 19.11
C SER B 185 46.06 41.41 19.64
N ILE B 186 46.95 40.70 20.32
CA ILE B 186 46.63 39.43 20.94
C ILE B 186 46.26 39.69 22.40
N VAL B 187 45.03 39.35 22.77
CA VAL B 187 44.52 39.53 24.12
C VAL B 187 44.19 38.16 24.69
N ARG B 188 44.74 37.85 25.87
CA ARG B 188 44.47 36.57 26.49
C ARG B 188 43.00 36.41 26.84
N HIS B 189 42.38 37.47 27.35
CA HIS B 189 40.96 37.47 27.69
C HIS B 189 40.20 38.28 26.66
N GLU B 190 39.17 37.66 26.07
CA GLU B 190 38.36 38.34 25.06
C GLU B 190 37.42 39.33 25.71
N PHE B 191 37.89 40.56 25.91
CA PHE B 191 37.08 41.57 26.57
C PHE B 191 35.93 42.02 25.66
N PRO B 192 34.86 42.54 26.25
CA PRO B 192 33.74 43.04 25.44
C PRO B 192 34.17 44.26 24.63
N ARG B 193 34.17 44.12 23.31
CA ARG B 193 34.66 45.16 22.42
C ARG B 193 33.49 45.95 21.86
N GLU B 194 33.55 47.27 22.04
CA GLU B 194 32.56 48.16 21.45
C GLU B 194 32.94 48.58 20.03
N SER B 195 34.15 49.12 19.87
CA SER B 195 34.62 49.55 18.56
C SER B 195 34.81 48.35 17.64
N GLN B 196 34.30 48.49 16.41
CA GLN B 196 34.44 47.47 15.38
C GLN B 196 35.24 48.02 14.19
N ASN B 197 36.20 48.90 14.48
CA ASN B 197 36.97 49.53 13.42
C ASN B 197 37.88 48.50 12.74
N PRO B 198 37.89 48.43 11.41
CA PRO B 198 38.81 47.51 10.74
C PRO B 198 40.28 47.81 11.02
N LEU B 199 40.59 49.05 11.41
CA LEU B 199 41.96 49.39 11.79
C LEU B 199 42.42 48.65 13.04
N HIS B 200 41.51 48.03 13.77
CA HIS B 200 41.83 47.25 14.96
C HIS B 200 41.30 45.83 14.79
N LEU B 201 42.16 44.85 15.05
CA LEU B 201 41.79 43.44 15.06
C LEU B 201 42.32 42.81 16.33
N GLN B 202 41.53 41.91 16.92
CA GLN B 202 41.85 41.30 18.20
C GLN B 202 41.87 39.78 18.04
N LEU B 203 42.88 39.15 18.62
CA LEU B 203 43.03 37.70 18.64
C LEU B 203 42.89 37.22 20.08
N SER B 204 41.81 36.49 20.35
CA SER B 204 41.56 35.97 21.69
C SER B 204 42.42 34.73 21.90
N LEU B 205 43.46 34.85 22.73
CA LEU B 205 44.32 33.71 23.02
C LEU B 205 43.55 32.61 23.73
N GLU B 206 42.72 32.97 24.71
CA GLU B 206 41.86 32.03 25.41
C GLU B 206 40.43 32.24 24.92
N ASN B 207 40.02 31.44 23.94
CA ASN B 207 38.67 31.53 23.42
C ASN B 207 37.66 31.02 24.44
N SER B 208 36.39 31.20 24.12
CA SER B 208 35.33 30.73 25.01
C SER B 208 35.40 29.22 25.18
N LEU B 209 35.23 28.76 26.42
CA LEU B 209 35.29 27.34 26.72
C LEU B 209 34.12 26.56 26.13
N SER B 210 33.09 27.26 25.63
CA SER B 210 31.94 26.57 25.04
C SER B 210 32.35 25.66 23.90
N SER B 211 33.47 25.96 23.23
CA SER B 211 33.97 25.08 22.18
C SER B 211 34.24 23.68 22.73
N ASP B 212 34.89 23.60 23.89
CA ASP B 212 35.06 22.31 24.55
C ASP B 212 33.71 21.68 24.83
N ALA B 213 32.73 22.49 25.24
CA ALA B 213 31.37 21.99 25.39
C ALA B 213 30.84 21.45 24.06
N ASP B 214 31.11 22.17 22.97
CA ASP B 214 30.73 21.68 21.64
C ASP B 214 31.39 20.34 21.35
N VAL B 215 32.55 20.08 21.95
CA VAL B 215 33.18 18.78 21.80
C VAL B 215 32.36 17.70 22.49
N THR B 216 31.87 17.99 23.70
CA THR B 216 31.23 16.95 24.52
C THR B 216 30.00 16.38 23.81
N VAL B 217 29.07 17.25 23.40
CA VAL B 217 27.91 16.78 22.66
C VAL B 217 28.34 16.10 21.37
N SER B 218 29.47 16.53 20.79
CA SER B 218 29.98 15.89 19.59
C SER B 218 30.17 14.40 19.80
N ILE B 219 30.62 14.00 21.00
CA ILE B 219 30.76 12.58 21.30
C ILE B 219 29.42 11.88 21.15
N LEU B 220 28.37 12.46 21.75
CA LEU B 220 27.04 11.87 21.61
C LEU B 220 26.56 11.88 20.16
N THR B 221 27.16 12.70 19.30
CA THR B 221 26.79 12.72 17.90
C THR B 221 27.38 11.53 17.14
N MET B 222 28.40 10.88 17.68
CA MET B 222 29.07 9.82 16.94
C MET B 222 28.20 8.58 16.84
N ASN B 223 27.61 8.14 17.96
CA ASN B 223 26.83 6.92 18.01
C ASN B 223 25.42 7.15 18.57
N ASN B 224 24.91 8.38 18.47
CA ASN B 224 23.56 8.73 18.93
C ASN B 224 23.40 8.45 20.42
N TRP B 225 24.33 8.98 21.22
CA TRP B 225 24.25 8.89 22.68
C TRP B 225 23.39 10.04 23.22
N TYR B 226 22.15 10.08 22.74
CA TYR B 226 21.23 11.16 23.10
C TYR B 226 20.80 11.10 24.57
N ASN B 227 21.01 9.97 25.23
CA ASN B 227 20.70 9.82 26.65
C ASN B 227 22.01 9.65 27.42
N PHE B 228 22.23 10.54 28.38
CA PHE B 228 23.47 10.50 29.17
C PHE B 228 23.23 11.19 30.50
N SER B 229 24.06 10.83 31.47
CA SER B 229 24.06 11.44 32.79
C SER B 229 25.15 12.49 32.88
N LEU B 230 25.01 13.40 33.84
CA LEU B 230 25.96 14.49 34.04
C LEU B 230 26.65 14.33 35.39
N LEU B 231 27.97 14.34 35.38
CA LEU B 231 28.76 14.23 36.61
C LEU B 231 29.71 15.42 36.68
N LEU B 232 29.44 16.35 37.59
CA LEU B 232 30.26 17.53 37.78
C LEU B 232 31.00 17.39 39.10
N CYS B 233 32.30 17.09 39.03
CA CYS B 233 33.12 16.96 40.22
C CYS B 233 33.46 18.29 40.86
N GLN B 234 33.19 19.40 40.18
CA GLN B 234 33.44 20.73 40.69
C GLN B 234 32.12 21.44 40.94
N GLU B 235 31.94 21.95 42.16
CA GLU B 235 30.71 22.64 42.51
C GLU B 235 30.59 23.97 41.76
N ASP B 236 31.72 24.56 41.38
CA ASP B 236 31.74 25.82 40.64
C ASP B 236 31.94 25.62 39.15
N TRP B 237 31.88 24.38 38.67
CA TRP B 237 32.04 24.11 37.25
C TRP B 237 30.90 24.73 36.45
N ASN B 238 31.26 25.35 35.32
CA ASN B 238 30.30 26.04 34.47
C ASN B 238 29.90 25.10 33.34
N ILE B 239 28.81 24.35 33.55
CA ILE B 239 28.27 23.46 32.54
C ILE B 239 27.09 24.10 31.82
N THR B 240 26.97 25.43 31.89
CA THR B 240 25.87 26.12 31.21
C THR B 240 26.00 26.01 29.69
N ASP B 241 27.23 26.14 29.17
CA ASP B 241 27.42 26.11 27.72
C ASP B 241 27.07 24.74 27.14
N PHE B 242 27.55 23.67 27.79
CA PHE B 242 27.24 22.32 27.31
C PHE B 242 25.75 22.02 27.43
N LEU B 243 25.13 22.47 28.52
CA LEU B 243 23.70 22.26 28.68
C LEU B 243 22.91 22.99 27.61
N LEU B 244 23.33 24.22 27.28
CA LEU B 244 22.66 24.97 26.22
C LEU B 244 22.86 24.32 24.86
N LEU B 245 24.06 23.78 24.60
CA LEU B 245 24.30 23.09 23.35
C LEU B 245 23.45 21.82 23.23
N THR B 246 23.35 21.06 24.33
CA THR B 246 22.55 19.84 24.31
C THR B 246 21.06 20.16 24.18
N GLN B 247 20.59 21.21 24.85
CA GLN B 247 19.18 21.59 24.76
C GLN B 247 18.82 22.18 23.40
N ASN B 248 19.81 22.55 22.59
CA ASN B 248 19.54 23.04 21.25
C ASN B 248 18.99 21.94 20.35
N ASN B 249 19.22 20.68 20.69
CA ASN B 249 18.71 19.54 19.94
C ASN B 249 17.69 18.79 20.80
N SER B 250 16.50 18.57 20.25
CA SER B 250 15.45 17.90 21.00
C SER B 250 15.75 16.43 21.24
N LYS B 251 16.62 15.83 20.43
CA LYS B 251 16.92 14.41 20.58
C LYS B 251 17.71 14.15 21.87
N PHE B 252 18.60 15.07 22.24
CA PHE B 252 19.40 14.88 23.44
C PHE B 252 18.53 14.82 24.68
N HIS B 253 18.81 13.85 25.56
CA HIS B 253 18.05 13.62 26.78
C HIS B 253 19.03 13.51 27.95
N LEU B 254 19.34 14.63 28.57
CA LEU B 254 20.22 14.62 29.74
C LEU B 254 19.56 13.90 30.90
N GLY B 255 20.34 13.08 31.60
CA GLY B 255 19.84 12.28 32.69
C GLY B 255 19.79 13.03 33.99
N SER B 256 19.63 12.28 35.08
CA SER B 256 19.59 12.87 36.41
C SER B 256 20.91 13.55 36.73
N ILE B 257 20.82 14.71 37.36
CA ILE B 257 22.01 15.50 37.68
C ILE B 257 22.74 14.84 38.83
N ILE B 258 24.00 14.47 38.60
CA ILE B 258 24.85 13.88 39.62
C ILE B 258 25.96 14.87 39.91
N ASN B 259 26.01 15.38 41.14
CA ASN B 259 27.03 16.32 41.59
C ASN B 259 27.96 15.57 42.54
N ILE B 260 29.12 15.16 42.01
CA ILE B 260 30.09 14.39 42.80
C ILE B 260 30.96 15.40 43.52
N THR B 261 30.50 15.83 44.70
CA THR B 261 31.24 16.78 45.50
C THR B 261 32.35 16.09 46.28
N ALA B 262 33.44 16.83 46.52
CA ALA B 262 34.58 16.33 47.26
C ALA B 262 34.54 16.73 48.73
N ASN B 263 33.46 17.38 49.18
CA ASN B 263 33.36 17.82 50.57
C ASN B 263 33.15 16.67 51.54
N LEU B 264 32.87 15.47 51.06
CA LEU B 264 32.68 14.34 51.96
C LEU B 264 33.98 14.05 52.71
N PRO B 265 33.92 13.82 54.03
CA PRO B 265 35.16 13.66 54.80
C PRO B 265 35.62 12.23 55.00
N SER B 266 34.83 11.23 54.60
CA SER B 266 35.19 9.84 54.79
C SER B 266 35.13 9.08 53.48
N THR B 267 35.96 8.06 53.35
CA THR B 267 35.96 7.24 52.15
C THR B 267 34.69 6.42 52.01
N GLN B 268 34.18 5.89 53.11
CA GLN B 268 32.98 5.04 53.05
C GLN B 268 31.76 5.84 52.60
N ASP B 269 31.58 7.06 53.14
CA ASP B 269 30.43 7.86 52.75
C ASP B 269 30.50 8.26 51.28
N LEU B 270 31.69 8.67 50.81
CA LEU B 270 31.84 9.01 49.40
C LEU B 270 31.59 7.80 48.51
N LEU B 271 32.08 6.63 48.91
CA LEU B 271 31.85 5.42 48.14
C LEU B 271 30.37 5.08 48.08
N SER B 272 29.67 5.20 49.21
CA SER B 272 28.23 4.94 49.22
C SER B 272 27.47 5.90 48.32
N PHE B 273 27.83 7.19 48.38
CA PHE B 273 27.17 8.18 47.54
C PHE B 273 27.41 7.90 46.06
N LEU B 274 28.66 7.56 45.71
CA LEU B 274 28.98 7.27 44.31
C LEU B 274 28.25 6.02 43.83
N GLN B 275 28.17 4.99 44.68
CA GLN B 275 27.45 3.78 44.31
C GLN B 275 25.97 4.07 44.10
N ILE B 276 25.37 4.89 44.98
CA ILE B 276 23.96 5.25 44.83
C ILE B 276 23.74 6.02 43.53
N GLN B 277 24.64 6.96 43.23
CA GLN B 277 24.52 7.74 42.00
C GLN B 277 24.64 6.85 40.77
N LEU B 278 25.59 5.92 40.78
CA LEU B 278 25.74 5.00 39.65
C LEU B 278 24.50 4.11 39.50
N GLU B 279 23.96 3.63 40.62
CA GLU B 279 22.77 2.79 40.56
C GLU B 279 21.58 3.56 39.99
N SER B 280 21.43 4.83 40.39
CA SER B 280 20.34 5.65 39.84
C SER B 280 20.55 5.94 38.36
N ILE B 281 21.79 6.20 37.95
CA ILE B 281 22.06 6.59 36.57
C ILE B 281 21.95 5.40 35.62
N LYS B 282 22.30 4.20 36.08
CA LYS B 282 22.39 3.05 35.17
C LYS B 282 21.04 2.73 34.54
N ASN B 283 19.96 2.78 35.33
CA ASN B 283 18.64 2.39 34.84
C ASN B 283 17.93 3.48 34.06
N SER B 284 18.53 4.67 33.93
CA SER B 284 17.93 5.77 33.20
C SER B 284 18.64 6.06 31.88
N THR B 285 19.96 6.24 31.91
CA THR B 285 20.74 6.52 30.73
C THR B 285 21.85 5.48 30.60
N PRO B 286 22.32 5.22 29.38
CA PRO B 286 23.33 4.18 29.20
C PRO B 286 24.76 4.70 29.23
N THR B 287 24.91 6.03 29.25
CA THR B 287 26.22 6.65 29.22
C THR B 287 26.26 7.83 30.18
N VAL B 288 27.47 8.31 30.44
CA VAL B 288 27.69 9.43 31.34
C VAL B 288 28.70 10.39 30.71
N VAL B 289 28.68 11.65 31.16
CA VAL B 289 29.63 12.66 30.76
C VAL B 289 30.12 13.36 32.02
N MET B 290 31.44 13.44 32.19
CA MET B 290 32.06 14.02 33.37
C MET B 290 32.72 15.35 33.01
N PHE B 291 32.37 16.39 33.75
CA PHE B 291 32.91 17.73 33.55
C PHE B 291 33.51 18.24 34.85
N GLY B 292 34.65 18.91 34.74
CA GLY B 292 35.31 19.44 35.92
C GLY B 292 35.82 18.38 36.86
N CYS B 293 36.33 17.27 36.33
CA CYS B 293 36.89 16.20 37.13
C CYS B 293 38.35 16.02 36.77
N ASP B 294 39.22 15.94 37.77
CA ASP B 294 40.64 15.79 37.54
C ASP B 294 40.99 14.33 37.26
N MET B 295 42.23 14.11 36.83
CA MET B 295 42.68 12.76 36.54
C MET B 295 42.67 11.89 37.79
N GLU B 296 43.12 12.43 38.92
CA GLU B 296 43.06 11.69 40.17
C GLU B 296 41.62 11.45 40.60
N SER B 297 40.76 12.46 40.44
CA SER B 297 39.34 12.28 40.73
C SER B 297 38.72 11.24 39.81
N ILE B 298 39.11 11.25 38.53
CA ILE B 298 38.60 10.25 37.59
C ILE B 298 39.06 8.85 38.01
N ARG B 299 40.31 8.72 38.44
CA ARG B 299 40.82 7.43 38.89
C ARG B 299 40.07 6.94 40.12
N ARG B 300 39.82 7.83 41.07
CA ARG B 300 39.06 7.45 42.26
C ARG B 300 37.63 7.03 41.90
N ILE B 301 37.00 7.77 40.99
CA ILE B 301 35.65 7.43 40.55
C ILE B 301 35.63 6.07 39.87
N PHE B 302 36.63 5.81 39.01
CA PHE B 302 36.71 4.52 38.33
C PHE B 302 36.94 3.38 39.32
N GLU B 303 37.79 3.61 40.32
CA GLU B 303 38.00 2.58 41.35
C GLU B 303 36.72 2.32 42.13
N ILE B 304 35.97 3.37 42.45
CA ILE B 304 34.70 3.19 43.15
C ILE B 304 33.72 2.41 42.29
N THR B 305 33.66 2.73 41.00
CA THR B 305 32.76 2.01 40.10
C THR B 305 33.16 0.55 39.97
N THR B 306 34.46 0.26 39.89
CA THR B 306 34.93 -1.11 39.76
C THR B 306 34.84 -1.88 41.08
N GLN B 307 34.70 -1.18 42.20
CA GLN B 307 34.58 -1.86 43.48
C GLN B 307 33.32 -2.73 43.54
N PHE B 308 32.21 -2.21 43.04
CA PHE B 308 30.96 -2.95 42.98
C PHE B 308 30.73 -3.62 41.63
N GLY B 309 31.70 -3.55 40.73
CA GLY B 309 31.59 -4.16 39.41
C GLY B 309 30.96 -3.28 38.35
N VAL B 310 30.58 -2.05 38.68
CA VAL B 310 30.00 -1.13 37.70
C VAL B 310 31.11 -0.74 36.72
N MET B 311 30.99 -1.21 35.48
CA MET B 311 32.03 -0.96 34.49
C MET B 311 31.45 -0.91 33.09
N PRO B 312 32.26 -0.57 32.09
CA PRO B 312 31.78 -0.52 30.71
C PRO B 312 31.64 -1.92 30.13
N PRO B 313 30.91 -2.10 29.02
CA PRO B 313 30.19 -1.09 28.23
C PRO B 313 28.75 -0.89 28.69
N GLU B 314 28.30 -1.62 29.71
CA GLU B 314 26.98 -1.35 30.28
C GLU B 314 26.91 0.04 30.88
N LEU B 315 27.97 0.46 31.56
CA LEU B 315 28.13 1.83 32.03
C LEU B 315 29.20 2.49 31.17
N ARG B 316 28.77 3.18 30.12
CA ARG B 316 29.68 3.79 29.17
C ARG B 316 30.13 5.15 29.69
N TRP B 317 31.45 5.35 29.75
CA TRP B 317 32.03 6.57 30.30
C TRP B 317 32.50 7.48 29.19
N VAL B 318 32.33 8.78 29.39
CA VAL B 318 32.81 9.80 28.48
C VAL B 318 33.30 10.99 29.31
N LEU B 319 34.39 11.61 28.86
CA LEU B 319 34.93 12.78 29.54
C LEU B 319 34.47 14.03 28.80
N GLY B 320 33.68 14.86 29.48
CA GLY B 320 33.21 16.13 28.96
C GLY B 320 34.15 17.29 29.18
N ASP B 321 35.34 17.04 29.70
CA ASP B 321 36.34 18.07 29.96
C ASP B 321 37.57 17.82 29.10
N SER B 322 38.36 18.88 28.91
CA SER B 322 39.60 18.77 28.16
C SER B 322 40.71 18.24 29.06
N GLN B 323 41.30 17.12 28.67
CA GLN B 323 42.37 16.48 29.44
C GLN B 323 43.56 16.22 28.53
N ASN B 324 44.73 16.69 28.94
CA ASN B 324 45.93 16.51 28.14
C ASN B 324 46.28 15.03 28.03
N VAL B 325 46.88 14.67 26.88
CA VAL B 325 47.27 13.28 26.65
C VAL B 325 48.34 12.85 27.65
N GLU B 326 49.24 13.77 28.03
CA GLU B 326 50.26 13.44 29.02
C GLU B 326 49.63 13.10 30.37
N GLU B 327 48.60 13.85 30.76
CA GLU B 327 47.89 13.59 32.01
C GLU B 327 46.82 12.51 31.87
N LEU B 328 46.58 12.03 30.64
CA LEU B 328 45.62 10.94 30.42
C LEU B 328 46.34 9.59 30.55
N ARG B 329 46.79 9.33 31.79
CA ARG B 329 47.48 8.08 32.08
C ARG B 329 46.51 6.90 31.95
N THR B 330 47.02 5.81 31.37
CA THR B 330 46.19 4.63 31.16
C THR B 330 45.77 3.98 32.47
N GLU B 331 46.55 4.16 33.53
CA GLU B 331 46.20 3.56 34.82
C GLU B 331 44.96 4.24 35.40
N GLY B 332 44.08 3.44 35.99
CA GLY B 332 42.88 3.96 36.59
C GLY B 332 41.78 4.36 35.62
N LEU B 333 41.94 4.06 34.33
CA LEU B 333 40.93 4.39 33.34
C LEU B 333 40.25 3.11 32.86
N PRO B 334 38.99 2.87 33.19
CA PRO B 334 38.31 1.68 32.68
C PRO B 334 38.21 1.72 31.16
N LEU B 335 38.31 0.53 30.56
CA LEU B 335 38.28 0.43 29.10
C LEU B 335 36.93 0.86 28.56
N GLY B 336 36.96 1.51 27.39
CA GLY B 336 35.78 2.05 26.77
C GLY B 336 35.46 3.48 27.13
N LEU B 337 36.15 4.06 28.12
CA LEU B 337 35.93 5.45 28.50
C LEU B 337 36.41 6.38 27.40
N ILE B 338 35.65 7.45 27.16
CA ILE B 338 35.95 8.44 26.13
C ILE B 338 36.53 9.68 26.79
N ALA B 339 37.63 10.18 26.23
CA ALA B 339 38.32 11.35 26.76
C ALA B 339 38.56 12.35 25.64
N HIS B 340 38.73 13.61 26.01
CA HIS B 340 38.99 14.69 25.06
C HIS B 340 40.19 15.50 25.55
N GLY B 341 40.97 16.00 24.61
CA GLY B 341 42.13 16.79 24.96
C GLY B 341 42.57 17.69 23.83
N LYS B 342 43.57 18.52 24.12
CA LYS B 342 44.10 19.46 23.14
C LYS B 342 45.07 18.78 22.20
N THR B 343 44.98 19.13 20.91
CA THR B 343 45.91 18.57 19.92
C THR B 343 47.33 19.04 20.18
N THR B 344 47.51 20.30 20.60
CA THR B 344 48.82 20.83 20.91
C THR B 344 48.69 21.81 22.08
N GLN B 345 49.71 21.83 22.93
CA GLN B 345 49.74 22.74 24.07
C GLN B 345 49.81 24.18 23.56
N SER B 346 48.74 24.94 23.75
CA SER B 346 48.66 26.27 23.15
C SER B 346 49.56 27.26 23.89
N VAL B 347 50.85 27.25 23.54
CA VAL B 347 51.81 28.18 24.09
C VAL B 347 51.73 29.50 23.35
N PHE B 348 52.37 30.55 23.89
CA PHE B 348 52.35 31.85 23.24
C PHE B 348 53.06 31.83 21.89
N GLU B 349 54.10 31.00 21.75
CA GLU B 349 54.86 30.96 20.51
C GLU B 349 54.00 30.49 19.35
N HIS B 350 53.16 29.47 19.57
CA HIS B 350 52.29 28.99 18.50
C HIS B 350 51.30 30.05 18.06
N TYR B 351 50.71 30.77 19.01
CA TYR B 351 49.78 31.85 18.66
C TYR B 351 50.50 32.95 17.90
N VAL B 352 51.72 33.29 18.33
CA VAL B 352 52.47 34.34 17.64
C VAL B 352 52.79 33.92 16.21
N GLN B 353 53.22 32.66 16.03
CA GLN B 353 53.53 32.17 14.70
C GLN B 353 52.30 32.15 13.81
N ASP B 354 51.16 31.72 14.35
CA ASP B 354 49.93 31.69 13.57
C ASP B 354 49.49 33.10 13.16
N ALA B 355 49.59 34.06 14.09
CA ALA B 355 49.25 35.44 13.77
C ALA B 355 50.18 36.01 12.71
N MET B 356 51.47 35.71 12.82
CA MET B 356 52.43 36.18 11.82
C MET B 356 52.12 35.58 10.45
N GLU B 357 51.79 34.28 10.42
CA GLU B 357 51.45 33.64 9.15
C GLU B 357 50.19 34.24 8.54
N LEU B 358 49.17 34.51 9.36
CA LEU B 358 47.94 35.10 8.85
C LEU B 358 48.19 36.51 8.32
N VAL B 359 48.97 37.32 9.05
CA VAL B 359 49.27 38.67 8.59
C VAL B 359 50.07 38.64 7.30
N ALA B 360 51.07 37.75 7.21
CA ALA B 360 51.88 37.64 6.01
C ALA B 360 51.03 37.18 4.82
N ARG B 361 50.12 36.22 5.05
CA ARG B 361 49.24 35.79 3.99
C ARG B 361 48.33 36.91 3.53
N ALA B 362 47.81 37.70 4.47
CA ALA B 362 46.99 38.86 4.10
C ALA B 362 47.78 39.86 3.28
N VAL B 363 49.02 40.14 3.69
CA VAL B 363 49.85 41.10 2.96
C VAL B 363 50.17 40.57 1.57
N ALA B 364 50.53 39.30 1.46
CA ALA B 364 50.85 38.73 0.15
C ALA B 364 49.64 38.69 -0.77
N THR B 365 48.46 38.34 -0.23
CA THR B 365 47.26 38.33 -1.04
C THR B 365 46.89 39.74 -1.51
N ALA B 366 47.03 40.73 -0.62
CA ALA B 366 46.78 42.11 -1.04
C ALA B 366 47.81 42.60 -2.04
N THR B 367 49.04 42.08 -1.96
CA THR B 367 50.08 42.48 -2.91
C THR B 367 49.88 41.83 -4.26
N MET B 368 49.29 40.64 -4.30
CA MET B 368 49.07 39.96 -5.57
C MET B 368 48.18 40.75 -6.52
N ILE B 369 47.37 41.66 -5.99
CA ILE B 369 46.52 42.52 -6.80
C ILE B 369 46.94 43.97 -6.73
N GLN B 370 47.36 44.44 -5.55
CA GLN B 370 47.83 45.81 -5.35
C GLN B 370 49.15 45.78 -4.60
N PRO B 371 50.24 45.37 -5.26
CA PRO B 371 51.54 45.33 -4.57
C PRO B 371 51.99 46.67 -4.04
N GLU B 372 51.76 47.74 -4.79
CA GLU B 372 52.13 49.07 -4.31
C GLU B 372 51.32 49.45 -3.07
N LEU B 373 50.03 49.12 -3.07
CA LEU B 373 49.20 49.41 -1.90
C LEU B 373 49.57 48.52 -0.72
N ALA B 374 49.69 47.21 -0.95
CA ALA B 374 49.93 46.29 0.16
C ALA B 374 51.30 46.52 0.80
N LEU B 375 52.34 46.68 -0.02
CA LEU B 375 53.69 46.80 0.53
C LEU B 375 53.93 48.19 1.12
N ILE B 376 53.76 49.24 0.31
CA ILE B 376 53.98 50.61 0.76
C ILE B 376 52.79 51.07 1.59
N PRO B 377 52.99 51.47 2.83
CA PRO B 377 51.86 51.96 3.64
C PRO B 377 51.35 53.30 3.12
N SER B 378 50.09 53.58 3.45
CA SER B 378 49.47 54.81 2.99
C SER B 378 49.96 56.04 3.75
N THR B 379 50.27 55.89 5.04
CA THR B 379 50.65 57.02 5.89
C THR B 379 52.10 57.39 5.60
N MET B 380 52.30 58.41 4.75
CA MET B 380 53.64 58.92 4.48
C MET B 380 54.08 59.96 5.49
N ASN B 381 53.18 60.40 6.37
CA ASN B 381 53.51 61.35 7.43
C ASN B 381 52.67 61.05 8.65
N CYS B 382 53.28 61.20 9.84
CA CYS B 382 52.56 60.92 11.07
C CYS B 382 51.49 61.97 11.35
N MET B 383 51.75 63.22 10.97
CA MET B 383 50.83 64.32 11.23
C MET B 383 49.86 64.57 10.09
N GLU B 384 49.94 63.81 8.99
CA GLU B 384 49.07 63.98 7.84
C GLU B 384 48.22 62.72 7.69
N VAL B 385 46.90 62.87 7.85
CA VAL B 385 45.95 61.78 7.66
C VAL B 385 45.47 61.87 6.21
N GLU B 386 45.93 60.92 5.39
CA GLU B 386 45.62 60.97 3.96
C GLU B 386 44.15 60.64 3.73
N THR B 387 43.47 61.53 3.02
CA THR B 387 42.08 61.28 2.62
C THR B 387 42.01 60.62 1.24
N THR B 388 42.74 59.53 1.08
CA THR B 388 42.74 58.81 -0.18
C THR B 388 41.47 57.99 -0.33
N ASN B 389 41.17 57.63 -1.58
CA ASN B 389 40.01 56.78 -1.84
C ASN B 389 40.16 55.42 -1.19
N LEU B 390 41.35 54.83 -1.29
CA LEU B 390 41.63 53.52 -0.72
C LEU B 390 42.99 53.58 -0.04
N THR B 391 43.01 53.48 1.29
CA THR B 391 44.25 53.49 2.03
C THR B 391 44.91 52.12 2.02
N SER B 392 46.25 52.13 2.06
CA SER B 392 47.00 50.89 2.12
C SER B 392 46.69 50.12 3.39
N GLY B 393 46.64 50.82 4.53
CA GLY B 393 46.29 50.16 5.78
C GLY B 393 44.87 49.63 5.76
N GLN B 394 43.97 50.31 5.07
CA GLN B 394 42.62 49.79 4.89
C GLN B 394 42.65 48.47 4.11
N TYR B 395 43.49 48.40 3.07
CA TYR B 395 43.62 47.16 2.31
C TYR B 395 44.18 46.03 3.19
N LEU B 396 45.19 46.35 3.99
CA LEU B 396 45.75 45.34 4.90
C LEU B 396 44.71 44.88 5.92
N SER B 397 43.91 45.81 6.44
CA SER B 397 42.85 45.46 7.38
C SER B 397 41.78 44.59 6.72
N ARG B 398 41.39 44.90 5.49
CA ARG B 398 40.43 44.06 4.78
C ARG B 398 40.99 42.66 4.56
N PHE B 399 42.26 42.58 4.16
CA PHE B 399 42.87 41.28 3.95
C PHE B 399 42.94 40.48 5.25
N LEU B 400 43.26 41.15 6.36
CA LEU B 400 43.28 40.48 7.66
C LEU B 400 41.88 40.02 8.06
N ALA B 401 40.87 40.85 7.81
CA ALA B 401 39.50 40.49 8.14
C ALA B 401 39.00 39.35 7.28
N ASN B 402 39.56 39.18 6.09
CA ASN B 402 39.20 38.07 5.21
C ASN B 402 40.17 36.90 5.32
N THR B 403 41.13 36.96 6.24
CA THR B 403 42.17 35.94 6.32
C THR B 403 41.74 34.80 7.25
N THR B 404 41.80 33.57 6.72
CA THR B 404 41.60 32.37 7.49
C THR B 404 42.78 31.44 7.24
N PHE B 405 43.40 30.96 8.32
CA PHE B 405 44.61 30.14 8.21
C PHE B 405 44.53 28.98 9.19
N ARG B 406 45.38 28.00 8.97
CA ARG B 406 45.45 26.80 9.81
C ARG B 406 46.83 26.75 10.46
N GLY B 407 46.94 27.37 11.64
CA GLY B 407 48.18 27.35 12.40
C GLY B 407 48.34 26.05 13.17
N LEU B 408 49.47 25.95 13.86
CA LEU B 408 49.76 24.75 14.64
C LEU B 408 48.78 24.60 15.80
N SER B 409 48.42 25.71 16.45
CA SER B 409 47.53 25.67 17.60
C SER B 409 46.07 25.44 17.23
N GLY B 410 45.73 25.50 15.94
CA GLY B 410 44.35 25.32 15.52
C GLY B 410 44.02 26.07 14.25
N SER B 411 42.79 26.54 14.12
CA SER B 411 42.36 27.32 12.96
C SER B 411 42.11 28.76 13.39
N ILE B 412 42.81 29.70 12.76
CA ILE B 412 42.66 31.12 13.06
C ILE B 412 41.77 31.74 11.98
N ARG B 413 40.59 32.20 12.38
CA ARG B 413 39.62 32.76 11.47
C ARG B 413 39.22 34.16 11.93
N VAL B 414 39.03 35.05 10.96
CA VAL B 414 38.66 36.43 11.23
C VAL B 414 37.15 36.56 11.08
N LYS B 415 36.46 36.80 12.19
CA LYS B 415 35.01 36.95 12.23
C LYS B 415 34.65 38.37 12.64
N GLY B 416 33.63 38.92 11.97
CA GLY B 416 33.17 40.26 12.27
C GLY B 416 34.16 41.35 11.95
N SER B 417 35.17 41.06 11.11
CA SER B 417 36.24 41.97 10.74
C SER B 417 37.05 42.47 11.94
N THR B 418 36.82 41.91 13.12
CA THR B 418 37.53 42.35 14.31
C THR B 418 38.05 41.21 15.19
N ILE B 419 37.51 40.01 15.14
CA ILE B 419 37.86 38.95 16.08
C ILE B 419 38.69 37.89 15.34
N VAL B 420 39.93 37.72 15.78
CA VAL B 420 40.79 36.66 15.26
C VAL B 420 40.64 35.49 16.22
N SER B 421 39.65 34.64 15.95
CA SER B 421 39.34 33.52 16.83
C SER B 421 40.14 32.30 16.42
N SER B 422 40.80 31.68 17.40
CA SER B 422 41.64 30.51 17.18
C SER B 422 40.91 29.30 17.77
N GLU B 423 40.19 28.60 16.90
CA GLU B 423 39.55 27.34 17.29
C GLU B 423 40.60 26.25 17.35
N ASN B 424 40.99 25.86 18.58
CA ASN B 424 42.06 24.91 18.75
C ASN B 424 41.59 23.49 18.40
N ASN B 425 42.38 22.80 17.58
CA ASN B 425 42.07 21.42 17.26
C ASN B 425 42.18 20.55 18.51
N PHE B 426 41.33 19.54 18.58
CA PHE B 426 41.27 18.66 19.73
C PHE B 426 41.30 17.21 19.28
N PHE B 427 41.69 16.33 20.20
CA PHE B 427 41.72 14.90 19.97
C PHE B 427 40.78 14.21 20.93
N ILE B 428 39.92 13.35 20.38
CA ILE B 428 39.00 12.53 21.17
C ILE B 428 39.48 11.10 21.10
N TRP B 429 39.65 10.47 22.26
CA TRP B 429 40.16 9.11 22.34
C TRP B 429 39.20 8.24 23.12
N ASN B 430 39.35 6.92 22.96
CA ASN B 430 38.59 5.94 23.71
C ASN B 430 39.54 5.00 24.42
N LEU B 431 39.13 4.52 25.58
CA LEU B 431 39.96 3.64 26.40
C LEU B 431 39.93 2.24 25.79
N GLN B 432 40.93 1.92 24.98
CA GLN B 432 41.03 0.64 24.32
C GLN B 432 42.45 0.12 24.44
N HIS B 433 42.59 -1.20 24.37
CA HIS B 433 43.89 -1.84 24.56
C HIS B 433 44.82 -1.53 23.39
N ASP B 434 46.11 -1.43 23.70
CA ASP B 434 47.14 -1.20 22.71
C ASP B 434 47.52 -2.52 22.05
N PRO B 435 48.49 -2.50 21.13
CA PRO B 435 48.87 -3.76 20.44
C PRO B 435 49.34 -4.84 21.39
N MET B 436 50.01 -4.49 22.48
CA MET B 436 50.46 -5.48 23.46
C MET B 436 49.37 -5.87 24.45
N GLY B 437 48.21 -5.21 24.40
CA GLY B 437 47.10 -5.51 25.28
C GLY B 437 46.96 -4.58 26.46
N LYS B 438 48.02 -3.86 26.82
CA LYS B 438 47.93 -2.91 27.92
C LYS B 438 47.04 -1.73 27.54
N PRO B 439 46.32 -1.16 28.49
CA PRO B 439 45.45 -0.02 28.17
C PRO B 439 46.25 1.16 27.67
N MET B 440 45.65 1.92 26.76
CA MET B 440 46.30 3.10 26.18
C MET B 440 45.22 4.03 25.63
N TRP B 441 45.61 5.28 25.41
CA TRP B 441 44.70 6.29 24.89
C TRP B 441 44.81 6.32 23.37
N THR B 442 43.97 5.53 22.70
CA THR B 442 43.92 5.48 21.25
C THR B 442 42.92 6.52 20.75
N ARG B 443 43.40 7.46 19.94
CA ARG B 443 42.57 8.57 19.49
C ARG B 443 41.45 8.05 18.59
N LEU B 444 40.21 8.13 19.09
CA LEU B 444 39.06 7.73 18.28
C LEU B 444 38.84 8.68 17.12
N GLY B 445 39.34 9.90 17.23
CA GLY B 445 39.24 10.85 16.13
C GLY B 445 39.82 12.19 16.52
N SER B 446 39.80 13.09 15.54
CA SER B 446 40.21 14.48 15.73
C SER B 446 39.01 15.38 15.48
N TRP B 447 38.78 16.32 16.39
CA TRP B 447 37.68 17.26 16.30
C TRP B 447 38.23 18.65 16.03
N GLN B 448 37.72 19.30 14.99
CA GLN B 448 38.10 20.66 14.66
C GLN B 448 36.97 21.33 13.91
N GLY B 449 36.78 22.62 14.19
CA GLY B 449 35.71 23.38 13.55
C GLY B 449 34.32 22.81 13.82
N GLY B 450 34.16 22.10 14.92
CA GLY B 450 32.90 21.45 15.23
C GLY B 450 32.68 20.12 14.55
N LYS B 451 33.63 19.66 13.73
CA LYS B 451 33.50 18.40 13.00
C LYS B 451 34.48 17.39 13.57
N ILE B 452 33.99 16.21 13.91
CA ILE B 452 34.79 15.14 14.49
C ILE B 452 34.96 14.05 13.44
N VAL B 453 36.20 13.83 13.02
CA VAL B 453 36.53 12.83 12.00
C VAL B 453 37.33 11.72 12.67
N MET B 454 36.87 10.49 12.54
CA MET B 454 37.52 9.36 13.17
C MET B 454 38.83 9.04 12.46
N ASP B 455 39.91 8.90 13.23
CA ASP B 455 41.19 8.53 12.66
C ASP B 455 41.18 7.11 12.12
N TYR B 456 40.55 6.18 12.85
CA TYR B 456 40.50 4.79 12.44
C TYR B 456 39.28 4.53 11.55
N SER B 474 16.47 1.65 10.05
CA SER B 474 15.03 1.88 10.08
C SER B 474 14.27 0.60 9.81
N LYS B 475 14.91 -0.54 10.06
CA LYS B 475 14.29 -1.84 9.86
C LYS B 475 14.97 -2.86 10.75
N LEU B 476 14.29 -3.98 10.96
CA LEU B 476 14.80 -5.02 11.83
C LEU B 476 16.00 -5.72 11.20
N HIS B 477 16.82 -6.32 12.06
CA HIS B 477 18.03 -7.02 11.65
C HIS B 477 18.03 -8.40 12.29
N LEU B 478 18.21 -9.44 11.49
CA LEU B 478 18.08 -10.80 12.00
C LEU B 478 18.74 -11.77 11.05
N ARG B 479 19.03 -12.96 11.56
CA ARG B 479 19.65 -14.03 10.80
C ARG B 479 18.62 -14.98 10.23
N VAL B 480 19.02 -15.72 9.20
CA VAL B 480 18.26 -16.84 8.67
C VAL B 480 19.24 -17.94 8.33
N VAL B 481 18.91 -19.18 8.65
CA VAL B 481 19.80 -20.32 8.46
C VAL B 481 19.16 -21.30 7.49
N THR B 482 19.97 -21.90 6.60
CA THR B 482 19.40 -22.65 5.48
C THR B 482 20.35 -23.73 5.01
N LEU B 483 20.06 -24.29 3.82
CA LEU B 483 20.72 -25.48 3.30
C LEU B 483 21.03 -25.34 1.82
N ILE B 484 21.46 -26.46 1.24
CA ILE B 484 21.88 -26.52 -0.15
C ILE B 484 21.22 -27.75 -0.77
N GLU B 485 20.05 -27.56 -1.40
CA GLU B 485 19.42 -28.65 -2.14
C GLU B 485 18.80 -28.08 -3.40
N HIS B 486 19.36 -28.44 -4.55
CA HIS B 486 18.90 -27.88 -5.79
C HIS B 486 17.43 -28.22 -6.00
N PRO B 487 16.62 -27.32 -6.56
CA PRO B 487 16.92 -25.99 -7.02
C PRO B 487 16.34 -25.04 -6.05
N PHE B 488 16.38 -25.33 -4.76
CA PHE B 488 15.84 -24.36 -3.81
C PHE B 488 16.89 -23.31 -3.44
N VAL B 489 18.10 -23.73 -3.11
CA VAL B 489 19.13 -22.80 -2.68
C VAL B 489 20.48 -23.13 -3.31
N PHE B 490 20.86 -22.45 -4.38
CA PHE B 490 22.06 -22.79 -5.12
C PHE B 490 23.30 -22.28 -4.39
N THR B 491 24.46 -22.36 -5.05
CA THR B 491 25.71 -21.80 -4.56
C THR B 491 26.45 -21.16 -5.72
N ARG B 492 27.03 -19.98 -5.50
CA ARG B 492 27.75 -19.29 -6.55
C ARG B 492 29.09 -18.84 -6.00
N GLU B 493 30.14 -19.08 -6.77
CA GLU B 493 31.48 -18.80 -6.28
C GLU B 493 31.70 -17.30 -6.22
N VAL B 494 32.48 -16.86 -5.24
CA VAL B 494 32.52 -15.46 -4.82
C VAL B 494 33.11 -14.59 -5.91
N ASP B 495 32.99 -13.28 -5.71
CA ASP B 495 33.34 -12.29 -6.71
C ASP B 495 34.85 -12.14 -6.75
N ASP B 496 35.35 -11.08 -7.41
CA ASP B 496 36.75 -10.73 -7.23
C ASP B 496 37.00 -10.22 -5.82
N GLU B 497 36.09 -9.40 -5.29
CA GLU B 497 36.17 -8.93 -3.92
C GLU B 497 34.98 -9.34 -3.07
N GLY B 498 33.89 -9.81 -3.69
CA GLY B 498 32.76 -10.34 -2.94
C GLY B 498 31.60 -9.41 -2.66
N LEU B 499 30.99 -8.83 -3.71
CA LEU B 499 29.78 -8.05 -3.53
C LEU B 499 28.50 -8.77 -3.93
N CYS B 500 28.59 -9.94 -4.57
CA CYS B 500 27.42 -10.61 -5.14
C CYS B 500 26.60 -9.74 -6.08
N PRO B 501 27.03 -9.50 -7.30
CA PRO B 501 26.08 -9.07 -8.31
C PRO B 501 24.99 -10.13 -8.44
N ALA B 502 23.76 -9.75 -8.07
CA ALA B 502 22.60 -10.64 -8.12
C ALA B 502 22.84 -11.90 -7.28
N GLY B 503 22.91 -11.66 -5.98
CA GLY B 503 22.97 -12.72 -5.00
C GLY B 503 22.94 -12.14 -3.62
N GLN B 504 22.93 -13.02 -2.61
CA GLN B 504 23.05 -12.58 -1.24
C GLN B 504 24.36 -13.12 -0.66
N LEU B 505 25.02 -12.29 0.14
CA LEU B 505 26.34 -12.64 0.66
C LEU B 505 26.14 -13.64 1.78
N CYS B 506 26.68 -14.84 1.64
CA CYS B 506 26.48 -15.84 2.67
C CYS B 506 27.80 -16.37 3.16
N LEU B 507 27.77 -16.90 4.39
CA LEU B 507 28.97 -17.27 5.13
C LEU B 507 28.88 -18.70 5.62
N ASP B 508 29.98 -19.44 5.52
CA ASP B 508 30.00 -20.83 5.97
C ASP B 508 30.81 -20.97 7.25
N PRO B 509 30.16 -21.23 8.38
CA PRO B 509 30.89 -21.34 9.64
C PRO B 509 31.59 -22.67 9.81
N MET B 510 30.91 -23.74 9.39
CA MET B 510 31.37 -25.10 9.65
C MET B 510 31.55 -25.36 11.15
N THR B 511 30.64 -24.81 11.96
CA THR B 511 30.75 -24.97 13.41
C THR B 511 29.42 -24.63 14.07
N ASN B 512 29.00 -25.47 15.01
CA ASN B 512 27.75 -25.27 15.74
C ASN B 512 28.00 -24.56 17.07
N ASP B 513 28.62 -23.38 17.00
CA ASP B 513 28.91 -22.59 18.19
C ASP B 513 28.36 -21.20 18.02
N SER B 514 27.55 -20.75 18.98
CA SER B 514 26.85 -19.48 18.84
C SER B 514 27.81 -18.30 18.92
N SER B 515 28.69 -18.31 19.92
CA SER B 515 29.60 -17.19 20.11
C SER B 515 30.51 -17.02 18.92
N THR B 516 30.97 -18.14 18.33
CA THR B 516 31.83 -18.05 17.14
C THR B 516 31.05 -17.31 16.05
N LEU B 517 29.80 -17.69 15.81
CA LEU B 517 29.02 -17.03 14.77
C LEU B 517 28.83 -15.55 15.06
N ASP B 518 28.52 -15.21 16.31
CA ASP B 518 28.33 -13.80 16.63
C ASP B 518 29.61 -13.01 16.36
N SER B 519 30.74 -13.63 16.71
CA SER B 519 32.07 -13.04 16.47
C SER B 519 32.24 -12.78 14.98
N LEU B 520 31.93 -13.80 14.17
CA LEU B 520 32.06 -13.68 12.72
C LEU B 520 31.16 -12.59 12.17
N PHE B 521 29.92 -12.50 12.65
CA PHE B 521 29.02 -11.45 12.17
C PHE B 521 29.57 -10.08 12.49
N SER B 522 30.03 -9.89 13.73
CA SER B 522 30.60 -8.61 14.10
C SER B 522 31.81 -8.28 13.23
N SER B 523 32.65 -9.27 12.96
CA SER B 523 33.79 -9.06 12.07
C SER B 523 33.32 -8.71 10.66
N LEU B 524 32.20 -9.28 10.22
CA LEU B 524 31.76 -9.10 8.85
C LEU B 524 31.18 -7.71 8.64
N HIS B 525 30.12 -7.38 9.37
CA HIS B 525 29.54 -6.04 9.31
C HIS B 525 30.30 -5.15 10.28
N SER B 526 31.40 -4.59 9.80
CA SER B 526 32.21 -3.65 10.56
C SER B 526 33.14 -2.93 9.59
N SER B 527 33.95 -2.02 10.15
CA SER B 527 34.97 -1.31 9.39
C SER B 527 36.29 -2.05 9.37
N ASN B 528 36.36 -3.25 9.96
CA ASN B 528 37.58 -4.05 9.97
C ASN B 528 37.14 -5.51 9.89
N ASP B 529 37.21 -6.08 8.69
CA ASP B 529 36.82 -7.46 8.45
C ASP B 529 38.04 -8.37 8.36
N THR B 530 37.85 -9.61 8.78
CA THR B 530 38.91 -10.63 8.70
C THR B 530 38.24 -11.99 8.61
N VAL B 531 38.32 -12.61 7.44
CA VAL B 531 37.69 -13.91 7.21
C VAL B 531 38.38 -14.57 6.03
N PRO B 532 38.73 -15.86 6.12
CA PRO B 532 39.23 -16.56 4.93
C PRO B 532 38.19 -16.53 3.82
N ILE B 533 38.66 -16.35 2.58
CA ILE B 533 37.73 -16.25 1.47
C ILE B 533 36.91 -17.51 1.33
N LYS B 534 37.46 -18.65 1.73
CA LYS B 534 36.74 -19.91 1.64
C LYS B 534 35.42 -19.87 2.39
N PHE B 535 35.32 -19.07 3.46
CA PHE B 535 34.10 -19.05 4.24
C PHE B 535 32.98 -18.29 3.56
N LYS B 536 33.26 -17.53 2.50
CA LYS B 536 32.27 -16.69 1.87
C LYS B 536 31.78 -17.31 0.57
N LYS B 537 30.50 -17.09 0.27
CA LYS B 537 29.87 -17.63 -0.91
C LYS B 537 28.76 -16.68 -1.31
N CYS B 538 28.13 -16.93 -2.46
CA CYS B 538 27.07 -16.07 -2.92
C CYS B 538 25.84 -16.95 -3.15
N CYS B 539 24.84 -16.80 -2.31
CA CYS B 539 23.68 -17.69 -2.30
C CYS B 539 22.56 -17.07 -3.11
N TYR B 540 21.86 -17.88 -3.89
CA TYR B 540 20.82 -17.40 -4.80
C TYR B 540 19.98 -18.57 -5.25
N GLY B 541 18.76 -18.26 -5.64
CA GLY B 541 17.88 -19.32 -6.11
C GLY B 541 16.42 -18.98 -5.87
N TYR B 542 15.63 -20.02 -5.64
CA TYR B 542 14.19 -19.91 -5.45
C TYR B 542 13.80 -19.40 -4.07
N CYS B 543 14.14 -20.18 -3.05
CA CYS B 543 13.68 -19.84 -1.71
C CYS B 543 14.24 -18.50 -1.28
N ILE B 544 15.50 -18.22 -1.61
CA ILE B 544 16.07 -16.91 -1.30
C ILE B 544 15.33 -15.80 -2.01
N ASP B 545 14.90 -16.06 -3.25
CA ASP B 545 14.07 -15.08 -3.94
C ASP B 545 12.81 -14.76 -3.15
N LEU B 546 12.09 -15.79 -2.72
CA LEU B 546 10.86 -15.49 -2.00
C LEU B 546 11.14 -14.85 -0.65
N LEU B 547 12.27 -15.18 -0.03
CA LEU B 547 12.63 -14.48 1.20
C LEU B 547 12.91 -13.01 0.92
N GLU B 548 13.51 -12.71 -0.23
CA GLU B 548 13.74 -11.32 -0.57
C GLU B 548 12.43 -10.58 -0.75
N LYS B 549 11.46 -11.24 -1.37
CA LYS B 549 10.13 -10.58 -1.53
C LYS B 549 9.59 -10.32 -0.13
N ILE B 550 9.66 -11.27 0.80
CA ILE B 550 9.06 -10.93 2.13
C ILE B 550 9.89 -9.84 2.84
N ALA B 551 11.23 -9.86 2.73
CA ALA B 551 11.98 -8.80 3.39
C ALA B 551 11.58 -7.44 2.86
N GLU B 552 11.33 -7.35 1.55
CA GLU B 552 10.81 -6.10 1.01
C GLU B 552 9.45 -5.78 1.62
N ASP B 553 8.54 -6.76 1.64
CA ASP B 553 7.22 -6.49 2.17
C ASP B 553 7.23 -6.30 3.69
N MET B 554 8.12 -6.99 4.37
CA MET B 554 8.21 -6.93 5.83
C MET B 554 9.21 -5.88 6.32
N ASN B 555 9.94 -5.23 5.42
CA ASN B 555 10.79 -4.08 5.77
C ASN B 555 11.79 -4.44 6.87
N PHE B 556 12.69 -5.35 6.54
CA PHE B 556 13.78 -5.69 7.45
C PHE B 556 14.89 -6.34 6.64
N ASP B 557 16.13 -6.07 7.04
CA ASP B 557 17.25 -6.66 6.33
C ASP B 557 17.54 -8.04 6.92
N PHE B 558 18.53 -8.73 6.35
CA PHE B 558 18.82 -10.06 6.83
C PHE B 558 20.23 -10.46 6.44
N ASP B 559 20.85 -11.28 7.28
CA ASP B 559 22.07 -11.97 6.92
C ASP B 559 21.69 -13.37 6.45
N LEU B 560 22.69 -14.21 6.22
CA LEU B 560 22.41 -15.59 5.78
C LEU B 560 23.66 -16.44 5.91
N TYR B 561 23.56 -17.60 6.54
CA TYR B 561 24.72 -18.45 6.68
C TYR B 561 24.32 -19.91 6.57
N ILE B 562 25.09 -20.67 5.78
CA ILE B 562 24.84 -22.08 5.61
C ILE B 562 24.92 -22.79 6.95
N VAL B 563 24.10 -23.82 7.13
CA VAL B 563 24.06 -24.57 8.38
C VAL B 563 25.39 -25.26 8.56
N GLY B 564 25.66 -25.76 9.76
CA GLY B 564 26.93 -26.39 10.01
C GLY B 564 27.18 -27.61 9.15
N ASP B 565 26.18 -28.47 9.01
CA ASP B 565 26.43 -29.79 8.43
C ASP B 565 25.46 -30.23 7.35
N GLY B 566 24.28 -29.64 7.26
CA GLY B 566 23.34 -30.04 6.22
C GLY B 566 22.77 -31.42 6.46
N LYS B 567 22.09 -31.60 7.60
CA LYS B 567 21.54 -32.90 7.96
C LYS B 567 20.08 -32.82 8.40
N TYR B 568 19.40 -31.74 8.06
CA TYR B 568 17.98 -31.58 8.45
C TYR B 568 17.87 -31.71 9.97
N GLY B 569 16.70 -32.10 10.46
CA GLY B 569 16.47 -32.16 11.89
C GLY B 569 15.93 -33.50 12.38
N ALA B 570 16.74 -34.17 13.19
CA ALA B 570 16.39 -35.50 13.69
C ALA B 570 16.79 -35.61 15.15
N TRP B 571 16.13 -36.53 15.85
CA TRP B 571 16.46 -36.80 17.24
C TRP B 571 17.59 -37.81 17.32
N LYS B 572 18.49 -37.60 18.28
CA LYS B 572 19.63 -38.49 18.45
C LYS B 572 20.27 -38.23 19.80
N ASN B 573 20.60 -39.33 20.51
CA ASN B 573 21.26 -39.26 21.82
C ASN B 573 20.50 -38.34 22.77
N GLY B 574 19.19 -38.22 22.58
CA GLY B 574 18.42 -37.27 23.33
C GLY B 574 18.49 -35.85 22.82
N HIS B 575 19.17 -35.61 21.70
CA HIS B 575 19.47 -34.26 21.25
C HIS B 575 18.78 -33.99 19.92
N TRP B 576 19.10 -32.84 19.34
CA TRP B 576 18.71 -32.48 18.00
C TRP B 576 19.95 -32.26 17.14
N THR B 577 19.75 -31.78 15.93
CA THR B 577 20.85 -31.45 15.05
C THR B 577 20.32 -30.61 13.89
N GLY B 578 21.22 -30.22 13.01
CA GLY B 578 20.84 -29.52 11.79
C GLY B 578 20.13 -28.22 12.07
N LEU B 579 19.11 -27.93 11.24
CA LEU B 579 18.36 -26.69 11.40
C LEU B 579 17.90 -26.52 12.83
N VAL B 580 17.12 -27.46 13.33
CA VAL B 580 16.60 -27.33 14.68
C VAL B 580 17.73 -27.36 15.68
N GLY B 581 18.78 -28.14 15.40
CA GLY B 581 19.91 -28.21 16.32
C GLY B 581 20.52 -26.85 16.58
N ASP B 582 20.62 -26.02 15.54
CA ASP B 582 21.12 -24.67 15.68
C ASP B 582 20.03 -23.64 15.91
N LEU B 583 18.76 -24.05 15.90
CA LEU B 583 17.68 -23.10 16.13
C LEU B 583 17.15 -23.12 17.56
N LEU B 584 16.79 -24.29 18.08
CA LEU B 584 16.29 -24.36 19.45
C LEU B 584 17.38 -24.04 20.47
N ARG B 585 18.63 -24.00 19.99
CA ARG B 585 19.79 -23.63 20.84
C ARG B 585 19.79 -22.11 21.02
N GLY B 586 18.73 -21.43 20.57
CA GLY B 586 18.62 -19.99 20.68
C GLY B 586 19.65 -19.21 19.90
N THR B 587 19.89 -19.59 18.64
CA THR B 587 20.92 -18.96 17.83
C THR B 587 20.35 -18.13 16.69
N ALA B 588 19.55 -18.74 15.82
CA ALA B 588 19.05 -18.07 14.63
C ALA B 588 17.66 -17.51 14.87
N HIS B 589 16.99 -17.10 13.80
CA HIS B 589 15.64 -16.52 13.95
C HIS B 589 14.67 -17.03 12.88
N MET B 590 15.20 -17.67 11.83
CA MET B 590 14.34 -18.16 10.75
C MET B 590 14.93 -19.46 10.22
N ALA B 591 14.25 -20.04 9.23
CA ALA B 591 14.76 -21.22 8.54
C ALA B 591 14.03 -21.33 7.22
N VAL B 592 14.76 -21.14 6.12
CA VAL B 592 14.15 -21.16 4.80
C VAL B 592 14.91 -22.15 3.92
N THR B 593 14.21 -23.15 3.44
CA THR B 593 14.80 -24.25 2.68
C THR B 593 13.76 -25.25 2.23
N SER B 594 14.21 -26.21 1.45
CA SER B 594 13.48 -27.46 1.39
C SER B 594 13.43 -28.04 2.79
N PHE B 595 12.23 -28.23 3.34
CA PHE B 595 12.10 -28.62 4.74
C PHE B 595 10.70 -29.21 4.94
N SER B 596 10.63 -30.50 5.24
CA SER B 596 9.34 -31.15 5.38
C SER B 596 8.67 -30.71 6.67
N ILE B 597 7.43 -31.18 6.87
CA ILE B 597 6.75 -31.04 8.16
C ILE B 597 6.00 -32.32 8.46
N ASN B 598 6.20 -32.87 9.66
CA ASN B 598 5.39 -33.98 10.13
C ASN B 598 5.68 -34.25 11.60
N THR B 599 4.61 -34.40 12.38
CA THR B 599 4.67 -34.84 13.77
C THR B 599 5.80 -34.24 14.60
N ALA B 600 6.94 -34.92 14.62
CA ALA B 600 7.97 -34.64 15.61
C ALA B 600 8.47 -33.20 15.49
N ARG B 601 8.83 -32.77 14.28
CA ARG B 601 9.26 -31.40 14.10
C ARG B 601 8.13 -30.43 14.40
N SER B 602 6.90 -30.78 14.04
CA SER B 602 5.77 -29.89 14.23
C SER B 602 5.37 -29.75 15.70
N GLN B 603 5.93 -30.57 16.58
CA GLN B 603 5.61 -30.47 17.99
C GLN B 603 6.59 -29.58 18.74
N VAL B 604 7.90 -29.82 18.55
CA VAL B 604 8.89 -29.07 19.31
C VAL B 604 8.89 -27.61 18.90
N ILE B 605 8.73 -27.33 17.61
CA ILE B 605 8.75 -25.96 17.11
C ILE B 605 7.62 -25.77 16.11
N ASP B 606 7.28 -24.51 15.87
CA ASP B 606 6.13 -24.16 15.05
C ASP B 606 6.45 -24.30 13.56
N PHE B 607 5.41 -24.14 12.74
CA PHE B 607 5.53 -24.16 11.30
C PHE B 607 4.40 -23.35 10.70
N THR B 608 4.64 -22.78 9.54
CA THR B 608 3.68 -21.93 8.87
C THR B 608 2.89 -22.72 7.84
N SER B 609 2.12 -22.02 7.03
CA SER B 609 1.31 -22.68 6.03
C SER B 609 2.21 -23.26 4.94
N PRO B 610 1.75 -24.30 4.25
CA PRO B 610 2.55 -24.83 3.16
C PRO B 610 2.55 -23.89 1.96
N PHE B 611 3.61 -23.99 1.16
CA PHE B 611 3.68 -23.23 -0.09
C PHE B 611 4.19 -24.09 -1.24
N PHE B 612 3.94 -25.39 -1.19
CA PHE B 612 4.34 -26.31 -2.25
C PHE B 612 3.75 -27.69 -2.00
N SER B 613 3.38 -28.40 -3.04
CA SER B 613 2.65 -29.66 -2.90
C SER B 613 3.39 -30.78 -3.59
N THR B 614 4.05 -31.62 -2.82
CA THR B 614 4.97 -32.61 -3.29
C THR B 614 4.33 -33.98 -3.42
N SER B 615 5.16 -34.99 -3.60
CA SER B 615 4.79 -36.41 -3.61
C SER B 615 6.09 -37.20 -3.49
N LEU B 616 6.00 -38.52 -3.65
CA LEU B 616 7.19 -39.35 -3.71
C LEU B 616 7.21 -40.11 -5.03
N GLY B 617 8.04 -39.68 -5.97
CA GLY B 617 8.22 -40.39 -7.22
C GLY B 617 9.48 -41.22 -7.16
N ILE B 618 9.50 -42.27 -7.96
CA ILE B 618 10.66 -43.15 -8.03
C ILE B 618 11.30 -43.02 -9.39
N LEU B 619 12.61 -43.27 -9.43
CA LEU B 619 13.42 -42.96 -10.59
C LEU B 619 14.14 -44.21 -11.08
N VAL B 620 14.08 -44.44 -12.39
CA VAL B 620 14.69 -45.60 -13.04
C VAL B 620 15.28 -45.16 -14.37
N ARG B 621 16.45 -45.70 -14.70
CA ARG B 621 17.11 -45.36 -15.95
C ARG B 621 16.23 -45.76 -17.12
N THR B 622 16.07 -44.85 -18.07
CA THR B 622 15.13 -45.03 -19.15
C THR B 622 15.85 -45.33 -20.45
N ARG B 623 15.07 -45.40 -21.54
CA ARG B 623 15.59 -45.60 -22.89
C ARG B 623 16.40 -46.89 -22.99
N ASP B 624 15.74 -48.00 -22.62
CA ASP B 624 16.36 -49.30 -22.81
C ASP B 624 16.48 -49.63 -24.30
N THR B 625 15.56 -49.12 -25.12
CA THR B 625 15.57 -49.32 -26.56
C THR B 625 15.62 -50.80 -26.94
N TRP B 703 -1.02 -76.68 -67.52
CA TRP B 703 -2.07 -76.38 -66.55
C TRP B 703 -1.53 -76.45 -65.12
N THR B 704 -1.12 -77.66 -64.71
CA THR B 704 -0.60 -77.84 -63.37
C THR B 704 0.70 -77.05 -63.17
N GLY B 705 1.59 -77.08 -64.16
CA GLY B 705 2.83 -76.34 -64.06
C GLY B 705 2.59 -74.84 -63.99
N ARG B 706 1.68 -74.33 -64.84
CA ARG B 706 1.36 -72.90 -64.82
C ARG B 706 0.76 -72.49 -63.48
N PHE B 707 -0.16 -73.31 -62.94
CA PHE B 707 -0.76 -72.99 -61.65
C PHE B 707 0.29 -73.00 -60.54
N LEU B 708 1.19 -73.99 -60.55
CA LEU B 708 2.23 -74.04 -59.54
C LEU B 708 3.15 -72.83 -59.62
N MET B 709 3.55 -72.45 -60.85
CA MET B 709 4.41 -71.30 -61.02
C MET B 709 3.73 -70.02 -60.55
N ASN B 710 2.45 -69.85 -60.89
CA ASN B 710 1.72 -68.66 -60.47
C ASN B 710 1.61 -68.60 -58.96
N LEU B 711 1.28 -69.72 -58.32
CA LEU B 711 1.17 -69.74 -56.87
C LEU B 711 2.50 -69.42 -56.22
N TRP B 712 3.59 -70.01 -56.72
CA TRP B 712 4.91 -69.74 -56.15
C TRP B 712 5.29 -68.28 -56.29
N ALA B 713 5.06 -67.69 -57.47
CA ALA B 713 5.43 -66.30 -57.68
C ALA B 713 4.61 -65.37 -56.80
N ILE B 714 3.30 -65.61 -56.70
CA ILE B 714 2.45 -64.77 -55.87
C ILE B 714 2.87 -64.87 -54.41
N PHE B 715 3.14 -66.09 -53.94
CA PHE B 715 3.55 -66.28 -52.55
C PHE B 715 4.88 -65.58 -52.28
N CYS B 716 5.84 -65.70 -53.20
CA CYS B 716 7.13 -65.04 -53.01
C CYS B 716 6.97 -63.53 -52.97
N MET B 717 6.16 -62.97 -53.87
CA MET B 717 5.96 -61.53 -53.87
C MET B 717 5.30 -61.05 -52.59
N PHE B 718 4.26 -61.77 -52.14
CA PHE B 718 3.57 -61.38 -50.92
C PHE B 718 4.49 -61.50 -49.72
N CYS B 719 5.31 -62.56 -49.66
CA CYS B 719 6.24 -62.72 -48.55
C CYS B 719 7.28 -61.62 -48.54
N LEU B 720 7.80 -61.25 -49.71
CA LEU B 720 8.76 -60.15 -49.78
C LEU B 720 8.13 -58.85 -49.31
N SER B 721 6.90 -58.57 -49.75
CA SER B 721 6.23 -57.35 -49.32
C SER B 721 5.99 -57.35 -47.81
N THR B 722 5.56 -58.48 -47.26
CA THR B 722 5.32 -58.56 -45.82
C THR B 722 6.61 -58.38 -45.04
N TYR B 723 7.70 -58.97 -45.52
CA TYR B 723 8.99 -58.80 -44.86
C TYR B 723 9.43 -57.34 -44.89
N THR B 724 9.24 -56.67 -46.03
CA THR B 724 9.58 -55.27 -46.12
C THR B 724 8.75 -54.44 -45.15
N ALA B 725 7.45 -54.73 -45.06
CA ALA B 725 6.59 -54.00 -44.13
C ALA B 725 7.02 -54.22 -42.69
N ASN B 726 7.33 -55.47 -42.34
CA ASN B 726 7.76 -55.78 -40.98
C ASN B 726 9.06 -55.06 -40.64
N LEU B 727 10.01 -55.04 -41.57
CA LEU B 727 11.26 -54.33 -41.34
C LEU B 727 11.03 -52.83 -41.20
N ALA B 728 10.14 -52.27 -42.02
CA ALA B 728 9.81 -50.85 -41.90
C ALA B 728 9.22 -50.54 -40.55
N ALA B 729 8.31 -51.38 -40.08
CA ALA B 729 7.71 -51.17 -38.76
C ALA B 729 8.78 -51.29 -37.67
N VAL B 730 9.68 -52.25 -37.79
CA VAL B 730 10.68 -52.49 -36.76
C VAL B 730 11.68 -51.35 -36.69
N MET B 731 12.05 -50.79 -37.85
CA MET B 731 13.03 -49.72 -37.88
C MET B 731 12.41 -48.32 -37.76
N VAL B 732 11.08 -48.20 -37.82
CA VAL B 732 10.44 -46.89 -37.83
C VAL B 732 10.10 -46.36 -36.45
N GLY B 733 10.28 -47.16 -35.39
CA GLY B 733 9.98 -46.69 -34.06
C GLY B 733 10.33 -47.67 -32.97
N GLU B 734 10.81 -47.17 -31.83
CA GLU B 734 11.17 -48.03 -30.70
C GLU B 734 11.26 -47.18 -29.44
N LYS B 735 10.45 -47.52 -28.43
CA LYS B 735 10.51 -46.83 -27.15
C LYS B 735 9.93 -47.77 -26.10
N ILE B 736 10.80 -48.36 -25.28
CA ILE B 736 10.35 -49.34 -24.29
C ILE B 736 10.76 -48.93 -22.87
N TYR B 737 12.07 -48.83 -22.62
CA TYR B 737 12.61 -48.61 -21.28
C TYR B 737 12.12 -49.70 -20.32
N GLU B 738 12.12 -49.40 -19.03
CA GLU B 738 11.53 -50.28 -18.03
C GLU B 738 10.13 -49.78 -17.70
N GLU B 739 9.46 -50.46 -16.77
CA GLU B 739 8.10 -50.10 -16.41
C GLU B 739 7.82 -50.46 -14.96
N LEU B 740 7.39 -49.47 -14.18
CA LEU B 740 7.01 -49.66 -12.79
C LEU B 740 5.60 -49.12 -12.59
N SER B 741 4.71 -49.94 -12.04
CA SER B 741 3.31 -49.56 -11.95
C SER B 741 3.07 -48.53 -10.86
N GLY B 742 3.73 -48.68 -9.70
CA GLY B 742 3.45 -47.82 -8.57
C GLY B 742 4.32 -48.09 -7.36
N ILE B 743 3.73 -48.18 -6.18
CA ILE B 743 4.49 -48.40 -4.96
C ILE B 743 4.35 -49.85 -4.53
N HIS B 744 3.22 -50.47 -4.84
CA HIS B 744 2.92 -51.80 -4.35
C HIS B 744 3.42 -52.91 -5.26
N ASP B 745 4.04 -52.59 -6.38
CA ASP B 745 4.42 -53.62 -7.33
C ASP B 745 5.44 -54.56 -6.70
N PRO B 746 5.33 -55.87 -6.96
CA PRO B 746 6.32 -56.81 -6.43
C PRO B 746 7.70 -56.65 -7.06
N LYS B 747 7.91 -55.67 -7.95
CA LYS B 747 9.25 -55.46 -8.48
C LYS B 747 10.22 -55.12 -7.38
N LEU B 748 9.85 -54.19 -6.49
CA LEU B 748 10.63 -53.87 -5.30
C LEU B 748 9.99 -54.37 -4.02
N HIS B 749 8.66 -54.44 -3.96
CA HIS B 749 8.01 -54.95 -2.77
C HIS B 749 8.33 -56.41 -2.54
N HIS B 750 8.44 -57.17 -3.64
CA HIS B 750 8.99 -58.52 -3.56
C HIS B 750 10.43 -58.49 -4.02
N PRO B 751 11.39 -58.70 -3.14
CA PRO B 751 12.80 -58.66 -3.56
C PRO B 751 13.09 -59.72 -4.61
N SER B 752 13.99 -59.37 -5.54
CA SER B 752 14.41 -60.26 -6.61
C SER B 752 15.93 -60.18 -6.72
N GLN B 753 16.62 -61.04 -5.96
CA GLN B 753 18.08 -61.20 -6.00
C GLN B 753 18.85 -59.88 -6.00
N GLY B 754 18.44 -58.96 -5.13
CA GLY B 754 19.34 -57.87 -4.77
C GLY B 754 19.48 -56.71 -5.73
N PHE B 755 18.42 -55.93 -5.94
CA PHE B 755 18.61 -54.70 -6.69
C PHE B 755 19.06 -53.56 -5.77
N ARG B 756 19.01 -52.34 -6.30
CA ARG B 756 19.63 -51.20 -5.64
C ARG B 756 18.61 -50.17 -5.17
N PHE B 757 17.80 -49.62 -6.09
CA PHE B 757 16.66 -48.77 -5.75
C PHE B 757 16.91 -47.83 -4.59
N GLY B 758 18.09 -47.22 -4.54
CA GLY B 758 18.53 -46.55 -3.33
C GLY B 758 17.77 -45.28 -3.01
N THR B 759 17.98 -44.84 -1.77
CA THR B 759 17.40 -43.60 -1.26
C THR B 759 18.47 -42.72 -0.64
N VAL B 760 18.05 -41.67 0.04
CA VAL B 760 18.97 -40.73 0.66
C VAL B 760 18.91 -40.93 2.17
N ARG B 761 20.06 -41.22 2.77
CA ARG B 761 20.08 -41.62 4.18
C ARG B 761 19.45 -40.56 5.08
N GLU B 762 18.58 -41.01 5.98
CA GLU B 762 17.96 -40.19 7.01
C GLU B 762 17.25 -38.96 6.43
N SER B 763 16.97 -38.98 5.15
CA SER B 763 16.38 -37.84 4.48
C SER B 763 14.87 -37.90 4.56
N SER B 764 14.20 -37.08 3.75
CA SER B 764 12.78 -36.87 3.89
C SER B 764 12.00 -38.15 3.68
N ALA B 765 12.20 -38.81 2.55
CA ALA B 765 11.28 -39.86 2.14
C ALA B 765 11.71 -41.24 2.58
N GLU B 766 12.90 -41.40 3.12
CA GLU B 766 13.24 -42.72 3.62
C GLU B 766 12.44 -43.05 4.86
N ASP B 767 12.12 -42.05 5.67
CA ASP B 767 11.49 -42.29 6.95
C ASP B 767 10.07 -42.84 6.79
N TYR B 768 9.50 -42.72 5.59
CA TYR B 768 8.23 -43.38 5.31
C TYR B 768 8.39 -44.88 5.34
N VAL B 769 9.21 -45.41 4.44
CA VAL B 769 9.46 -46.85 4.41
C VAL B 769 10.23 -47.32 5.63
N ARG B 770 10.75 -46.38 6.43
CA ARG B 770 11.33 -46.74 7.71
C ARG B 770 10.36 -47.54 8.56
N GLN B 771 9.16 -47.01 8.75
CA GLN B 771 8.22 -47.57 9.73
C GLN B 771 6.81 -47.64 9.16
N SER B 772 6.68 -48.10 7.93
CA SER B 772 5.39 -48.57 7.42
C SER B 772 5.43 -49.93 6.78
N PHE B 773 6.56 -50.36 6.22
CA PHE B 773 6.72 -51.70 5.68
C PHE B 773 7.92 -52.34 6.38
N PRO B 774 7.85 -52.53 7.69
CA PRO B 774 9.05 -52.89 8.46
C PRO B 774 9.48 -54.32 8.22
N GLU B 775 9.92 -54.61 7.00
CA GLU B 775 10.51 -55.90 6.68
C GLU B 775 11.79 -55.78 5.89
N MET B 776 12.12 -54.60 5.37
CA MET B 776 13.11 -54.53 4.30
C MET B 776 14.07 -53.36 4.45
N HIS B 777 14.14 -52.76 5.63
CA HIS B 777 15.08 -51.67 5.83
C HIS B 777 16.51 -52.15 5.65
N GLU B 778 16.80 -53.39 6.03
CA GLU B 778 18.11 -53.96 5.75
C GLU B 778 18.37 -54.08 4.25
N TYR B 779 17.30 -54.05 3.44
CA TYR B 779 17.45 -54.20 2.00
C TYR B 779 17.65 -52.86 1.30
N MET B 780 17.54 -51.76 2.05
CA MET B 780 18.06 -50.45 1.64
C MET B 780 19.50 -50.19 2.08
N ARG B 781 19.91 -50.75 3.22
CA ARG B 781 20.92 -50.09 4.05
C ARG B 781 22.18 -49.77 3.27
N ARG B 782 22.63 -50.68 2.40
CA ARG B 782 23.87 -50.50 1.68
C ARG B 782 23.68 -49.79 0.34
N TYR B 783 22.56 -49.11 0.15
CA TYR B 783 22.28 -48.38 -1.08
C TYR B 783 21.83 -46.95 -0.78
N ASN B 784 22.56 -46.21 0.04
CA ASN B 784 22.18 -44.84 0.35
C ASN B 784 23.41 -43.94 0.36
N VAL B 785 23.70 -43.33 -0.78
CA VAL B 785 24.75 -42.33 -0.90
C VAL B 785 24.24 -41.03 -0.28
N PRO B 786 25.09 -40.21 0.29
CA PRO B 786 24.62 -39.09 1.12
C PRO B 786 23.81 -38.04 0.40
N ALA B 787 24.35 -37.42 -0.64
CA ALA B 787 23.75 -36.22 -1.20
C ALA B 787 22.76 -36.59 -2.30
N THR B 788 22.00 -35.59 -2.75
CA THR B 788 21.11 -35.81 -3.88
C THR B 788 21.85 -35.80 -5.23
N PRO B 789 22.51 -34.70 -5.61
CA PRO B 789 23.03 -34.63 -6.99
C PRO B 789 24.04 -35.72 -7.31
N ASP B 790 24.92 -36.03 -6.37
CA ASP B 790 25.80 -37.18 -6.56
C ASP B 790 24.98 -38.46 -6.65
N GLY B 791 23.81 -38.48 -6.03
CA GLY B 791 22.93 -39.61 -6.22
C GLY B 791 22.45 -39.73 -7.65
N VAL B 792 21.93 -38.64 -8.19
CA VAL B 792 21.33 -38.72 -9.53
C VAL B 792 22.39 -38.99 -10.56
N GLU B 793 23.63 -38.58 -10.32
CA GLU B 793 24.68 -38.84 -11.34
C GLU B 793 25.23 -40.24 -11.08
N TYR B 794 25.11 -40.69 -9.83
CA TYR B 794 25.59 -42.01 -9.49
C TYR B 794 24.90 -43.11 -10.28
N LEU B 795 23.71 -42.81 -10.80
CA LEU B 795 22.95 -43.74 -11.60
C LEU B 795 23.21 -43.61 -13.09
N LYS B 796 23.41 -42.39 -13.59
CA LYS B 796 23.58 -42.19 -15.03
C LYS B 796 24.95 -42.64 -15.52
N ASN B 797 26.00 -42.40 -14.74
CA ASN B 797 27.36 -42.70 -15.18
C ASN B 797 27.57 -44.20 -15.11
N ASP B 798 26.95 -44.89 -16.06
CA ASP B 798 27.03 -46.34 -16.09
C ASP B 798 28.50 -46.75 -16.27
N PRO B 799 28.90 -47.91 -15.70
CA PRO B 799 28.12 -49.06 -15.21
C PRO B 799 27.10 -48.83 -14.11
N GLU B 800 26.12 -49.73 -14.09
CA GLU B 800 25.03 -49.70 -13.12
C GLU B 800 25.55 -49.75 -11.70
N LYS B 801 25.07 -48.84 -10.87
CA LYS B 801 25.35 -48.90 -9.43
C LYS B 801 24.04 -48.83 -8.66
N LEU B 802 23.08 -48.08 -9.20
CA LEU B 802 21.74 -47.98 -8.65
C LEU B 802 20.75 -48.11 -9.81
N ASP B 803 19.51 -48.50 -9.50
CA ASP B 803 18.54 -48.66 -10.57
C ASP B 803 17.16 -48.10 -10.29
N ALA B 804 16.88 -47.65 -9.08
CA ALA B 804 15.67 -46.89 -8.81
C ALA B 804 16.00 -45.93 -7.68
N PHE B 805 15.11 -44.98 -7.44
CA PHE B 805 15.48 -43.91 -6.55
C PHE B 805 14.21 -43.35 -5.93
N ILE B 806 14.22 -43.20 -4.61
CA ILE B 806 13.07 -42.74 -3.86
C ILE B 806 13.45 -41.43 -3.22
N MET B 807 12.90 -40.33 -3.72
CA MET B 807 13.15 -39.03 -3.13
C MET B 807 12.10 -38.07 -3.61
N ASP B 808 11.90 -37.01 -2.83
CA ASP B 808 10.77 -36.13 -2.98
C ASP B 808 10.65 -35.67 -4.43
N LYS B 809 9.42 -35.38 -4.87
CA LYS B 809 9.18 -35.22 -6.29
C LYS B 809 9.87 -33.99 -6.87
N ALA B 810 9.80 -32.87 -6.17
CA ALA B 810 10.23 -31.61 -6.79
C ALA B 810 11.69 -31.65 -7.18
N LEU B 811 12.56 -32.11 -6.29
CA LEU B 811 13.97 -32.19 -6.64
C LEU B 811 14.18 -33.11 -7.84
N LEU B 812 13.42 -34.20 -7.91
CA LEU B 812 13.56 -35.12 -9.02
C LEU B 812 13.20 -34.44 -10.34
N ASP B 813 12.01 -33.82 -10.37
CA ASP B 813 11.54 -33.23 -11.62
C ASP B 813 12.43 -32.09 -12.04
N TYR B 814 13.08 -31.42 -11.09
CA TYR B 814 14.11 -30.49 -11.55
C TYR B 814 15.27 -31.24 -12.18
N GLU B 815 15.80 -32.23 -11.48
CA GLU B 815 17.04 -32.84 -11.94
C GLU B 815 16.84 -33.75 -13.13
N VAL B 816 15.65 -33.78 -13.71
CA VAL B 816 15.53 -34.46 -15.01
C VAL B 816 15.57 -33.43 -16.12
N SER B 817 15.35 -32.15 -15.79
CA SER B 817 15.13 -31.13 -16.80
C SER B 817 16.32 -30.20 -17.03
N ILE B 818 17.54 -30.63 -16.72
CA ILE B 818 18.71 -29.91 -17.21
C ILE B 818 19.67 -30.92 -17.81
N ASP B 819 19.21 -32.14 -18.00
CA ASP B 819 20.03 -33.20 -18.55
C ASP B 819 19.49 -33.52 -19.94
N ALA B 820 20.06 -32.86 -20.95
CA ALA B 820 19.62 -33.05 -22.32
C ALA B 820 19.88 -34.45 -22.83
N ASP B 821 20.69 -35.24 -22.12
CA ASP B 821 20.87 -36.64 -22.49
C ASP B 821 19.57 -37.42 -22.44
N CYS B 822 18.56 -36.90 -21.71
CA CYS B 822 17.19 -37.39 -21.76
C CYS B 822 17.06 -38.83 -21.31
N LYS B 823 18.09 -39.35 -20.62
CA LYS B 823 18.12 -40.75 -20.25
C LYS B 823 17.20 -41.09 -19.09
N LEU B 824 16.62 -40.10 -18.44
CA LEU B 824 15.85 -40.31 -17.22
C LEU B 824 14.39 -39.95 -17.47
N LEU B 825 13.54 -40.34 -16.52
CA LEU B 825 12.13 -39.99 -16.61
C LEU B 825 11.44 -40.34 -15.31
N THR B 826 10.50 -39.50 -14.90
CA THR B 826 9.61 -39.85 -13.80
C THR B 826 8.75 -41.04 -14.21
N VAL B 827 8.47 -41.93 -13.26
CA VAL B 827 7.67 -43.11 -13.53
C VAL B 827 6.64 -43.28 -12.43
N GLY B 828 5.56 -43.99 -12.77
CA GLY B 828 4.58 -44.37 -11.79
C GLY B 828 3.72 -43.20 -11.34
N LYS B 829 2.85 -43.49 -10.38
CA LYS B 829 1.92 -42.51 -9.86
C LYS B 829 2.31 -42.11 -8.44
N PRO B 830 1.98 -40.89 -8.04
CA PRO B 830 2.35 -40.44 -6.71
C PRO B 830 1.73 -41.30 -5.62
N PHE B 831 2.43 -41.39 -4.51
CA PHE B 831 1.93 -42.06 -3.31
C PHE B 831 2.39 -41.27 -2.10
N ALA B 832 1.60 -41.33 -1.04
CA ALA B 832 1.82 -40.52 0.15
C ALA B 832 1.88 -39.04 -0.22
N ILE B 833 2.31 -38.20 0.71
CA ILE B 833 2.33 -36.76 0.49
C ILE B 833 3.21 -36.11 1.55
N GLU B 834 3.65 -34.90 1.28
CA GLU B 834 4.35 -34.05 2.25
C GLU B 834 3.98 -32.63 1.91
N GLY B 835 4.75 -31.67 2.41
CA GLY B 835 4.54 -30.30 2.00
C GLY B 835 5.60 -29.42 2.62
N TYR B 836 6.22 -28.57 1.82
CA TYR B 836 7.34 -27.79 2.33
C TYR B 836 6.84 -26.63 3.16
N GLY B 837 7.77 -25.88 3.74
CA GLY B 837 7.37 -24.76 4.57
C GLY B 837 8.57 -24.05 5.14
N ILE B 838 8.28 -22.96 5.85
CA ILE B 838 9.29 -22.14 6.49
C ILE B 838 9.16 -22.32 7.99
N GLY B 839 10.24 -22.76 8.64
CA GLY B 839 10.21 -23.03 10.06
C GLY B 839 10.70 -21.85 10.88
N LEU B 840 10.00 -21.57 11.97
CA LEU B 840 10.22 -20.42 12.81
C LEU B 840 10.56 -20.88 14.23
N PRO B 841 11.18 -20.02 15.03
CA PRO B 841 11.52 -20.41 16.40
C PRO B 841 10.25 -20.57 17.22
N PRO B 842 10.37 -20.99 18.48
CA PRO B 842 9.16 -21.31 19.26
C PRO B 842 8.33 -20.10 19.62
N ASN B 843 7.36 -19.80 18.76
CA ASN B 843 6.40 -18.70 18.93
C ASN B 843 7.06 -17.33 18.86
N SER B 844 7.64 -17.01 17.71
CA SER B 844 8.07 -15.66 17.39
C SER B 844 6.86 -14.80 16.99
N PRO B 845 6.97 -13.48 17.12
CA PRO B 845 5.81 -12.63 16.79
C PRO B 845 5.30 -12.80 15.37
N LEU B 846 6.16 -12.98 14.39
CA LEU B 846 5.71 -13.12 13.01
C LEU B 846 5.28 -14.55 12.72
N THR B 847 4.43 -15.11 13.58
CA THR B 847 3.97 -16.48 13.36
C THR B 847 2.76 -16.54 12.46
N ALA B 848 2.14 -15.41 12.15
CA ALA B 848 0.97 -15.44 11.27
C ALA B 848 1.04 -14.39 10.17
N ASN B 849 1.74 -13.27 10.43
CA ASN B 849 1.88 -12.27 9.38
C ASN B 849 2.45 -12.89 8.12
N ILE B 850 3.48 -13.73 8.28
CA ILE B 850 3.96 -14.53 7.18
C ILE B 850 2.84 -15.38 6.61
N SER B 851 2.01 -15.96 7.47
CA SER B 851 0.98 -16.86 6.99
C SER B 851 0.00 -16.15 6.07
N GLU B 852 -0.57 -15.04 6.54
CA GLU B 852 -1.52 -14.33 5.69
C GLU B 852 -0.82 -13.79 4.45
N LEU B 853 0.40 -13.30 4.60
CA LEU B 853 1.09 -12.74 3.46
C LEU B 853 1.35 -13.78 2.39
N ILE B 854 1.87 -14.96 2.79
CA ILE B 854 2.19 -15.99 1.82
C ILE B 854 0.92 -16.56 1.21
N SER B 855 -0.16 -16.62 1.98
CA SER B 855 -1.44 -17.01 1.41
C SER B 855 -1.86 -16.03 0.33
N GLN B 856 -1.72 -14.74 0.61
CA GLN B 856 -2.05 -13.73 -0.38
C GLN B 856 -1.18 -13.88 -1.62
N TYR B 857 0.11 -14.11 -1.42
CA TYR B 857 1.02 -14.34 -2.54
C TYR B 857 0.52 -15.48 -3.40
N LYS B 858 0.25 -16.63 -2.79
CA LYS B 858 -0.13 -17.82 -3.54
C LYS B 858 -1.44 -17.60 -4.27
N SER B 859 -2.44 -17.06 -3.58
CA SER B 859 -3.73 -16.84 -4.22
C SER B 859 -3.62 -15.82 -5.34
N HIS B 860 -2.67 -14.90 -5.23
CA HIS B 860 -2.57 -13.81 -6.19
C HIS B 860 -2.26 -14.31 -7.59
N GLY B 861 -1.35 -15.28 -7.70
CA GLY B 861 -0.86 -15.67 -9.01
C GLY B 861 0.62 -15.34 -9.15
N PHE B 862 1.33 -15.38 -8.03
CA PHE B 862 2.75 -15.05 -7.99
C PHE B 862 3.64 -16.29 -8.06
N MET B 863 3.18 -17.42 -7.53
CA MET B 863 3.98 -18.65 -7.63
C MET B 863 4.17 -19.07 -9.08
N ASP B 864 3.22 -18.71 -9.95
CA ASP B 864 3.31 -19.14 -11.34
C ASP B 864 4.53 -18.55 -12.03
N MET B 865 4.76 -17.26 -11.78
CA MET B 865 5.92 -16.53 -12.35
C MET B 865 7.18 -17.35 -12.06
N LEU B 866 7.41 -17.61 -10.78
CA LEU B 866 8.59 -18.33 -10.33
C LEU B 866 8.63 -19.71 -10.98
N HIS B 867 7.56 -20.47 -10.82
CA HIS B 867 7.55 -21.87 -11.23
C HIS B 867 7.79 -22.00 -12.72
N ASP B 868 7.44 -20.97 -13.48
CA ASP B 868 7.87 -20.95 -14.87
C ASP B 868 9.34 -20.58 -14.98
N LYS B 869 9.80 -19.64 -14.15
CA LYS B 869 11.14 -19.11 -14.31
C LYS B 869 12.20 -20.18 -14.10
N TRP B 870 11.93 -21.19 -13.29
CA TRP B 870 12.96 -22.16 -12.95
C TRP B 870 12.77 -23.54 -13.57
N TYR B 871 11.60 -24.13 -13.44
CA TYR B 871 11.40 -25.51 -13.92
C TYR B 871 11.15 -25.54 -15.42
N ARG B 872 12.02 -24.87 -16.19
CA ARG B 872 11.83 -24.85 -17.67
C ARG B 872 11.81 -26.29 -18.18
N VAL B 873 10.82 -26.62 -19.00
CA VAL B 873 10.68 -27.93 -19.61
C VAL B 873 11.13 -27.83 -21.06
N VAL B 874 12.36 -28.24 -21.33
CA VAL B 874 12.95 -28.17 -22.66
C VAL B 874 12.87 -29.55 -23.28
N PRO B 875 12.44 -29.68 -24.54
CA PRO B 875 12.35 -31.01 -25.15
C PRO B 875 13.73 -31.53 -25.56
N CYS B 876 14.03 -32.75 -25.13
CA CYS B 876 15.29 -33.38 -25.49
C CYS B 876 15.28 -33.77 -26.97
N MET B 889 23.99 -58.46 -38.60
CA MET B 889 24.35 -58.32 -37.20
C MET B 889 23.26 -57.59 -36.43
N GLY B 890 22.04 -57.62 -36.95
CA GLY B 890 20.92 -56.97 -36.30
C GLY B 890 20.21 -57.84 -35.28
N ILE B 891 20.57 -57.64 -34.00
CA ILE B 891 19.97 -58.24 -32.82
C ILE B 891 19.21 -59.55 -33.08
N LYS B 892 17.91 -59.54 -32.80
CA LYS B 892 17.11 -60.77 -32.85
C LYS B 892 17.03 -61.32 -34.27
N HIS B 893 16.90 -60.44 -35.27
CA HIS B 893 16.83 -60.90 -36.65
C HIS B 893 18.12 -61.61 -37.05
N PHE B 894 19.28 -61.03 -36.72
CA PHE B 894 20.54 -61.67 -37.03
C PHE B 894 20.72 -62.98 -36.27
N SER B 895 20.30 -63.00 -35.00
CA SER B 895 20.40 -64.24 -34.23
C SER B 895 19.56 -65.34 -34.87
N GLY B 896 18.32 -65.01 -35.26
CA GLY B 896 17.48 -66.00 -35.92
C GLY B 896 18.06 -66.47 -37.25
N LEU B 897 18.60 -65.54 -38.03
CA LEU B 897 19.18 -65.90 -39.32
C LEU B 897 20.39 -66.82 -39.15
N PHE B 898 21.27 -66.49 -38.20
CA PHE B 898 22.45 -67.34 -37.97
C PHE B 898 22.03 -68.71 -37.44
N VAL B 899 21.04 -68.75 -36.55
CA VAL B 899 20.54 -70.03 -36.06
C VAL B 899 19.97 -70.84 -37.21
N LEU B 900 19.23 -70.19 -38.11
CA LEU B 900 18.68 -70.88 -39.27
C LEU B 900 19.78 -71.43 -40.16
N LEU B 901 20.84 -70.65 -40.37
CA LEU B 901 21.95 -71.10 -41.21
C LEU B 901 22.62 -72.33 -40.61
N CYS B 902 22.92 -72.27 -39.31
CA CYS B 902 23.57 -73.41 -38.65
C CYS B 902 22.67 -74.64 -38.67
N ILE B 903 21.37 -74.45 -38.40
CA ILE B 903 20.44 -75.58 -38.39
C ILE B 903 20.31 -76.18 -39.79
N GLY B 904 20.32 -75.33 -40.82
CA GLY B 904 20.26 -75.84 -42.18
C GLY B 904 21.49 -76.63 -42.56
N PHE B 905 22.67 -76.15 -42.15
CA PHE B 905 23.89 -76.92 -42.40
C PHE B 905 23.84 -78.27 -41.70
N GLY B 906 23.40 -78.28 -40.44
CA GLY B 906 23.28 -79.54 -39.71
C GLY B 906 22.26 -80.48 -40.35
N LEU B 907 21.14 -79.94 -40.80
CA LEU B 907 20.11 -80.77 -41.44
C LEU B 907 20.60 -81.34 -42.77
N SER B 908 21.34 -80.54 -43.54
CA SER B 908 21.92 -81.05 -44.78
C SER B 908 22.91 -82.18 -44.50
N ILE B 909 23.76 -82.00 -43.48
CA ILE B 909 24.70 -83.05 -43.10
C ILE B 909 23.95 -84.31 -42.67
N LEU B 910 22.88 -84.14 -41.89
CA LEU B 910 22.10 -85.28 -41.44
C LEU B 910 21.44 -86.00 -42.61
N THR B 911 20.91 -85.26 -43.58
CA THR B 911 20.30 -85.88 -44.74
C THR B 911 21.33 -86.64 -45.55
N THR B 912 22.53 -86.08 -45.72
CA THR B 912 23.58 -86.78 -46.43
C THR B 912 23.98 -88.06 -45.70
N ILE B 913 24.08 -88.00 -44.37
CA ILE B 913 24.42 -89.18 -43.59
C ILE B 913 23.35 -90.26 -43.73
N GLY B 914 22.08 -89.85 -43.68
CA GLY B 914 21.00 -90.81 -43.83
C GLY B 914 20.98 -91.45 -45.21
N GLU B 915 21.22 -90.65 -46.26
CA GLU B 915 21.30 -91.22 -47.60
C GLU B 915 22.47 -92.17 -47.72
N HIS B 916 23.60 -91.85 -47.09
CA HIS B 916 24.76 -92.73 -47.09
C HIS B 916 24.57 -93.95 -46.21
N ILE B 917 23.50 -94.01 -45.41
CA ILE B 917 23.25 -95.11 -44.51
C ILE B 917 22.06 -95.96 -44.92
N VAL B 918 21.32 -95.55 -45.95
CA VAL B 918 20.16 -96.30 -46.40
C VAL B 918 20.12 -96.37 -47.93
N LYS C 25 -38.55 26.60 65.97
CA LYS C 25 -38.99 25.79 64.85
C LYS C 25 -39.03 24.31 65.20
N ILE C 26 -40.16 23.86 65.73
CA ILE C 26 -40.34 22.46 66.09
C ILE C 26 -40.63 21.66 64.82
N VAL C 27 -39.70 20.79 64.44
CA VAL C 27 -39.81 20.00 63.22
C VAL C 27 -40.30 18.61 63.60
N ASN C 28 -41.42 18.21 63.01
CA ASN C 28 -42.00 16.90 63.26
C ASN C 28 -41.40 15.90 62.28
N ILE C 29 -40.92 14.77 62.79
CA ILE C 29 -40.32 13.71 61.98
C ILE C 29 -41.15 12.46 62.20
N GLY C 30 -42.13 12.24 61.34
CA GLY C 30 -42.94 11.04 61.44
C GLY C 30 -42.18 9.80 61.00
N ALA C 31 -42.79 8.65 61.26
CA ALA C 31 -42.21 7.38 60.86
C ALA C 31 -43.29 6.32 60.84
N VAL C 32 -43.19 5.40 59.89
CA VAL C 32 -44.10 4.27 59.77
C VAL C 32 -43.47 3.10 60.51
N LEU C 33 -44.04 2.76 61.67
CA LEU C 33 -43.48 1.71 62.52
C LEU C 33 -44.59 0.75 62.93
N SER C 34 -44.19 -0.48 63.22
CA SER C 34 -45.11 -1.52 63.68
C SER C 34 -44.79 -1.88 65.12
N THR C 35 -45.84 -2.14 65.91
CA THR C 35 -45.74 -2.49 67.33
C THR C 35 -45.23 -1.32 68.16
N ARG C 36 -45.55 -1.33 69.46
CA ARG C 36 -45.17 -0.22 70.33
C ARG C 36 -43.69 -0.21 70.63
N LYS C 37 -43.02 -1.37 70.56
CA LYS C 37 -41.59 -1.41 70.83
C LYS C 37 -40.81 -0.61 69.81
N HIS C 38 -41.16 -0.75 68.53
CA HIS C 38 -40.48 0.04 67.50
C HIS C 38 -40.80 1.53 67.65
N GLU C 39 -42.02 1.86 68.06
CA GLU C 39 -42.37 3.26 68.30
C GLU C 39 -41.53 3.84 69.43
N GLN C 40 -41.35 3.08 70.51
CA GLN C 40 -40.51 3.53 71.61
C GLN C 40 -39.06 3.68 71.18
N MET C 41 -38.57 2.74 70.38
CA MET C 41 -37.19 2.83 69.88
C MET C 41 -37.01 4.06 69.01
N PHE C 42 -37.98 4.33 68.13
CA PHE C 42 -37.92 5.52 67.28
C PHE C 42 -37.96 6.79 68.11
N ARG C 43 -38.81 6.83 69.13
CA ARG C 43 -38.88 8.01 69.99
C ARG C 43 -37.57 8.23 70.73
N GLU C 44 -36.97 7.15 71.24
CA GLU C 44 -35.69 7.26 71.92
C GLU C 44 -34.59 7.72 70.97
N ALA C 45 -34.59 7.20 69.74
CA ALA C 45 -33.60 7.61 68.76
C ALA C 45 -33.76 9.08 68.40
N VAL C 46 -35.00 9.54 68.25
CA VAL C 46 -35.25 10.95 67.95
C VAL C 46 -34.80 11.83 69.10
N ASN C 47 -35.08 11.42 70.33
CA ASN C 47 -34.63 12.19 71.49
C ASN C 47 -33.12 12.23 71.57
N GLN C 48 -32.45 11.11 71.29
CA GLN C 48 -31.00 11.09 71.29
C GLN C 48 -30.42 11.98 70.20
N ALA C 49 -31.04 11.98 69.02
CA ALA C 49 -30.59 12.86 67.95
C ALA C 49 -30.77 14.32 68.31
N ASN C 50 -31.89 14.66 68.95
CA ASN C 50 -32.11 16.04 69.40
C ASN C 50 -31.08 16.43 70.45
N LYS C 51 -30.76 15.52 71.37
CA LYS C 51 -29.79 15.83 72.42
C LYS C 51 -28.38 15.89 71.88
N ARG C 52 -28.10 15.20 70.77
CA ARG C 52 -26.76 15.15 70.19
C ARG C 52 -26.52 16.24 69.14
N HIS C 53 -27.52 17.08 68.86
CA HIS C 53 -27.38 18.16 67.89
C HIS C 53 -27.29 19.49 68.63
N GLY C 54 -26.32 20.31 68.24
CA GLY C 54 -26.11 21.59 68.86
C GLY C 54 -26.99 22.71 68.36
N SER C 55 -27.87 22.44 67.39
CA SER C 55 -28.77 23.46 66.89
C SER C 55 -29.77 23.86 67.97
N TRP C 56 -30.01 25.17 68.09
CA TRP C 56 -30.95 25.70 69.07
C TRP C 56 -32.31 26.04 68.48
N LYS C 57 -32.39 26.27 67.18
CA LYS C 57 -33.65 26.60 66.52
C LYS C 57 -34.31 25.38 65.89
N ILE C 58 -33.76 24.18 66.11
CA ILE C 58 -34.28 22.95 65.52
C ILE C 58 -34.74 22.03 66.64
N GLN C 59 -35.97 21.56 66.55
CA GLN C 59 -36.55 20.62 67.50
C GLN C 59 -37.02 19.38 66.77
N LEU C 60 -36.83 18.23 67.39
CA LEU C 60 -37.19 16.93 66.81
C LEU C 60 -38.34 16.32 67.60
N ASN C 61 -39.35 15.83 66.89
CA ASN C 61 -40.49 15.15 67.49
C ASN C 61 -40.77 13.85 66.74
N ALA C 62 -41.23 12.86 67.48
CA ALA C 62 -41.51 11.54 66.93
C ALA C 62 -42.96 11.16 67.20
N THR C 63 -43.64 10.65 66.17
CA THR C 63 -45.03 10.22 66.27
C THR C 63 -45.13 8.77 65.83
N SER C 64 -45.94 8.00 66.55
CA SER C 64 -46.10 6.58 66.28
C SER C 64 -47.22 6.38 65.25
N VAL C 65 -46.86 5.89 64.07
CA VAL C 65 -47.81 5.60 63.01
C VAL C 65 -47.78 4.09 62.76
N THR C 66 -48.75 3.39 63.33
CA THR C 66 -48.81 1.95 63.21
C THR C 66 -49.26 1.53 61.82
N HIS C 67 -48.91 0.30 61.45
CA HIS C 67 -49.30 -0.24 60.14
C HIS C 67 -50.77 -0.63 60.18
N LYS C 68 -51.63 0.24 59.64
CA LYS C 68 -53.05 -0.05 59.59
C LYS C 68 -53.30 -1.23 58.67
N PRO C 69 -54.09 -2.23 59.09
CA PRO C 69 -54.32 -3.43 58.28
C PRO C 69 -55.29 -3.22 57.12
N ASN C 70 -55.08 -2.13 56.37
CA ASN C 70 -55.87 -1.80 55.20
C ASN C 70 -55.19 -0.67 54.46
N ALA C 71 -55.16 -0.77 53.13
CA ALA C 71 -54.59 0.31 52.33
C ALA C 71 -55.37 1.60 52.52
N ILE C 72 -56.70 1.50 52.53
CA ILE C 72 -57.52 2.69 52.76
C ILE C 72 -57.29 3.24 54.16
N GLN C 73 -57.26 2.36 55.17
CA GLN C 73 -57.02 2.80 56.53
C GLN C 73 -55.62 3.40 56.69
N MET C 74 -54.62 2.80 56.06
CA MET C 74 -53.26 3.32 56.16
C MET C 74 -53.16 4.70 55.52
N ALA C 75 -53.67 4.84 54.29
CA ALA C 75 -53.60 6.13 53.61
C ALA C 75 -54.42 7.19 54.33
N LEU C 76 -55.62 6.83 54.80
CA LEU C 76 -56.45 7.79 55.51
C LEU C 76 -55.81 8.21 56.83
N SER C 77 -55.23 7.25 57.56
CA SER C 77 -54.54 7.59 58.81
C SER C 77 -53.34 8.48 58.55
N VAL C 78 -52.60 8.21 57.48
CA VAL C 78 -51.44 9.04 57.14
C VAL C 78 -51.89 10.45 56.80
N CYS C 79 -52.94 10.58 55.99
CA CYS C 79 -53.41 11.90 55.60
C CYS C 79 -53.94 12.68 56.80
N GLU C 80 -54.66 12.01 57.69
CA GLU C 80 -55.28 12.70 58.81
C GLU C 80 -54.27 13.08 59.90
N ASP C 81 -53.17 12.33 60.01
CA ASP C 81 -52.21 12.52 61.09
C ASP C 81 -50.89 13.09 60.60
N LEU C 82 -50.23 12.43 59.65
CA LEU C 82 -48.91 12.88 59.21
C LEU C 82 -48.99 14.16 58.39
N ILE C 83 -49.93 14.24 57.46
CA ILE C 83 -50.08 15.43 56.64
C ILE C 83 -50.50 16.61 57.50
N SER C 84 -51.44 16.40 58.42
CA SER C 84 -51.91 17.47 59.29
C SER C 84 -50.86 17.89 60.31
N SER C 85 -49.82 17.10 60.52
CA SER C 85 -48.76 17.42 61.46
C SER C 85 -47.60 18.18 60.83
N GLN C 86 -47.65 18.40 59.51
CA GLN C 86 -46.54 19.03 58.79
C GLN C 86 -45.23 18.30 59.06
N VAL C 87 -45.30 16.97 59.08
CA VAL C 87 -44.13 16.16 59.42
C VAL C 87 -43.14 16.17 58.26
N TYR C 88 -41.86 16.08 58.61
CA TYR C 88 -40.78 16.03 57.63
C TYR C 88 -40.11 14.66 57.71
N ALA C 89 -40.06 13.96 56.57
CA ALA C 89 -39.44 12.64 56.44
C ALA C 89 -40.21 11.57 57.21
N ILE C 90 -40.17 10.33 56.71
CA ILE C 90 -40.86 9.22 57.35
C ILE C 90 -40.02 7.97 57.18
N LEU C 91 -39.91 7.17 58.23
CA LEU C 91 -39.17 5.92 58.19
C LEU C 91 -40.12 4.77 57.88
N VAL C 92 -39.76 3.96 56.89
CA VAL C 92 -40.60 2.85 56.44
C VAL C 92 -40.13 1.56 57.09
N SER C 93 -41.11 0.80 57.60
CA SER C 93 -40.83 -0.48 58.25
C SER C 93 -41.74 -1.54 57.64
N HIS C 94 -41.30 -2.79 57.76
CA HIS C 94 -42.05 -3.89 57.19
C HIS C 94 -43.36 -4.08 57.96
N PRO C 95 -44.43 -4.48 57.28
CA PRO C 95 -45.70 -4.70 57.96
C PRO C 95 -45.73 -6.08 58.61
N PRO C 96 -46.87 -6.46 59.21
CA PRO C 96 -46.96 -7.81 59.80
C PRO C 96 -46.76 -8.92 58.80
N THR C 97 -47.23 -8.75 57.56
CA THR C 97 -47.06 -9.78 56.55
C THR C 97 -45.59 -9.89 56.16
N PRO C 98 -45.03 -11.11 56.16
CA PRO C 98 -43.61 -11.25 55.81
C PRO C 98 -43.29 -10.77 54.41
N ASN C 99 -44.22 -10.89 53.46
CA ASN C 99 -44.00 -10.44 52.09
C ASN C 99 -45.28 -9.83 51.58
N ASP C 100 -45.31 -8.50 51.48
CA ASP C 100 -46.48 -7.79 50.98
C ASP C 100 -46.04 -6.44 50.45
N HIS C 101 -46.40 -6.15 49.20
CA HIS C 101 -46.07 -4.86 48.59
C HIS C 101 -47.25 -3.90 48.75
N PHE C 102 -47.63 -3.69 50.00
CA PHE C 102 -48.76 -2.83 50.35
C PHE C 102 -48.34 -1.59 51.12
N THR C 103 -47.65 -1.76 52.24
CA THR C 103 -47.21 -0.60 53.03
C THR C 103 -46.28 0.31 52.24
N PRO C 104 -45.26 -0.20 51.54
CA PRO C 104 -44.44 0.70 50.72
C PRO C 104 -45.23 1.43 49.65
N THR C 105 -46.23 0.77 49.06
CA THR C 105 -47.06 1.43 48.05
C THR C 105 -47.82 2.61 48.64
N PRO C 106 -48.60 2.45 49.72
CA PRO C 106 -49.27 3.62 50.31
C PRO C 106 -48.30 4.66 50.83
N VAL C 107 -47.16 4.24 51.37
CA VAL C 107 -46.18 5.19 51.90
C VAL C 107 -45.64 6.06 50.78
N SER C 108 -45.32 5.46 49.64
CA SER C 108 -44.87 6.22 48.48
C SER C 108 -45.99 7.04 47.87
N TYR C 109 -47.23 6.56 47.93
CA TYR C 109 -48.35 7.30 47.36
C TYR C 109 -48.62 8.58 48.14
N THR C 110 -48.57 8.51 49.48
CA THR C 110 -48.90 9.69 50.27
C THR C 110 -47.78 10.72 50.21
N ALA C 111 -46.58 10.35 50.68
CA ALA C 111 -45.50 11.34 50.79
C ALA C 111 -44.88 11.68 49.44
N GLY C 112 -44.91 10.74 48.49
CA GLY C 112 -44.28 11.00 47.20
C GLY C 112 -44.95 12.14 46.46
N PHE C 113 -46.28 12.22 46.52
CA PHE C 113 -47.00 13.28 45.84
C PHE C 113 -46.78 14.64 46.50
N TYR C 114 -46.41 14.66 47.78
CA TYR C 114 -46.18 15.90 48.50
C TYR C 114 -44.73 16.37 48.42
N ARG C 115 -43.90 15.68 47.63
CA ARG C 115 -42.47 15.97 47.55
C ARG C 115 -41.82 15.91 48.93
N ILE C 116 -42.27 14.96 49.74
CA ILE C 116 -41.74 14.72 51.07
C ILE C 116 -40.94 13.41 51.02
N PRO C 117 -39.60 13.48 51.11
CA PRO C 117 -38.82 12.24 51.02
C PRO C 117 -39.10 11.30 52.17
N VAL C 118 -39.06 10.01 51.88
CA VAL C 118 -39.27 8.96 52.87
C VAL C 118 -38.13 7.97 52.79
N LEU C 119 -37.54 7.63 53.94
CA LEU C 119 -36.42 6.70 54.00
C LEU C 119 -36.95 5.31 54.28
N GLY C 120 -36.67 4.37 53.38
CA GLY C 120 -37.14 3.01 53.53
C GLY C 120 -36.17 2.09 54.24
N LEU C 121 -36.41 1.85 55.53
CA LEU C 121 -35.51 1.01 56.31
C LEU C 121 -35.66 -0.45 55.94
N THR C 122 -36.90 -0.93 55.78
CA THR C 122 -37.19 -2.34 55.55
C THR C 122 -37.67 -2.59 54.12
N THR C 123 -37.07 -1.90 53.15
CA THR C 123 -37.42 -2.05 51.75
C THR C 123 -36.19 -2.55 50.99
N ARG C 124 -36.25 -3.79 50.51
CA ARG C 124 -35.19 -4.38 49.70
C ARG C 124 -35.64 -4.62 48.26
N MET C 125 -36.70 -3.95 47.82
CA MET C 125 -37.20 -4.09 46.46
C MET C 125 -37.00 -2.79 45.69
N SER C 126 -36.51 -2.91 44.47
CA SER C 126 -36.25 -1.75 43.61
C SER C 126 -37.45 -1.36 42.77
N ILE C 127 -38.62 -1.94 43.03
CA ILE C 127 -39.81 -1.61 42.24
C ILE C 127 -40.12 -0.13 42.35
N TYR C 128 -40.09 0.41 43.57
CA TYR C 128 -40.30 1.83 43.79
C TYR C 128 -38.99 2.61 43.72
N SER C 129 -38.24 2.39 42.63
CA SER C 129 -36.96 3.07 42.44
C SER C 129 -36.80 3.55 41.00
N ASP C 130 -37.91 3.84 40.33
CA ASP C 130 -37.89 4.24 38.93
C ASP C 130 -37.61 5.73 38.74
N LYS C 131 -37.43 6.48 39.83
CA LYS C 131 -37.23 7.92 39.82
C LYS C 131 -38.44 8.67 39.29
N SER C 132 -39.53 7.97 38.97
CA SER C 132 -40.80 8.56 38.60
C SER C 132 -41.90 8.25 39.61
N ILE C 133 -42.09 6.98 39.93
CA ILE C 133 -42.95 6.58 41.03
C ILE C 133 -42.19 6.75 42.33
N HIS C 134 -42.80 7.41 43.31
CA HIS C 134 -42.14 7.78 44.56
C HIS C 134 -40.91 8.65 44.28
N LEU C 135 -41.17 9.79 43.65
CA LEU C 135 -40.09 10.74 43.38
C LEU C 135 -39.45 11.21 44.66
N SER C 136 -40.23 11.31 45.74
CA SER C 136 -39.70 11.65 47.07
C SER C 136 -39.69 10.37 47.90
N PHE C 137 -38.61 9.60 47.76
CA PHE C 137 -38.43 8.36 48.49
C PHE C 137 -36.95 8.03 48.57
N LEU C 138 -36.52 7.55 49.73
CA LEU C 138 -35.12 7.23 49.97
C LEU C 138 -35.01 5.78 50.45
N ARG C 139 -33.90 5.13 50.12
CA ARG C 139 -33.66 3.74 50.49
C ARG C 139 -32.54 3.69 51.52
N THR C 140 -32.90 3.30 52.75
CA THR C 140 -31.87 3.10 53.77
C THR C 140 -30.99 1.90 53.47
N VAL C 141 -31.52 0.90 52.77
CA VAL C 141 -30.74 -0.28 52.40
C VAL C 141 -30.93 -0.54 50.91
N PRO C 142 -29.91 -1.06 50.22
CA PRO C 142 -30.08 -1.32 48.79
C PRO C 142 -30.97 -2.52 48.55
N PRO C 143 -31.61 -2.62 47.40
CA PRO C 143 -32.37 -3.82 47.07
C PRO C 143 -31.45 -4.94 46.61
N TYR C 144 -32.05 -6.13 46.46
CA TYR C 144 -31.28 -7.28 46.01
C TYR C 144 -30.76 -7.10 44.58
N SER C 145 -31.34 -6.16 43.82
CA SER C 145 -30.88 -5.93 42.46
C SER C 145 -29.41 -5.51 42.45
N HIS C 146 -29.03 -4.63 43.36
CA HIS C 146 -27.61 -4.29 43.49
C HIS C 146 -26.78 -5.52 43.75
N GLN C 147 -27.26 -6.39 44.65
CA GLN C 147 -26.55 -7.63 44.93
C GLN C 147 -26.39 -8.48 43.68
N SER C 148 -27.26 -8.29 42.69
CA SER C 148 -27.12 -9.00 41.42
C SER C 148 -25.77 -8.69 40.78
N SER C 149 -25.38 -7.41 40.75
CA SER C 149 -24.07 -7.07 40.23
C SER C 149 -22.96 -7.73 41.02
N VAL C 150 -23.22 -8.09 42.28
CA VAL C 150 -22.25 -8.82 43.07
C VAL C 150 -21.95 -10.17 42.45
N TRP C 151 -22.98 -10.87 41.97
CA TRP C 151 -22.78 -12.20 41.41
C TRP C 151 -21.79 -12.16 40.27
N PHE C 152 -21.94 -11.20 39.35
CA PHE C 152 -20.97 -11.03 38.29
C PHE C 152 -19.59 -10.75 38.86
N GLU C 153 -19.52 -9.87 39.87
CA GLU C 153 -18.28 -9.69 40.60
C GLU C 153 -17.85 -10.98 41.26
N MET C 154 -18.81 -11.70 41.86
CA MET C 154 -18.51 -13.02 42.42
C MET C 154 -18.07 -13.97 41.32
N MET C 155 -18.46 -13.71 40.07
CA MET C 155 -18.01 -14.52 38.96
C MET C 155 -16.52 -14.37 38.70
N ARG C 156 -15.90 -13.30 39.20
CA ARG C 156 -14.49 -13.07 38.93
C ARG C 156 -13.60 -14.07 39.64
N VAL C 157 -14.11 -14.70 40.71
CA VAL C 157 -13.25 -15.55 41.54
C VAL C 157 -13.15 -16.95 40.95
N TYR C 158 -14.27 -17.66 40.85
CA TYR C 158 -14.26 -19.07 40.47
C TYR C 158 -14.54 -19.25 38.97
N SER C 159 -13.68 -18.64 38.17
CA SER C 159 -13.73 -18.77 36.71
C SER C 159 -15.08 -18.34 36.16
N TRP C 160 -15.97 -19.31 35.96
CA TRP C 160 -17.34 -19.07 35.50
C TRP C 160 -17.35 -18.43 34.11
N ASN C 161 -16.56 -18.99 33.20
CA ASN C 161 -16.55 -18.49 31.83
C ASN C 161 -17.89 -18.69 31.16
N HIS C 162 -18.50 -19.86 31.34
CA HIS C 162 -19.78 -20.18 30.72
C HIS C 162 -20.82 -20.33 31.83
N ILE C 163 -21.78 -19.40 31.86
CA ILE C 163 -22.82 -19.40 32.87
C ILE C 163 -24.18 -19.27 32.19
N ILE C 164 -25.21 -19.75 32.89
CA ILE C 164 -26.58 -19.72 32.40
C ILE C 164 -27.46 -19.11 33.46
N LEU C 165 -28.33 -18.21 33.04
CA LEU C 165 -29.22 -17.49 33.95
C LEU C 165 -30.63 -18.03 33.85
N LEU C 166 -31.36 -17.96 34.97
CA LEU C 166 -32.76 -18.33 35.01
C LEU C 166 -33.49 -17.33 35.88
N VAL C 167 -34.60 -16.80 35.36
CA VAL C 167 -35.35 -15.76 36.05
C VAL C 167 -36.83 -16.08 35.94
N SER C 168 -37.56 -15.88 37.04
CA SER C 168 -39.00 -16.01 37.01
C SER C 168 -39.62 -14.83 36.28
N ASP C 169 -40.91 -14.95 35.95
CA ASP C 169 -41.62 -13.92 35.19
C ASP C 169 -41.88 -12.73 36.10
N ASP C 170 -40.81 -12.00 36.39
CA ASP C 170 -40.85 -10.87 37.30
C ASP C 170 -40.25 -9.64 36.62
N HIS C 171 -40.96 -8.52 36.70
CA HIS C 171 -40.41 -7.26 36.21
C HIS C 171 -39.15 -6.90 36.98
N GLU C 172 -39.16 -7.10 38.29
CA GLU C 172 -37.92 -6.98 39.05
C GLU C 172 -36.89 -8.00 38.56
N GLY C 173 -37.33 -9.23 38.31
CA GLY C 173 -36.44 -10.21 37.75
C GLY C 173 -35.92 -9.80 36.38
N ARG C 174 -36.79 -9.22 35.55
CA ARG C 174 -36.36 -8.77 34.24
C ARG C 174 -35.32 -7.67 34.35
N ALA C 175 -35.55 -6.70 35.26
CA ALA C 175 -34.59 -5.62 35.44
C ALA C 175 -33.26 -6.16 35.96
N ALA C 176 -33.31 -7.11 36.88
CA ALA C 176 -32.08 -7.71 37.38
C ALA C 176 -31.35 -8.44 36.27
N GLN C 177 -32.07 -9.16 35.42
CA GLN C 177 -31.46 -9.87 34.31
C GLN C 177 -30.80 -8.89 33.33
N LYS C 178 -31.49 -7.79 33.03
CA LYS C 178 -30.91 -6.79 32.14
C LYS C 178 -29.65 -6.19 32.75
N ARG C 179 -29.69 -5.87 34.05
CA ARG C 179 -28.50 -5.33 34.71
C ARG C 179 -27.36 -6.33 34.69
N LEU C 180 -27.66 -7.60 34.91
CA LEU C 180 -26.63 -8.63 34.89
C LEU C 180 -26.04 -8.79 33.50
N GLU C 181 -26.89 -8.75 32.47
CA GLU C 181 -26.39 -8.82 31.10
C GLU C 181 -25.50 -7.62 30.79
N THR C 182 -25.89 -6.44 31.25
CA THR C 182 -25.05 -5.26 31.06
C THR C 182 -23.71 -5.42 31.78
N LEU C 183 -23.73 -5.94 33.01
CA LEU C 183 -22.49 -6.13 33.76
C LEU C 183 -21.58 -7.12 33.06
N LEU C 184 -22.15 -8.20 32.53
CA LEU C 184 -21.36 -9.16 31.75
C LEU C 184 -20.89 -8.57 30.43
N GLU C 185 -21.62 -7.60 29.88
CA GLU C 185 -21.20 -6.93 28.66
C GLU C 185 -19.92 -6.13 28.86
N GLU C 186 -19.57 -5.83 30.11
CA GLU C 186 -18.26 -5.23 30.37
C GLU C 186 -17.13 -6.16 29.93
N ARG C 187 -17.27 -7.45 30.23
CA ARG C 187 -16.35 -8.47 29.72
C ARG C 187 -16.89 -9.14 28.46
N GLU C 188 -18.05 -8.71 27.96
CA GLU C 188 -18.63 -9.21 26.71
C GLU C 188 -18.87 -10.72 26.77
N SER C 189 -19.76 -11.10 27.68
CA SER C 189 -20.13 -12.49 27.89
C SER C 189 -21.36 -12.85 27.06
N LYS C 190 -21.42 -14.10 26.61
CA LYS C 190 -22.53 -14.59 25.80
C LYS C 190 -23.71 -15.07 26.61
N ALA C 191 -23.54 -15.28 27.92
CA ALA C 191 -24.60 -15.64 28.87
C ALA C 191 -25.25 -16.98 28.55
N GLU C 192 -24.78 -17.69 27.53
CA GLU C 192 -25.36 -18.98 27.13
C GLU C 192 -26.85 -18.86 26.92
N LYS C 193 -27.63 -19.22 27.93
CA LYS C 193 -29.08 -19.12 27.87
C LYS C 193 -29.60 -18.45 29.13
N VAL C 194 -30.68 -17.70 28.96
CA VAL C 194 -31.36 -17.02 30.07
C VAL C 194 -32.81 -17.50 30.03
N LEU C 195 -33.09 -18.57 30.76
CA LEU C 195 -34.45 -19.07 30.85
C LEU C 195 -35.33 -18.08 31.60
N GLN C 196 -36.55 -17.90 31.10
CA GLN C 196 -37.51 -16.99 31.69
C GLN C 196 -38.61 -17.83 32.33
N PHE C 197 -38.42 -18.16 33.61
CA PHE C 197 -39.43 -18.92 34.33
C PHE C 197 -40.71 -18.09 34.47
N ASP C 198 -41.82 -18.79 34.60
CA ASP C 198 -43.12 -18.13 34.77
C ASP C 198 -43.61 -18.33 36.18
N PRO C 199 -43.66 -17.28 37.01
CA PRO C 199 -44.19 -17.44 38.37
C PRO C 199 -45.63 -17.89 38.34
N GLY C 200 -46.00 -18.71 39.33
CA GLY C 200 -47.32 -19.28 39.42
C GLY C 200 -47.47 -20.66 38.83
N THR C 201 -46.47 -21.16 38.12
CA THR C 201 -46.50 -22.49 37.54
C THR C 201 -45.56 -23.43 38.30
N LYS C 202 -45.90 -24.72 38.31
CA LYS C 202 -45.13 -25.71 39.03
C LYS C 202 -44.40 -26.71 38.14
N ASN C 203 -44.85 -26.89 36.89
CA ASN C 203 -44.24 -27.86 35.98
C ASN C 203 -43.15 -27.14 35.17
N VAL C 204 -41.99 -27.00 35.78
CA VAL C 204 -40.84 -26.36 35.14
C VAL C 204 -39.83 -27.40 34.66
N THR C 205 -40.23 -28.67 34.63
CA THR C 205 -39.32 -29.72 34.19
C THR C 205 -38.93 -29.55 32.73
N ALA C 206 -39.89 -29.18 31.89
CA ALA C 206 -39.60 -29.04 30.46
C ALA C 206 -38.53 -27.99 30.22
N LEU C 207 -38.66 -26.82 30.86
CA LEU C 207 -37.62 -25.80 30.73
C LEU C 207 -36.29 -26.32 31.25
N LEU C 208 -36.31 -26.97 32.41
CA LEU C 208 -35.12 -27.61 32.93
C LEU C 208 -34.59 -28.71 32.01
N MET C 209 -35.43 -29.24 31.12
CA MET C 209 -34.95 -30.16 30.10
C MET C 209 -33.93 -29.46 29.20
N GLU C 210 -34.21 -28.21 28.82
CA GLU C 210 -33.24 -27.42 28.08
C GLU C 210 -32.00 -27.10 28.92
N ALA C 211 -32.07 -27.33 30.23
CA ALA C 211 -30.91 -27.10 31.09
C ALA C 211 -29.75 -28.01 30.71
N LYS C 212 -30.04 -29.28 30.42
CA LYS C 212 -28.98 -30.22 30.07
C LYS C 212 -28.31 -29.90 28.75
N GLU C 213 -28.87 -28.98 27.96
CA GLU C 213 -28.37 -28.74 26.61
C GLU C 213 -26.99 -28.08 26.63
N LEU C 214 -26.91 -26.87 27.17
CA LEU C 214 -25.68 -26.09 27.06
C LEU C 214 -24.54 -26.73 27.84
N GLU C 215 -23.30 -26.46 27.40
CA GLU C 215 -22.13 -27.02 28.06
C GLU C 215 -21.88 -26.38 29.42
N ALA C 216 -22.45 -25.21 29.68
CA ALA C 216 -22.22 -24.53 30.95
C ALA C 216 -22.80 -25.32 32.11
N ARG C 217 -22.19 -25.16 33.27
CA ARG C 217 -22.64 -25.82 34.48
C ARG C 217 -23.09 -24.86 35.56
N VAL C 218 -22.81 -23.56 35.43
CA VAL C 218 -23.17 -22.58 36.45
C VAL C 218 -24.59 -22.12 36.18
N ILE C 219 -25.51 -22.44 37.10
CA ILE C 219 -26.90 -22.05 37.00
C ILE C 219 -27.13 -20.94 38.02
N ILE C 220 -27.42 -19.74 37.55
CA ILE C 220 -27.64 -18.58 38.40
C ILE C 220 -29.12 -18.24 38.35
N LEU C 221 -29.81 -18.37 39.47
CA LEU C 221 -31.22 -18.08 39.54
C LEU C 221 -31.61 -17.70 40.95
N SER C 222 -32.77 -17.06 41.07
CA SER C 222 -33.33 -16.67 42.37
C SER C 222 -34.74 -16.16 42.13
N ALA C 223 -35.64 -16.46 43.06
CA ALA C 223 -37.04 -16.04 42.96
C ALA C 223 -37.68 -16.15 44.33
N SER C 224 -39.00 -16.01 44.36
CA SER C 224 -39.75 -16.22 45.59
C SER C 224 -39.78 -17.69 45.96
N GLU C 225 -40.31 -17.98 47.14
CA GLU C 225 -40.32 -19.36 47.64
C GLU C 225 -41.16 -20.27 46.76
N ASP C 226 -42.30 -19.79 46.28
CA ASP C 226 -43.20 -20.62 45.50
C ASP C 226 -42.53 -21.10 44.22
N ASP C 227 -41.85 -20.20 43.51
CA ASP C 227 -41.15 -20.59 42.30
C ASP C 227 -39.95 -21.47 42.61
N ALA C 228 -39.24 -21.16 43.70
CA ALA C 228 -38.01 -21.90 44.01
C ALA C 228 -38.31 -23.32 44.45
N ALA C 229 -39.49 -23.58 45.02
CA ALA C 229 -39.81 -24.91 45.51
C ALA C 229 -39.82 -25.93 44.38
N THR C 230 -40.52 -25.61 43.29
CA THR C 230 -40.60 -26.53 42.17
C THR C 230 -39.23 -26.76 41.55
N VAL C 231 -38.43 -25.70 41.42
CA VAL C 231 -37.10 -25.82 40.83
C VAL C 231 -36.22 -26.71 41.68
N TYR C 232 -36.23 -26.48 42.99
CA TYR C 232 -35.42 -27.29 43.89
C TYR C 232 -35.87 -28.75 43.86
N ARG C 233 -37.18 -28.99 43.79
CA ARG C 233 -37.67 -30.36 43.71
C ARG C 233 -37.25 -31.02 42.40
N ALA C 234 -37.33 -30.30 41.29
CA ALA C 234 -37.05 -30.87 39.98
C ALA C 234 -35.56 -31.03 39.72
N ALA C 235 -34.70 -30.29 40.43
CA ALA C 235 -33.27 -30.45 40.24
C ALA C 235 -32.84 -31.88 40.56
N ALA C 236 -33.39 -32.45 41.64
CA ALA C 236 -33.13 -33.86 41.94
C ALA C 236 -33.71 -34.76 40.87
N MET C 237 -34.86 -34.41 40.30
CA MET C 237 -35.47 -35.24 39.28
C MET C 237 -34.56 -35.34 38.05
N LEU C 238 -33.96 -34.24 37.65
CA LEU C 238 -33.03 -34.22 36.53
C LEU C 238 -31.60 -34.52 36.92
N ASN C 239 -31.34 -34.77 38.21
CA ASN C 239 -30.00 -35.03 38.71
C ASN C 239 -29.04 -33.90 38.40
N MET C 240 -29.56 -32.68 38.30
CA MET C 240 -28.75 -31.51 37.99
C MET C 240 -28.01 -30.96 39.20
N THR C 241 -28.25 -31.52 40.39
CA THR C 241 -27.60 -31.07 41.61
C THR C 241 -26.31 -31.84 41.90
N GLY C 242 -25.95 -32.81 41.07
CA GLY C 242 -24.75 -33.59 41.28
C GLY C 242 -23.50 -32.82 40.89
N SER C 243 -22.38 -33.52 40.97
CA SER C 243 -21.11 -32.92 40.60
C SER C 243 -21.09 -32.58 39.12
N GLY C 244 -20.27 -31.58 38.76
CA GLY C 244 -20.21 -31.10 37.40
C GLY C 244 -21.29 -30.12 37.01
N TYR C 245 -22.16 -29.75 37.96
CA TYR C 245 -23.18 -28.74 37.73
C TYR C 245 -23.22 -27.80 38.92
N VAL C 246 -23.37 -26.51 38.64
CA VAL C 246 -23.32 -25.48 39.67
C VAL C 246 -24.64 -24.71 39.68
N TRP C 247 -25.24 -24.60 40.86
CA TRP C 247 -26.45 -23.82 41.05
C TRP C 247 -26.12 -22.63 41.96
N LEU C 248 -26.37 -21.43 41.46
CA LEU C 248 -26.13 -20.20 42.21
C LEU C 248 -27.45 -19.53 42.52
N VAL C 249 -27.66 -19.19 43.79
CA VAL C 249 -28.95 -18.70 44.27
C VAL C 249 -28.77 -17.36 44.98
N GLY C 250 -29.87 -16.62 45.08
CA GLY C 250 -29.90 -15.34 45.75
C GLY C 250 -30.56 -15.43 47.12
N GLU C 251 -30.65 -14.26 47.76
CA GLU C 251 -31.20 -14.19 49.10
C GLU C 251 -32.72 -14.33 49.13
N ARG C 252 -33.38 -14.11 47.98
CA ARG C 252 -34.84 -14.16 47.96
C ARG C 252 -35.34 -15.55 48.33
N GLU C 253 -34.69 -16.59 47.83
CA GLU C 253 -35.01 -17.96 48.18
C GLU C 253 -34.15 -18.51 49.30
N ILE C 254 -33.25 -17.69 49.86
CA ILE C 254 -32.34 -18.18 50.89
C ILE C 254 -33.10 -18.63 52.12
N SER C 255 -34.06 -17.82 52.57
CA SER C 255 -34.84 -18.12 53.77
C SER C 255 -36.26 -18.51 53.37
N GLY C 256 -36.74 -19.61 53.93
CA GLY C 256 -38.08 -20.06 53.68
C GLY C 256 -38.17 -21.57 53.70
N ASN C 257 -39.30 -22.08 53.22
CA ASN C 257 -39.53 -23.51 53.13
C ASN C 257 -38.72 -24.17 52.03
N ALA C 258 -38.04 -23.39 51.19
CA ALA C 258 -37.21 -23.95 50.13
C ALA C 258 -36.13 -24.87 50.68
N LEU C 259 -35.74 -24.67 51.94
CA LEU C 259 -34.77 -25.55 52.59
C LEU C 259 -35.26 -27.00 52.67
N ARG C 260 -36.53 -27.24 52.36
CA ARG C 260 -37.01 -28.62 52.28
C ARG C 260 -36.33 -29.36 51.13
N TYR C 261 -36.01 -28.66 50.05
CA TYR C 261 -35.42 -29.32 48.89
C TYR C 261 -34.27 -28.53 48.28
N ALA C 262 -33.75 -27.53 48.97
CA ALA C 262 -32.64 -26.74 48.43
C ALA C 262 -31.39 -27.60 48.36
N PRO C 263 -30.67 -27.60 47.24
CA PRO C 263 -29.47 -28.42 47.14
C PRO C 263 -28.42 -28.02 48.17
N ASP C 264 -27.75 -29.02 48.74
CA ASP C 264 -26.73 -28.78 49.75
C ASP C 264 -25.45 -28.27 49.11
N GLY C 265 -24.67 -27.53 49.89
CA GLY C 265 -23.46 -26.93 49.38
C GLY C 265 -23.69 -25.94 48.26
N ILE C 266 -24.81 -25.21 48.31
CA ILE C 266 -25.15 -24.23 47.29
C ILE C 266 -24.82 -22.84 47.83
N LEU C 267 -24.15 -22.04 47.02
CA LEU C 267 -23.75 -20.69 47.44
C LEU C 267 -24.96 -19.78 47.47
N GLY C 268 -25.50 -19.57 48.66
CA GLY C 268 -26.63 -18.67 48.85
C GLY C 268 -26.19 -17.24 49.11
N LEU C 269 -27.18 -16.40 49.36
CA LEU C 269 -26.93 -14.97 49.57
C LEU C 269 -27.51 -14.53 50.91
N GLN C 270 -26.71 -13.81 51.68
CA GLN C 270 -27.13 -13.25 52.95
C GLN C 270 -26.29 -12.01 53.24
N LEU C 271 -26.80 -11.16 54.12
CA LEU C 271 -26.13 -9.92 54.45
C LEU C 271 -26.23 -9.66 55.96
N ILE C 272 -25.27 -8.90 56.46
CA ILE C 272 -25.27 -8.50 57.86
C ILE C 272 -26.26 -7.35 58.06
N ASN C 273 -26.87 -7.33 59.25
CA ASN C 273 -27.84 -6.28 59.61
C ASN C 273 -29.00 -6.22 58.62
N GLY C 274 -29.46 -7.39 58.18
CA GLY C 274 -30.61 -7.44 57.29
C GLY C 274 -31.94 -7.17 57.97
N LYS C 275 -31.99 -7.31 59.29
CA LYS C 275 -33.21 -7.06 60.06
C LYS C 275 -32.89 -6.29 61.33
N ASN C 276 -32.03 -5.26 61.20
CA ASN C 276 -31.62 -4.44 62.34
C ASN C 276 -32.43 -3.15 62.30
N GLU C 277 -33.60 -3.18 62.95
CA GLU C 277 -34.45 -1.99 62.99
C GLU C 277 -33.84 -0.88 63.83
N SER C 278 -33.26 -1.24 64.98
CA SER C 278 -32.71 -0.22 65.88
C SER C 278 -31.47 0.44 65.27
N ALA C 279 -30.57 -0.36 64.71
CA ALA C 279 -29.35 0.19 64.12
C ALA C 279 -29.66 1.08 62.93
N HIS C 280 -30.57 0.64 62.06
CA HIS C 280 -30.97 1.46 60.93
C HIS C 280 -31.67 2.74 61.40
N ILE C 281 -32.48 2.63 62.45
CA ILE C 281 -33.13 3.81 63.00
C ILE C 281 -32.11 4.80 63.52
N SER C 282 -31.07 4.31 64.21
CA SER C 282 -30.03 5.19 64.73
C SER C 282 -29.28 5.86 63.59
N ASP C 283 -28.94 5.11 62.54
CA ASP C 283 -28.26 5.70 61.39
C ASP C 283 -29.13 6.77 60.73
N ALA C 284 -30.42 6.48 60.55
CA ALA C 284 -31.32 7.42 59.92
C ALA C 284 -31.47 8.69 60.76
N VAL C 285 -31.57 8.54 62.08
CA VAL C 285 -31.68 9.71 62.95
C VAL C 285 -30.41 10.55 62.90
N GLY C 286 -29.25 9.89 62.93
CA GLY C 286 -28.00 10.63 62.85
C GLY C 286 -27.85 11.40 61.56
N VAL C 287 -28.23 10.79 60.44
CA VAL C 287 -28.15 11.50 59.16
C VAL C 287 -29.19 12.62 59.09
N VAL C 288 -30.40 12.36 59.59
CA VAL C 288 -31.49 13.32 59.47
C VAL C 288 -31.24 14.54 60.33
N ALA C 289 -30.59 14.39 61.49
CA ALA C 289 -30.26 15.55 62.30
C ALA C 289 -29.35 16.51 61.52
N GLN C 290 -28.33 15.98 60.87
CA GLN C 290 -27.45 16.81 60.04
C GLN C 290 -28.22 17.38 58.85
N ALA C 291 -29.10 16.60 58.25
CA ALA C 291 -29.90 17.10 57.13
C ALA C 291 -30.75 18.29 57.55
N VAL C 292 -31.39 18.20 58.71
CA VAL C 292 -32.21 19.30 59.20
C VAL C 292 -31.35 20.50 59.58
N HIS C 293 -30.18 20.25 60.17
CA HIS C 293 -29.28 21.35 60.51
C HIS C 293 -28.84 22.11 59.26
N GLU C 294 -28.50 21.39 58.19
CA GLU C 294 -28.12 22.05 56.95
C GLU C 294 -29.31 22.75 56.30
N LEU C 295 -30.50 22.13 56.37
CA LEU C 295 -31.68 22.72 55.76
C LEU C 295 -32.05 24.04 56.43
N LEU C 296 -31.96 24.10 57.76
CA LEU C 296 -32.24 25.35 58.48
C LEU C 296 -31.03 26.29 58.49
N GLU C 297 -30.46 26.56 57.34
CA GLU C 297 -29.34 27.50 57.23
C GLU C 297 -29.36 28.34 55.97
N LYS C 298 -30.34 28.13 55.08
CA LYS C 298 -30.40 28.84 53.81
C LYS C 298 -31.72 29.61 53.71
N GLU C 299 -31.96 30.18 52.53
CA GLU C 299 -33.15 30.98 52.28
C GLU C 299 -34.15 30.21 51.42
N ASN C 300 -35.36 30.77 51.33
CA ASN C 300 -36.47 30.17 50.58
C ASN C 300 -36.81 28.77 51.08
N ILE C 301 -36.60 28.53 52.37
CA ILE C 301 -36.90 27.24 52.99
C ILE C 301 -38.33 27.33 53.51
N THR C 302 -39.29 27.06 52.63
CA THR C 302 -40.70 27.06 53.02
C THR C 302 -41.03 25.76 53.77
N ASP C 303 -41.71 25.90 54.89
CA ASP C 303 -42.10 24.74 55.67
C ASP C 303 -43.12 23.90 54.90
N PRO C 304 -43.17 22.60 55.17
CA PRO C 304 -44.15 21.75 54.49
C PRO C 304 -45.56 22.19 54.79
N PRO C 305 -46.47 22.12 53.82
CA PRO C 305 -47.85 22.53 54.07
C PRO C 305 -48.53 21.61 55.07
N ARG C 306 -49.45 22.18 55.83
CA ARG C 306 -50.20 21.46 56.85
C ARG C 306 -51.59 21.12 56.34
N GLY C 307 -52.10 19.97 56.76
CA GLY C 307 -53.42 19.52 56.35
C GLY C 307 -53.38 18.68 55.09
N CYS C 308 -54.49 17.99 54.84
CA CYS C 308 -54.61 17.11 53.68
C CYS C 308 -55.63 17.61 52.66
N VAL C 309 -56.49 18.54 53.02
CA VAL C 309 -57.49 19.09 52.12
C VAL C 309 -57.20 20.54 51.77
N GLY C 310 -56.70 21.32 52.73
CA GLY C 310 -56.38 22.72 52.44
C GLY C 310 -55.26 22.87 51.42
N ASN C 311 -54.26 22.01 51.50
CA ASN C 311 -53.13 22.08 50.57
C ASN C 311 -53.53 21.47 49.24
N THR C 312 -53.49 22.28 48.19
CA THR C 312 -53.78 21.84 46.82
C THR C 312 -52.69 22.32 45.88
N ASN C 313 -51.45 22.31 46.35
CA ASN C 313 -50.31 22.74 45.55
C ASN C 313 -49.08 21.99 46.01
N ILE C 314 -48.09 21.93 45.14
CA ILE C 314 -46.83 21.27 45.44
C ILE C 314 -45.94 22.21 46.25
N TRP C 315 -45.20 21.65 47.20
CA TRP C 315 -44.34 22.45 48.05
C TRP C 315 -43.21 23.08 47.24
N LYS C 316 -42.88 24.34 47.59
CA LYS C 316 -41.80 25.02 46.91
C LYS C 316 -40.45 24.35 47.18
N THR C 317 -40.25 23.89 48.41
CA THR C 317 -39.01 23.18 48.75
C THR C 317 -39.05 21.78 48.16
N GLY C 318 -38.66 21.65 46.90
CA GLY C 318 -38.73 20.38 46.20
C GLY C 318 -37.37 19.80 45.90
N PRO C 319 -36.91 19.99 44.66
CA PRO C 319 -35.62 19.39 44.26
C PRO C 319 -34.45 19.84 45.11
N LEU C 320 -34.46 21.09 45.59
CA LEU C 320 -33.39 21.54 46.48
C LEU C 320 -33.38 20.74 47.77
N PHE C 321 -34.56 20.47 48.34
CA PHE C 321 -34.64 19.69 49.57
C PHE C 321 -34.14 18.27 49.34
N LYS C 322 -34.51 17.66 48.21
CA LYS C 322 -34.04 16.31 47.92
C LYS C 322 -32.53 16.28 47.74
N ARG C 323 -31.98 17.26 47.02
CA ARG C 323 -30.53 17.32 46.81
C ARG C 323 -29.80 17.52 48.13
N VAL C 324 -30.34 18.37 49.01
CA VAL C 324 -29.72 18.58 50.32
C VAL C 324 -29.79 17.31 51.15
N LEU C 325 -30.94 16.62 51.13
CA LEU C 325 -31.08 15.39 51.90
C LEU C 325 -30.11 14.32 51.42
N MET C 326 -29.95 14.20 50.11
CA MET C 326 -28.98 13.25 49.54
C MET C 326 -27.60 13.87 49.42
N SER C 327 -27.12 14.46 50.53
CA SER C 327 -25.81 15.07 50.54
C SER C 327 -25.03 14.83 51.84
N SER C 328 -25.57 14.05 52.78
CA SER C 328 -24.87 13.79 54.03
C SER C 328 -23.83 12.69 53.85
N LYS C 329 -22.61 12.95 54.32
CA LYS C 329 -21.51 12.01 54.19
C LYS C 329 -20.74 12.02 55.51
N TYR C 330 -21.08 11.09 56.40
CA TYR C 330 -20.42 10.98 57.69
C TYR C 330 -20.44 9.51 58.11
N ALA C 331 -20.15 9.25 59.37
CA ALA C 331 -20.17 7.90 59.93
C ALA C 331 -21.27 7.85 60.98
N ASP C 332 -22.49 7.50 60.54
CA ASP C 332 -23.65 7.45 61.42
C ASP C 332 -24.25 6.07 61.38
N GLY C 333 -24.62 5.56 62.55
CA GLY C 333 -25.26 4.26 62.65
C GLY C 333 -24.27 3.12 62.65
N VAL C 334 -24.80 1.90 62.84
CA VAL C 334 -23.97 0.71 62.88
C VAL C 334 -23.30 0.48 61.53
N THR C 335 -24.06 0.63 60.45
CA THR C 335 -23.47 0.47 59.12
C THR C 335 -22.38 1.50 58.88
N GLY C 336 -22.63 2.76 59.24
CA GLY C 336 -21.66 3.81 59.06
C GLY C 336 -21.43 4.17 57.61
N ARG C 337 -20.73 5.28 57.37
CA ARG C 337 -20.40 5.74 56.03
C ARG C 337 -21.65 5.84 55.15
N VAL C 338 -22.57 6.71 55.57
CA VAL C 338 -23.83 6.89 54.86
C VAL C 338 -23.53 7.58 53.53
N GLU C 339 -23.58 6.81 52.44
CA GLU C 339 -23.26 7.29 51.09
C GLU C 339 -24.41 6.98 50.14
N PHE C 340 -25.63 7.32 50.56
CA PHE C 340 -26.80 7.06 49.74
C PHE C 340 -26.84 8.03 48.57
N ASN C 341 -26.80 7.49 47.35
CA ASN C 341 -26.83 8.30 46.14
C ASN C 341 -27.63 7.53 45.10
N GLU C 342 -27.58 8.01 43.85
CA GLU C 342 -28.31 7.44 42.72
C GLU C 342 -29.79 7.47 43.07
N ASP C 343 -30.47 6.34 43.23
CA ASP C 343 -31.89 6.35 43.57
C ASP C 343 -32.13 6.74 45.03
N GLY C 344 -31.09 6.81 45.85
CA GLY C 344 -31.26 7.14 47.25
C GLY C 344 -30.93 5.99 48.17
N ASP C 345 -29.99 5.14 47.74
CA ASP C 345 -29.59 3.96 48.50
C ASP C 345 -28.09 3.99 48.73
N ARG C 346 -27.67 3.45 49.88
CA ARG C 346 -26.26 3.46 50.26
C ARG C 346 -25.45 2.54 49.35
N LYS C 347 -24.14 2.59 49.52
CA LYS C 347 -23.21 1.82 48.70
C LYS C 347 -22.14 1.19 49.59
N PHE C 348 -21.55 0.11 49.08
CA PHE C 348 -20.43 -0.59 49.72
C PHE C 348 -20.79 -1.07 51.13
N ALA C 349 -21.75 -1.98 51.18
CA ALA C 349 -22.19 -2.59 52.43
C ALA C 349 -21.47 -3.91 52.67
N ASN C 350 -21.84 -4.58 53.75
CA ASN C 350 -21.21 -5.83 54.17
C ASN C 350 -22.23 -6.96 54.13
N TYR C 351 -21.84 -8.08 53.53
CA TYR C 351 -22.71 -9.24 53.40
C TYR C 351 -21.95 -10.49 53.82
N SER C 352 -22.69 -11.45 54.37
CA SER C 352 -22.13 -12.71 54.84
C SER C 352 -22.65 -13.86 53.99
N ILE C 353 -21.75 -14.74 53.59
CA ILE C 353 -22.06 -15.83 52.67
C ILE C 353 -21.82 -17.15 53.38
N MET C 354 -22.84 -18.00 53.38
CA MET C 354 -22.82 -19.31 54.02
C MET C 354 -23.11 -20.40 52.99
N ASN C 355 -22.86 -21.64 53.38
CA ASN C 355 -23.06 -22.79 52.51
C ASN C 355 -23.91 -23.84 53.22
N LEU C 356 -24.79 -24.47 52.46
CA LEU C 356 -25.69 -25.48 53.02
C LEU C 356 -24.88 -26.74 53.34
N GLN C 357 -24.50 -26.89 54.60
CA GLN C 357 -23.75 -28.05 55.07
C GLN C 357 -24.51 -28.68 56.21
N ASN C 358 -24.79 -29.98 56.09
CA ASN C 358 -25.55 -30.72 57.10
C ASN C 358 -26.90 -30.05 57.36
N ARG C 359 -27.57 -29.67 56.28
CA ARG C 359 -28.83 -28.93 56.32
C ARG C 359 -28.70 -27.61 57.08
N LYS C 360 -27.48 -27.11 57.21
CA LYS C 360 -27.21 -25.89 57.95
C LYS C 360 -26.28 -24.99 57.14
N LEU C 361 -26.37 -23.69 57.41
CA LEU C 361 -25.57 -22.70 56.71
C LEU C 361 -24.40 -22.26 57.59
N VAL C 362 -23.19 -22.36 57.06
CA VAL C 362 -21.99 -21.96 57.79
C VAL C 362 -21.38 -20.78 57.05
N GLN C 363 -21.43 -19.60 57.68
CA GLN C 363 -20.95 -18.37 57.03
C GLN C 363 -19.45 -18.47 56.79
N VAL C 364 -19.06 -18.47 55.53
CA VAL C 364 -17.66 -18.66 55.16
C VAL C 364 -17.09 -17.48 54.40
N GLY C 365 -17.89 -16.61 53.82
CA GLY C 365 -17.40 -15.50 53.02
C GLY C 365 -17.93 -14.17 53.51
N ILE C 366 -17.16 -13.12 53.27
CA ILE C 366 -17.53 -11.76 53.65
C ILE C 366 -17.32 -10.84 52.47
N TYR C 367 -18.38 -10.18 52.03
CA TYR C 367 -18.32 -9.20 50.97
C TYR C 367 -18.35 -7.81 51.60
N ASN C 368 -17.29 -7.05 51.40
CA ASN C 368 -17.14 -5.75 52.03
C ASN C 368 -17.67 -4.60 51.20
N GLY C 369 -18.32 -4.90 50.08
CA GLY C 369 -18.77 -3.87 49.15
C GLY C 369 -17.77 -3.51 48.09
N THR C 370 -16.52 -3.95 48.22
CA THR C 370 -15.52 -3.84 47.18
C THR C 370 -14.80 -5.15 46.89
N HIS C 371 -14.88 -6.12 47.79
CA HIS C 371 -14.32 -7.44 47.56
C HIS C 371 -15.03 -8.43 48.47
N VAL C 372 -14.97 -9.70 48.08
CA VAL C 372 -15.53 -10.79 48.88
C VAL C 372 -14.37 -11.49 49.56
N ILE C 373 -14.32 -11.39 50.89
CA ILE C 373 -13.22 -11.94 51.68
C ILE C 373 -13.58 -13.39 52.03
N PRO C 374 -12.83 -14.38 51.55
CA PRO C 374 -13.08 -15.76 51.95
C PRO C 374 -12.39 -16.07 53.27
N ASN C 375 -12.74 -17.23 53.82
CA ASN C 375 -12.18 -17.69 55.08
C ASN C 375 -11.75 -19.15 54.93
N ASP C 376 -11.31 -19.74 56.04
CA ASP C 376 -10.89 -21.14 56.04
C ASP C 376 -12.04 -22.11 56.30
N ARG C 377 -13.26 -21.60 56.47
CA ARG C 377 -14.40 -22.47 56.73
C ARG C 377 -14.69 -23.35 55.52
N LYS C 378 -15.20 -24.55 55.79
CA LYS C 378 -15.45 -25.51 54.72
C LYS C 378 -16.52 -25.01 53.77
N ILE C 379 -16.31 -25.24 52.48
CA ILE C 379 -17.25 -24.88 51.43
C ILE C 379 -17.37 -26.09 50.52
N ILE C 380 -18.38 -26.92 50.75
CA ILE C 380 -18.55 -28.12 49.95
C ILE C 380 -19.12 -27.75 48.58
N TRP C 381 -18.47 -28.20 47.52
CA TRP C 381 -18.97 -27.98 46.19
C TRP C 381 -20.21 -28.83 45.95
N PRO C 382 -21.02 -28.49 44.95
CA PRO C 382 -22.29 -29.18 44.76
C PRO C 382 -22.10 -30.65 44.42
N GLY C 383 -23.14 -31.44 44.71
CA GLY C 383 -23.06 -32.87 44.52
C GLY C 383 -22.23 -33.58 45.56
N GLY C 384 -22.11 -33.01 46.76
CA GLY C 384 -21.23 -33.57 47.77
C GLY C 384 -19.78 -33.52 47.36
N GLU C 385 -19.38 -32.44 46.67
CA GLU C 385 -18.02 -32.27 46.22
C GLU C 385 -17.35 -31.16 47.01
N THR C 386 -16.05 -30.99 46.77
CA THR C 386 -15.28 -29.91 47.38
C THR C 386 -14.74 -28.93 46.35
N GLU C 387 -14.00 -29.42 45.37
CA GLU C 387 -13.38 -28.54 44.38
C GLU C 387 -14.43 -27.91 43.48
N LYS C 388 -14.23 -26.64 43.15
CA LYS C 388 -15.09 -25.97 42.20
C LYS C 388 -14.77 -26.48 40.80
N PRO C 389 -15.75 -27.01 40.06
CA PRO C 389 -15.48 -27.57 38.74
C PRO C 389 -15.33 -26.44 37.71
N ARG C 390 -15.10 -26.84 36.46
CA ARG C 390 -14.95 -25.91 35.35
C ARG C 390 -16.27 -25.82 34.59
N GLY C 391 -16.62 -24.60 34.18
CA GLY C 391 -17.88 -24.36 33.52
C GLY C 391 -17.91 -24.80 32.07
N TYR C 392 -17.54 -26.04 31.82
CA TYR C 392 -17.58 -26.59 30.46
C TYR C 392 -17.56 -28.11 30.55
N GLN C 393 -18.64 -28.74 30.11
CA GLN C 393 -18.68 -30.19 29.90
C GLN C 393 -18.31 -30.41 28.44
N MET C 394 -17.02 -30.61 28.19
CA MET C 394 -16.49 -30.48 26.83
C MET C 394 -17.02 -31.57 25.90
N SER C 395 -17.02 -32.82 26.36
CA SER C 395 -17.24 -33.93 25.44
C SER C 395 -18.67 -33.96 24.94
N THR C 396 -18.91 -33.33 23.80
CA THR C 396 -20.22 -33.31 23.16
C THR C 396 -20.16 -34.10 21.87
N ARG C 397 -21.01 -35.13 21.76
CA ARG C 397 -21.05 -35.98 20.59
C ARG C 397 -21.32 -35.14 19.35
N LEU C 398 -20.34 -35.06 18.45
CA LEU C 398 -20.45 -34.16 17.32
C LEU C 398 -21.37 -34.75 16.25
N LYS C 399 -22.21 -33.90 15.69
CA LYS C 399 -23.07 -34.28 14.56
C LYS C 399 -22.36 -33.94 13.26
N ILE C 400 -22.58 -34.77 12.24
CA ILE C 400 -21.90 -34.63 10.97
C ILE C 400 -22.91 -34.64 9.84
N VAL C 401 -22.51 -34.06 8.71
CA VAL C 401 -23.34 -33.96 7.53
C VAL C 401 -22.52 -34.37 6.31
N THR C 402 -23.08 -35.25 5.48
CA THR C 402 -22.33 -35.84 4.38
C THR C 402 -23.15 -35.85 3.11
N ILE C 403 -22.44 -35.82 1.99
CA ILE C 403 -23.02 -35.67 0.66
C ILE C 403 -22.90 -37.00 -0.07
N HIS C 404 -24.01 -37.48 -0.61
CA HIS C 404 -23.95 -38.69 -1.43
C HIS C 404 -23.30 -38.38 -2.77
N GLN C 405 -22.15 -39.00 -3.04
CA GLN C 405 -21.54 -38.92 -4.36
C GLN C 405 -20.59 -40.10 -4.52
N GLU C 406 -20.91 -40.98 -5.45
CA GLU C 406 -20.05 -42.14 -5.66
C GLU C 406 -18.68 -41.65 -6.11
N PRO C 407 -17.62 -42.38 -5.78
CA PRO C 407 -17.53 -43.58 -4.98
C PRO C 407 -16.92 -43.26 -3.65
N PHE C 408 -17.39 -42.20 -3.00
CA PHE C 408 -16.80 -41.79 -1.73
C PHE C 408 -17.64 -42.19 -0.53
N VAL C 409 -18.96 -42.04 -0.60
CA VAL C 409 -19.88 -42.55 0.40
C VAL C 409 -21.10 -43.13 -0.29
N TYR C 410 -21.50 -44.33 0.13
CA TYR C 410 -22.59 -45.04 -0.51
C TYR C 410 -23.90 -44.80 0.22
N VAL C 411 -24.97 -45.33 -0.37
CA VAL C 411 -26.28 -45.41 0.26
C VAL C 411 -26.94 -46.70 -0.23
N LYS C 412 -27.29 -47.58 0.70
CA LYS C 412 -27.87 -48.85 0.29
C LYS C 412 -29.17 -49.10 1.03
N PRO C 413 -30.08 -49.86 0.45
CA PRO C 413 -31.36 -50.11 1.11
C PRO C 413 -31.18 -50.80 2.45
N THR C 414 -31.95 -50.37 3.42
CA THR C 414 -31.88 -50.99 4.74
C THR C 414 -32.50 -52.37 4.68
N MET C 415 -31.80 -53.36 5.22
CA MET C 415 -32.41 -54.66 5.41
C MET C 415 -33.51 -54.56 6.46
N SER C 416 -34.66 -55.17 6.15
CA SER C 416 -35.92 -54.81 6.80
C SER C 416 -35.92 -55.10 8.30
N ASP C 417 -35.13 -56.07 8.75
CA ASP C 417 -35.24 -56.52 10.14
C ASP C 417 -34.89 -55.41 11.13
N GLY C 418 -33.98 -54.52 10.76
CA GLY C 418 -33.57 -53.45 11.66
C GLY C 418 -32.11 -53.10 11.52
N THR C 419 -31.33 -54.01 10.97
CA THR C 419 -29.94 -53.79 10.61
C THR C 419 -29.81 -53.96 9.10
N CYS C 420 -28.58 -53.99 8.59
CA CYS C 420 -28.42 -54.23 7.17
C CYS C 420 -27.41 -55.34 6.90
N LYS C 421 -27.00 -55.44 5.64
CA LYS C 421 -26.24 -56.59 5.15
C LYS C 421 -24.96 -56.78 5.95
N GLU C 422 -24.49 -58.02 5.99
CA GLU C 422 -23.21 -58.38 6.57
C GLU C 422 -22.34 -58.91 5.44
N GLU C 423 -21.52 -58.03 4.87
CA GLU C 423 -20.65 -58.38 3.76
C GLU C 423 -19.20 -58.31 4.19
N PHE C 424 -18.31 -58.77 3.32
CA PHE C 424 -16.89 -58.81 3.61
C PHE C 424 -16.11 -58.52 2.34
N THR C 425 -14.86 -58.09 2.52
CA THR C 425 -14.00 -57.77 1.40
C THR C 425 -13.62 -59.03 0.64
N VAL C 426 -12.90 -58.84 -0.46
CA VAL C 426 -12.32 -59.97 -1.18
C VAL C 426 -11.33 -60.69 -0.29
N ASN C 427 -10.70 -59.98 0.63
CA ASN C 427 -9.79 -60.59 1.59
C ASN C 427 -10.51 -61.05 2.85
N GLY C 428 -11.83 -60.94 2.90
CA GLY C 428 -12.56 -61.29 4.09
C GLY C 428 -12.37 -60.32 5.23
N ASP C 429 -11.99 -59.08 4.95
CA ASP C 429 -11.75 -58.12 6.01
C ASP C 429 -13.07 -57.51 6.48
N PRO C 430 -13.13 -57.08 7.73
CA PRO C 430 -14.40 -56.62 8.30
C PRO C 430 -14.86 -55.27 7.78
N VAL C 431 -15.60 -55.27 6.67
CA VAL C 431 -16.13 -54.04 6.11
C VAL C 431 -16.92 -53.31 7.19
N LYS C 432 -16.47 -52.12 7.54
CA LYS C 432 -17.14 -51.35 8.56
C LYS C 432 -18.30 -50.57 7.95
N LYS C 433 -19.32 -50.32 8.77
CA LYS C 433 -20.45 -49.53 8.31
C LYS C 433 -21.20 -48.98 9.51
N VAL C 434 -22.03 -47.98 9.25
CA VAL C 434 -22.85 -47.35 10.26
C VAL C 434 -24.25 -47.16 9.69
N ILE C 435 -25.16 -46.67 10.53
CA ILE C 435 -26.56 -46.53 10.16
C ILE C 435 -26.85 -45.06 9.89
N CYS C 436 -27.31 -44.75 8.67
CA CYS C 436 -27.49 -43.38 8.23
C CYS C 436 -28.92 -43.15 7.79
N THR C 437 -29.53 -42.09 8.33
CA THR C 437 -30.87 -41.68 7.95
C THR C 437 -30.80 -40.47 7.02
N GLY C 438 -31.50 -40.53 5.91
CA GLY C 438 -31.42 -39.50 4.92
C GLY C 438 -32.71 -39.36 4.14
N PRO C 439 -32.92 -38.18 3.57
CA PRO C 439 -34.18 -37.89 2.88
C PRO C 439 -34.20 -38.53 1.50
N ASN C 440 -35.36 -38.45 0.85
CA ASN C 440 -35.54 -38.82 -0.54
C ASN C 440 -35.13 -40.27 -0.81
N ASP C 441 -35.46 -41.16 0.13
CA ASP C 441 -35.22 -42.58 -0.11
C ASP C 441 -36.02 -43.07 -1.30
N THR C 442 -37.28 -42.65 -1.38
CA THR C 442 -38.18 -43.01 -2.48
C THR C 442 -39.40 -42.09 -2.38
N SER C 443 -40.38 -42.33 -3.25
CA SER C 443 -41.65 -41.62 -3.28
C SER C 443 -41.44 -40.11 -3.38
N PRO C 444 -41.80 -39.35 -2.34
CA PRO C 444 -41.69 -37.89 -2.44
C PRO C 444 -41.69 -37.21 -1.08
N GLY C 445 -42.87 -36.80 -0.62
CA GLY C 445 -42.99 -36.05 0.61
C GLY C 445 -42.86 -36.88 1.87
N SER C 446 -43.68 -36.58 2.88
CA SER C 446 -43.59 -37.19 4.19
C SER C 446 -42.16 -37.04 4.72
N PRO C 447 -41.70 -35.78 4.92
CA PRO C 447 -40.31 -35.54 5.35
C PRO C 447 -39.29 -36.24 4.48
N ARG C 448 -39.67 -36.54 3.24
CA ARG C 448 -38.80 -37.21 2.28
C ARG C 448 -38.31 -38.57 2.80
N HIS C 449 -39.12 -39.22 3.64
CA HIS C 449 -38.94 -40.62 4.01
C HIS C 449 -37.57 -40.85 4.65
N THR C 450 -37.40 -40.28 5.83
CA THR C 450 -36.14 -40.36 6.56
C THR C 450 -35.98 -41.71 7.25
N VAL C 451 -36.15 -42.77 6.46
CA VAL C 451 -35.90 -44.13 6.94
C VAL C 451 -34.39 -44.35 6.95
N PRO C 452 -33.80 -44.72 8.07
CA PRO C 452 -32.35 -44.91 8.12
C PRO C 452 -31.91 -46.03 7.18
N GLN C 453 -30.80 -45.79 6.49
CA GLN C 453 -30.08 -46.78 5.71
C GLN C 453 -28.67 -46.84 6.25
N CYS C 454 -27.83 -47.70 5.67
CA CYS C 454 -26.48 -47.84 6.17
C CYS C 454 -25.48 -47.37 5.12
N CYS C 455 -24.62 -46.44 5.53
CA CYS C 455 -23.68 -45.76 4.65
C CYS C 455 -22.27 -46.26 4.94
N TYR C 456 -21.49 -46.38 3.87
CA TYR C 456 -20.13 -46.89 3.98
C TYR C 456 -19.45 -46.63 2.66
N GLY C 457 -18.12 -46.73 2.67
CA GLY C 457 -17.36 -46.37 1.48
C GLY C 457 -15.91 -46.04 1.76
N PHE C 458 -15.47 -44.88 1.30
CA PHE C 458 -14.12 -44.43 1.57
C PHE C 458 -14.05 -43.42 2.70
N CYS C 459 -14.99 -42.49 2.76
CA CYS C 459 -14.91 -41.44 3.76
C CYS C 459 -15.30 -41.93 5.15
N ILE C 460 -16.32 -42.79 5.22
CA ILE C 460 -16.85 -43.21 6.51
C ILE C 460 -15.78 -43.87 7.35
N ASP C 461 -14.94 -44.69 6.73
CA ASP C 461 -13.88 -45.34 7.48
C ASP C 461 -12.89 -44.33 8.02
N LEU C 462 -12.60 -43.28 7.24
CA LEU C 462 -11.73 -42.23 7.75
C LEU C 462 -12.32 -41.61 9.00
N LEU C 463 -13.62 -41.31 8.97
CA LEU C 463 -14.24 -40.71 10.15
C LEU C 463 -14.20 -41.68 11.33
N ILE C 464 -14.41 -42.96 11.08
CA ILE C 464 -14.35 -43.93 12.17
C ILE C 464 -12.96 -43.94 12.79
N LYS C 465 -11.92 -43.87 11.97
CA LYS C 465 -10.57 -43.88 12.52
C LYS C 465 -10.31 -42.64 13.37
N LEU C 466 -10.69 -41.47 12.87
CA LEU C 466 -10.55 -40.27 13.69
C LEU C 466 -11.31 -40.40 14.99
N ALA C 467 -12.50 -40.99 14.93
CA ALA C 467 -13.29 -41.18 16.14
C ALA C 467 -12.57 -42.12 17.11
N ARG C 468 -11.97 -43.19 16.59
CA ARG C 468 -11.19 -44.08 17.44
C ARG C 468 -10.13 -43.29 18.18
N THR C 469 -9.45 -42.40 17.47
CA THR C 469 -8.57 -41.46 18.16
C THR C 469 -9.40 -40.51 19.02
N MET C 470 -8.83 -40.14 20.17
CA MET C 470 -9.29 -39.03 21.01
C MET C 470 -10.78 -39.08 21.36
N ASN C 471 -11.36 -40.28 21.35
CA ASN C 471 -12.54 -40.62 22.16
C ASN C 471 -13.72 -39.65 21.93
N PHE C 472 -14.27 -39.68 20.72
CA PHE C 472 -15.53 -39.00 20.51
C PHE C 472 -16.38 -39.83 19.56
N THR C 473 -17.70 -39.75 19.72
CA THR C 473 -18.63 -40.52 18.92
C THR C 473 -19.34 -39.63 17.90
N TYR C 474 -20.15 -40.25 17.06
CA TYR C 474 -20.62 -39.64 15.82
C TYR C 474 -22.04 -40.07 15.55
N GLU C 475 -22.76 -39.26 14.79
CA GLU C 475 -24.17 -39.53 14.48
C GLU C 475 -24.48 -38.94 13.09
N VAL C 476 -24.39 -39.79 12.08
CA VAL C 476 -24.42 -39.35 10.69
C VAL C 476 -25.84 -38.98 10.29
N HIS C 477 -25.98 -37.95 9.46
CA HIS C 477 -27.24 -37.66 8.81
C HIS C 477 -26.96 -36.83 7.56
N LEU C 478 -27.77 -37.00 6.52
CA LEU C 478 -27.42 -36.45 5.22
C LEU C 478 -27.86 -35.00 5.08
N VAL C 479 -27.64 -34.47 3.88
CA VAL C 479 -27.82 -33.06 3.53
C VAL C 479 -29.25 -32.80 3.09
N ALA C 480 -29.63 -31.52 3.00
CA ALA C 480 -30.97 -31.17 2.58
C ALA C 480 -31.28 -31.63 1.15
N ASP C 481 -30.42 -31.28 0.19
CA ASP C 481 -30.77 -31.55 -1.20
C ASP C 481 -29.67 -32.18 -2.05
N GLY C 482 -28.40 -32.08 -1.69
CA GLY C 482 -27.39 -32.79 -2.47
C GLY C 482 -26.48 -31.98 -3.39
N LYS C 483 -25.88 -30.91 -2.90
CA LYS C 483 -24.87 -30.19 -3.67
C LYS C 483 -23.62 -29.96 -2.82
N PHE C 484 -22.48 -29.72 -3.45
CA PHE C 484 -21.34 -29.41 -2.57
C PHE C 484 -21.59 -28.06 -1.91
N GLY C 485 -22.51 -27.26 -2.45
CA GLY C 485 -22.87 -26.02 -1.77
C GLY C 485 -21.96 -24.88 -2.18
N THR C 486 -22.56 -23.79 -2.68
CA THR C 486 -21.81 -22.66 -3.21
C THR C 486 -22.19 -21.38 -2.47
N GLN C 487 -21.70 -20.25 -2.97
CA GLN C 487 -22.09 -18.94 -2.47
C GLN C 487 -23.17 -18.40 -3.41
N GLU C 488 -24.41 -18.45 -2.97
CA GLU C 488 -25.55 -18.13 -3.80
C GLU C 488 -26.05 -16.72 -3.50
N ARG C 489 -27.18 -16.35 -4.12
CA ARG C 489 -27.76 -15.03 -3.93
C ARG C 489 -29.16 -15.03 -4.50
N VAL C 490 -30.13 -14.56 -3.72
CA VAL C 490 -31.49 -14.33 -4.20
C VAL C 490 -31.98 -13.01 -3.64
N ASN C 491 -32.83 -12.32 -4.40
CA ASN C 491 -33.24 -10.96 -4.07
C ASN C 491 -34.06 -10.91 -2.78
N ASN C 492 -34.99 -11.86 -2.62
CA ASN C 492 -35.88 -11.81 -1.48
C ASN C 492 -35.13 -11.94 -0.15
N SER C 493 -34.15 -12.84 -0.09
CA SER C 493 -33.28 -12.90 1.08
C SER C 493 -32.29 -11.73 1.09
N ASN C 494 -31.72 -11.42 -0.06
CA ASN C 494 -30.87 -10.27 -0.33
C ASN C 494 -29.50 -10.34 0.32
N LYS C 495 -29.16 -11.40 1.06
CA LYS C 495 -27.83 -11.51 1.67
C LYS C 495 -27.21 -12.87 1.36
N LYS C 496 -26.68 -13.01 0.15
CA LYS C 496 -25.58 -13.92 -0.19
C LYS C 496 -25.55 -15.20 0.63
N GLU C 497 -26.68 -15.88 0.74
CA GLU C 497 -26.80 -17.01 1.66
C GLU C 497 -26.23 -18.28 1.04
N TRP C 498 -25.34 -18.94 1.77
CA TRP C 498 -24.95 -20.29 1.41
C TRP C 498 -26.13 -21.22 1.61
N ASN C 499 -26.39 -22.08 0.64
CA ASN C 499 -27.52 -22.99 0.72
C ASN C 499 -27.04 -24.42 0.89
N GLY C 500 -28.00 -25.31 1.06
CA GLY C 500 -27.72 -26.73 1.03
C GLY C 500 -26.72 -27.15 2.08
N MET C 501 -25.62 -27.72 1.63
CA MET C 501 -24.66 -28.37 2.52
C MET C 501 -23.82 -27.34 3.26
N MET C 502 -23.02 -26.59 2.53
CA MET C 502 -22.29 -25.47 3.11
C MET C 502 -23.22 -24.57 3.89
N GLY C 503 -24.42 -24.35 3.35
CA GLY C 503 -25.38 -23.54 4.07
C GLY C 503 -25.72 -24.11 5.43
N GLU C 504 -25.92 -25.43 5.48
CA GLU C 504 -26.14 -26.08 6.76
C GLU C 504 -24.99 -25.82 7.70
N LEU C 505 -23.77 -25.82 7.16
CA LEU C 505 -22.63 -25.54 8.02
C LEU C 505 -22.74 -24.18 8.69
N LEU C 506 -23.38 -23.22 8.04
CA LEU C 506 -23.73 -21.97 8.71
C LEU C 506 -25.12 -22.03 9.32
N SER C 507 -25.37 -23.05 10.14
CA SER C 507 -26.60 -23.15 10.89
C SER C 507 -26.42 -23.68 12.31
N GLY C 508 -25.27 -24.25 12.64
CA GLY C 508 -24.99 -24.60 14.01
C GLY C 508 -25.74 -25.79 14.57
N GLN C 509 -26.26 -26.68 13.73
CA GLN C 509 -26.84 -27.91 14.27
C GLN C 509 -25.87 -29.08 14.16
N ALA C 510 -25.05 -29.09 13.12
CA ALA C 510 -23.95 -30.02 13.00
C ALA C 510 -22.74 -29.27 12.50
N ASP C 511 -21.55 -29.69 12.90
CA ASP C 511 -20.37 -28.93 12.54
C ASP C 511 -19.42 -29.63 11.60
N MET C 512 -18.99 -30.86 11.88
CA MET C 512 -18.05 -31.52 11.01
C MET C 512 -18.70 -31.77 9.66
N ILE C 513 -17.93 -31.58 8.60
CA ILE C 513 -18.43 -31.86 7.26
C ILE C 513 -17.46 -32.78 6.56
N VAL C 514 -17.68 -34.07 6.69
CA VAL C 514 -16.65 -35.02 6.33
C VAL C 514 -17.03 -35.65 5.01
N ALA C 515 -16.55 -35.06 3.93
CA ALA C 515 -16.93 -35.45 2.58
C ALA C 515 -16.12 -34.64 1.59
N PRO C 516 -16.05 -35.04 0.35
CA PRO C 516 -15.12 -34.38 -0.57
C PRO C 516 -15.48 -32.94 -0.89
N LEU C 517 -15.20 -32.05 0.03
CA LEU C 517 -15.42 -30.62 -0.15
C LEU C 517 -14.14 -29.93 -0.61
N THR C 518 -14.17 -29.30 -1.78
CA THR C 518 -12.99 -28.65 -2.32
C THR C 518 -12.60 -27.48 -1.42
N ILE C 519 -11.42 -26.89 -1.64
CA ILE C 519 -11.03 -25.65 -0.96
C ILE C 519 -10.45 -24.69 -1.98
N ASN C 520 -11.28 -23.80 -2.50
CA ASN C 520 -10.80 -22.62 -3.21
C ASN C 520 -10.93 -21.42 -2.31
N ASN C 521 -10.35 -20.30 -2.75
CA ASN C 521 -10.22 -19.14 -1.87
C ASN C 521 -11.59 -18.57 -1.48
N GLU C 522 -12.53 -18.50 -2.43
CA GLU C 522 -13.83 -17.90 -2.13
C GLU C 522 -14.55 -18.67 -1.03
N ARG C 523 -14.52 -20.00 -1.11
CA ARG C 523 -15.15 -20.79 -0.06
C ARG C 523 -14.30 -20.83 1.19
N ALA C 524 -13.04 -20.44 1.11
CA ALA C 524 -12.15 -20.45 2.27
C ALA C 524 -12.14 -19.11 2.98
N GLN C 525 -13.32 -18.61 3.34
CA GLN C 525 -13.40 -17.34 4.04
C GLN C 525 -14.16 -17.49 5.34
N TYR C 526 -15.22 -18.28 5.32
CA TYR C 526 -16.13 -18.30 6.44
C TYR C 526 -15.95 -19.50 7.35
N ILE C 527 -15.16 -20.48 6.94
CA ILE C 527 -14.91 -21.68 7.73
C ILE C 527 -13.44 -22.03 7.56
N GLU C 528 -12.96 -22.98 8.37
CA GLU C 528 -11.56 -23.35 8.35
C GLU C 528 -11.40 -24.85 8.11
N PHE C 529 -10.45 -25.19 7.25
CA PHE C 529 -10.16 -26.56 6.87
C PHE C 529 -8.91 -27.04 7.57
N SER C 530 -8.50 -28.25 7.25
CA SER C 530 -7.26 -28.83 7.74
C SER C 530 -6.36 -29.09 6.54
N LYS C 531 -5.23 -29.73 6.79
CA LYS C 531 -4.34 -30.03 5.69
C LYS C 531 -4.97 -31.11 4.82
N PRO C 532 -4.89 -30.96 3.51
CA PRO C 532 -5.64 -31.84 2.62
C PRO C 532 -5.19 -33.28 2.77
N PHE C 533 -6.11 -34.21 2.52
CA PHE C 533 -5.76 -35.62 2.50
C PHE C 533 -5.86 -36.23 1.11
N LYS C 534 -5.93 -35.42 0.07
CA LYS C 534 -6.10 -35.97 -1.28
C LYS C 534 -5.90 -34.87 -2.30
N TYR C 535 -5.04 -35.03 -3.28
CA TYR C 535 -5.00 -34.03 -4.34
C TYR C 535 -5.90 -34.46 -5.49
N GLN C 536 -6.43 -33.48 -6.21
CA GLN C 536 -7.35 -33.78 -7.31
C GLN C 536 -7.33 -32.67 -8.34
N GLY C 537 -7.80 -33.01 -9.53
CA GLY C 537 -7.90 -32.03 -10.60
C GLY C 537 -8.76 -32.55 -11.72
N LEU C 538 -9.20 -31.62 -12.57
CA LEU C 538 -10.01 -31.98 -13.72
C LEU C 538 -9.20 -32.78 -14.71
N THR C 539 -9.73 -33.93 -15.13
CA THR C 539 -9.05 -34.80 -16.07
C THR C 539 -10.01 -35.20 -17.16
N ILE C 540 -9.46 -35.78 -18.21
CA ILE C 540 -10.23 -36.12 -19.39
C ILE C 540 -10.00 -37.58 -19.73
N LEU C 541 -11.04 -38.24 -20.24
CA LEU C 541 -10.85 -39.54 -20.87
C LEU C 541 -11.43 -39.49 -22.26
N VAL C 542 -10.99 -40.44 -23.08
CA VAL C 542 -11.52 -40.51 -24.43
C VAL C 542 -12.16 -41.87 -24.69
N LYS C 543 -11.37 -42.94 -24.63
CA LYS C 543 -11.84 -44.28 -24.99
C LYS C 543 -10.70 -45.24 -24.71
N LYS C 544 -11.02 -46.53 -24.82
CA LYS C 544 -9.96 -47.53 -24.87
C LYS C 544 -9.10 -47.21 -26.07
N GLU C 545 -7.86 -46.80 -25.83
CA GLU C 545 -6.95 -46.44 -26.90
C GLU C 545 -6.59 -47.69 -27.70
N ILE C 546 -7.09 -47.79 -28.91
CA ILE C 546 -6.76 -48.90 -29.79
C ILE C 546 -6.95 -48.45 -31.24
N PRO C 547 -6.06 -47.60 -31.77
CA PRO C 547 -6.18 -47.17 -33.16
C PRO C 547 -5.41 -48.04 -34.15
N ARG C 548 -5.43 -47.64 -35.42
CA ARG C 548 -4.63 -48.24 -36.48
C ARG C 548 -5.03 -49.68 -36.80
N SER C 549 -4.38 -50.28 -37.80
CA SER C 549 -4.71 -51.63 -38.24
C SER C 549 -3.45 -52.30 -38.77
N THR C 550 -3.49 -53.62 -38.82
CA THR C 550 -2.36 -54.44 -39.24
C THR C 550 -2.28 -54.46 -40.76
N LEU C 551 -1.43 -55.34 -41.30
CA LEU C 551 -1.19 -55.39 -42.73
C LEU C 551 -2.40 -55.97 -43.47
N ASP C 552 -3.37 -55.11 -43.80
CA ASP C 552 -4.55 -55.56 -44.52
C ASP C 552 -4.95 -54.68 -45.70
N SER C 553 -4.51 -53.42 -45.76
CA SER C 553 -4.95 -52.49 -46.81
C SER C 553 -4.12 -52.66 -48.08
N PHE C 554 -4.03 -53.90 -48.58
CA PHE C 554 -3.32 -54.14 -49.84
C PHE C 554 -4.11 -53.62 -51.03
N MET C 555 -5.42 -53.90 -51.07
CA MET C 555 -6.27 -53.41 -52.15
C MET C 555 -6.62 -51.94 -51.99
N GLN C 556 -6.52 -51.40 -50.78
CA GLN C 556 -6.79 -49.99 -50.53
C GLN C 556 -5.76 -49.13 -51.24
N PRO C 557 -4.55 -49.65 -51.46
CA PRO C 557 -3.51 -48.87 -52.14
C PRO C 557 -3.69 -48.73 -53.64
N PHE C 558 -4.88 -49.06 -54.16
CA PHE C 558 -5.18 -48.99 -55.59
C PHE C 558 -4.23 -49.85 -56.42
N GLN C 559 -3.82 -50.99 -55.86
CA GLN C 559 -2.95 -51.92 -56.58
C GLN C 559 -3.66 -52.57 -57.77
N SER C 560 -4.99 -52.46 -57.84
CA SER C 560 -5.72 -53.05 -58.96
C SER C 560 -5.31 -52.41 -60.28
N THR C 561 -5.15 -51.08 -60.29
CA THR C 561 -4.73 -50.40 -61.51
C THR C 561 -3.34 -50.85 -61.97
N LEU C 562 -2.40 -50.95 -61.03
CA LEU C 562 -1.07 -51.41 -61.38
C LEU C 562 -1.10 -52.85 -61.89
N TRP C 563 -1.88 -53.71 -61.25
CA TRP C 563 -1.99 -55.09 -61.71
C TRP C 563 -2.57 -55.17 -63.11
N LEU C 564 -3.61 -54.38 -63.38
CA LEU C 564 -4.21 -54.37 -64.72
C LEU C 564 -3.23 -53.86 -65.76
N LEU C 565 -2.48 -52.79 -65.43
CA LEU C 565 -1.49 -52.27 -66.36
C LEU C 565 -0.41 -53.29 -66.64
N VAL C 566 0.03 -54.01 -65.61
CA VAL C 566 1.05 -55.05 -65.78
C VAL C 566 0.52 -56.16 -66.67
N GLY C 567 -0.73 -56.58 -66.45
CA GLY C 567 -1.31 -57.61 -67.30
C GLY C 567 -1.43 -57.18 -68.75
N LEU C 568 -1.87 -55.95 -68.98
CA LEU C 568 -1.97 -55.44 -70.35
C LEU C 568 -0.60 -55.36 -71.01
N SER C 569 0.40 -54.91 -70.26
CA SER C 569 1.76 -54.83 -70.80
C SER C 569 2.31 -56.22 -71.11
N VAL C 570 2.03 -57.21 -70.26
CA VAL C 570 2.46 -58.57 -70.53
C VAL C 570 1.80 -59.11 -71.78
N HIS C 571 0.50 -58.85 -71.95
CA HIS C 571 -0.18 -59.27 -73.17
C HIS C 571 0.40 -58.60 -74.40
N VAL C 572 0.71 -57.30 -74.29
CA VAL C 572 1.32 -56.59 -75.42
C VAL C 572 2.68 -57.18 -75.76
N VAL C 573 3.48 -57.50 -74.73
CA VAL C 573 4.80 -58.08 -74.96
C VAL C 573 4.68 -59.44 -75.63
N ALA C 574 3.73 -60.26 -75.17
CA ALA C 574 3.53 -61.57 -75.79
C ALA C 574 3.09 -61.43 -77.24
N VAL C 575 2.20 -60.47 -77.53
CA VAL C 575 1.77 -60.25 -78.91
C VAL C 575 2.93 -59.79 -79.77
N MET C 576 3.75 -58.88 -79.26
CA MET C 576 4.89 -58.38 -80.02
C MET C 576 5.91 -59.48 -80.28
N LEU C 577 6.19 -60.32 -79.29
CA LEU C 577 7.09 -61.44 -79.49
C LEU C 577 6.52 -62.42 -80.52
N TYR C 578 5.20 -62.66 -80.47
CA TYR C 578 4.57 -63.48 -81.49
C TYR C 578 4.67 -62.83 -82.86
N LEU C 579 4.53 -61.51 -82.93
CA LEU C 579 4.65 -60.78 -84.18
C LEU C 579 6.10 -60.43 -84.48
N SER C 628 14.40 -59.52 -82.65
CA SER C 628 13.45 -58.56 -82.10
C SER C 628 12.86 -59.05 -80.79
N ALA C 629 12.70 -60.37 -80.67
CA ALA C 629 12.14 -60.95 -79.46
C ALA C 629 13.06 -60.74 -78.26
N ARG C 630 14.38 -60.80 -78.49
CA ARG C 630 15.33 -60.64 -77.39
C ARG C 630 15.23 -59.24 -76.77
N ILE C 631 15.13 -58.21 -77.61
CA ILE C 631 15.05 -56.84 -77.10
C ILE C 631 13.78 -56.65 -76.29
N LEU C 632 12.66 -57.13 -76.81
CA LEU C 632 11.39 -57.00 -76.10
C LEU C 632 11.42 -57.75 -74.78
N GLY C 633 12.01 -58.95 -74.78
CA GLY C 633 12.12 -59.71 -73.54
C GLY C 633 12.98 -59.02 -72.50
N MET C 634 14.10 -58.45 -72.93
CA MET C 634 14.95 -57.70 -72.00
C MET C 634 14.21 -56.49 -71.45
N VAL C 635 13.45 -55.79 -72.31
CA VAL C 635 12.67 -54.63 -71.85
C VAL C 635 11.64 -55.07 -70.83
N TRP C 636 10.95 -56.18 -71.09
CA TRP C 636 9.94 -56.67 -70.17
C TRP C 636 10.54 -57.07 -68.83
N ALA C 637 11.70 -57.73 -68.86
CA ALA C 637 12.36 -58.12 -67.62
C ALA C 637 12.79 -56.90 -66.80
N GLY C 638 13.37 -55.90 -67.48
CA GLY C 638 13.75 -54.69 -66.78
C GLY C 638 12.56 -53.96 -66.21
N PHE C 639 11.45 -53.91 -66.97
CA PHE C 639 10.23 -53.29 -66.46
C PHE C 639 9.70 -54.03 -65.25
N ALA C 640 9.74 -55.36 -65.27
CA ALA C 640 9.28 -56.13 -64.13
C ALA C 640 10.13 -55.86 -62.90
N MET C 641 11.45 -55.81 -63.06
CA MET C 641 12.32 -55.53 -61.92
C MET C 641 12.07 -54.12 -61.38
N ILE C 642 11.94 -53.13 -62.27
CA ILE C 642 11.70 -51.77 -61.84
C ILE C 642 10.37 -51.65 -61.12
N ILE C 643 9.34 -52.33 -61.65
CA ILE C 643 8.02 -52.30 -61.03
C ILE C 643 8.06 -52.96 -59.66
N VAL C 644 8.85 -54.04 -59.53
CA VAL C 644 8.99 -54.67 -58.23
C VAL C 644 9.63 -53.72 -57.23
N ALA C 645 10.70 -53.03 -57.66
CA ALA C 645 11.35 -52.07 -56.78
C ALA C 645 10.39 -50.95 -56.38
N SER C 646 9.63 -50.44 -57.34
CA SER C 646 8.69 -49.35 -57.05
C SER C 646 7.59 -49.81 -56.11
N TYR C 647 7.06 -51.02 -56.32
CA TYR C 647 6.02 -51.54 -55.44
C TYR C 647 6.55 -51.72 -54.03
N THR C 648 7.78 -52.23 -53.89
CA THR C 648 8.37 -52.38 -52.57
C THR C 648 8.54 -51.02 -51.90
N ALA C 649 9.03 -50.03 -52.64
CA ALA C 649 9.22 -48.70 -52.06
C ALA C 649 7.89 -48.09 -51.62
N ASN C 650 6.86 -48.21 -52.47
CA ASN C 650 5.55 -47.66 -52.12
C ASN C 650 4.97 -48.38 -50.91
N LEU C 651 5.14 -49.70 -50.84
CA LEU C 651 4.66 -50.44 -49.70
C LEU C 651 5.36 -49.99 -48.41
N ALA C 652 6.67 -49.79 -48.48
CA ALA C 652 7.40 -49.30 -47.31
C ALA C 652 6.90 -47.92 -46.89
N ALA C 653 6.71 -47.03 -47.86
CA ALA C 653 6.24 -45.68 -47.54
C ALA C 653 4.86 -45.72 -46.90
N PHE C 654 3.96 -46.54 -47.44
CA PHE C 654 2.63 -46.67 -46.86
C PHE C 654 2.71 -47.26 -45.45
N LEU C 655 3.60 -48.23 -45.25
CA LEU C 655 3.79 -48.81 -43.92
C LEU C 655 4.29 -47.77 -42.93
N VAL C 656 5.08 -46.79 -43.40
CA VAL C 656 5.57 -45.75 -42.51
C VAL C 656 4.41 -44.97 -41.91
N VAL C 657 3.48 -44.55 -42.75
CA VAL C 657 2.33 -43.79 -42.28
C VAL C 657 1.38 -44.70 -41.50
N ASP C 658 0.99 -44.26 -40.30
CA ASP C 658 0.09 -45.05 -39.48
C ASP C 658 -0.97 -44.21 -38.76
N ARG C 659 -1.06 -42.91 -39.04
CA ARG C 659 -1.97 -41.99 -38.38
C ARG C 659 -1.78 -42.04 -36.87
N PRO C 660 -0.56 -41.85 -36.39
CA PRO C 660 -0.31 -41.90 -34.95
C PRO C 660 -0.67 -40.59 -34.27
N GLU C 661 -0.33 -40.49 -32.97
CA GLU C 661 -0.59 -39.30 -32.16
C GLU C 661 -2.09 -39.11 -31.95
N GLU C 662 -2.78 -40.22 -31.70
CA GLU C 662 -4.19 -40.19 -31.35
C GLU C 662 -4.32 -39.83 -29.88
N ARG C 663 -5.53 -40.03 -29.33
CA ARG C 663 -5.84 -39.79 -27.92
C ARG C 663 -5.64 -38.29 -27.64
N ILE C 664 -4.94 -37.90 -26.58
CA ILE C 664 -4.87 -36.51 -26.18
C ILE C 664 -3.68 -36.36 -25.23
N THR C 665 -3.16 -35.13 -25.11
CA THR C 665 -1.98 -34.91 -24.30
C THR C 665 -2.24 -33.97 -23.12
N GLY C 666 -2.79 -32.79 -23.36
CA GLY C 666 -3.00 -31.84 -22.28
C GLY C 666 -4.20 -30.94 -22.51
N ILE C 667 -4.30 -29.85 -21.76
CA ILE C 667 -5.38 -28.91 -22.01
C ILE C 667 -4.95 -27.79 -22.95
N ASN C 668 -3.66 -27.55 -23.09
CA ASN C 668 -3.13 -26.55 -23.99
C ASN C 668 -2.61 -27.14 -25.28
N ASP C 669 -2.86 -28.42 -25.52
CA ASP C 669 -2.47 -29.06 -26.77
C ASP C 669 -3.31 -28.52 -27.92
N PRO C 670 -2.80 -28.59 -29.15
CA PRO C 670 -3.42 -27.85 -30.23
C PRO C 670 -4.87 -28.17 -30.45
N ARG C 671 -5.24 -29.45 -30.33
CA ARG C 671 -6.59 -29.84 -30.72
C ARG C 671 -7.65 -29.11 -29.91
N LEU C 672 -7.35 -28.78 -28.66
CA LEU C 672 -8.35 -28.17 -27.79
C LEU C 672 -8.28 -26.65 -27.83
N ARG C 673 -8.22 -26.07 -29.01
CA ARG C 673 -8.34 -24.62 -29.14
C ARG C 673 -9.16 -24.20 -30.35
N ASN C 674 -9.60 -25.13 -31.17
CA ASN C 674 -10.56 -24.83 -32.21
C ASN C 674 -11.23 -26.13 -32.66
N PRO C 675 -12.32 -26.53 -32.01
CA PRO C 675 -12.97 -27.80 -32.34
C PRO C 675 -13.78 -27.66 -33.62
N SER C 676 -13.45 -28.45 -34.63
CA SER C 676 -14.14 -28.26 -35.91
C SER C 676 -15.50 -28.94 -35.91
N ASP C 677 -15.52 -30.26 -36.05
CA ASP C 677 -16.75 -31.01 -35.83
C ASP C 677 -16.50 -32.42 -35.30
N LYS C 678 -15.26 -32.81 -35.07
CA LYS C 678 -14.93 -34.20 -34.78
C LYS C 678 -14.41 -34.35 -33.37
N PHE C 679 -14.50 -33.30 -32.56
CA PHE C 679 -14.09 -33.31 -31.18
C PHE C 679 -15.11 -32.58 -30.34
N ILE C 680 -16.39 -32.85 -30.56
CA ILE C 680 -17.38 -32.15 -29.76
C ILE C 680 -17.36 -32.77 -28.37
N TYR C 681 -16.64 -32.13 -27.45
CA TYR C 681 -16.50 -32.63 -26.09
C TYR C 681 -17.48 -31.90 -25.20
N ALA C 682 -18.19 -32.63 -24.35
CA ALA C 682 -19.27 -32.08 -23.57
C ALA C 682 -18.93 -32.10 -22.10
N THR C 683 -19.01 -30.94 -21.47
CA THR C 683 -19.04 -30.88 -20.02
C THR C 683 -20.45 -31.23 -19.57
N VAL C 684 -20.78 -30.93 -18.31
CA VAL C 684 -21.92 -31.53 -17.63
C VAL C 684 -22.88 -30.46 -17.11
N LYS C 685 -23.17 -29.45 -17.92
CA LYS C 685 -23.60 -28.12 -17.54
C LYS C 685 -24.51 -27.98 -16.32
N GLN C 686 -24.34 -26.86 -15.60
CA GLN C 686 -24.66 -26.69 -14.19
C GLN C 686 -23.86 -27.64 -13.30
N SER C 687 -22.56 -27.37 -13.28
CA SER C 687 -21.67 -27.95 -12.28
C SER C 687 -20.68 -26.88 -11.87
N SER C 688 -19.67 -27.29 -11.11
CA SER C 688 -18.54 -26.39 -10.90
C SER C 688 -17.75 -26.18 -12.18
N VAL C 689 -17.77 -27.16 -13.08
CA VAL C 689 -16.95 -27.09 -14.28
C VAL C 689 -17.39 -25.93 -15.17
N ASP C 690 -18.70 -25.77 -15.37
CA ASP C 690 -19.17 -24.65 -16.18
C ASP C 690 -18.72 -23.34 -15.58
N ILE C 691 -18.89 -23.19 -14.27
CA ILE C 691 -18.46 -21.96 -13.63
C ILE C 691 -16.98 -21.74 -13.90
N TYR C 692 -16.18 -22.79 -13.81
CA TYR C 692 -14.77 -22.58 -14.04
C TYR C 692 -14.43 -22.32 -15.50
N PHE C 693 -15.33 -22.63 -16.44
CA PHE C 693 -15.13 -22.18 -17.82
C PHE C 693 -15.86 -20.91 -18.18
N ARG C 694 -16.47 -20.22 -17.23
CA ARG C 694 -16.96 -18.88 -17.53
C ARG C 694 -16.20 -17.81 -16.77
N ARG C 695 -15.08 -18.15 -16.16
CA ARG C 695 -14.28 -17.19 -15.43
C ARG C 695 -12.82 -17.18 -15.82
N GLN C 696 -12.37 -18.11 -16.66
CA GLN C 696 -11.04 -18.05 -17.22
C GLN C 696 -11.14 -17.40 -18.59
N VAL C 697 -10.69 -16.15 -18.66
CA VAL C 697 -10.95 -15.32 -19.82
C VAL C 697 -10.40 -15.97 -21.09
N GLU C 698 -9.13 -16.38 -21.05
CA GLU C 698 -8.49 -16.86 -22.26
C GLU C 698 -9.28 -17.99 -22.91
N LEU C 699 -9.91 -18.81 -22.10
CA LEU C 699 -10.57 -20.00 -22.62
C LEU C 699 -11.80 -19.70 -23.38
N SER C 700 -12.07 -18.42 -23.62
CA SER C 700 -13.33 -17.99 -24.18
C SER C 700 -13.81 -18.86 -25.33
N THR C 701 -13.05 -18.92 -26.42
CA THR C 701 -13.48 -19.67 -27.58
C THR C 701 -13.77 -21.11 -27.21
N MET C 702 -12.85 -21.71 -26.47
CA MET C 702 -13.08 -23.02 -25.88
C MET C 702 -14.49 -23.10 -25.30
N TYR C 703 -14.77 -22.24 -24.32
CA TYR C 703 -16.06 -22.32 -23.64
C TYR C 703 -17.20 -22.31 -24.62
N ARG C 704 -17.07 -21.51 -25.68
CA ARG C 704 -18.18 -21.36 -26.60
C ARG C 704 -18.67 -22.72 -27.05
N HIS C 705 -17.76 -23.58 -27.48
CA HIS C 705 -18.22 -24.82 -28.04
C HIS C 705 -18.67 -25.80 -26.97
N MET C 706 -18.23 -25.61 -25.73
CA MET C 706 -18.78 -26.41 -24.65
C MET C 706 -20.24 -26.07 -24.41
N GLU C 707 -20.72 -24.92 -24.88
CA GLU C 707 -22.12 -24.60 -24.77
C GLU C 707 -22.90 -25.07 -25.98
N LYS C 708 -22.24 -25.77 -26.89
CA LYS C 708 -22.93 -26.65 -27.81
C LYS C 708 -23.24 -27.94 -27.07
N HIS C 709 -23.59 -28.98 -27.81
CA HIS C 709 -24.24 -30.17 -27.29
C HIS C 709 -23.67 -30.58 -25.93
N ASN C 710 -24.56 -30.64 -24.94
CA ASN C 710 -24.20 -30.73 -23.53
C ASN C 710 -25.18 -31.68 -22.84
N TYR C 711 -24.79 -32.18 -21.68
CA TYR C 711 -25.56 -33.21 -20.98
C TYR C 711 -26.06 -32.72 -19.64
N GLU C 712 -26.96 -33.53 -19.06
CA GLU C 712 -27.62 -33.21 -17.80
C GLU C 712 -27.45 -34.32 -16.76
N SER C 713 -26.52 -35.25 -16.98
CA SER C 713 -26.19 -36.24 -15.95
C SER C 713 -24.90 -36.94 -16.33
N ALA C 714 -24.21 -37.48 -15.33
CA ALA C 714 -23.01 -38.24 -15.61
C ALA C 714 -23.35 -39.52 -16.37
N ALA C 715 -24.47 -40.16 -16.02
CA ALA C 715 -24.76 -41.50 -16.52
C ALA C 715 -24.92 -41.51 -18.03
N GLU C 716 -25.80 -40.65 -18.56
CA GLU C 716 -26.00 -40.60 -20.00
C GLU C 716 -24.72 -40.21 -20.70
N ALA C 717 -23.90 -39.37 -20.07
CA ALA C 717 -22.64 -38.97 -20.67
C ALA C 717 -21.74 -40.18 -20.88
N ILE C 718 -21.41 -40.87 -19.78
CA ILE C 718 -20.49 -41.99 -19.90
C ILE C 718 -21.09 -43.06 -20.79
N GLN C 719 -22.42 -43.15 -20.87
CA GLN C 719 -23.04 -44.05 -21.83
C GLN C 719 -22.74 -43.60 -23.25
N ALA C 720 -22.83 -42.29 -23.50
CA ALA C 720 -22.61 -41.77 -24.84
C ALA C 720 -21.16 -41.93 -25.26
N VAL C 721 -20.23 -41.94 -24.30
CA VAL C 721 -18.87 -42.30 -24.66
C VAL C 721 -18.85 -43.67 -25.30
N ARG C 722 -19.65 -44.59 -24.77
CA ARG C 722 -19.81 -45.88 -25.43
C ARG C 722 -20.59 -45.73 -26.73
N ASP C 723 -21.49 -44.75 -26.81
CA ASP C 723 -22.27 -44.59 -28.03
C ASP C 723 -21.46 -44.03 -29.19
N ASN C 724 -20.22 -43.60 -28.96
CA ASN C 724 -19.27 -43.27 -30.03
C ASN C 724 -19.74 -42.07 -30.86
N LYS C 725 -20.09 -40.98 -30.18
CA LYS C 725 -20.33 -39.71 -30.83
C LYS C 725 -19.29 -38.69 -30.42
N LEU C 726 -19.18 -38.43 -29.13
CA LEU C 726 -18.19 -37.52 -28.58
C LEU C 726 -16.85 -38.21 -28.45
N HIS C 727 -15.77 -37.44 -28.45
CA HIS C 727 -14.45 -38.02 -28.27
C HIS C 727 -13.69 -37.38 -27.11
N ALA C 728 -14.39 -37.00 -26.04
CA ALA C 728 -13.72 -36.48 -24.87
C ALA C 728 -14.70 -36.32 -23.71
N PHE C 729 -14.20 -35.87 -22.57
CA PHE C 729 -15.06 -35.60 -21.44
C PHE C 729 -14.24 -34.83 -20.42
N ILE C 730 -14.90 -33.93 -19.69
CA ILE C 730 -14.19 -33.04 -18.80
C ILE C 730 -14.96 -32.98 -17.48
N TRP C 731 -14.38 -33.53 -16.42
CA TRP C 731 -15.07 -33.85 -15.17
C TRP C 731 -14.04 -34.42 -14.21
N ASP C 732 -14.35 -34.36 -12.91
CA ASP C 732 -13.27 -34.41 -11.93
C ASP C 732 -12.62 -35.80 -11.91
N SER C 733 -11.61 -35.97 -11.05
CA SER C 733 -10.64 -37.05 -11.23
C SER C 733 -11.13 -38.39 -10.72
N ALA C 734 -11.39 -38.47 -9.41
CA ALA C 734 -11.65 -39.77 -8.81
C ALA C 734 -12.84 -40.45 -9.46
N VAL C 735 -13.90 -39.69 -9.71
CA VAL C 735 -15.06 -40.25 -10.38
C VAL C 735 -14.64 -40.83 -11.72
N LEU C 736 -13.77 -40.14 -12.45
CA LEU C 736 -13.37 -40.63 -13.76
C LEU C 736 -12.59 -41.92 -13.66
N GLU C 737 -11.57 -41.96 -12.81
CA GLU C 737 -10.76 -43.17 -12.75
C GLU C 737 -11.62 -44.36 -12.31
N PHE C 738 -12.50 -44.14 -11.34
CA PHE C 738 -13.41 -45.20 -10.92
C PHE C 738 -14.23 -45.67 -12.10
N GLU C 739 -14.93 -44.75 -12.77
CA GLU C 739 -15.80 -45.13 -13.86
C GLU C 739 -15.01 -45.90 -14.91
N ALA C 740 -13.78 -45.50 -15.16
CA ALA C 740 -12.96 -46.23 -16.10
C ALA C 740 -12.65 -47.63 -15.59
N SER C 741 -12.56 -47.79 -14.27
CA SER C 741 -12.19 -49.09 -13.73
C SER C 741 -13.29 -50.11 -13.92
N GLN C 742 -14.47 -49.87 -13.36
CA GLN C 742 -15.55 -50.85 -13.45
C GLN C 742 -15.94 -51.10 -14.90
N LYS C 743 -16.45 -50.06 -15.56
CA LYS C 743 -16.89 -50.19 -16.95
C LYS C 743 -15.63 -50.15 -17.81
N CYS C 744 -14.90 -51.25 -17.81
CA CYS C 744 -13.56 -51.27 -18.39
C CYS C 744 -13.71 -51.18 -19.90
N ASP C 745 -13.98 -49.96 -20.35
CA ASP C 745 -14.31 -49.69 -21.74
C ASP C 745 -13.48 -48.53 -22.26
N LEU C 746 -13.12 -47.61 -21.37
CA LEU C 746 -12.42 -46.40 -21.73
C LEU C 746 -11.38 -46.09 -20.67
N VAL C 747 -10.16 -45.83 -21.11
CA VAL C 747 -9.03 -45.63 -20.22
C VAL C 747 -8.86 -44.14 -19.98
N THR C 748 -8.58 -43.77 -18.73
CA THR C 748 -8.20 -42.40 -18.45
C THR C 748 -6.97 -42.03 -19.25
N THR C 749 -6.70 -40.74 -19.31
CA THR C 749 -5.56 -40.25 -20.06
C THR C 749 -5.19 -38.88 -19.54
N GLY C 750 -4.35 -38.18 -20.29
CA GLY C 750 -4.05 -36.79 -20.04
C GLY C 750 -3.38 -36.50 -18.73
N GLU C 751 -3.02 -35.25 -18.53
CA GLU C 751 -2.37 -34.82 -17.32
C GLU C 751 -3.43 -34.38 -16.32
N LEU C 752 -2.99 -33.69 -15.27
CA LEU C 752 -3.90 -33.05 -14.34
C LEU C 752 -3.73 -31.55 -14.47
N PHE C 753 -4.77 -30.80 -14.16
CA PHE C 753 -4.63 -29.36 -14.08
C PHE C 753 -5.67 -28.82 -13.13
N PHE C 754 -5.46 -27.58 -12.68
CA PHE C 754 -6.34 -26.94 -11.72
C PHE C 754 -6.39 -27.72 -10.42
N ARG C 755 -5.24 -27.78 -9.75
CA ARG C 755 -5.08 -28.56 -8.53
C ARG C 755 -5.92 -28.01 -7.39
N SER C 756 -6.03 -28.80 -6.33
CA SER C 756 -6.94 -28.52 -5.21
C SER C 756 -6.73 -29.60 -4.17
N GLY C 757 -7.49 -29.52 -3.08
CA GLY C 757 -7.42 -30.55 -2.07
C GLY C 757 -8.69 -30.78 -1.28
N PHE C 758 -9.14 -32.03 -1.19
CA PHE C 758 -10.35 -32.36 -0.45
C PHE C 758 -10.06 -32.30 1.03
N GLY C 759 -10.18 -31.12 1.60
CA GLY C 759 -9.96 -30.98 3.02
C GLY C 759 -11.14 -31.54 3.81
N ILE C 760 -11.05 -31.35 5.12
CA ILE C 760 -12.15 -31.58 6.03
C ILE C 760 -12.54 -30.23 6.61
N GLY C 761 -13.76 -29.81 6.36
CA GLY C 761 -14.20 -28.48 6.75
C GLY C 761 -14.65 -28.40 8.20
N MET C 762 -14.42 -27.24 8.82
CA MET C 762 -14.68 -27.05 10.23
C MET C 762 -15.08 -25.60 10.45
N ARG C 763 -15.94 -25.37 11.44
CA ARG C 763 -16.43 -24.02 11.67
C ARG C 763 -15.31 -23.13 12.19
N LYS C 764 -15.45 -21.83 11.96
CA LYS C 764 -14.38 -20.90 12.26
C LYS C 764 -14.02 -20.95 13.73
N ASP C 765 -12.73 -21.19 14.01
CA ASP C 765 -12.21 -21.25 15.37
C ASP C 765 -13.01 -22.21 16.24
N SER C 766 -13.37 -23.34 15.65
CA SER C 766 -14.11 -24.36 16.36
C SER C 766 -13.21 -25.01 17.41
N PRO C 767 -13.81 -25.64 18.43
CA PRO C 767 -12.99 -26.19 19.52
C PRO C 767 -11.99 -27.23 19.07
N TRP C 768 -12.23 -27.92 17.97
CA TRP C 768 -11.30 -28.93 17.49
C TRP C 768 -10.44 -28.42 16.34
N LYS C 769 -10.15 -27.12 16.30
CA LYS C 769 -9.47 -26.56 15.15
C LYS C 769 -8.06 -27.13 14.96
N GLN C 770 -7.49 -27.78 15.97
CA GLN C 770 -6.12 -28.26 15.86
C GLN C 770 -5.99 -29.77 15.93
N ASN C 771 -6.72 -30.45 16.81
CA ASN C 771 -6.42 -31.86 17.05
C ASN C 771 -6.69 -32.70 15.81
N VAL C 772 -7.73 -32.37 15.05
CA VAL C 772 -7.98 -33.10 13.81
C VAL C 772 -6.81 -32.93 12.85
N SER C 773 -6.24 -31.73 12.80
CA SER C 773 -5.06 -31.52 11.98
C SER C 773 -3.91 -32.41 12.42
N LEU C 774 -3.68 -32.50 13.73
CA LEU C 774 -2.59 -33.33 14.21
C LEU C 774 -2.80 -34.78 13.84
N SER C 775 -4.01 -35.31 14.08
CA SER C 775 -4.24 -36.71 13.77
C SER C 775 -4.13 -36.95 12.28
N ILE C 776 -4.65 -36.03 11.46
CA ILE C 776 -4.63 -36.28 10.03
C ILE C 776 -3.21 -36.31 9.52
N LEU C 777 -2.33 -35.46 10.05
CA LEU C 777 -0.94 -35.55 9.62
C LEU C 777 -0.31 -36.86 10.06
N LYS C 778 -0.43 -37.19 11.35
CA LYS C 778 0.25 -38.38 11.84
C LYS C 778 -0.20 -39.62 11.09
N SER C 779 -1.48 -39.67 10.74
CA SER C 779 -1.93 -40.75 9.87
C SER C 779 -1.33 -40.60 8.48
N HIS C 780 -1.45 -39.41 7.90
CA HIS C 780 -1.17 -39.20 6.50
C HIS C 780 0.25 -39.53 6.15
N GLU C 781 1.12 -39.62 7.14
CA GLU C 781 2.42 -40.19 6.88
C GLU C 781 2.49 -41.66 7.23
N ASN C 782 1.62 -42.15 8.11
CA ASN C 782 1.77 -43.51 8.61
C ASN C 782 1.03 -44.53 7.74
N GLY C 783 1.26 -44.47 6.44
CA GLY C 783 0.78 -45.52 5.55
C GLY C 783 -0.68 -45.87 5.60
N PHE C 784 -1.54 -44.93 6.02
CA PHE C 784 -2.96 -45.27 6.12
C PHE C 784 -3.70 -44.95 4.83
N MET C 785 -3.58 -43.70 4.35
CA MET C 785 -4.25 -43.34 3.11
C MET C 785 -3.89 -44.29 1.98
N GLU C 786 -2.66 -44.77 1.92
CA GLU C 786 -2.33 -45.71 0.86
C GLU C 786 -3.13 -47.01 1.02
N ASP C 787 -3.25 -47.51 2.25
CA ASP C 787 -4.04 -48.70 2.47
C ASP C 787 -5.48 -48.49 2.03
N LEU C 788 -6.07 -47.37 2.46
CA LEU C 788 -7.46 -47.13 2.11
C LEU C 788 -7.63 -46.95 0.61
N ASP C 789 -6.68 -46.28 -0.03
CA ASP C 789 -6.76 -46.08 -1.46
C ASP C 789 -6.70 -47.41 -2.19
N LYS C 790 -5.84 -48.32 -1.74
CA LYS C 790 -5.81 -49.64 -2.35
C LYS C 790 -7.14 -50.36 -2.18
N THR C 791 -7.73 -50.26 -0.99
CA THR C 791 -8.92 -51.04 -0.72
C THR C 791 -10.20 -50.42 -1.27
N TRP C 792 -10.19 -49.16 -1.67
CA TRP C 792 -11.48 -48.61 -2.06
C TRP C 792 -11.50 -47.93 -3.42
N VAL C 793 -10.43 -47.25 -3.80
CA VAL C 793 -10.49 -46.34 -4.94
C VAL C 793 -10.01 -46.97 -6.24
N ARG C 794 -9.21 -48.02 -6.17
CA ARG C 794 -8.67 -48.68 -7.35
C ARG C 794 -9.02 -50.15 -7.32
N TYR C 795 -9.36 -50.69 -8.49
CA TYR C 795 -9.70 -52.10 -8.65
C TYR C 795 -8.82 -52.68 -9.75
N GLN C 796 -8.88 -54.01 -9.91
CA GLN C 796 -7.97 -54.68 -10.84
C GLN C 796 -8.69 -55.54 -11.87
N GLU C 797 -9.99 -55.32 -12.10
CA GLU C 797 -10.68 -56.06 -13.15
C GLU C 797 -10.12 -55.72 -14.52
N CYS C 798 -9.69 -54.48 -14.72
CA CYS C 798 -9.07 -54.07 -15.98
C CYS C 798 -7.73 -54.75 -16.20
N CYS D 1 -73.75 -16.80 32.78
CA CYS D 1 -75.04 -16.10 32.81
C CYS D 1 -75.18 -15.29 34.08
N GLN D 2 -74.47 -15.71 35.14
CA GLN D 2 -74.53 -14.99 36.41
C GLN D 2 -73.97 -13.58 36.27
N ILE D 3 -72.86 -13.43 35.55
CA ILE D 3 -72.28 -12.10 35.36
C ILE D 3 -73.23 -11.22 34.56
N LEU D 4 -73.81 -11.75 33.49
CA LEU D 4 -74.75 -10.98 32.68
C LEU D 4 -76.01 -10.63 33.47
N LYS D 5 -76.53 -11.60 34.25
CA LYS D 5 -77.74 -11.35 35.02
C LYS D 5 -77.51 -10.29 36.09
N ARG D 6 -76.36 -10.34 36.77
CA ARG D 6 -76.06 -9.33 37.78
C ARG D 6 -75.76 -7.98 37.15
N ILE D 7 -75.16 -7.95 35.96
CA ILE D 7 -74.76 -6.70 35.33
C ILE D 7 -75.88 -6.08 34.48
N GLY D 8 -76.95 -6.81 34.21
CA GLY D 8 -78.03 -6.28 33.40
C GLY D 8 -77.74 -6.21 31.92
N HIS D 9 -76.77 -6.99 31.43
CA HIS D 9 -76.41 -7.03 30.01
C HIS D 9 -76.05 -5.64 29.48
N ALA D 10 -75.40 -4.84 30.31
CA ALA D 10 -74.98 -3.50 29.91
C ALA D 10 -73.74 -3.11 30.71
N VAL D 11 -72.76 -2.55 30.02
CA VAL D 11 -71.53 -2.08 30.64
C VAL D 11 -71.60 -0.57 30.74
N ARG D 12 -71.43 -0.05 31.95
CA ARG D 12 -71.57 1.37 32.23
C ARG D 12 -70.20 2.04 32.33
N VAL D 13 -70.13 3.28 31.86
CA VAL D 13 -68.92 4.10 31.92
C VAL D 13 -69.31 5.47 32.46
N GLY D 14 -68.51 5.97 33.41
CA GLY D 14 -68.79 7.26 34.03
C GLY D 14 -68.06 8.39 33.33
N ALA D 15 -68.79 9.47 33.05
CA ALA D 15 -68.27 10.65 32.38
C ALA D 15 -68.43 11.85 33.30
N VAL D 16 -67.34 12.56 33.57
CA VAL D 16 -67.34 13.72 34.45
C VAL D 16 -66.86 14.92 33.67
N HIS D 17 -67.63 16.00 33.70
CA HIS D 17 -67.29 17.24 33.00
C HIS D 17 -66.66 18.20 34.00
N LEU D 18 -65.34 18.17 34.09
CA LEU D 18 -64.64 19.07 35.01
C LEU D 18 -64.81 20.52 34.59
N GLN D 19 -64.75 20.81 33.30
CA GLN D 19 -64.93 22.16 32.79
C GLN D 19 -65.34 22.15 31.32
N PRO D 87 -68.37 16.84 25.45
CA PRO D 87 -67.90 15.76 26.32
C PRO D 87 -68.96 14.69 26.54
N ARG D 88 -69.98 15.00 27.36
CA ARG D 88 -71.03 14.04 27.64
C ARG D 88 -71.80 13.67 26.38
N ASP D 89 -72.14 14.66 25.56
CA ASP D 89 -72.74 14.36 24.26
C ASP D 89 -71.74 13.64 23.35
N ALA D 90 -70.48 14.06 23.38
CA ALA D 90 -69.46 13.36 22.60
C ALA D 90 -69.29 11.93 23.10
N LEU D 91 -69.34 11.73 24.42
CA LEU D 91 -69.26 10.38 24.98
C LEU D 91 -70.44 9.52 24.54
N LEU D 92 -71.64 10.10 24.55
CA LEU D 92 -72.82 9.36 24.10
C LEU D 92 -72.70 8.99 22.62
N PHE D 93 -72.22 9.93 21.80
CA PHE D 93 -72.02 9.63 20.39
C PHE D 93 -70.97 8.54 20.20
N ALA D 94 -69.90 8.57 20.99
CA ALA D 94 -68.87 7.54 20.92
C ALA D 94 -69.43 6.18 21.30
N VAL D 95 -70.24 6.13 22.36
CA VAL D 95 -70.86 4.87 22.78
C VAL D 95 -71.79 4.35 21.69
N ASP D 96 -72.58 5.23 21.08
CA ASP D 96 -73.47 4.82 20.01
C ASP D 96 -72.69 4.28 18.81
N ASN D 97 -71.59 4.94 18.46
CA ASN D 97 -70.78 4.47 17.34
C ASN D 97 -70.14 3.13 17.65
N LEU D 98 -69.65 2.94 18.87
CA LEU D 98 -69.00 1.69 19.23
C LEU D 98 -69.99 0.54 19.35
N ASN D 99 -71.25 0.84 19.70
CA ASN D 99 -72.26 -0.21 19.80
C ASN D 99 -72.55 -0.85 18.45
N ARG D 100 -72.20 -0.18 17.35
CA ARG D 100 -72.35 -0.72 16.01
C ARG D 100 -71.10 -1.44 15.52
N VAL D 101 -70.08 -1.56 16.36
CA VAL D 101 -68.83 -2.24 16.01
C VAL D 101 -68.85 -3.63 16.61
N GLU D 102 -68.84 -4.64 15.75
CA GLU D 102 -68.91 -6.02 16.21
C GLU D 102 -67.64 -6.41 16.94
N GLY D 103 -67.79 -7.22 17.99
CA GLY D 103 -66.66 -7.67 18.76
C GLY D 103 -66.01 -6.62 19.64
N LEU D 104 -66.75 -5.56 19.99
CA LEU D 104 -66.17 -4.49 20.81
C LEU D 104 -65.77 -5.02 22.18
N LEU D 105 -66.69 -5.66 22.88
CA LEU D 105 -66.45 -6.23 24.20
C LEU D 105 -67.11 -7.59 24.26
N PRO D 106 -66.67 -8.45 25.17
CA PRO D 106 -67.25 -9.80 25.26
C PRO D 106 -68.66 -9.76 25.85
N TYR D 107 -69.38 -10.86 25.62
CA TYR D 107 -70.71 -11.10 26.19
C TYR D 107 -71.74 -10.09 25.70
N ASN D 108 -71.61 -9.63 24.44
CA ASN D 108 -72.59 -8.75 23.80
C ASN D 108 -72.85 -7.50 24.64
N LEU D 109 -71.78 -6.81 25.00
CA LEU D 109 -71.88 -5.65 25.88
C LEU D 109 -72.60 -4.50 25.17
N SER D 110 -73.52 -3.87 25.90
CA SER D 110 -74.20 -2.67 25.44
C SER D 110 -73.70 -1.48 26.26
N LEU D 111 -73.24 -0.45 25.56
CA LEU D 111 -72.60 0.68 26.22
C LEU D 111 -73.63 1.59 26.86
N GLU D 112 -73.39 1.95 28.12
CA GLU D 112 -74.21 2.92 28.84
C GLU D 112 -73.32 4.01 29.38
N VAL D 113 -73.76 5.26 29.26
CA VAL D 113 -73.01 6.42 29.71
C VAL D 113 -73.72 7.01 30.92
N VAL D 114 -73.02 7.12 32.04
CA VAL D 114 -73.55 7.72 33.26
C VAL D 114 -72.77 9.01 33.52
N MET D 115 -73.48 10.13 33.51
CA MET D 115 -72.87 11.43 33.70
C MET D 115 -72.80 11.75 35.19
N ALA D 116 -71.59 11.74 35.75
CA ALA D 116 -71.37 12.04 37.16
C ALA D 116 -71.26 13.54 37.35
N ILE D 117 -72.36 14.23 37.07
CA ILE D 117 -72.42 15.66 37.28
C ILE D 117 -72.49 15.98 38.77
N GLU D 118 -72.28 17.26 39.10
CA GLU D 118 -72.31 17.70 40.49
C GLU D 118 -73.71 17.65 41.08
N ALA D 119 -74.76 17.52 40.27
CA ALA D 119 -76.12 17.46 40.78
C ALA D 119 -76.41 16.08 41.37
N GLY D 120 -77.46 16.02 42.19
CA GLY D 120 -77.84 14.78 42.81
C GLY D 120 -78.48 13.81 41.85
N LEU D 121 -78.49 12.54 42.25
CA LEU D 121 -79.06 11.49 41.42
C LEU D 121 -80.57 11.65 41.32
N GLY D 122 -81.09 11.45 40.11
CA GLY D 122 -82.53 11.56 39.89
C GLY D 122 -82.86 11.23 38.45
N ASP D 123 -84.16 11.23 38.17
CA ASP D 123 -84.64 10.93 36.83
C ASP D 123 -84.23 12.04 35.87
N LEU D 124 -83.82 11.65 34.67
CA LEU D 124 -83.39 12.61 33.67
C LEU D 124 -84.59 13.39 33.14
N PRO D 125 -84.57 14.72 33.18
CA PRO D 125 -85.72 15.49 32.71
C PRO D 125 -85.59 15.89 31.25
N LEU D 126 -86.75 15.95 30.60
CA LEU D 126 -86.82 16.39 29.20
C LEU D 126 -87.20 17.87 29.12
N LEU D 127 -86.32 18.70 29.67
CA LEU D 127 -86.50 20.15 29.68
C LEU D 127 -85.19 20.85 29.98
N PRO D 128 -84.81 21.86 29.20
CA PRO D 128 -83.54 22.57 29.45
C PRO D 128 -83.72 23.64 30.51
N PHE D 129 -82.98 23.50 31.61
CA PHE D 129 -83.02 24.46 32.71
C PHE D 129 -81.65 25.12 32.86
N SER D 130 -81.63 26.43 32.90
CA SER D 130 -80.39 27.20 33.03
C SER D 130 -80.36 27.89 34.38
N SER D 131 -79.32 27.62 35.16
CA SER D 131 -79.15 28.19 36.48
C SER D 131 -77.70 28.62 36.65
N PRO D 132 -77.43 29.57 37.54
CA PRO D 132 -76.04 30.01 37.76
C PRO D 132 -75.25 28.95 38.51
N SER D 133 -74.04 28.69 38.04
CA SER D 133 -73.19 27.66 38.66
C SER D 133 -72.56 28.20 39.95
N SER D 134 -72.69 27.42 41.02
CA SER D 134 -72.09 27.79 42.29
C SER D 134 -70.61 27.41 42.33
N PRO D 135 -69.82 28.07 43.16
CA PRO D 135 -68.39 27.74 43.25
C PRO D 135 -68.17 26.35 43.79
N TRP D 136 -67.08 25.73 43.33
CA TRP D 136 -66.75 24.37 43.76
C TRP D 136 -66.34 24.34 45.23
N SER D 137 -66.68 23.24 45.89
CA SER D 137 -66.27 23.06 47.28
C SER D 137 -64.76 22.90 47.38
N SER D 138 -64.19 23.47 48.44
CA SER D 138 -62.74 23.42 48.64
C SER D 138 -62.25 22.11 49.24
N ASP D 139 -63.16 21.21 49.59
CA ASP D 139 -62.78 19.92 50.15
C ASP D 139 -62.78 18.86 49.07
N PRO D 140 -61.64 18.31 48.67
CA PRO D 140 -61.64 17.28 47.62
C PRO D 140 -62.09 15.92 48.10
N PHE D 141 -62.07 15.67 49.41
CA PHE D 141 -62.51 14.37 49.92
C PHE D 141 -63.99 14.13 49.63
N SER D 142 -64.82 15.17 49.77
CA SER D 142 -66.23 15.04 49.46
C SER D 142 -66.44 14.70 47.99
N PHE D 143 -65.69 15.35 47.10
CA PHE D 143 -65.78 15.03 45.68
C PHE D 143 -65.34 13.60 45.40
N LEU D 144 -64.26 13.15 46.06
CA LEU D 144 -63.81 11.78 45.87
C LEU D 144 -64.85 10.78 46.33
N GLN D 145 -65.47 11.03 47.49
CA GLN D 145 -66.50 10.13 48.00
C GLN D 145 -67.71 10.11 47.08
N SER D 146 -68.11 11.29 46.58
CA SER D 146 -69.24 11.35 45.66
C SER D 146 -68.95 10.59 44.38
N VAL D 147 -67.74 10.75 43.84
CA VAL D 147 -67.36 10.02 42.63
C VAL D 147 -67.37 8.52 42.88
N CYS D 148 -66.83 8.09 44.02
CA CYS D 148 -66.83 6.67 44.34
C CYS D 148 -68.24 6.11 44.47
N HIS D 149 -69.12 6.85 45.15
CA HIS D 149 -70.50 6.39 45.32
C HIS D 149 -71.22 6.33 43.99
N THR D 150 -71.05 7.34 43.14
CA THR D 150 -71.71 7.33 41.83
C THR D 150 -71.19 6.20 40.96
N VAL D 151 -69.88 5.94 41.00
CA VAL D 151 -69.32 4.85 40.21
C VAL D 151 -69.83 3.50 40.72
N VAL D 152 -69.89 3.33 42.03
CA VAL D 152 -70.39 2.07 42.59
C VAL D 152 -71.85 1.87 42.24
N VAL D 153 -72.65 2.93 42.33
CA VAL D 153 -74.08 2.82 41.99
C VAL D 153 -74.26 2.49 40.52
N GLN D 154 -73.51 3.17 39.65
CA GLN D 154 -73.59 2.93 38.22
C GLN D 154 -72.82 1.69 37.77
N GLY D 155 -71.96 1.15 38.62
CA GLY D 155 -71.13 0.03 38.21
C GLY D 155 -70.18 0.37 37.09
N VAL D 156 -69.58 1.56 37.14
CA VAL D 156 -68.76 2.06 36.03
C VAL D 156 -67.48 1.24 35.95
N SER D 157 -67.19 0.71 34.77
CA SER D 157 -65.93 0.02 34.54
C SER D 157 -64.77 1.00 34.40
N ALA D 158 -65.03 2.21 33.90
CA ALA D 158 -64.01 3.23 33.76
C ALA D 158 -64.65 4.59 33.95
N LEU D 159 -63.82 5.58 34.27
CA LEU D 159 -64.26 6.95 34.47
C LEU D 159 -63.64 7.86 33.43
N LEU D 160 -64.35 8.93 33.10
CA LEU D 160 -63.89 9.92 32.14
C LEU D 160 -63.68 11.25 32.85
N ALA D 161 -62.55 11.90 32.55
CA ALA D 161 -62.23 13.20 33.12
C ALA D 161 -61.93 14.19 32.01
N PHE D 162 -62.38 15.42 32.20
CA PHE D 162 -62.17 16.50 31.24
C PHE D 162 -61.54 17.69 31.94
N PRO D 163 -60.33 17.51 32.48
CA PRO D 163 -59.70 18.61 33.24
C PRO D 163 -59.33 19.79 32.36
N GLN D 164 -59.38 20.97 32.95
CA GLN D 164 -58.94 22.20 32.30
C GLN D 164 -57.90 22.95 33.15
N SER D 165 -57.44 22.35 34.24
CA SER D 165 -56.46 22.99 35.12
C SER D 165 -55.69 21.90 35.85
N GLN D 166 -54.53 22.30 36.40
CA GLN D 166 -53.70 21.36 37.14
C GLN D 166 -54.39 20.89 38.41
N GLY D 167 -55.09 21.79 39.11
CA GLY D 167 -55.80 21.39 40.31
C GLY D 167 -56.87 20.35 40.04
N GLU D 168 -57.54 20.46 38.89
CA GLU D 168 -58.51 19.44 38.52
C GLU D 168 -57.85 18.09 38.33
N MET D 169 -56.67 18.06 37.68
CA MET D 169 -55.94 16.81 37.52
C MET D 169 -55.51 16.24 38.86
N MET D 170 -55.08 17.10 39.78
CA MET D 170 -54.67 16.63 41.11
C MET D 170 -55.86 16.05 41.87
N GLU D 171 -57.01 16.73 41.83
CA GLU D 171 -58.19 16.22 42.51
C GLU D 171 -58.66 14.91 41.89
N LEU D 172 -58.61 14.81 40.56
CA LEU D 172 -58.98 13.57 39.89
C LEU D 172 -58.03 12.44 40.28
N ASP D 173 -56.73 12.73 40.36
CA ASP D 173 -55.77 11.72 40.79
C ASP D 173 -56.03 11.28 42.23
N LEU D 174 -56.39 12.23 43.10
CA LEU D 174 -56.71 11.88 44.47
C LEU D 174 -57.92 10.97 44.55
N VAL D 175 -58.99 11.32 43.84
CA VAL D 175 -60.20 10.50 43.85
C VAL D 175 -59.93 9.13 43.22
N SER D 176 -59.09 9.08 42.18
CA SER D 176 -58.79 7.82 41.52
C SER D 176 -57.96 6.91 42.40
N LEU D 177 -56.93 7.47 43.07
CA LEU D 177 -56.16 6.67 44.02
C LEU D 177 -57.04 6.21 45.18
N VAL D 178 -58.01 7.04 45.57
CA VAL D 178 -58.99 6.61 46.57
C VAL D 178 -59.80 5.43 46.04
N LEU D 179 -60.09 5.43 44.74
CA LEU D 179 -60.82 4.33 44.11
C LEU D 179 -59.92 3.24 43.55
N HIS D 180 -58.70 3.59 43.09
CA HIS D 180 -57.77 2.64 42.47
C HIS D 180 -58.44 1.92 41.30
N ILE D 181 -58.96 2.71 40.37
CA ILE D 181 -59.73 2.20 39.24
C ILE D 181 -59.32 2.93 37.96
N PRO D 182 -59.70 2.38 36.81
CA PRO D 182 -59.34 3.01 35.53
C PRO D 182 -60.15 4.27 35.29
N VAL D 183 -59.45 5.37 35.00
CA VAL D 183 -60.07 6.66 34.72
C VAL D 183 -59.33 7.30 33.56
N ILE D 184 -60.08 7.87 32.61
CA ILE D 184 -59.52 8.50 31.43
C ILE D 184 -59.60 10.02 31.61
N SER D 185 -58.49 10.70 31.33
CA SER D 185 -58.39 12.14 31.46
C SER D 185 -57.81 12.72 30.17
N ILE D 186 -58.21 13.95 29.84
CA ILE D 186 -57.79 14.62 28.62
C ILE D 186 -57.04 15.89 28.99
N VAL D 187 -55.86 16.08 28.40
CA VAL D 187 -55.07 17.29 28.58
C VAL D 187 -54.92 17.96 27.23
N ARG D 188 -55.09 19.29 27.21
CA ARG D 188 -55.07 20.02 25.95
C ARG D 188 -53.73 19.90 25.23
N HIS D 189 -52.65 19.66 25.96
CA HIS D 189 -51.33 19.46 25.39
C HIS D 189 -50.65 18.29 26.11
N GLU D 190 -49.39 18.07 25.77
CA GLU D 190 -48.59 17.08 26.48
C GLU D 190 -48.42 17.49 27.93
N PHE D 191 -49.06 16.77 28.85
CA PHE D 191 -49.06 17.16 30.25
C PHE D 191 -48.14 16.24 31.03
N PRO D 192 -46.96 16.69 31.45
CA PRO D 192 -46.11 15.87 32.32
C PRO D 192 -46.61 15.90 33.76
N ARG D 193 -47.23 14.81 34.18
CA ARG D 193 -47.82 14.71 35.52
C ARG D 193 -47.05 13.65 36.31
N GLU D 194 -46.61 14.03 37.52
CA GLU D 194 -45.89 13.10 38.37
C GLU D 194 -46.77 11.98 38.91
N SER D 195 -48.09 12.10 38.77
CA SER D 195 -48.98 11.04 39.23
C SER D 195 -48.74 9.78 38.41
N GLN D 196 -48.10 8.78 39.01
CA GLN D 196 -47.65 7.59 38.31
C GLN D 196 -48.55 6.39 38.57
N ASN D 197 -49.82 6.64 38.87
CA ASN D 197 -50.75 5.54 39.03
C ASN D 197 -51.02 4.91 37.66
N PRO D 198 -50.73 3.62 37.46
CA PRO D 198 -50.99 3.02 36.14
C PRO D 198 -52.45 2.95 35.78
N LEU D 199 -53.36 3.08 36.75
CA LEU D 199 -54.79 2.99 36.49
C LEU D 199 -55.36 4.24 35.82
N HIS D 200 -54.58 5.32 35.74
CA HIS D 200 -55.04 6.57 35.15
C HIS D 200 -54.45 6.71 33.75
N LEU D 201 -55.29 6.90 32.75
CA LEU D 201 -54.86 7.08 31.37
C LEU D 201 -55.15 8.51 30.95
N GLN D 202 -54.09 9.30 30.77
CA GLN D 202 -54.21 10.70 30.38
C GLN D 202 -53.70 10.86 28.96
N LEU D 203 -54.52 11.46 28.11
CA LEU D 203 -54.20 11.64 26.69
C LEU D 203 -54.01 13.11 26.40
N SER D 204 -52.89 13.45 25.77
CA SER D 204 -52.65 14.81 25.30
C SER D 204 -53.52 15.06 24.08
N LEU D 205 -54.39 16.07 24.15
CA LEU D 205 -55.33 16.31 23.06
C LEU D 205 -54.62 16.64 21.76
N GLU D 206 -53.58 17.46 21.82
CA GLU D 206 -52.81 17.85 20.65
C GLU D 206 -51.47 17.13 20.66
N ASN D 207 -51.13 16.48 19.55
CA ASN D 207 -49.84 15.85 19.43
C ASN D 207 -48.75 16.91 19.28
N SER D 208 -47.53 16.53 19.64
CA SER D 208 -46.41 17.45 19.53
C SER D 208 -46.17 17.84 18.07
N LEU D 209 -45.94 19.13 17.85
CA LEU D 209 -45.74 19.63 16.50
C LEU D 209 -44.48 19.06 15.85
N SER D 210 -43.49 18.66 16.65
CA SER D 210 -42.28 18.07 16.10
C SER D 210 -42.59 16.80 15.31
N SER D 211 -43.70 16.13 15.63
CA SER D 211 -44.12 14.97 14.85
C SER D 211 -44.29 15.34 13.38
N ASP D 212 -44.88 16.51 13.10
CA ASP D 212 -44.94 16.99 11.73
C ASP D 212 -43.55 17.16 11.16
N ALA D 213 -42.63 17.73 11.95
CA ALA D 213 -41.24 17.74 11.54
C ALA D 213 -40.71 16.32 11.37
N ASP D 214 -41.08 15.42 12.30
CA ASP D 214 -40.75 14.02 12.13
C ASP D 214 -41.34 13.46 10.84
N VAL D 215 -42.51 13.97 10.43
CA VAL D 215 -43.04 13.65 9.12
C VAL D 215 -42.26 14.40 8.04
N THR D 216 -41.99 15.69 8.27
CA THR D 216 -41.29 16.49 7.27
C THR D 216 -39.88 15.97 7.05
N VAL D 217 -39.14 15.70 8.14
CA VAL D 217 -37.83 15.09 8.01
C VAL D 217 -37.97 13.72 7.36
N SER D 218 -39.12 13.05 7.56
CA SER D 218 -39.38 11.81 6.85
C SER D 218 -39.29 12.01 5.34
N ILE D 219 -39.87 13.10 4.84
CA ILE D 219 -39.70 13.43 3.42
C ILE D 219 -38.23 13.65 3.10
N LEU D 220 -37.51 14.35 3.99
CA LEU D 220 -36.08 14.52 3.82
C LEU D 220 -35.36 13.18 3.79
N THR D 221 -35.90 12.17 4.47
CA THR D 221 -35.34 10.83 4.37
C THR D 221 -35.72 10.15 3.07
N MET D 222 -36.93 10.40 2.56
CA MET D 222 -37.38 9.71 1.36
C MET D 222 -36.72 10.27 0.11
N ASN D 223 -36.54 11.59 0.05
CA ASN D 223 -35.94 12.22 -1.12
C ASN D 223 -34.44 12.01 -1.20
N ASN D 224 -33.81 11.46 -0.15
CA ASN D 224 -32.37 11.27 -0.08
C ASN D 224 -31.62 12.58 -0.27
N TRP D 225 -32.21 13.68 0.20
CA TRP D 225 -31.59 15.00 0.12
C TRP D 225 -31.01 15.34 1.49
N TYR D 226 -29.75 14.96 1.68
CA TYR D 226 -29.09 15.21 2.96
C TYR D 226 -28.84 16.69 3.19
N ASN D 227 -28.29 17.38 2.19
CA ASN D 227 -28.06 18.81 2.27
C ASN D 227 -29.29 19.54 1.75
N PHE D 228 -29.89 20.39 2.59
CA PHE D 228 -31.12 21.07 2.25
C PHE D 228 -31.06 22.52 2.71
N SER D 229 -31.86 23.36 2.06
CA SER D 229 -32.00 24.76 2.40
C SER D 229 -33.40 25.02 2.95
N LEU D 230 -33.48 25.98 3.88
CA LEU D 230 -34.73 26.29 4.55
C LEU D 230 -35.14 27.72 4.23
N LEU D 231 -36.41 27.90 3.88
CA LEU D 231 -37.00 29.22 3.65
C LEU D 231 -37.97 29.48 4.79
N LEU D 232 -37.59 30.38 5.69
CA LEU D 232 -38.40 30.69 6.87
C LEU D 232 -39.08 32.04 6.66
N CYS D 233 -40.37 32.10 6.96
CA CYS D 233 -41.13 33.33 6.84
C CYS D 233 -41.65 33.86 8.16
N GLN D 234 -41.46 33.13 9.26
CA GLN D 234 -41.94 33.53 10.57
C GLN D 234 -40.76 33.81 11.49
N GLU D 235 -40.78 34.96 12.16
CA GLU D 235 -39.71 35.28 13.11
C GLU D 235 -39.80 34.42 14.37
N ASP D 236 -41.01 34.05 14.78
CA ASP D 236 -41.22 33.21 15.95
C ASP D 236 -41.41 31.75 15.59
N TRP D 237 -41.02 31.35 14.39
CA TRP D 237 -41.17 29.96 13.97
C TRP D 237 -40.33 29.04 14.86
N ASN D 238 -40.94 27.96 15.33
CA ASN D 238 -40.27 27.00 16.20
C ASN D 238 -39.67 25.90 15.34
N ILE D 239 -38.61 26.26 14.62
CA ILE D 239 -37.89 25.33 13.77
C ILE D 239 -36.74 24.72 14.56
N THR D 240 -36.76 24.92 15.88
CA THR D 240 -35.71 24.36 16.73
C THR D 240 -35.75 22.84 16.70
N ASP D 241 -36.94 22.25 16.72
CA ASP D 241 -37.06 20.79 16.68
C ASP D 241 -36.55 20.24 15.35
N PHE D 242 -36.96 20.86 14.23
CA PHE D 242 -36.49 20.41 12.93
C PHE D 242 -34.99 20.63 12.78
N LEU D 243 -34.48 21.76 13.28
CA LEU D 243 -33.05 22.01 13.21
C LEU D 243 -32.27 20.99 14.02
N LEU D 244 -32.76 20.63 15.21
CA LEU D 244 -32.10 19.61 16.03
C LEU D 244 -32.16 18.25 15.35
N LEU D 245 -33.30 17.93 14.73
CA LEU D 245 -33.40 16.67 14.00
C LEU D 245 -32.41 16.62 12.84
N THR D 246 -32.24 17.74 12.13
CA THR D 246 -31.23 17.82 11.08
C THR D 246 -29.83 17.65 11.66
N GLN D 247 -29.57 18.27 12.81
CA GLN D 247 -28.30 18.10 13.49
C GLN D 247 -28.19 16.77 14.22
N ASN D 248 -29.32 16.07 14.42
CA ASN D 248 -29.27 14.77 15.06
C ASN D 248 -28.50 13.75 14.22
N ASN D 249 -28.74 13.74 12.92
CA ASN D 249 -28.04 12.86 11.99
C ASN D 249 -27.00 13.67 11.22
N SER D 250 -25.73 13.27 11.34
CA SER D 250 -24.65 14.00 10.70
C SER D 250 -24.75 13.97 9.18
N LYS D 251 -25.47 13.00 8.63
CA LYS D 251 -25.68 12.98 7.18
C LYS D 251 -26.48 14.19 6.72
N PHE D 252 -27.53 14.54 7.44
CA PHE D 252 -28.35 15.68 7.09
C PHE D 252 -27.66 16.95 7.56
N HIS D 253 -27.22 17.78 6.61
CA HIS D 253 -26.52 19.02 6.91
C HIS D 253 -27.37 20.20 6.48
N LEU D 254 -27.59 21.15 7.39
CA LEU D 254 -28.36 22.34 7.07
C LEU D 254 -27.59 23.24 6.11
N GLY D 255 -28.25 23.66 5.04
CA GLY D 255 -27.64 24.51 4.04
C GLY D 255 -27.91 25.98 4.28
N SER D 256 -27.89 26.75 3.19
CA SER D 256 -28.16 28.18 3.27
C SER D 256 -29.63 28.40 3.61
N ILE D 257 -29.89 28.84 4.84
CA ILE D 257 -31.25 29.06 5.31
C ILE D 257 -31.72 30.43 4.86
N ILE D 258 -32.99 30.53 4.47
CA ILE D 258 -33.59 31.78 4.04
C ILE D 258 -34.62 32.20 5.09
N ASN D 259 -34.52 33.42 5.57
CA ASN D 259 -35.43 33.98 6.56
C ASN D 259 -36.15 35.17 5.93
N ILE D 260 -37.39 34.95 5.49
CA ILE D 260 -38.19 36.00 4.85
C ILE D 260 -38.95 36.70 5.97
N THR D 261 -38.28 37.68 6.59
CA THR D 261 -38.90 38.44 7.67
C THR D 261 -40.05 39.30 7.14
N ALA D 262 -41.03 39.54 8.02
CA ALA D 262 -42.20 40.33 7.65
C ALA D 262 -41.96 41.83 7.73
N ASN D 263 -40.75 42.25 8.14
CA ASN D 263 -40.47 43.67 8.28
C ASN D 263 -40.42 44.40 6.93
N LEU D 264 -40.04 43.71 5.87
CA LEU D 264 -39.93 44.36 4.57
C LEU D 264 -41.32 44.65 4.02
N PRO D 265 -41.67 45.91 3.73
CA PRO D 265 -42.99 46.22 3.18
C PRO D 265 -43.03 46.38 1.67
N SER D 266 -41.88 46.32 0.99
CA SER D 266 -41.79 46.55 -0.44
C SER D 266 -41.74 45.22 -1.18
N THR D 267 -42.60 45.08 -2.20
CA THR D 267 -42.63 43.84 -2.98
C THR D 267 -41.37 43.66 -3.80
N GLN D 268 -40.79 44.76 -4.32
CA GLN D 268 -39.56 44.65 -5.08
C GLN D 268 -38.40 44.17 -4.21
N ASP D 269 -38.29 44.69 -2.99
CA ASP D 269 -37.25 44.25 -2.08
C ASP D 269 -37.42 42.78 -1.72
N LEU D 270 -38.66 42.37 -1.47
CA LEU D 270 -38.92 40.96 -1.16
C LEU D 270 -38.57 40.06 -2.34
N LEU D 271 -38.89 40.51 -3.56
CA LEU D 271 -38.55 39.72 -4.75
C LEU D 271 -37.04 39.61 -4.91
N SER D 272 -36.31 40.71 -4.70
CA SER D 272 -34.85 40.65 -4.80
C SER D 272 -34.27 39.73 -3.73
N PHE D 273 -34.81 39.79 -2.51
CA PHE D 273 -34.34 38.90 -1.45
C PHE D 273 -34.61 37.45 -1.79
N LEU D 274 -35.79 37.17 -2.35
CA LEU D 274 -36.12 35.80 -2.75
C LEU D 274 -35.18 35.32 -3.85
N GLN D 275 -34.87 36.17 -4.82
CA GLN D 275 -33.94 35.79 -5.88
C GLN D 275 -32.55 35.52 -5.32
N ILE D 276 -32.08 36.35 -4.39
CA ILE D 276 -30.78 36.13 -3.79
C ILE D 276 -30.75 34.83 -2.99
N GLN D 277 -31.82 34.58 -2.22
CA GLN D 277 -31.88 33.35 -1.43
C GLN D 277 -31.91 32.13 -2.33
N LEU D 278 -32.67 32.18 -3.42
CA LEU D 278 -32.73 31.06 -4.35
C LEU D 278 -31.37 30.83 -5.02
N GLU D 279 -30.68 31.92 -5.39
CA GLU D 279 -29.35 31.78 -5.98
C GLU D 279 -28.38 31.15 -4.99
N SER D 280 -28.43 31.57 -3.73
CA SER D 280 -27.56 30.98 -2.71
C SER D 280 -27.90 29.51 -2.48
N ILE D 281 -29.19 29.17 -2.46
CA ILE D 281 -29.58 27.78 -2.26
C ILE D 281 -29.13 26.91 -3.43
N LYS D 282 -29.27 27.42 -4.66
CA LYS D 282 -28.84 26.66 -5.83
C LYS D 282 -27.36 26.30 -5.76
N ASN D 283 -26.55 27.19 -5.19
CA ASN D 283 -25.15 26.89 -4.91
C ASN D 283 -24.95 26.20 -3.56
N SER D 284 -26.03 25.99 -2.80
CA SER D 284 -25.95 25.34 -1.50
C SER D 284 -26.57 23.94 -1.50
N THR D 285 -27.82 23.81 -1.91
CA THR D 285 -28.53 22.55 -1.86
C THR D 285 -29.64 22.54 -2.91
N PRO D 286 -30.04 21.36 -3.39
CA PRO D 286 -31.07 21.30 -4.43
C PRO D 286 -32.50 21.27 -3.91
N THR D 287 -32.71 21.18 -2.60
CA THR D 287 -34.04 21.11 -2.02
C THR D 287 -34.24 22.27 -1.07
N VAL D 288 -35.44 22.86 -1.11
CA VAL D 288 -35.80 23.98 -0.25
C VAL D 288 -37.09 23.64 0.47
N VAL D 289 -37.10 23.79 1.80
CA VAL D 289 -38.24 23.47 2.64
C VAL D 289 -38.76 24.77 3.24
N MET D 290 -40.06 25.02 3.07
CA MET D 290 -40.68 26.24 3.57
C MET D 290 -41.23 26.00 4.97
N PHE D 291 -40.80 26.82 5.92
CA PHE D 291 -41.22 26.70 7.31
C PHE D 291 -41.74 28.04 7.80
N GLY D 292 -42.86 27.98 8.53
CA GLY D 292 -43.44 29.20 9.09
C GLY D 292 -43.87 30.21 8.05
N CYS D 293 -44.55 29.76 7.01
CA CYS D 293 -44.99 30.62 5.92
C CYS D 293 -46.50 30.50 5.75
N ASP D 294 -47.18 31.64 5.64
CA ASP D 294 -48.60 31.65 5.36
C ASP D 294 -48.86 31.22 3.92
N MET D 295 -50.11 30.84 3.65
CA MET D 295 -50.47 30.41 2.30
C MET D 295 -50.30 31.54 1.29
N GLU D 296 -50.75 32.75 1.64
CA GLU D 296 -50.59 33.88 0.74
C GLU D 296 -49.13 34.23 0.54
N SER D 297 -48.33 34.23 1.62
CA SER D 297 -46.91 34.50 1.49
C SER D 297 -46.22 33.40 0.68
N ILE D 298 -46.64 32.15 0.86
CA ILE D 298 -46.06 31.05 0.09
C ILE D 298 -46.37 31.22 -1.39
N ARG D 299 -47.61 31.61 -1.71
CA ARG D 299 -47.98 31.85 -3.11
C ARG D 299 -47.18 33.01 -3.69
N ARG D 300 -47.00 34.08 -2.92
CA ARG D 300 -46.21 35.22 -3.39
C ARG D 300 -44.75 34.81 -3.65
N ILE D 301 -44.18 34.01 -2.74
CA ILE D 301 -42.80 33.57 -2.91
C ILE D 301 -42.68 32.63 -4.11
N PHE D 302 -43.68 31.78 -4.32
CA PHE D 302 -43.68 30.91 -5.50
C PHE D 302 -43.74 31.72 -6.78
N GLU D 303 -44.58 32.76 -6.80
CA GLU D 303 -44.64 33.62 -7.98
C GLU D 303 -43.31 34.34 -8.21
N ILE D 304 -42.70 34.84 -7.14
CA ILE D 304 -41.42 35.54 -7.29
C ILE D 304 -40.35 34.59 -7.80
N THR D 305 -40.33 33.35 -7.28
CA THR D 305 -39.37 32.37 -7.76
C THR D 305 -39.62 32.02 -9.23
N THR D 306 -40.88 31.90 -9.62
CA THR D 306 -41.20 31.62 -11.02
C THR D 306 -40.85 32.79 -11.92
N GLN D 307 -40.78 34.01 -11.36
CA GLN D 307 -40.41 35.17 -12.16
C GLN D 307 -38.99 35.04 -12.71
N PHE D 308 -38.06 34.58 -11.88
CA PHE D 308 -36.68 34.41 -12.30
C PHE D 308 -36.38 33.05 -12.90
N GLY D 309 -37.36 32.16 -12.96
CA GLY D 309 -37.18 30.83 -13.50
C GLY D 309 -36.68 29.81 -12.51
N VAL D 310 -36.50 30.17 -11.24
CA VAL D 310 -36.05 29.23 -10.21
C VAL D 310 -37.30 28.58 -9.63
N MET D 311 -37.77 27.52 -10.28
CA MET D 311 -38.99 26.84 -9.86
C MET D 311 -38.72 25.35 -9.67
N PRO D 312 -39.72 24.58 -9.22
CA PRO D 312 -39.51 23.14 -9.05
C PRO D 312 -39.46 22.45 -10.40
N PRO D 313 -38.74 21.33 -10.50
CA PRO D 313 -37.97 20.64 -9.45
C PRO D 313 -36.54 21.12 -9.35
N GLU D 314 -36.19 22.24 -10.01
CA GLU D 314 -34.84 22.79 -9.86
C GLU D 314 -34.58 23.20 -8.42
N LEU D 315 -35.55 23.85 -7.78
CA LEU D 315 -35.52 24.16 -6.36
C LEU D 315 -36.61 23.30 -5.70
N ARG D 316 -36.24 22.11 -5.25
CA ARG D 316 -37.21 21.15 -4.73
C ARG D 316 -37.93 21.76 -3.54
N TRP D 317 -39.21 22.07 -3.72
CA TRP D 317 -40.02 22.73 -2.70
C TRP D 317 -40.83 21.70 -1.94
N VAL D 318 -40.64 21.63 -0.63
CA VAL D 318 -41.33 20.69 0.23
C VAL D 318 -41.85 21.44 1.45
N LEU D 319 -43.08 21.12 1.87
CA LEU D 319 -43.70 21.79 3.01
C LEU D 319 -43.21 21.13 4.29
N GLY D 320 -42.39 21.85 5.06
CA GLY D 320 -41.89 21.34 6.32
C GLY D 320 -42.92 21.35 7.44
N ASP D 321 -43.98 22.15 7.29
CA ASP D 321 -45.05 22.20 8.27
C ASP D 321 -46.26 21.43 7.79
N SER D 322 -47.06 20.97 8.74
CA SER D 322 -48.28 20.24 8.40
C SER D 322 -49.28 21.18 7.74
N GLN D 323 -49.77 20.78 6.56
CA GLN D 323 -50.69 21.60 5.78
C GLN D 323 -51.97 20.80 5.54
N ASN D 324 -53.10 21.41 5.85
CA ASN D 324 -54.38 20.74 5.63
C ASN D 324 -54.60 20.48 4.15
N VAL D 325 -55.22 19.34 3.84
CA VAL D 325 -55.47 18.97 2.45
C VAL D 325 -56.36 20.00 1.78
N GLU D 326 -57.40 20.44 2.48
CA GLU D 326 -58.29 21.47 1.94
C GLU D 326 -57.67 22.86 1.95
N GLU D 327 -56.50 23.02 2.57
CA GLU D 327 -55.82 24.30 2.63
C GLU D 327 -54.81 24.50 1.51
N LEU D 328 -54.73 23.58 0.56
CA LEU D 328 -53.77 23.66 -0.54
C LEU D 328 -54.54 24.03 -1.80
N ARG D 329 -54.51 25.31 -2.15
CA ARG D 329 -55.12 25.77 -3.40
C ARG D 329 -54.20 25.45 -4.58
N THR D 330 -54.80 25.07 -5.69
CA THR D 330 -54.03 24.72 -6.88
C THR D 330 -53.53 25.94 -7.65
N GLU D 331 -53.95 27.14 -7.27
CA GLU D 331 -53.54 28.35 -7.97
C GLU D 331 -52.21 28.85 -7.43
N GLY D 332 -51.25 29.08 -8.32
CA GLY D 332 -49.97 29.62 -7.93
C GLY D 332 -49.05 28.65 -7.24
N LEU D 333 -49.35 27.35 -7.26
CA LEU D 333 -48.48 26.40 -6.59
C LEU D 333 -47.52 25.77 -7.59
N PRO D 334 -46.31 25.44 -7.17
CA PRO D 334 -45.35 24.83 -8.08
C PRO D 334 -45.65 23.37 -8.35
N LEU D 335 -45.39 22.96 -9.58
CA LEU D 335 -45.60 21.56 -9.97
C LEU D 335 -44.59 20.66 -9.27
N GLY D 336 -45.06 19.51 -8.80
CA GLY D 336 -44.22 18.57 -8.10
C GLY D 336 -43.94 18.91 -6.66
N LEU D 337 -44.58 19.96 -6.12
CA LEU D 337 -44.36 20.35 -4.74
C LEU D 337 -44.92 19.30 -3.79
N ILE D 338 -44.17 19.02 -2.73
CA ILE D 338 -44.55 18.03 -1.72
C ILE D 338 -45.03 18.76 -0.48
N ALA D 339 -46.16 18.33 0.06
CA ALA D 339 -46.72 18.89 1.28
C ALA D 339 -47.11 17.76 2.22
N HIS D 340 -47.14 18.06 3.51
CA HIS D 340 -47.56 17.12 4.53
C HIS D 340 -48.62 17.76 5.40
N GLY D 341 -49.50 16.93 5.96
CA GLY D 341 -50.55 17.46 6.81
C GLY D 341 -51.27 16.34 7.54
N LYS D 342 -52.32 16.72 8.25
CA LYS D 342 -53.10 15.77 9.03
C LYS D 342 -54.06 15.02 8.12
N THR D 343 -54.07 13.69 8.23
CA THR D 343 -55.00 12.88 7.47
C THR D 343 -56.45 13.14 7.89
N THR D 344 -56.68 13.27 9.20
CA THR D 344 -58.00 13.57 9.72
C THR D 344 -57.86 14.41 10.97
N GLN D 345 -58.74 15.40 11.13
CA GLN D 345 -58.67 16.30 12.27
C GLN D 345 -59.03 15.56 13.55
N SER D 346 -58.27 15.82 14.61
CA SER D 346 -58.49 15.19 15.91
C SER D 346 -59.52 16.02 16.67
N VAL D 347 -60.79 15.77 16.37
CA VAL D 347 -61.90 16.52 16.97
C VAL D 347 -62.22 15.94 18.34
N PHE D 348 -63.01 16.68 19.13
CA PHE D 348 -63.43 16.18 20.43
C PHE D 348 -64.30 14.94 20.30
N GLU D 349 -65.21 14.93 19.32
CA GLU D 349 -66.02 13.75 19.06
C GLU D 349 -65.16 12.58 18.57
N HIS D 350 -64.17 12.87 17.73
CA HIS D 350 -63.26 11.82 17.26
C HIS D 350 -62.44 11.25 18.41
N TYR D 351 -61.97 12.12 19.31
CA TYR D 351 -61.26 11.65 20.49
C TYR D 351 -62.17 10.80 21.37
N VAL D 352 -63.43 11.22 21.52
CA VAL D 352 -64.38 10.45 22.31
C VAL D 352 -64.60 9.07 21.69
N GLN D 353 -64.74 9.01 20.37
CA GLN D 353 -64.94 7.75 19.69
C GLN D 353 -63.72 6.83 19.85
N ASP D 354 -62.52 7.40 19.71
CA ASP D 354 -61.32 6.60 19.93
C ASP D 354 -61.27 6.07 21.36
N ALA D 355 -61.61 6.91 22.34
CA ALA D 355 -61.59 6.48 23.73
C ALA D 355 -62.60 5.37 23.98
N MET D 356 -63.80 5.49 23.39
CA MET D 356 -64.82 4.46 23.57
C MET D 356 -64.40 3.14 22.93
N GLU D 357 -63.80 3.21 21.73
CA GLU D 357 -63.31 1.99 21.09
C GLU D 357 -62.22 1.35 21.93
N LEU D 358 -61.31 2.17 22.48
CA LEU D 358 -60.27 1.64 23.35
C LEU D 358 -60.86 0.99 24.59
N VAL D 359 -61.87 1.62 25.18
CA VAL D 359 -62.50 1.07 26.38
C VAL D 359 -63.15 -0.27 26.07
N ALA D 360 -63.86 -0.35 24.95
CA ALA D 360 -64.50 -1.62 24.57
C ALA D 360 -63.47 -2.70 24.33
N ARG D 361 -62.40 -2.38 23.60
CA ARG D 361 -61.36 -3.38 23.32
C ARG D 361 -60.69 -3.84 24.60
N ALA D 362 -60.44 -2.92 25.53
CA ALA D 362 -59.84 -3.29 26.81
C ALA D 362 -60.79 -4.17 27.62
N VAL D 363 -62.09 -3.88 27.58
CA VAL D 363 -63.06 -4.72 28.27
C VAL D 363 -63.03 -6.14 27.71
N ALA D 364 -62.99 -6.26 26.38
CA ALA D 364 -62.91 -7.58 25.76
C ALA D 364 -61.64 -8.31 26.16
N THR D 365 -60.50 -7.61 26.12
CA THR D 365 -59.22 -8.25 26.43
C THR D 365 -59.16 -8.70 27.89
N ALA D 366 -59.70 -7.90 28.80
CA ALA D 366 -59.71 -8.28 30.21
C ALA D 366 -60.68 -9.43 30.46
N THR D 367 -61.86 -9.40 29.84
CA THR D 367 -62.83 -10.48 30.02
C THR D 367 -62.31 -11.79 29.44
N MET D 368 -61.47 -11.71 28.40
CA MET D 368 -60.79 -12.91 27.92
C MET D 368 -59.71 -13.40 28.87
N ILE D 369 -59.37 -12.63 29.90
CA ILE D 369 -58.35 -13.00 30.88
C ILE D 369 -58.96 -13.23 32.25
N GLN D 370 -59.57 -12.19 32.84
CA GLN D 370 -60.19 -12.27 34.17
C GLN D 370 -61.58 -11.66 34.10
N PRO D 371 -62.53 -12.36 33.48
CA PRO D 371 -63.89 -11.79 33.34
C PRO D 371 -64.54 -11.46 34.67
N GLU D 372 -64.35 -12.31 35.70
CA GLU D 372 -64.95 -12.04 36.99
C GLU D 372 -64.36 -10.77 37.62
N LEU D 373 -63.04 -10.60 37.50
CA LEU D 373 -62.42 -9.40 38.06
C LEU D 373 -62.70 -8.17 37.19
N ALA D 374 -62.87 -8.37 35.87
CA ALA D 374 -63.12 -7.24 34.99
C ALA D 374 -64.54 -6.70 35.16
N LEU D 375 -65.53 -7.57 35.22
CA LEU D 375 -66.92 -7.15 35.24
C LEU D 375 -67.40 -6.70 36.62
N ILE D 376 -66.87 -7.27 37.70
CA ILE D 376 -67.32 -6.99 39.05
C ILE D 376 -66.32 -6.02 39.69
N PRO D 377 -66.73 -4.80 40.01
CA PRO D 377 -65.81 -3.89 40.73
C PRO D 377 -65.47 -4.45 42.10
N SER D 378 -64.23 -4.20 42.53
CA SER D 378 -63.75 -4.75 43.79
C SER D 378 -64.30 -4.02 45.00
N THR D 379 -64.52 -2.70 44.89
CA THR D 379 -64.98 -1.88 46.00
C THR D 379 -66.42 -1.47 45.78
N MET D 380 -67.27 -1.65 46.80
CA MET D 380 -68.66 -1.28 46.72
C MET D 380 -69.02 -0.07 47.57
N ASN D 381 -68.21 0.27 48.56
CA ASN D 381 -68.45 1.40 49.45
C ASN D 381 -67.42 2.48 49.19
N CYS D 382 -67.87 3.74 49.19
CA CYS D 382 -66.96 4.86 48.94
C CYS D 382 -65.92 4.98 50.05
N MET D 383 -66.33 4.79 51.30
CA MET D 383 -65.44 4.93 52.43
C MET D 383 -64.94 3.61 53.00
N GLU D 384 -65.27 2.49 52.34
CA GLU D 384 -64.84 1.17 52.83
C GLU D 384 -64.43 0.33 51.61
N VAL D 385 -63.13 0.28 51.34
CA VAL D 385 -62.58 -0.48 50.23
C VAL D 385 -61.68 -1.57 50.81
N GLU D 386 -62.01 -2.83 50.50
CA GLU D 386 -61.20 -3.94 50.98
C GLU D 386 -59.83 -3.93 50.32
N THR D 387 -58.82 -4.33 51.07
CA THR D 387 -57.44 -4.38 50.58
C THR D 387 -57.22 -5.62 49.71
N THR D 388 -57.93 -5.65 48.59
CA THR D 388 -57.84 -6.79 47.68
C THR D 388 -56.48 -6.85 47.02
N ASN D 389 -55.93 -8.07 46.92
CA ASN D 389 -54.63 -8.25 46.28
C ASN D 389 -54.68 -7.90 44.80
N LEU D 390 -55.74 -8.35 44.11
CA LEU D 390 -55.94 -8.05 42.69
C LEU D 390 -57.27 -7.32 42.56
N THR D 391 -57.24 -6.00 42.74
CA THR D 391 -58.44 -5.20 42.60
C THR D 391 -58.89 -5.15 41.14
N SER D 392 -60.18 -4.92 40.94
CA SER D 392 -60.72 -4.80 39.60
C SER D 392 -60.06 -3.62 38.87
N GLY D 393 -59.97 -2.47 39.54
CA GLY D 393 -59.26 -1.35 38.96
C GLY D 393 -57.77 -1.61 38.80
N GLN D 394 -57.18 -2.31 39.77
CA GLN D 394 -55.78 -2.68 39.66
C GLN D 394 -55.56 -3.61 38.46
N TYR D 395 -56.44 -4.58 38.27
CA TYR D 395 -56.33 -5.48 37.12
C TYR D 395 -56.52 -4.71 35.82
N LEU D 396 -57.48 -3.78 35.79
CA LEU D 396 -57.71 -2.97 34.59
C LEU D 396 -56.56 -1.99 34.33
N SER D 397 -55.77 -1.65 35.35
CA SER D 397 -54.62 -0.79 35.13
C SER D 397 -53.62 -1.44 34.17
N ARG D 398 -53.36 -2.73 34.34
CA ARG D 398 -52.46 -3.44 33.44
C ARG D 398 -53.02 -3.47 32.03
N PHE D 399 -54.34 -3.71 31.90
CA PHE D 399 -54.95 -3.72 30.57
C PHE D 399 -54.85 -2.36 29.90
N LEU D 400 -55.06 -1.28 30.66
CA LEU D 400 -54.90 0.06 30.11
C LEU D 400 -53.46 0.32 29.69
N ALA D 401 -52.51 -0.17 30.48
CA ALA D 401 -51.10 -0.03 30.13
C ALA D 401 -50.70 -0.91 28.95
N ASN D 402 -51.51 -1.91 28.59
CA ASN D 402 -51.17 -2.88 27.56
C ASN D 402 -52.13 -2.81 26.36
N THR D 403 -52.44 -1.61 25.90
CA THR D 403 -53.36 -1.42 24.78
C THR D 403 -52.65 -0.73 23.63
N THR D 404 -52.92 -1.18 22.40
CA THR D 404 -52.37 -0.57 21.21
C THR D 404 -53.26 -0.93 20.02
N PHE D 405 -53.89 0.07 19.42
CA PHE D 405 -54.79 -0.15 18.29
C PHE D 405 -54.90 1.14 17.49
N ARG D 406 -55.87 1.19 16.58
CA ARG D 406 -56.09 2.34 15.71
C ARG D 406 -57.42 2.98 16.05
N GLY D 407 -57.38 4.26 16.40
CA GLY D 407 -58.58 5.01 16.72
C GLY D 407 -59.10 5.83 15.54
N LEU D 408 -60.14 6.60 15.81
CA LEU D 408 -60.73 7.44 14.76
C LEU D 408 -59.78 8.54 14.32
N SER D 409 -59.07 9.16 15.27
CA SER D 409 -58.15 10.24 14.94
C SER D 409 -56.76 9.76 14.59
N GLY D 410 -56.49 8.47 14.71
CA GLY D 410 -55.17 7.94 14.42
C GLY D 410 -54.96 6.63 15.17
N SER D 411 -53.77 6.51 15.77
CA SER D 411 -53.38 5.31 16.50
C SER D 411 -53.29 5.62 17.99
N ILE D 412 -53.84 4.73 18.81
CA ILE D 412 -53.85 4.88 20.27
C ILE D 412 -52.94 3.84 20.87
N ARG D 413 -52.06 4.26 21.77
CA ARG D 413 -51.15 3.35 22.45
C ARG D 413 -50.97 3.81 23.89
N VAL D 414 -50.27 2.99 24.67
CA VAL D 414 -50.02 3.25 26.08
C VAL D 414 -48.53 3.48 26.26
N LYS D 415 -48.16 4.66 26.77
CA LYS D 415 -46.78 5.04 27.01
C LYS D 415 -46.57 5.30 28.49
N GLY D 416 -45.52 4.71 29.06
CA GLY D 416 -45.24 4.86 30.47
C GLY D 416 -46.27 4.22 31.39
N SER D 417 -47.12 3.34 30.85
CA SER D 417 -48.19 2.66 31.57
C SER D 417 -49.26 3.62 32.09
N THR D 418 -49.14 4.92 31.78
CA THR D 418 -50.09 5.90 32.29
C THR D 418 -50.55 6.92 31.25
N ILE D 419 -49.90 7.03 30.10
CA ILE D 419 -50.23 8.06 29.11
C ILE D 419 -50.89 7.40 27.92
N VAL D 420 -52.04 7.94 27.51
CA VAL D 420 -52.72 7.49 26.30
C VAL D 420 -52.13 8.29 25.15
N SER D 421 -51.12 7.73 24.49
CA SER D 421 -50.43 8.40 23.40
C SER D 421 -51.25 8.27 22.12
N SER D 422 -51.51 9.41 21.48
CA SER D 422 -52.34 9.49 20.28
C SER D 422 -51.47 9.94 19.12
N GLU D 423 -51.02 8.98 18.31
CA GLU D 423 -50.23 9.27 17.11
C GLU D 423 -51.18 9.44 15.94
N ASN D 424 -51.47 10.69 15.58
CA ASN D 424 -52.36 10.96 14.46
C ASN D 424 -51.67 10.62 13.14
N ASN D 425 -52.37 9.88 12.29
CA ASN D 425 -51.84 9.54 10.98
C ASN D 425 -51.75 10.80 10.12
N PHE D 426 -50.66 10.90 9.36
CA PHE D 426 -50.41 12.06 8.52
C PHE D 426 -50.50 11.66 7.05
N PHE D 427 -50.99 12.58 6.23
CA PHE D 427 -51.07 12.40 4.79
C PHE D 427 -50.09 13.35 4.10
N ILE D 428 -49.25 12.79 3.24
CA ILE D 428 -48.28 13.55 2.46
C ILE D 428 -48.71 13.50 1.01
N TRP D 429 -48.92 14.67 0.41
CA TRP D 429 -49.35 14.78 -0.97
C TRP D 429 -48.26 15.42 -1.81
N ASN D 430 -48.35 15.23 -3.13
CA ASN D 430 -47.45 15.82 -4.09
C ASN D 430 -48.25 16.69 -5.05
N LEU D 431 -47.86 17.96 -5.17
CA LEU D 431 -48.53 18.90 -6.07
C LEU D 431 -48.10 18.58 -7.50
N GLN D 432 -48.58 17.44 -8.00
CA GLN D 432 -48.25 16.95 -9.32
C GLN D 432 -49.35 17.34 -10.30
N HIS D 433 -49.24 16.83 -11.52
CA HIS D 433 -50.23 17.09 -12.57
C HIS D 433 -51.18 15.91 -12.65
N ASP D 434 -52.46 16.17 -12.50
CA ASP D 434 -53.49 15.13 -12.50
C ASP D 434 -53.83 14.74 -13.94
N PRO D 435 -54.73 13.78 -14.12
CA PRO D 435 -55.11 13.38 -15.49
C PRO D 435 -55.79 14.48 -16.29
N MET D 436 -56.36 15.48 -15.63
CA MET D 436 -57.05 16.57 -16.32
C MET D 436 -56.09 17.69 -16.75
N GLY D 437 -54.80 17.58 -16.44
CA GLY D 437 -53.83 18.58 -16.83
C GLY D 437 -53.64 19.71 -15.83
N LYS D 438 -54.46 19.77 -14.77
CA LYS D 438 -54.29 20.81 -13.78
C LYS D 438 -53.58 20.27 -12.55
N PRO D 439 -52.79 21.10 -11.87
CA PRO D 439 -52.09 20.63 -10.66
C PRO D 439 -53.08 20.26 -9.57
N MET D 440 -52.71 19.26 -8.78
CA MET D 440 -53.56 18.78 -7.70
C MET D 440 -52.68 18.22 -6.59
N TRP D 441 -53.25 18.15 -5.38
CA TRP D 441 -52.54 17.62 -4.21
C TRP D 441 -52.64 16.11 -4.26
N THR D 442 -51.81 15.50 -5.10
CA THR D 442 -51.80 14.04 -5.27
C THR D 442 -51.11 13.42 -4.08
N ARG D 443 -51.85 12.61 -3.31
CA ARG D 443 -51.33 12.02 -2.09
C ARG D 443 -50.20 11.05 -2.41
N LEU D 444 -48.97 11.47 -2.11
CA LEU D 444 -47.81 10.61 -2.38
C LEU D 444 -47.72 9.47 -1.37
N GLY D 445 -48.30 9.64 -0.18
CA GLY D 445 -48.24 8.58 0.81
C GLY D 445 -48.78 9.06 2.13
N SER D 446 -48.49 8.27 3.17
CA SER D 446 -48.93 8.57 4.52
C SER D 446 -47.78 8.34 5.49
N TRP D 447 -47.58 9.29 6.39
CA TRP D 447 -46.65 9.15 7.51
C TRP D 447 -47.44 8.60 8.69
N GLN D 448 -47.29 7.31 8.95
CA GLN D 448 -47.97 6.63 10.03
C GLN D 448 -46.95 5.95 10.93
N GLY D 449 -47.12 6.13 12.24
CA GLY D 449 -46.19 5.56 13.19
C GLY D 449 -44.77 6.02 13.04
N GLY D 450 -44.56 7.20 12.46
CA GLY D 450 -43.23 7.69 12.18
C GLY D 450 -42.60 7.14 10.93
N LYS D 451 -43.30 6.27 10.20
CA LYS D 451 -42.78 5.67 8.98
C LYS D 451 -43.61 6.13 7.80
N ILE D 452 -42.93 6.42 6.69
CA ILE D 452 -43.58 6.90 5.48
C ILE D 452 -43.88 5.70 4.60
N VAL D 453 -45.16 5.50 4.28
CA VAL D 453 -45.62 4.44 3.39
C VAL D 453 -46.23 5.10 2.17
N MET D 454 -45.66 4.84 1.00
CA MET D 454 -46.09 5.47 -0.24
C MET D 454 -47.19 4.65 -0.88
N ASP D 455 -48.43 5.14 -0.79
CA ASP D 455 -49.53 4.48 -1.48
C ASP D 455 -49.38 4.56 -2.99
N TYR D 456 -48.94 5.71 -3.49
CA TYR D 456 -48.74 5.90 -4.92
C TYR D 456 -47.33 5.50 -5.33
N SER D 474 -12.65 10.23 -4.77
CA SER D 474 -11.93 9.78 -5.96
C SER D 474 -12.82 8.90 -6.82
N LYS D 475 -13.89 9.48 -7.35
CA LYS D 475 -14.83 8.79 -8.23
C LYS D 475 -14.90 9.58 -9.53
N LEU D 476 -14.00 9.26 -10.45
CA LEU D 476 -13.94 9.96 -11.73
C LEU D 476 -14.53 9.09 -12.83
N HIS D 477 -15.50 9.66 -13.54
CA HIS D 477 -16.20 8.98 -14.63
C HIS D 477 -15.48 9.23 -15.95
N LEU D 478 -15.17 8.17 -16.66
CA LEU D 478 -14.67 8.29 -18.02
C LEU D 478 -15.58 7.52 -18.97
N ARG D 479 -15.69 8.01 -20.19
CA ARG D 479 -16.40 7.31 -21.25
C ARG D 479 -15.36 6.91 -22.29
N VAL D 480 -14.77 5.75 -22.10
CA VAL D 480 -13.68 5.34 -22.95
C VAL D 480 -14.22 4.75 -24.24
N VAL D 481 -13.51 5.01 -25.34
CA VAL D 481 -13.92 4.61 -26.68
C VAL D 481 -12.92 3.62 -27.22
N THR D 482 -13.40 2.58 -27.92
CA THR D 482 -12.48 1.54 -28.40
C THR D 482 -12.86 1.13 -29.82
N LEU D 483 -12.28 0.01 -30.25
CA LEU D 483 -12.67 -0.67 -31.49
C LEU D 483 -12.60 -2.17 -31.28
N ILE D 484 -12.80 -2.90 -32.38
CA ILE D 484 -12.82 -4.35 -32.37
C ILE D 484 -11.74 -4.79 -33.34
N GLU D 485 -10.58 -5.18 -32.82
CA GLU D 485 -9.49 -5.65 -33.66
C GLU D 485 -8.80 -6.77 -32.90
N HIS D 486 -9.04 -8.00 -33.31
CA HIS D 486 -8.41 -9.12 -32.64
C HIS D 486 -6.90 -8.93 -32.65
N PRO D 487 -6.22 -9.13 -31.53
CA PRO D 487 -6.65 -9.49 -30.21
C PRO D 487 -6.43 -8.34 -29.31
N PHE D 488 -6.73 -7.11 -29.69
CA PHE D 488 -6.62 -6.07 -28.70
C PHE D 488 -7.91 -5.85 -27.93
N VAL D 489 -9.08 -5.98 -28.55
CA VAL D 489 -10.35 -5.88 -27.84
C VAL D 489 -11.36 -6.84 -28.45
N PHE D 490 -11.70 -7.91 -27.71
CA PHE D 490 -12.74 -8.84 -28.16
C PHE D 490 -14.12 -8.46 -27.63
N THR D 491 -15.12 -8.86 -28.39
CA THR D 491 -16.52 -8.75 -28.01
C THR D 491 -17.11 -10.14 -27.79
N ARG D 492 -18.16 -10.21 -26.97
CA ARG D 492 -18.83 -11.47 -26.67
C ARG D 492 -20.29 -11.20 -26.38
N GLU D 493 -21.16 -12.04 -26.95
CA GLU D 493 -22.59 -11.86 -26.75
C GLU D 493 -22.95 -12.13 -25.29
N VAL D 494 -23.82 -11.28 -24.73
CA VAL D 494 -24.07 -11.30 -23.30
C VAL D 494 -24.79 -12.57 -22.91
N ASP D 495 -24.88 -12.82 -21.61
CA ASP D 495 -25.58 -14.00 -21.13
C ASP D 495 -27.08 -13.73 -21.13
N ASP D 496 -27.85 -14.76 -20.73
CA ASP D 496 -29.30 -14.65 -20.73
C ASP D 496 -29.77 -13.53 -19.80
N GLU D 497 -29.14 -13.42 -18.64
CA GLU D 497 -29.34 -12.28 -17.75
C GLU D 497 -29.01 -10.95 -18.43
N GLY D 498 -28.32 -10.98 -19.57
CA GLY D 498 -27.83 -9.78 -20.20
C GLY D 498 -26.51 -9.30 -19.65
N LEU D 499 -26.12 -9.79 -18.48
CA LEU D 499 -24.86 -9.46 -17.88
C LEU D 499 -23.83 -10.50 -18.33
N CYS D 500 -22.64 -10.43 -17.75
CA CYS D 500 -21.63 -11.47 -17.90
C CYS D 500 -20.51 -11.20 -16.92
N PRO D 501 -19.81 -12.22 -16.48
CA PRO D 501 -18.57 -12.01 -15.74
C PRO D 501 -17.37 -11.86 -16.67
N ALA D 502 -16.29 -11.36 -16.09
CA ALA D 502 -14.95 -11.27 -16.66
C ALA D 502 -14.82 -10.20 -17.72
N GLY D 503 -15.91 -9.55 -18.13
CA GLY D 503 -15.85 -8.54 -19.15
C GLY D 503 -16.12 -7.16 -18.58
N GLN D 504 -16.39 -6.23 -19.47
CA GLN D 504 -16.98 -4.94 -19.12
C GLN D 504 -18.20 -4.75 -20.00
N LEU D 505 -19.24 -4.15 -19.43
CA LEU D 505 -20.46 -3.93 -20.18
C LEU D 505 -20.23 -2.81 -21.18
N CYS D 506 -20.42 -3.08 -22.47
CA CYS D 506 -20.12 -2.11 -23.51
C CYS D 506 -21.26 -2.02 -24.51
N LEU D 507 -21.74 -0.80 -24.76
CA LEU D 507 -22.87 -0.49 -25.62
C LEU D 507 -22.42 -0.48 -27.08
N ASP D 508 -23.39 -0.41 -27.99
CA ASP D 508 -23.11 -0.21 -29.41
C ASP D 508 -24.00 0.90 -29.98
N PRO D 509 -23.92 2.11 -29.42
CA PRO D 509 -24.90 3.14 -29.79
C PRO D 509 -24.96 3.43 -31.27
N MET D 510 -23.85 3.34 -31.97
CA MET D 510 -23.83 3.41 -33.43
C MET D 510 -24.40 4.75 -33.91
N THR D 511 -23.67 5.81 -33.60
CA THR D 511 -23.95 7.14 -34.14
C THR D 511 -22.67 7.97 -34.09
N ASN D 512 -22.81 9.28 -34.28
CA ASN D 512 -21.69 10.21 -34.13
C ASN D 512 -22.12 11.45 -33.37
N ASP D 513 -23.05 11.31 -32.44
CA ASP D 513 -23.62 12.41 -31.67
C ASP D 513 -22.93 12.53 -30.32
N SER D 514 -23.40 13.50 -29.52
CA SER D 514 -22.95 13.71 -28.16
C SER D 514 -24.10 13.77 -27.16
N SER D 515 -25.31 13.42 -27.56
CA SER D 515 -26.49 13.47 -26.71
C SER D 515 -27.12 12.11 -26.49
N THR D 516 -27.31 11.35 -27.56
CA THR D 516 -27.88 9.99 -27.41
C THR D 516 -26.98 9.21 -26.47
N LEU D 517 -25.67 9.30 -26.66
CA LEU D 517 -24.73 8.60 -25.80
C LEU D 517 -24.99 8.94 -24.34
N ASP D 518 -25.05 10.23 -24.03
CA ASP D 518 -25.20 10.68 -22.64
C ASP D 518 -26.52 10.19 -22.05
N SER D 519 -27.62 10.33 -22.77
CA SER D 519 -28.89 9.91 -22.21
C SER D 519 -28.93 8.41 -22.03
N LEU D 520 -28.32 7.65 -22.96
CA LEU D 520 -28.25 6.21 -22.78
C LEU D 520 -27.51 5.84 -21.50
N PHE D 521 -26.30 6.37 -21.32
CA PHE D 521 -25.56 6.00 -20.12
C PHE D 521 -26.31 6.42 -18.87
N SER D 522 -26.79 7.66 -18.84
CA SER D 522 -27.47 8.15 -17.66
C SER D 522 -28.72 7.33 -17.37
N SER D 523 -29.51 7.03 -18.41
CA SER D 523 -30.74 6.29 -18.19
C SER D 523 -30.45 4.85 -17.79
N LEU D 524 -29.51 4.19 -18.46
CA LEU D 524 -29.26 2.79 -18.17
C LEU D 524 -28.34 2.61 -16.97
N HIS D 525 -27.68 3.68 -16.52
CA HIS D 525 -27.00 3.61 -15.23
C HIS D 525 -28.03 3.98 -14.16
N SER D 526 -29.20 3.37 -14.22
CA SER D 526 -30.32 3.64 -13.35
C SER D 526 -31.26 2.43 -13.39
N SER D 527 -32.48 2.61 -12.87
CA SER D 527 -33.46 1.52 -12.82
C SER D 527 -34.61 1.75 -13.80
N ASN D 528 -34.31 2.28 -14.98
CA ASN D 528 -35.26 2.46 -16.07
C ASN D 528 -34.73 1.82 -17.34
N ASP D 529 -34.29 0.57 -17.21
CA ASP D 529 -33.45 -0.08 -18.22
C ASP D 529 -34.28 -0.35 -19.47
N THR D 530 -34.52 0.72 -20.23
CA THR D 530 -35.24 0.64 -21.49
C THR D 530 -34.34 0.18 -22.63
N VAL D 531 -33.03 0.15 -22.42
CA VAL D 531 -32.09 -0.24 -23.48
C VAL D 531 -32.33 -1.69 -23.85
N PRO D 532 -32.52 -2.01 -25.12
CA PRO D 532 -32.79 -3.40 -25.50
C PRO D 532 -31.60 -4.29 -25.19
N ILE D 533 -31.84 -5.60 -25.34
CA ILE D 533 -30.78 -6.57 -25.11
C ILE D 533 -29.81 -6.61 -26.28
N LYS D 534 -30.20 -6.06 -27.43
CA LYS D 534 -29.34 -6.07 -28.60
C LYS D 534 -28.34 -4.91 -28.61
N PHE D 535 -28.31 -4.09 -27.57
CA PHE D 535 -27.36 -2.98 -27.45
C PHE D 535 -26.41 -3.17 -26.29
N LYS D 536 -26.11 -4.41 -25.94
CA LYS D 536 -25.13 -4.67 -24.91
C LYS D 536 -24.18 -5.76 -25.38
N LYS D 537 -22.93 -5.65 -24.94
CA LYS D 537 -21.92 -6.62 -25.31
C LYS D 537 -20.94 -6.71 -24.15
N CYS D 538 -20.20 -7.82 -24.08
CA CYS D 538 -19.16 -7.97 -23.10
C CYS D 538 -17.83 -7.75 -23.80
N CYS D 539 -17.06 -6.80 -23.32
CA CYS D 539 -15.76 -6.50 -23.92
C CYS D 539 -14.68 -7.04 -23.02
N TYR D 540 -13.63 -7.59 -23.63
CA TYR D 540 -12.55 -8.20 -22.86
C TYR D 540 -11.43 -8.60 -23.79
N GLY D 541 -10.24 -8.72 -23.23
CA GLY D 541 -9.06 -9.06 -24.01
C GLY D 541 -7.84 -8.37 -23.44
N TYR D 542 -6.85 -8.18 -24.29
CA TYR D 542 -5.56 -7.63 -23.90
C TYR D 542 -5.64 -6.19 -23.38
N CYS D 543 -5.96 -5.27 -24.28
CA CYS D 543 -5.87 -3.87 -23.92
C CYS D 543 -6.86 -3.52 -22.82
N ILE D 544 -8.05 -4.10 -22.87
CA ILE D 544 -9.04 -3.82 -21.84
C ILE D 544 -8.56 -4.35 -20.49
N ASP D 545 -7.84 -5.47 -20.49
CA ASP D 545 -7.24 -5.93 -19.25
C ASP D 545 -6.24 -4.90 -18.71
N LEU D 546 -5.41 -4.36 -19.60
CA LEU D 546 -4.49 -3.32 -19.15
C LEU D 546 -5.21 -2.12 -18.57
N LEU D 547 -6.26 -1.67 -19.25
CA LEU D 547 -7.00 -0.51 -18.75
C LEU D 547 -7.65 -0.81 -17.41
N GLU D 548 -8.15 -2.03 -17.23
CA GLU D 548 -8.73 -2.37 -15.94
C GLU D 548 -7.71 -2.25 -14.83
N LYS D 549 -6.50 -2.73 -15.12
CA LYS D 549 -5.38 -2.70 -14.14
C LYS D 549 -4.96 -1.25 -13.85
N ILE D 550 -5.03 -0.37 -14.86
CA ILE D 550 -4.60 1.05 -14.63
C ILE D 550 -5.71 1.79 -13.87
N ALA D 551 -6.99 1.52 -14.18
CA ALA D 551 -8.06 2.19 -13.46
C ALA D 551 -8.08 1.76 -12.00
N GLU D 552 -7.82 0.48 -11.74
CA GLU D 552 -7.72 0.05 -10.34
C GLU D 552 -6.63 0.83 -9.62
N ASP D 553 -5.50 1.06 -10.30
CA ASP D 553 -4.38 1.74 -9.65
C ASP D 553 -4.47 3.25 -9.69
N MET D 554 -5.45 3.81 -10.40
CA MET D 554 -5.57 5.25 -10.54
C MET D 554 -6.91 5.77 -10.05
N ASN D 555 -7.75 4.90 -9.49
CA ASN D 555 -8.95 5.31 -8.75
C ASN D 555 -9.92 6.08 -9.65
N PHE D 556 -10.48 5.36 -10.61
CA PHE D 556 -11.59 5.92 -11.38
C PHE D 556 -12.45 4.80 -11.95
N ASP D 557 -13.64 5.16 -12.41
CA ASP D 557 -14.55 4.24 -13.08
C ASP D 557 -14.85 4.72 -14.50
N PHE D 558 -15.52 3.87 -15.25
CA PHE D 558 -15.59 4.14 -16.68
C PHE D 558 -16.62 3.24 -17.33
N ASP D 559 -17.26 3.78 -18.36
CA ASP D 559 -18.07 2.99 -19.28
C ASP D 559 -17.30 2.83 -20.59
N LEU D 560 -17.69 1.82 -21.36
CA LEU D 560 -17.04 1.57 -22.64
C LEU D 560 -18.03 1.78 -23.76
N TYR D 561 -17.53 2.22 -24.91
CA TYR D 561 -18.39 2.09 -26.08
C TYR D 561 -17.56 2.05 -27.35
N ILE D 562 -18.19 1.57 -28.41
CA ILE D 562 -17.50 1.28 -29.67
C ILE D 562 -18.08 2.14 -30.77
N VAL D 563 -17.20 2.73 -31.57
CA VAL D 563 -17.65 3.66 -32.60
C VAL D 563 -18.46 2.90 -33.63
N GLY D 564 -19.36 3.62 -34.31
CA GLY D 564 -20.23 2.96 -35.28
C GLY D 564 -19.52 2.62 -36.58
N ASP D 565 -18.77 3.57 -37.12
CA ASP D 565 -18.17 3.36 -38.44
C ASP D 565 -16.94 2.45 -38.38
N GLY D 566 -16.16 2.56 -37.31
CA GLY D 566 -14.99 1.72 -37.16
C GLY D 566 -13.96 1.94 -38.25
N LYS D 567 -13.33 3.11 -38.26
CA LYS D 567 -12.40 3.43 -39.33
C LYS D 567 -11.15 4.13 -38.79
N TYR D 568 -10.78 3.87 -37.54
CA TYR D 568 -9.65 4.56 -36.93
C TYR D 568 -9.80 6.06 -37.06
N GLY D 569 -9.06 6.63 -38.00
CA GLY D 569 -9.13 8.05 -38.27
C GLY D 569 -8.25 8.53 -39.40
N ALA D 570 -8.82 9.34 -40.28
CA ALA D 570 -8.07 9.98 -41.34
C ALA D 570 -8.91 11.13 -41.86
N TRP D 571 -8.24 12.16 -42.37
CA TRP D 571 -8.93 13.37 -42.76
C TRP D 571 -9.80 13.13 -43.98
N LYS D 572 -11.00 13.71 -43.98
CA LYS D 572 -11.92 13.60 -45.10
C LYS D 572 -13.04 14.61 -44.90
N ASN D 573 -13.57 15.12 -46.01
CA ASN D 573 -14.73 16.01 -45.99
C ASN D 573 -14.47 17.28 -45.19
N GLY D 574 -13.21 17.72 -45.17
CA GLY D 574 -12.89 18.97 -44.50
C GLY D 574 -12.97 18.93 -43.00
N HIS D 575 -12.94 17.73 -42.40
CA HIS D 575 -12.94 17.61 -40.95
C HIS D 575 -12.38 16.24 -40.60
N TRP D 576 -12.56 15.82 -39.36
CA TRP D 576 -12.11 14.52 -38.92
C TRP D 576 -13.26 13.52 -38.88
N THR D 577 -12.95 12.28 -39.21
CA THR D 577 -13.92 11.20 -39.21
C THR D 577 -13.36 10.03 -38.42
N GLY D 578 -14.05 9.62 -37.38
CA GLY D 578 -13.63 8.46 -36.63
C GLY D 578 -13.09 8.78 -35.25
N LEU D 579 -12.07 8.04 -34.82
CA LEU D 579 -11.62 8.14 -33.44
C LEU D 579 -11.10 9.53 -33.13
N VAL D 580 -10.32 10.12 -34.03
CA VAL D 580 -9.92 11.50 -33.81
C VAL D 580 -11.14 12.41 -33.79
N GLY D 581 -12.13 12.12 -34.64
CA GLY D 581 -13.32 12.96 -34.69
C GLY D 581 -14.09 12.96 -33.40
N ASP D 582 -14.08 11.84 -32.67
CA ASP D 582 -14.81 11.74 -31.43
C ASP D 582 -13.94 11.91 -30.19
N LEU D 583 -12.64 12.05 -30.35
CA LEU D 583 -11.83 12.64 -29.30
C LEU D 583 -11.72 14.14 -29.45
N LEU D 584 -12.23 14.69 -30.54
CA LEU D 584 -12.21 16.14 -30.72
C LEU D 584 -13.59 16.77 -30.51
N ARG D 585 -14.64 16.05 -30.88
CA ARG D 585 -16.02 16.61 -30.73
C ARG D 585 -16.32 16.84 -29.24
N GLY D 586 -15.61 16.14 -28.35
CA GLY D 586 -15.76 16.34 -26.93
C GLY D 586 -16.35 15.18 -26.16
N THR D 587 -16.90 14.18 -26.85
CA THR D 587 -17.69 13.15 -26.16
C THR D 587 -16.85 12.17 -25.37
N ALA D 588 -15.54 12.17 -25.50
CA ALA D 588 -14.72 11.12 -24.94
C ALA D 588 -13.80 11.67 -23.86
N HIS D 589 -12.91 10.79 -23.38
CA HIS D 589 -11.92 11.15 -22.36
C HIS D 589 -10.57 10.53 -22.73
N MET D 590 -10.58 9.32 -23.29
CA MET D 590 -9.36 8.62 -23.65
C MET D 590 -9.63 7.79 -24.89
N ALA D 591 -8.76 6.82 -25.16
CA ALA D 591 -8.96 5.83 -26.19
C ALA D 591 -7.95 4.73 -25.94
N VAL D 592 -8.39 3.48 -25.92
CA VAL D 592 -7.48 2.34 -25.81
C VAL D 592 -7.87 1.36 -26.90
N THR D 593 -6.92 1.02 -27.75
CA THR D 593 -7.24 0.22 -28.91
C THR D 593 -5.97 0.03 -29.70
N SER D 594 -6.06 -0.78 -30.73
CA SER D 594 -5.04 -0.76 -31.77
C SER D 594 -5.12 0.60 -32.45
N PHE D 595 -4.07 1.41 -32.31
CA PHE D 595 -4.12 2.85 -32.57
C PHE D 595 -2.76 3.26 -33.07
N SER D 596 -2.67 3.71 -34.31
CA SER D 596 -1.39 3.83 -35.00
C SER D 596 -0.91 5.27 -34.99
N ILE D 597 0.22 5.52 -34.34
CA ILE D 597 0.83 6.83 -34.38
C ILE D 597 1.18 7.20 -35.82
N ASN D 598 1.18 8.49 -36.11
CA ASN D 598 1.70 8.99 -37.38
C ASN D 598 2.01 10.47 -37.19
N THR D 599 2.17 11.19 -38.29
CA THR D 599 2.37 12.63 -38.20
C THR D 599 1.06 13.38 -38.05
N ALA D 600 0.13 13.15 -38.98
CA ALA D 600 -1.07 13.97 -39.06
C ALA D 600 -1.88 13.86 -37.78
N ARG D 601 -2.03 12.65 -37.24
CA ARG D 601 -2.69 12.53 -35.95
C ARG D 601 -1.91 13.26 -34.87
N SER D 602 -0.61 13.00 -34.77
CA SER D 602 0.17 13.52 -33.66
C SER D 602 0.15 15.03 -33.60
N GLN D 603 -0.10 15.70 -34.73
CA GLN D 603 -0.16 17.15 -34.69
C GLN D 603 -1.34 17.64 -33.86
N VAL D 604 -2.50 16.98 -33.97
CA VAL D 604 -3.71 17.49 -33.33
C VAL D 604 -3.77 17.09 -31.87
N ILE D 605 -3.82 15.79 -31.59
CA ILE D 605 -3.95 15.29 -30.24
C ILE D 605 -2.63 14.71 -29.80
N ASP D 606 -2.53 14.41 -28.52
CA ASP D 606 -1.29 13.93 -27.94
C ASP D 606 -1.43 12.48 -27.49
N PHE D 607 -0.34 11.74 -27.58
CA PHE D 607 -0.29 10.35 -27.15
C PHE D 607 0.45 10.24 -25.83
N THR D 608 0.70 9.02 -25.45
CA THR D 608 1.62 8.72 -24.37
C THR D 608 2.76 7.90 -24.93
N SER D 609 3.60 7.40 -24.05
CA SER D 609 4.64 6.49 -24.47
C SER D 609 3.98 5.22 -25.01
N PRO D 610 4.42 4.72 -26.15
CA PRO D 610 3.83 3.48 -26.67
C PRO D 610 4.00 2.34 -25.69
N PHE D 611 2.99 1.47 -25.63
CA PHE D 611 3.02 0.31 -24.76
C PHE D 611 3.24 -0.97 -25.53
N PHE D 612 3.86 -0.88 -26.69
CA PHE D 612 4.11 -2.01 -27.56
C PHE D 612 5.04 -1.56 -28.67
N SER D 613 5.26 -2.41 -29.65
CA SER D 613 6.00 -2.03 -30.84
C SER D 613 5.78 -3.11 -31.87
N THR D 614 6.00 -2.77 -33.13
CA THR D 614 5.65 -3.69 -34.19
C THR D 614 6.13 -3.14 -35.51
N SER D 615 6.04 -3.98 -36.54
CA SER D 615 6.54 -3.65 -37.86
C SER D 615 5.50 -4.09 -38.88
N LEU D 616 5.87 -4.12 -40.15
CA LEU D 616 4.95 -4.53 -41.22
C LEU D 616 5.53 -5.72 -41.97
N GLY D 617 5.09 -6.92 -41.60
CA GLY D 617 5.61 -8.15 -42.18
C GLY D 617 4.65 -8.74 -43.20
N ILE D 618 5.20 -9.19 -44.32
CA ILE D 618 4.43 -9.81 -45.38
C ILE D 618 3.86 -11.11 -44.83
N LEU D 619 2.91 -11.72 -45.54
CA LEU D 619 2.31 -12.96 -45.05
C LEU D 619 1.62 -13.68 -46.19
N VAL D 620 1.96 -14.96 -46.39
CA VAL D 620 1.43 -15.75 -47.49
C VAL D 620 1.13 -17.16 -47.02
N ARG D 621 0.25 -17.82 -47.77
CA ARG D 621 -0.12 -19.20 -47.50
C ARG D 621 1.05 -20.14 -47.77
N THR D 622 1.12 -21.21 -46.98
CA THR D 622 2.17 -22.19 -47.19
C THR D 622 2.07 -22.76 -48.60
N ARG D 623 3.24 -23.01 -49.19
CA ARG D 623 3.34 -23.65 -50.49
C ARG D 623 3.20 -25.15 -50.32
N ASP D 624 3.57 -25.91 -51.36
CA ASP D 624 3.43 -27.36 -51.33
C ASP D 624 3.96 -27.95 -50.03
N THR D 625 3.14 -28.77 -49.40
CA THR D 625 3.49 -29.36 -48.13
C THR D 625 3.97 -30.80 -48.30
N TRP D 703 35.39 -69.65 -65.51
CA TRP D 703 36.35 -69.03 -64.61
C TRP D 703 36.28 -67.51 -64.72
N THR D 704 36.91 -66.95 -65.76
CA THR D 704 36.89 -65.52 -65.96
C THR D 704 35.48 -65.01 -66.25
N GLY D 705 34.75 -65.72 -67.11
CA GLY D 705 33.39 -65.31 -67.42
C GLY D 705 32.46 -65.40 -66.22
N ARG D 706 32.59 -66.47 -65.44
CA ARG D 706 31.78 -66.61 -64.23
C ARG D 706 32.08 -65.50 -63.23
N PHE D 707 33.36 -65.18 -63.04
CA PHE D 707 33.74 -64.11 -62.14
C PHE D 707 33.20 -62.77 -62.60
N LEU D 708 33.30 -62.49 -63.91
CA LEU D 708 32.77 -61.24 -64.44
C LEU D 708 31.26 -61.16 -64.25
N MET D 709 30.55 -62.26 -64.51
CA MET D 709 29.11 -62.28 -64.32
C MET D 709 28.74 -62.07 -62.86
N ASN D 710 29.46 -62.69 -61.93
CA ASN D 710 29.18 -62.52 -60.52
C ASN D 710 29.42 -61.08 -60.08
N LEU D 711 30.51 -60.47 -60.56
CA LEU D 711 30.79 -59.07 -60.23
C LEU D 711 29.72 -58.17 -60.78
N TRP D 712 29.27 -58.42 -62.02
CA TRP D 712 28.19 -57.62 -62.60
C TRP D 712 26.91 -57.77 -61.79
N ALA D 713 26.61 -59.00 -61.35
CA ALA D 713 25.42 -59.22 -60.54
C ALA D 713 25.50 -58.47 -59.21
N ILE D 714 26.67 -58.49 -58.57
CA ILE D 714 26.83 -57.79 -57.30
C ILE D 714 26.67 -56.29 -57.50
N PHE D 715 27.29 -55.75 -58.55
CA PHE D 715 27.15 -54.32 -58.83
C PHE D 715 25.71 -53.95 -59.12
N CYS D 716 25.01 -54.77 -59.91
CA CYS D 716 23.62 -54.51 -60.22
C CYS D 716 22.74 -54.56 -58.97
N MET D 717 23.00 -55.52 -58.09
CA MET D 717 22.23 -55.61 -56.86
C MET D 717 22.46 -54.40 -55.97
N PHE D 718 23.71 -53.97 -55.84
CA PHE D 718 24.00 -52.78 -55.05
C PHE D 718 23.32 -51.56 -55.64
N CYS D 719 23.36 -51.43 -56.97
CA CYS D 719 22.73 -50.29 -57.64
C CYS D 719 21.22 -50.31 -57.45
N LEU D 720 20.61 -51.49 -57.54
CA LEU D 720 19.16 -51.60 -57.35
C LEU D 720 18.79 -51.24 -55.91
N SER D 721 19.58 -51.69 -54.94
CA SER D 721 19.31 -51.33 -53.55
C SER D 721 19.43 -49.83 -53.36
N THR D 722 20.46 -49.21 -53.94
CA THR D 722 20.62 -47.77 -53.83
C THR D 722 19.45 -47.03 -54.48
N TYR D 723 19.00 -47.50 -55.63
CA TYR D 723 17.89 -46.86 -56.32
C TYR D 723 16.60 -46.97 -55.52
N THR D 724 16.34 -48.16 -54.94
CA THR D 724 15.15 -48.32 -54.11
C THR D 724 15.21 -47.43 -52.88
N ALA D 725 16.40 -47.33 -52.26
CA ALA D 725 16.56 -46.47 -51.10
C ALA D 725 16.31 -45.01 -51.47
N ASN D 726 16.84 -44.58 -52.61
CA ASN D 726 16.61 -43.20 -53.05
C ASN D 726 15.14 -42.95 -53.32
N LEU D 727 14.46 -43.90 -53.95
CA LEU D 727 13.03 -43.75 -54.23
C LEU D 727 12.24 -43.66 -52.93
N ALA D 728 12.59 -44.48 -51.94
CA ALA D 728 11.94 -44.39 -50.64
C ALA D 728 12.22 -43.04 -49.97
N ALA D 729 13.46 -42.56 -50.07
CA ALA D 729 13.84 -41.31 -49.42
C ALA D 729 13.08 -40.13 -50.03
N VAL D 730 12.93 -40.12 -51.36
CA VAL D 730 12.23 -39.02 -52.01
C VAL D 730 10.74 -39.04 -51.78
N MET D 731 10.21 -40.11 -51.17
CA MET D 731 8.77 -40.26 -51.01
C MET D 731 8.17 -39.29 -49.99
N VAL D 732 8.98 -38.56 -49.23
CA VAL D 732 8.51 -37.66 -48.19
C VAL D 732 8.53 -36.24 -48.71
N GLY D 733 7.40 -35.57 -48.65
CA GLY D 733 7.30 -34.16 -49.03
C GLY D 733 6.85 -33.32 -47.85
N GLU D 734 7.45 -32.13 -47.72
CA GLU D 734 7.17 -31.26 -46.58
C GLU D 734 6.89 -29.83 -47.02
N LYS D 735 6.81 -28.92 -46.06
CA LYS D 735 6.38 -27.55 -46.33
C LYS D 735 7.40 -26.80 -47.18
N ILE D 736 6.90 -25.86 -47.98
CA ILE D 736 7.73 -25.01 -48.82
C ILE D 736 7.47 -23.56 -48.43
N TYR D 737 8.55 -22.82 -48.15
CA TYR D 737 8.41 -21.47 -47.60
C TYR D 737 7.72 -20.53 -48.57
N GLU D 738 8.04 -20.61 -49.86
CA GLU D 738 7.50 -19.71 -50.88
C GLU D 738 7.76 -18.24 -50.53
N GLU D 739 8.92 -17.95 -49.97
CA GLU D 739 9.33 -16.58 -49.68
C GLU D 739 9.47 -15.80 -50.98
N LEU D 740 9.30 -14.48 -50.91
CA LEU D 740 9.49 -13.65 -52.10
C LEU D 740 10.72 -12.75 -51.99
N SER D 741 10.69 -11.71 -51.17
CA SER D 741 11.94 -11.03 -50.83
C SER D 741 11.88 -10.36 -49.48
N GLY D 742 10.66 -10.03 -49.07
CA GLY D 742 10.45 -8.83 -48.29
C GLY D 742 9.68 -7.86 -49.17
N ILE D 743 10.17 -6.63 -49.34
CA ILE D 743 9.47 -5.67 -50.19
C ILE D 743 10.48 -5.11 -51.21
N HIS D 744 11.45 -5.93 -51.59
CA HIS D 744 12.47 -5.51 -52.54
C HIS D 744 12.69 -6.57 -53.61
N ASP D 745 11.59 -7.03 -54.21
CA ASP D 745 11.65 -7.93 -55.36
C ASP D 745 10.88 -7.30 -56.51
N PRO D 746 11.40 -7.34 -57.73
CA PRO D 746 10.58 -6.99 -58.89
C PRO D 746 9.31 -7.80 -58.97
N LYS D 747 9.30 -9.00 -58.38
CA LYS D 747 8.05 -9.76 -58.29
C LYS D 747 6.94 -8.89 -57.71
N LEU D 748 7.22 -8.24 -56.58
CA LEU D 748 6.25 -7.36 -55.99
C LEU D 748 6.40 -5.92 -56.44
N HIS D 749 7.45 -5.60 -57.18
CA HIS D 749 7.56 -4.29 -57.81
C HIS D 749 7.08 -4.30 -59.26
N HIS D 750 6.74 -5.47 -59.79
CA HIS D 750 6.15 -5.58 -61.12
C HIS D 750 5.15 -6.72 -61.12
N PRO D 751 3.86 -6.42 -61.30
CA PRO D 751 2.86 -7.49 -61.31
C PRO D 751 3.09 -8.41 -62.50
N SER D 752 3.21 -9.70 -62.22
CA SER D 752 3.37 -10.72 -63.24
C SER D 752 2.04 -11.33 -63.63
N GLN D 753 0.98 -10.53 -63.61
CA GLN D 753 -0.34 -10.88 -64.13
C GLN D 753 -0.94 -12.07 -63.34
N GLY D 754 -1.28 -11.79 -62.10
CA GLY D 754 -1.96 -12.78 -61.29
C GLY D 754 -1.57 -12.85 -59.82
N PHE D 755 -0.75 -11.93 -59.34
CA PHE D 755 -0.56 -11.80 -57.89
C PHE D 755 -1.67 -10.92 -57.36
N ARG D 756 -2.80 -11.53 -57.05
CA ARG D 756 -3.88 -10.82 -56.36
C ARG D 756 -3.48 -10.69 -54.90
N PHE D 757 -2.71 -9.65 -54.57
CA PHE D 757 -2.30 -9.40 -53.19
C PHE D 757 -2.71 -7.98 -52.81
N GLY D 758 -3.37 -7.84 -51.68
CA GLY D 758 -3.90 -6.55 -51.29
C GLY D 758 -3.72 -6.26 -49.81
N THR D 759 -4.45 -5.28 -49.29
CA THR D 759 -4.27 -4.86 -47.92
C THR D 759 -5.59 -4.59 -47.23
N VAL D 760 -5.53 -4.09 -45.99
CA VAL D 760 -6.71 -3.66 -45.26
C VAL D 760 -7.15 -2.33 -45.83
N ARG D 761 -8.32 -1.84 -45.41
CA ARG D 761 -8.90 -0.68 -46.04
C ARG D 761 -8.08 0.59 -45.79
N GLU D 762 -7.96 1.00 -44.53
CA GLU D 762 -7.47 2.36 -44.31
C GLU D 762 -6.45 2.46 -43.19
N SER D 763 -5.73 1.39 -42.90
CA SER D 763 -4.74 1.43 -41.85
C SER D 763 -3.36 1.79 -42.40
N SER D 764 -2.34 1.59 -41.59
CA SER D 764 -0.98 2.04 -41.92
C SER D 764 -0.50 1.53 -43.26
N ALA D 765 -0.90 0.31 -43.64
CA ALA D 765 -0.36 -0.27 -44.86
C ALA D 765 -0.68 0.60 -46.06
N GLU D 766 -1.92 1.07 -46.15
CA GLU D 766 -2.30 1.86 -47.31
C GLU D 766 -1.44 3.12 -47.42
N ASP D 767 -1.30 3.84 -46.32
CA ASP D 767 -0.58 5.10 -46.37
C ASP D 767 0.89 4.87 -46.71
N TYR D 768 1.49 3.85 -46.11
CA TYR D 768 2.90 3.59 -46.40
C TYR D 768 3.08 3.23 -47.87
N VAL D 769 2.19 2.42 -48.42
CA VAL D 769 2.32 2.09 -49.84
C VAL D 769 2.16 3.34 -50.69
N ARG D 770 1.15 4.17 -50.37
CA ARG D 770 0.92 5.40 -51.11
C ARG D 770 2.19 6.24 -51.19
N GLN D 771 2.69 6.66 -50.03
CA GLN D 771 3.86 7.53 -50.03
C GLN D 771 5.07 6.85 -50.63
N SER D 772 5.28 5.58 -50.28
CA SER D 772 6.52 4.90 -50.64
C SER D 772 6.66 4.74 -52.14
N PHE D 773 5.59 4.37 -52.82
CA PHE D 773 5.68 4.18 -54.25
C PHE D 773 4.44 4.76 -54.91
N PRO D 774 4.58 5.26 -56.13
CA PRO D 774 3.44 5.92 -56.80
C PRO D 774 2.53 5.02 -57.61
N GLU D 775 2.89 3.75 -57.85
CA GLU D 775 2.08 2.95 -58.76
C GLU D 775 1.72 1.55 -58.27
N MET D 776 2.48 0.93 -57.36
CA MET D 776 1.92 -0.19 -56.62
C MET D 776 0.57 0.18 -56.01
N HIS D 777 0.46 1.40 -55.49
CA HIS D 777 -0.81 1.84 -54.93
C HIS D 777 -1.89 1.84 -55.98
N GLU D 778 -1.56 2.23 -57.21
CA GLU D 778 -2.55 2.17 -58.27
C GLU D 778 -2.93 0.73 -58.58
N TYR D 779 -1.96 -0.18 -58.57
CA TYR D 779 -2.25 -1.57 -58.84
C TYR D 779 -3.12 -2.18 -57.74
N MET D 780 -3.04 -1.65 -56.53
CA MET D 780 -3.73 -2.24 -55.39
C MET D 780 -5.23 -1.99 -55.42
N ARG D 781 -5.67 -0.90 -56.06
CA ARG D 781 -7.00 -0.35 -55.85
C ARG D 781 -8.13 -1.36 -56.01
N ARG D 782 -7.88 -2.51 -56.63
CA ARG D 782 -8.90 -3.54 -56.74
C ARG D 782 -8.65 -4.72 -55.81
N TYR D 783 -7.73 -4.58 -54.86
CA TYR D 783 -7.42 -5.67 -53.95
C TYR D 783 -7.55 -5.27 -52.49
N ASN D 784 -8.40 -4.31 -52.20
CA ASN D 784 -8.63 -4.03 -50.79
C ASN D 784 -9.46 -5.15 -50.17
N VAL D 785 -9.57 -5.11 -48.85
CA VAL D 785 -10.48 -5.98 -48.12
C VAL D 785 -11.14 -5.17 -47.01
N PRO D 786 -12.46 -5.28 -46.84
CA PRO D 786 -13.14 -4.46 -45.83
C PRO D 786 -12.75 -4.75 -44.39
N ALA D 787 -12.15 -5.90 -44.09
CA ALA D 787 -11.84 -6.19 -42.70
C ALA D 787 -10.79 -7.28 -42.59
N THR D 788 -10.01 -7.21 -41.51
CA THR D 788 -8.95 -8.20 -41.29
C THR D 788 -9.49 -9.62 -41.19
N PRO D 789 -10.49 -9.93 -40.35
CA PRO D 789 -11.05 -11.29 -40.41
C PRO D 789 -11.60 -11.62 -41.78
N ASP D 790 -12.23 -10.65 -42.43
CA ASP D 790 -12.66 -10.84 -43.81
C ASP D 790 -11.46 -11.12 -44.70
N GLY D 791 -10.35 -10.43 -44.46
CA GLY D 791 -9.17 -10.68 -45.25
C GLY D 791 -8.67 -12.11 -45.13
N VAL D 792 -8.53 -12.59 -43.90
CA VAL D 792 -8.00 -13.94 -43.72
C VAL D 792 -8.95 -14.95 -44.32
N GLU D 793 -10.24 -14.80 -44.04
CA GLU D 793 -11.23 -15.75 -44.59
C GLU D 793 -11.16 -15.72 -46.12
N TYR D 794 -10.95 -14.53 -46.69
CA TYR D 794 -10.92 -14.39 -48.14
C TYR D 794 -9.69 -15.05 -48.72
N LEU D 795 -8.57 -14.99 -48.00
CA LEU D 795 -7.43 -15.80 -48.36
C LEU D 795 -7.72 -17.28 -48.12
N LYS D 796 -8.50 -17.59 -47.08
CA LYS D 796 -8.69 -18.98 -46.68
C LYS D 796 -9.52 -19.77 -47.69
N ASN D 797 -10.09 -19.13 -48.71
CA ASN D 797 -10.75 -19.90 -49.76
C ASN D 797 -9.66 -20.56 -50.59
N ASP D 798 -9.02 -21.56 -50.00
CA ASP D 798 -7.81 -22.13 -50.58
C ASP D 798 -8.11 -22.88 -51.87
N PRO D 799 -7.27 -22.74 -52.89
CA PRO D 799 -6.11 -21.86 -52.96
C PRO D 799 -6.43 -20.57 -53.72
N GLU D 800 -7.71 -20.39 -54.05
CA GLU D 800 -8.11 -19.43 -55.06
C GLU D 800 -7.97 -18.00 -54.51
N LYS D 801 -8.21 -17.01 -55.38
CA LYS D 801 -8.24 -15.60 -55.04
C LYS D 801 -6.86 -15.10 -54.66
N LEU D 802 -6.71 -14.65 -53.41
CA LEU D 802 -5.51 -13.97 -52.97
C LEU D 802 -4.33 -14.94 -52.88
N ASP D 803 -3.13 -14.38 -52.79
CA ASP D 803 -1.95 -15.17 -52.46
C ASP D 803 -1.00 -14.45 -51.52
N ALA D 804 -1.30 -13.24 -51.07
CA ALA D 804 -0.36 -12.50 -50.25
C ALA D 804 -1.10 -11.34 -49.60
N PHE D 805 -0.50 -10.84 -48.53
CA PHE D 805 -1.21 -9.91 -47.66
C PHE D 805 -0.18 -9.02 -46.99
N ILE D 806 -0.64 -7.89 -46.44
CA ILE D 806 0.24 -6.93 -45.77
C ILE D 806 -0.52 -6.30 -44.62
N MET D 807 0.03 -6.39 -43.42
CA MET D 807 -0.61 -5.75 -42.28
C MET D 807 0.35 -5.84 -41.10
N ASP D 808 0.04 -5.08 -40.04
CA ASP D 808 0.87 -5.08 -38.85
C ASP D 808 1.28 -6.49 -38.48
N LYS D 809 2.49 -6.64 -37.97
CA LYS D 809 2.95 -7.98 -37.65
C LYS D 809 2.63 -8.25 -36.19
N ALA D 810 1.56 -7.64 -35.70
CA ALA D 810 1.03 -8.03 -34.41
C ALA D 810 -0.44 -8.41 -34.46
N LEU D 811 -1.09 -8.34 -35.61
CA LEU D 811 -2.32 -9.08 -35.83
C LEU D 811 -2.09 -10.30 -36.71
N LEU D 812 -1.20 -10.18 -37.69
CA LEU D 812 -0.91 -11.28 -38.59
C LEU D 812 0.03 -12.27 -37.98
N ASP D 813 0.20 -12.24 -36.67
CA ASP D 813 0.77 -13.36 -35.95
C ASP D 813 -0.24 -14.05 -35.06
N TYR D 814 -1.13 -13.30 -34.44
CA TYR D 814 -2.24 -13.96 -33.78
C TYR D 814 -3.07 -14.72 -34.79
N GLU D 815 -3.33 -14.13 -35.95
CA GLU D 815 -4.20 -14.77 -36.93
C GLU D 815 -3.64 -16.08 -37.44
N VAL D 816 -2.34 -16.29 -37.34
CA VAL D 816 -1.81 -17.60 -37.68
C VAL D 816 -1.63 -18.46 -36.44
N SER D 817 -1.61 -17.87 -35.26
CA SER D 817 -1.41 -18.66 -34.06
C SER D 817 -2.69 -19.33 -33.56
N ILE D 818 -3.76 -19.36 -34.33
CA ILE D 818 -4.85 -20.30 -34.10
C ILE D 818 -5.15 -20.99 -35.43
N ASP D 819 -4.41 -22.06 -35.71
CA ASP D 819 -4.76 -23.04 -36.73
C ASP D 819 -3.88 -24.25 -36.51
N ALA D 820 -4.51 -25.41 -36.27
CA ALA D 820 -3.75 -26.63 -36.06
C ALA D 820 -2.96 -27.00 -37.30
N ASP D 821 -3.56 -26.87 -38.47
CA ASP D 821 -2.91 -27.23 -39.73
C ASP D 821 -1.82 -26.24 -40.12
N CYS D 822 -1.72 -25.09 -39.46
CA CYS D 822 -0.73 -24.05 -39.72
C CYS D 822 -0.47 -23.89 -41.22
N LYS D 823 -1.56 -23.60 -41.94
CA LYS D 823 -1.48 -23.38 -43.38
C LYS D 823 -0.83 -22.05 -43.74
N LEU D 824 -0.58 -21.18 -42.77
CA LEU D 824 -0.04 -19.86 -43.04
C LEU D 824 1.27 -19.68 -42.32
N LEU D 825 2.04 -18.67 -42.73
CA LEU D 825 3.34 -18.43 -42.11
C LEU D 825 3.81 -17.02 -42.46
N THR D 826 4.73 -16.53 -41.65
CA THR D 826 5.27 -15.18 -41.79
C THR D 826 6.70 -15.27 -42.29
N VAL D 827 7.02 -14.49 -43.32
CA VAL D 827 8.33 -14.54 -43.94
C VAL D 827 8.79 -13.12 -44.23
N GLY D 828 10.08 -12.95 -44.37
CA GLY D 828 10.66 -11.72 -44.86
C GLY D 828 11.31 -10.90 -43.77
N LYS D 829 11.64 -9.67 -44.13
CA LYS D 829 12.26 -8.71 -43.23
C LYS D 829 11.28 -7.62 -42.86
N PRO D 830 11.11 -7.34 -41.57
CA PRO D 830 10.24 -6.24 -41.16
C PRO D 830 10.83 -4.89 -41.58
N PHE D 831 9.95 -3.90 -41.68
CA PHE D 831 10.36 -2.57 -42.11
C PHE D 831 9.33 -1.54 -41.64
N ALA D 832 9.72 -0.27 -41.66
CA ALA D 832 8.82 0.84 -41.42
C ALA D 832 8.15 0.73 -40.05
N ILE D 833 8.97 0.91 -39.03
CA ILE D 833 8.58 0.73 -37.63
C ILE D 833 7.38 1.59 -37.28
N GLU D 834 6.68 1.24 -36.20
CA GLU D 834 5.41 1.86 -35.86
C GLU D 834 5.08 1.49 -34.43
N GLY D 835 4.56 2.44 -33.68
CA GLY D 835 4.23 2.21 -32.29
C GLY D 835 2.78 2.52 -31.99
N TYR D 836 2.16 1.68 -31.18
CA TYR D 836 0.80 1.89 -30.72
C TYR D 836 0.78 2.78 -29.49
N GLY D 837 -0.40 2.96 -28.93
CA GLY D 837 -0.50 3.72 -27.71
C GLY D 837 -1.90 4.25 -27.51
N ILE D 838 -2.13 4.74 -26.32
CA ILE D 838 -3.46 5.11 -25.87
C ILE D 838 -3.64 6.62 -26.00
N GLY D 839 -4.57 7.01 -26.86
CA GLY D 839 -4.71 8.40 -27.18
C GLY D 839 -5.53 9.19 -26.18
N LEU D 840 -5.30 10.50 -26.15
CA LEU D 840 -5.99 11.39 -25.24
C LEU D 840 -6.35 12.69 -25.97
N PRO D 841 -7.39 13.38 -25.52
CA PRO D 841 -7.77 14.65 -26.14
C PRO D 841 -6.73 15.73 -25.88
N PRO D 842 -6.70 16.78 -26.70
CA PRO D 842 -5.55 17.69 -26.67
C PRO D 842 -5.37 18.35 -25.31
N ASN D 843 -4.11 18.52 -24.92
CA ASN D 843 -3.71 19.30 -23.76
C ASN D 843 -4.28 18.73 -22.46
N SER D 844 -4.71 17.48 -22.48
CA SER D 844 -5.25 16.88 -21.28
C SER D 844 -4.12 16.66 -20.27
N PRO D 845 -4.34 16.96 -19.00
CA PRO D 845 -3.26 16.82 -18.00
C PRO D 845 -3.07 15.40 -17.49
N LEU D 846 -3.85 14.45 -17.97
CA LEU D 846 -3.79 13.08 -17.48
C LEU D 846 -2.45 12.41 -17.79
N THR D 847 -1.71 12.95 -18.76
CA THR D 847 -0.73 12.16 -19.49
C THR D 847 0.40 11.67 -18.60
N ALA D 848 0.90 12.52 -17.71
CA ALA D 848 2.18 12.23 -17.05
C ALA D 848 2.10 10.95 -16.22
N ASN D 849 1.10 10.85 -15.35
CA ASN D 849 1.01 9.69 -14.48
C ASN D 849 0.78 8.43 -15.29
N ILE D 850 -0.03 8.53 -16.36
CA ILE D 850 -0.23 7.39 -17.24
C ILE D 850 1.09 6.94 -17.82
N SER D 851 1.88 7.89 -18.32
CA SER D 851 3.13 7.53 -18.98
C SER D 851 4.09 6.85 -18.02
N GLU D 852 4.23 7.41 -16.82
CA GLU D 852 5.18 6.84 -15.87
C GLU D 852 4.72 5.46 -15.39
N LEU D 853 3.42 5.30 -15.17
CA LEU D 853 2.91 3.98 -14.80
C LEU D 853 3.13 2.98 -15.91
N ILE D 854 2.93 3.40 -17.16
CA ILE D 854 3.10 2.47 -18.27
C ILE D 854 4.56 2.06 -18.39
N SER D 855 5.48 3.02 -18.20
CA SER D 855 6.89 2.66 -18.21
C SER D 855 7.21 1.68 -17.10
N GLN D 856 6.66 1.91 -15.91
CA GLN D 856 6.91 0.99 -14.80
C GLN D 856 6.41 -0.40 -15.13
N TYR D 857 5.21 -0.50 -15.70
CA TYR D 857 4.66 -1.80 -16.05
C TYR D 857 5.49 -2.48 -17.12
N LYS D 858 5.93 -1.72 -18.11
CA LYS D 858 6.83 -2.27 -19.12
C LYS D 858 8.10 -2.78 -18.49
N SER D 859 8.52 -2.16 -17.39
CA SER D 859 9.72 -2.61 -16.71
C SER D 859 9.48 -3.97 -16.04
N HIS D 860 8.53 -4.03 -15.10
CA HIS D 860 8.58 -5.12 -14.12
C HIS D 860 8.42 -6.53 -14.68
N GLY D 861 7.20 -6.94 -15.01
CA GLY D 861 7.03 -8.13 -15.81
C GLY D 861 5.74 -8.10 -16.60
N PHE D 862 4.96 -7.04 -16.39
CA PHE D 862 3.53 -7.14 -16.65
C PHE D 862 3.26 -7.34 -18.13
N MET D 863 3.92 -6.55 -18.97
CA MET D 863 3.77 -6.75 -20.41
C MET D 863 4.18 -8.15 -20.80
N ASP D 864 5.19 -8.71 -20.15
CA ASP D 864 5.61 -10.05 -20.52
C ASP D 864 4.54 -11.08 -20.16
N MET D 865 4.01 -10.96 -18.94
CA MET D 865 2.97 -11.91 -18.49
C MET D 865 1.80 -11.85 -19.49
N LEU D 866 1.34 -10.64 -19.82
CA LEU D 866 0.22 -10.52 -20.73
C LEU D 866 0.55 -11.11 -22.09
N HIS D 867 1.67 -10.68 -22.68
CA HIS D 867 2.01 -11.08 -24.03
C HIS D 867 2.25 -12.57 -24.12
N ASP D 868 2.50 -13.22 -22.99
CA ASP D 868 2.59 -14.67 -23.07
C ASP D 868 1.25 -15.34 -22.81
N LYS D 869 0.37 -14.69 -22.04
CA LYS D 869 -0.92 -15.30 -21.76
C LYS D 869 -1.81 -15.27 -22.98
N TRP D 870 -1.69 -14.24 -23.81
CA TRP D 870 -2.65 -14.01 -24.89
C TRP D 870 -2.19 -14.48 -26.25
N TYR D 871 -0.89 -14.53 -26.50
CA TYR D 871 -0.33 -14.94 -27.78
C TYR D 871 0.11 -16.39 -27.77
N ARG D 872 -0.60 -17.22 -27.03
CA ARG D 872 -0.18 -18.63 -26.81
C ARG D 872 0.32 -19.33 -28.07
N VAL D 873 1.64 -19.56 -28.18
CA VAL D 873 2.16 -20.39 -29.26
C VAL D 873 1.72 -21.82 -29.02
N VAL D 874 1.60 -22.59 -30.11
CA VAL D 874 1.20 -23.98 -30.01
C VAL D 874 1.85 -24.75 -31.16
N PRO D 875 2.39 -25.95 -30.92
CA PRO D 875 3.05 -26.68 -32.00
C PRO D 875 2.10 -27.08 -33.11
N CYS D 876 2.64 -27.19 -34.32
CA CYS D 876 1.84 -27.59 -35.48
C CYS D 876 1.30 -29.00 -35.29
N MET D 889 4.39 -39.57 -58.97
CA MET D 889 5.14 -39.64 -60.21
C MET D 889 5.19 -41.08 -60.73
N GLY D 890 4.66 -42.00 -59.92
CA GLY D 890 4.69 -43.41 -60.30
C GLY D 890 3.91 -43.69 -61.57
N ILE D 891 2.72 -43.11 -61.69
CA ILE D 891 1.93 -43.28 -62.90
C ILE D 891 2.65 -42.66 -64.10
N LYS D 892 3.25 -41.49 -63.90
CA LYS D 892 3.98 -40.84 -64.99
C LYS D 892 5.18 -41.69 -65.42
N HIS D 893 5.92 -42.22 -64.46
CA HIS D 893 7.07 -43.06 -64.80
C HIS D 893 6.62 -44.34 -65.51
N PHE D 894 5.52 -44.94 -65.05
CA PHE D 894 5.01 -46.14 -65.70
C PHE D 894 4.57 -45.84 -67.13
N SER D 895 3.90 -44.71 -67.34
CA SER D 895 3.49 -44.35 -68.70
C SER D 895 4.69 -44.09 -69.59
N GLY D 896 5.71 -43.42 -69.06
CA GLY D 896 6.92 -43.19 -69.84
C GLY D 896 7.61 -44.49 -70.20
N LEU D 897 7.69 -45.42 -69.25
CA LEU D 897 8.29 -46.72 -69.55
C LEU D 897 7.50 -47.46 -70.61
N PHE D 898 6.16 -47.42 -70.53
CA PHE D 898 5.34 -48.08 -71.54
C PHE D 898 5.54 -47.46 -72.91
N VAL D 899 5.62 -46.13 -72.97
CA VAL D 899 5.83 -45.46 -74.25
C VAL D 899 7.18 -45.82 -74.83
N LEU D 900 8.22 -45.83 -73.99
CA LEU D 900 9.55 -46.19 -74.45
C LEU D 900 9.58 -47.63 -74.94
N LEU D 901 8.91 -48.54 -74.22
CA LEU D 901 8.87 -49.93 -74.64
C LEU D 901 8.15 -50.08 -75.98
N CYS D 902 7.04 -49.37 -76.16
CA CYS D 902 6.32 -49.45 -77.43
C CYS D 902 7.16 -48.92 -78.58
N ILE D 903 7.85 -47.79 -78.37
CA ILE D 903 8.70 -47.24 -79.42
C ILE D 903 9.83 -48.19 -79.75
N GLY D 904 10.45 -48.80 -78.73
CA GLY D 904 11.52 -49.74 -78.98
C GLY D 904 11.04 -50.98 -79.72
N PHE D 905 9.88 -51.50 -79.35
CA PHE D 905 9.34 -52.67 -80.05
C PHE D 905 9.03 -52.34 -81.50
N GLY D 906 8.44 -51.18 -81.76
CA GLY D 906 8.16 -50.80 -83.13
C GLY D 906 9.42 -50.63 -83.96
N LEU D 907 10.44 -49.96 -83.39
CA LEU D 907 11.69 -49.78 -84.10
C LEU D 907 12.38 -51.11 -84.37
N SER D 908 12.35 -52.02 -83.40
CA SER D 908 12.96 -53.33 -83.59
C SER D 908 12.24 -54.12 -84.67
N ILE D 909 10.90 -54.05 -84.69
CA ILE D 909 10.13 -54.74 -85.73
C ILE D 909 10.45 -54.17 -87.10
N LEU D 910 10.54 -52.85 -87.21
CA LEU D 910 10.88 -52.24 -88.49
C LEU D 910 12.27 -52.64 -88.95
N THR D 911 13.24 -52.63 -88.03
CA THR D 911 14.60 -53.02 -88.38
C THR D 911 14.68 -54.47 -88.79
N THR D 912 13.96 -55.36 -88.09
CA THR D 912 13.95 -56.77 -88.46
C THR D 912 13.31 -56.97 -89.83
N ILE D 913 12.23 -56.23 -90.12
CA ILE D 913 11.61 -56.33 -91.44
C ILE D 913 12.57 -55.85 -92.52
N GLY D 914 13.27 -54.74 -92.26
CA GLY D 914 14.21 -54.24 -93.25
C GLY D 914 15.38 -55.18 -93.50
N GLU D 915 15.92 -55.77 -92.42
CA GLU D 915 17.05 -56.68 -92.56
C GLU D 915 16.65 -58.06 -93.05
N HIS D 916 15.36 -58.42 -92.96
CA HIS D 916 14.91 -59.72 -93.44
C HIS D 916 15.12 -59.85 -94.94
N ILE D 917 14.83 -58.78 -95.70
CA ILE D 917 15.11 -58.76 -97.12
C ILE D 917 16.51 -58.23 -97.41
N VAL D 918 17.25 -57.80 -96.40
CA VAL D 918 18.60 -57.28 -96.58
C VAL D 918 19.62 -58.32 -96.15
O1 DQC E . 25.15 1.56 -26.79
O2 DQC E . 26.65 -0.20 -25.20
C1 DQC E . 25.81 0.62 -27.27
C2 DQC E . 26.61 -0.31 -26.44
N1 DQC E . 25.81 0.45 -28.62
N2 DQC E . 27.30 -1.29 -27.05
C3 DQC E . 26.52 -0.56 -29.17
C4 DQC E . 27.26 -1.44 -28.38
C5 DQC E . 26.50 -0.72 -30.55
C6 DQC E . 27.98 -2.47 -28.98
C7 DQC E . 27.22 -1.74 -31.14
C8 DQC E . 27.97 -2.62 -30.37
C9 DQC E . 27.19 -1.89 -32.42
N4 DQC E . 28.70 -3.66 -30.98
O4 DQC E . 29.92 -3.62 -30.95
O6 DQC E . 28.14 -4.58 -31.54
N8 DQC E . 27.15 -2.11 -33.56
O1 DQC F . -16.53 -29.68 -3.42
O2 DQC F . -17.88 -28.56 -5.62
C1 DQC F . -16.82 -30.35 -4.43
C2 DQC F . -17.54 -29.76 -5.59
N1 DQC F . -16.47 -31.65 -4.48
N2 DQC F . -17.82 -30.56 -6.65
C3 DQC F . -16.78 -32.41 -5.56
C4 DQC F . -17.45 -31.85 -6.65
C5 DQC F . -16.41 -33.74 -5.57
C6 DQC F . -17.75 -32.65 -7.75
C7 DQC F . -16.71 -34.53 -6.68
C8 DQC F . -17.38 -33.99 -7.77
C9 DQC F . -16.36 -35.77 -6.68
N4 DQC F . -17.68 -34.80 -8.88
O4 DQC F . -18.85 -35.07 -9.13
O6 DQC F . -16.80 -35.24 -9.60
N8 DQC F . -16.01 -36.87 -6.79
#